data_8HEU
#
_entry.id   8HEU
#
_entity_poly.entity_id   1
_entity_poly.type   'polypeptide(L)'
_entity_poly.pdbx_seq_one_letter_code
;MERNHWNEKSSGAKRSRERDLTLSTIRSILAADERLRIKASSYLGVGRGVDDEAVIDIFPTGQTMSFLRLLHGFLGTCRG
QSMHQVLRDPCVLRKQLLYGVCKTLFDTITVRRVAEEWKLHAALFPYRALDEEDLEQYLLVWSASLRQSVQTGVLGALRD
ILYQYADNDDYGLYVDWCVTVGLVPLLDVKTKPSEAAERAQFVRAAVQRATETHPLAQDLLQANLALLLQVAERLGAVRV
ANAPEVRVFKKVRSERLEAQLRGKHIRLYVAAEPLAYERDKLLFTTPVAHLHEEILRYDGLCRHQKICQLLNTFPVKVVT
ASRHELNCKKLVEMMEQHDRGSDAKKSIMKFLLNVSDSKSRIGIEDSVESFLQDLTPSLVDQNRLLPARGPGGPGVVGPG
GAVVGGPAGHVGLLPPPPGPAAPERDIRDLFKKQVIKCLEEQIQSQVDEIQDLRTLNQTWENRVRELRDLLTRYASRRED
SMSLGARDAELYHLPVLEAVRKARDAAPFRPLAVEDNRLVANSFFSQFVPGTESLERFLTQLWENEYFRTFRLRRLVTHQ
GAEEAIVYSNYTVERVTLPYLCHILALGTLDPVPEAYLQLSFGEIVAAAYDDSKFCRYVELICSREKARRRQMSREAAGG
VPERGTASSGGPGTLERSAPRRLITADEERRGPERVGRFRNGGPDDPRRAGGPYGFH
;
_entity_poly.pdbx_strand_id   K,A,B,C,J,D,F,H,L,E,G,I
#
# COMPACT_ATOMS: atom_id res chain seq x y z
N ASP A 52 57.34 -19.34 48.45
CA ASP A 52 55.92 -19.17 48.17
C ASP A 52 55.56 -17.69 47.99
N GLU A 53 54.90 -17.38 46.88
CA GLU A 53 54.57 -16.01 46.51
C GLU A 53 53.08 -15.88 46.26
N ALA A 54 52.52 -14.72 46.60
CA ALA A 54 51.12 -14.43 46.29
C ALA A 54 51.03 -13.84 44.89
N VAL A 55 50.22 -14.47 44.03
CA VAL A 55 50.08 -14.08 42.63
C VAL A 55 48.60 -14.24 42.28
N ILE A 56 48.00 -13.19 41.74
CA ILE A 56 46.59 -13.26 41.36
C ILE A 56 46.44 -14.07 40.09
N ASP A 57 45.45 -14.95 40.04
CA ASP A 57 45.25 -15.89 38.96
C ASP A 57 44.03 -15.53 38.12
N ILE A 58 44.03 -16.02 36.88
CA ILE A 58 42.96 -15.66 35.97
C ILE A 58 42.26 -16.88 35.37
N PHE A 59 42.99 -17.98 35.19
CA PHE A 59 42.38 -19.04 34.41
C PHE A 59 41.33 -19.88 35.13
N PRO A 60 41.64 -20.65 36.21
CA PRO A 60 40.77 -21.74 36.63
C PRO A 60 39.68 -21.31 37.62
N THR A 61 39.00 -20.21 37.33
CA THR A 61 37.88 -19.79 38.14
C THR A 61 36.58 -19.88 37.35
N GLY A 62 35.46 -19.82 38.08
CA GLY A 62 34.16 -20.05 37.46
C GLY A 62 33.79 -19.03 36.42
N GLN A 63 34.11 -17.75 36.66
CA GLN A 63 33.87 -16.67 35.71
C GLN A 63 34.62 -16.87 34.40
N THR A 64 35.78 -17.52 34.44
CA THR A 64 36.59 -17.68 33.24
C THR A 64 36.54 -19.09 32.67
N MET A 65 36.44 -20.12 33.51
CA MET A 65 36.27 -21.44 32.96
C MET A 65 34.86 -21.62 32.41
N SER A 66 33.90 -20.83 32.93
CA SER A 66 32.57 -20.79 32.35
C SER A 66 32.56 -20.19 30.95
N PHE A 67 33.57 -19.40 30.60
CA PHE A 67 33.58 -18.70 29.33
C PHE A 67 33.71 -19.66 28.16
N LEU A 68 34.57 -20.66 28.28
CA LEU A 68 34.66 -21.67 27.23
C LEU A 68 33.45 -22.58 27.21
N ARG A 69 32.72 -22.68 28.30
CA ARG A 69 31.48 -23.44 28.29
C ARG A 69 30.39 -22.68 27.55
N LEU A 70 30.27 -21.38 27.81
CA LEU A 70 29.20 -20.61 27.19
C LEU A 70 29.49 -20.28 25.74
N LEU A 71 30.76 -20.05 25.40
CA LEU A 71 31.09 -19.66 24.04
C LEU A 71 30.95 -20.86 23.11
N HIS A 72 31.08 -22.07 23.65
CA HIS A 72 30.69 -23.27 22.94
C HIS A 72 29.34 -23.79 23.41
N GLY A 73 28.63 -23.01 24.21
CA GLY A 73 27.22 -23.28 24.48
C GLY A 73 26.93 -24.49 25.33
N PHE A 74 27.77 -24.77 26.33
CA PHE A 74 27.51 -25.88 27.22
C PHE A 74 26.26 -25.64 28.05
N LEU A 75 25.99 -24.38 28.40
CA LEU A 75 24.89 -24.06 29.29
C LEU A 75 23.92 -23.07 28.67
N GLY A 76 24.36 -22.28 27.68
CA GLY A 76 23.44 -21.37 27.03
C GLY A 76 23.84 -21.02 25.61
N THR A 77 22.84 -20.75 24.78
CA THR A 77 23.05 -20.38 23.40
C THR A 77 21.85 -19.62 22.88
N CYS A 78 21.95 -19.13 21.66
CA CYS A 78 20.92 -18.31 21.01
C CYS A 78 21.22 -18.32 19.52
N ARG A 79 20.54 -17.44 18.80
CA ARG A 79 20.78 -17.36 17.35
C ARG A 79 22.05 -16.63 17.01
N GLY A 80 22.66 -15.91 17.95
CA GLY A 80 23.88 -15.19 17.66
C GLY A 80 25.15 -16.02 17.78
N GLN A 81 25.04 -17.24 18.31
CA GLN A 81 26.23 -18.04 18.55
C GLN A 81 26.88 -18.52 17.25
N SER A 82 26.10 -18.58 16.18
CA SER A 82 26.61 -18.98 14.87
C SER A 82 27.61 -17.99 14.30
N MET A 83 27.57 -16.73 14.71
CA MET A 83 28.56 -15.79 14.20
C MET A 83 29.91 -16.02 14.84
N HIS A 84 29.94 -16.61 16.04
CA HIS A 84 31.20 -17.06 16.56
C HIS A 84 31.72 -18.25 15.76
N GLN A 85 30.80 -19.09 15.27
CA GLN A 85 31.20 -20.23 14.46
C GLN A 85 31.76 -19.79 13.11
N VAL A 86 31.20 -18.73 12.52
CA VAL A 86 31.78 -18.24 11.28
C VAL A 86 33.06 -17.47 11.54
N LEU A 87 33.30 -17.06 12.78
CA LEU A 87 34.56 -16.43 13.10
C LEU A 87 35.71 -17.43 13.23
N ARG A 88 35.43 -18.68 13.55
CA ARG A 88 36.48 -19.63 13.86
C ARG A 88 36.74 -20.57 12.69
N ASP A 89 36.61 -20.05 11.48
CA ASP A 89 36.83 -20.85 10.28
C ASP A 89 38.31 -21.17 10.13
N PRO A 90 38.73 -22.43 10.21
CA PRO A 90 40.15 -22.74 10.07
C PRO A 90 40.64 -22.65 8.64
N CYS A 91 39.75 -22.62 7.66
CA CYS A 91 40.16 -22.60 6.28
C CYS A 91 40.61 -21.22 5.82
N VAL A 92 40.20 -20.16 6.52
CA VAL A 92 40.69 -18.83 6.16
C VAL A 92 42.16 -18.69 6.54
N LEU A 93 42.62 -19.47 7.51
CA LEU A 93 44.03 -19.54 7.83
C LEU A 93 44.84 -20.10 6.67
N ARG A 94 44.44 -21.27 6.16
CA ARG A 94 45.18 -21.86 5.06
C ARG A 94 45.03 -21.04 3.78
N LYS A 95 43.90 -20.34 3.62
CA LYS A 95 43.70 -19.50 2.45
C LYS A 95 44.63 -18.29 2.47
N GLN A 96 44.66 -17.57 3.60
CA GLN A 96 45.55 -16.41 3.72
C GLN A 96 47.01 -16.84 3.68
N LEU A 97 47.31 -18.01 4.24
CA LEU A 97 48.68 -18.52 4.24
C LEU A 97 49.15 -18.85 2.84
N LEU A 98 48.30 -19.54 2.06
CA LEU A 98 48.70 -19.87 0.70
C LEU A 98 48.74 -18.62 -0.17
N TYR A 99 47.89 -17.64 0.12
CA TYR A 99 47.94 -16.37 -0.61
C TYR A 99 49.24 -15.65 -0.34
N GLY A 100 49.69 -15.65 0.92
CA GLY A 100 50.95 -15.01 1.25
C GLY A 100 52.14 -15.71 0.61
N VAL A 101 52.16 -17.05 0.65
CA VAL A 101 53.32 -17.73 0.09
C VAL A 101 53.31 -17.67 -1.43
N CYS A 102 52.13 -17.60 -2.07
CA CYS A 102 52.16 -17.51 -3.52
C CYS A 102 52.43 -16.08 -3.99
N LYS A 103 52.05 -15.08 -3.19
CA LYS A 103 52.42 -13.71 -3.51
C LYS A 103 53.92 -13.51 -3.37
N THR A 104 54.54 -14.15 -2.37
CA THR A 104 55.98 -14.12 -2.30
C THR A 104 56.62 -15.00 -3.36
N LEU A 105 55.87 -15.96 -3.91
CA LEU A 105 56.43 -16.84 -4.93
C LEU A 105 56.47 -16.18 -6.29
N PHE A 106 55.32 -15.71 -6.77
CA PHE A 106 55.18 -15.41 -8.20
C PHE A 106 55.91 -14.16 -8.62
N ASP A 107 56.18 -13.24 -7.70
CA ASP A 107 56.70 -11.93 -8.06
C ASP A 107 58.19 -11.92 -8.39
N THR A 108 58.87 -13.05 -8.30
CA THR A 108 60.33 -13.06 -8.36
C THR A 108 60.88 -12.89 -9.77
N ILE A 109 60.51 -13.78 -10.68
CA ILE A 109 61.26 -13.94 -11.92
C ILE A 109 60.36 -13.56 -13.10
N THR A 110 59.48 -12.60 -12.87
CA THR A 110 58.53 -12.15 -13.88
C THR A 110 59.24 -11.47 -15.06
N VAL A 111 60.41 -10.89 -14.84
CA VAL A 111 60.97 -9.96 -15.81
C VAL A 111 61.83 -10.67 -16.85
N ARG A 112 62.38 -11.84 -16.52
CA ARG A 112 63.34 -12.44 -17.43
C ARG A 112 62.87 -13.78 -17.98
N ARG A 113 62.29 -14.62 -17.12
CA ARG A 113 62.01 -16.01 -17.49
C ARG A 113 60.90 -16.15 -18.53
N VAL A 114 60.05 -15.14 -18.69
CA VAL A 114 58.98 -15.23 -19.68
C VAL A 114 59.56 -15.17 -21.09
N ALA A 115 60.54 -14.30 -21.32
CA ALA A 115 61.18 -14.22 -22.63
C ALA A 115 62.08 -15.43 -22.86
N GLU A 116 62.58 -16.03 -21.79
CA GLU A 116 63.43 -17.21 -21.93
C GLU A 116 62.61 -18.45 -22.26
N GLU A 117 61.42 -18.57 -21.65
CA GLU A 117 60.61 -19.76 -21.89
C GLU A 117 59.65 -19.54 -23.06
N TRP A 118 59.68 -18.34 -23.65
CA TRP A 118 59.11 -18.17 -24.98
C TRP A 118 59.86 -18.99 -26.03
N LYS A 119 61.16 -19.21 -25.82
CA LYS A 119 62.01 -19.84 -26.81
C LYS A 119 61.65 -21.30 -27.02
N LEU A 120 61.37 -22.04 -25.94
CA LEU A 120 61.08 -23.46 -26.07
C LEU A 120 59.72 -23.69 -26.68
N HIS A 121 58.74 -22.87 -26.31
CA HIS A 121 57.40 -23.03 -26.87
C HIS A 121 57.29 -22.40 -28.26
N ALA A 122 58.31 -21.66 -28.67
CA ALA A 122 58.39 -21.26 -30.07
C ALA A 122 58.57 -22.48 -30.96
N ALA A 123 59.51 -23.36 -30.63
CA ALA A 123 59.74 -24.55 -31.43
C ALA A 123 58.74 -25.66 -31.08
N LEU A 124 58.11 -25.57 -29.90
CA LEU A 124 57.18 -26.62 -29.50
C LEU A 124 55.86 -26.52 -30.26
N PHE A 125 55.45 -25.31 -30.63
CA PHE A 125 54.22 -25.11 -31.40
C PHE A 125 54.54 -24.64 -32.81
N PRO A 126 54.54 -25.54 -33.81
CA PRO A 126 54.83 -25.11 -35.18
C PRO A 126 53.63 -24.41 -35.82
N TYR A 127 53.74 -23.09 -35.98
CA TYR A 127 52.61 -22.23 -36.30
C TYR A 127 53.16 -20.94 -36.90
N ARG A 128 52.38 -19.85 -36.76
CA ARG A 128 52.78 -18.46 -37.02
C ARG A 128 53.16 -18.21 -38.48
N ALA A 129 52.40 -18.79 -39.40
CA ALA A 129 52.64 -18.55 -40.83
C ALA A 129 52.19 -17.15 -41.23
N LEU A 130 50.97 -16.76 -40.86
CA LEU A 130 50.41 -15.47 -41.24
C LEU A 130 50.20 -14.60 -40.01
N ASP A 131 50.25 -13.28 -40.20
CA ASP A 131 50.30 -12.37 -39.06
C ASP A 131 48.90 -11.93 -38.63
N GLU A 132 47.90 -12.11 -39.50
CA GLU A 132 46.59 -11.53 -39.25
C GLU A 132 45.81 -12.30 -38.18
N GLU A 133 45.67 -13.61 -38.38
CA GLU A 133 44.79 -14.45 -37.58
C GLU A 133 45.55 -15.38 -36.64
N ASP A 134 46.74 -15.84 -37.05
CA ASP A 134 47.47 -16.82 -36.27
C ASP A 134 48.11 -16.18 -35.04
N LEU A 135 48.73 -15.02 -35.22
CA LEU A 135 49.49 -14.38 -34.15
C LEU A 135 48.59 -13.85 -33.06
N GLU A 136 47.48 -13.23 -33.46
CA GLU A 136 46.58 -12.58 -32.50
C GLU A 136 45.89 -13.60 -31.61
N GLN A 137 45.68 -14.82 -32.11
CA GLN A 137 44.96 -15.83 -31.33
C GLN A 137 45.92 -16.78 -30.61
N TYR A 138 47.11 -16.98 -31.16
CA TYR A 138 48.02 -17.98 -30.59
C TYR A 138 48.63 -17.51 -29.28
N LEU A 139 48.91 -16.20 -29.17
CA LEU A 139 49.56 -15.67 -27.97
C LEU A 139 48.66 -15.78 -26.75
N LEU A 140 47.35 -15.59 -26.93
CA LEU A 140 46.44 -15.62 -25.79
C LEU A 140 46.28 -17.03 -25.25
N VAL A 141 46.17 -18.01 -26.15
CA VAL A 141 46.00 -19.39 -25.69
C VAL A 141 47.32 -19.94 -25.15
N TRP A 142 48.45 -19.47 -25.67
CA TRP A 142 49.74 -19.88 -25.12
C TRP A 142 49.96 -19.27 -23.73
N SER A 143 49.56 -18.01 -23.56
CA SER A 143 49.66 -17.35 -22.26
C SER A 143 48.76 -18.01 -21.23
N ALA A 144 47.51 -18.31 -21.63
CA ALA A 144 46.58 -19.01 -20.76
C ALA A 144 47.10 -20.40 -20.41
N SER A 145 47.73 -21.07 -21.38
CA SER A 145 48.30 -22.40 -21.15
C SER A 145 49.42 -22.36 -20.13
N LEU A 146 50.34 -21.40 -20.27
CA LEU A 146 51.46 -21.33 -19.35
C LEU A 146 51.00 -20.95 -17.95
N ARG A 147 50.06 -19.99 -17.84
CA ARG A 147 49.62 -19.58 -16.51
C ARG A 147 48.81 -20.67 -15.84
N GLN A 148 48.01 -21.44 -16.60
CA GLN A 148 47.23 -22.48 -15.97
C GLN A 148 48.11 -23.67 -15.60
N SER A 149 49.18 -23.91 -16.35
CA SER A 149 50.04 -25.05 -16.05
C SER A 149 50.87 -24.77 -14.80
N VAL A 150 51.44 -23.56 -14.71
CA VAL A 150 52.16 -23.21 -13.48
C VAL A 150 51.17 -23.06 -12.32
N GLN A 151 49.91 -22.72 -12.62
CA GLN A 151 48.88 -22.57 -11.61
C GLN A 151 48.51 -23.89 -10.98
N THR A 152 48.24 -24.91 -11.81
CA THR A 152 47.95 -26.23 -11.27
C THR A 152 49.16 -26.84 -10.60
N GLY A 153 50.37 -26.51 -11.08
CA GLY A 153 51.57 -27.01 -10.42
C GLY A 153 51.72 -26.50 -8.99
N VAL A 154 51.65 -25.18 -8.83
CA VAL A 154 51.79 -24.60 -7.49
C VAL A 154 50.58 -24.96 -6.63
N LEU A 155 49.42 -25.16 -7.26
CA LEU A 155 48.21 -25.49 -6.54
C LEU A 155 48.29 -26.90 -5.96
N GLY A 156 48.76 -27.85 -6.76
CA GLY A 156 48.90 -29.22 -6.27
C GLY A 156 49.97 -29.35 -5.21
N ALA A 157 51.11 -28.67 -5.42
CA ALA A 157 52.19 -28.74 -4.44
C ALA A 157 51.77 -28.12 -3.12
N LEU A 158 51.08 -26.98 -3.18
CA LEU A 158 50.66 -26.30 -1.96
C LEU A 158 49.51 -27.03 -1.27
N ARG A 159 48.60 -27.62 -2.04
CA ARG A 159 47.52 -28.40 -1.44
C ARG A 159 48.06 -29.63 -0.74
N ASP A 160 49.09 -30.27 -1.32
CA ASP A 160 49.69 -31.43 -0.67
C ASP A 160 50.41 -31.03 0.62
N ILE A 161 51.27 -30.00 0.55
CA ILE A 161 52.03 -29.63 1.75
C ILE A 161 51.16 -28.96 2.80
N LEU A 162 49.97 -28.49 2.43
CA LEU A 162 49.03 -28.04 3.45
C LEU A 162 48.28 -29.22 4.05
N TYR A 163 47.54 -29.96 3.22
CA TYR A 163 46.64 -31.02 3.67
C TYR A 163 47.36 -32.17 4.35
N GLN A 164 48.68 -32.29 4.19
CA GLN A 164 49.37 -33.31 4.97
C GLN A 164 49.65 -32.83 6.39
N TYR A 165 50.00 -31.54 6.57
CA TYR A 165 50.34 -31.10 7.92
C TYR A 165 49.90 -29.68 8.24
N ALA A 166 48.80 -29.20 7.66
CA ALA A 166 48.21 -27.95 8.14
C ALA A 166 46.82 -28.13 8.73
N ASP A 167 46.44 -29.35 9.07
CA ASP A 167 45.16 -29.59 9.75
C ASP A 167 45.29 -29.48 11.27
N ASN A 168 45.91 -28.40 11.72
CA ASN A 168 46.21 -28.25 13.13
C ASN A 168 44.99 -27.84 13.94
N ASP A 169 44.00 -27.22 13.29
CA ASP A 169 42.75 -26.68 13.86
C ASP A 169 42.95 -25.91 15.18
N ASP A 170 44.08 -25.21 15.27
CA ASP A 170 44.46 -24.46 16.45
C ASP A 170 43.92 -23.05 16.42
N TYR A 171 43.74 -22.49 15.23
CA TYR A 171 43.12 -21.18 15.06
C TYR A 171 41.71 -21.18 15.63
N GLY A 172 41.02 -22.32 15.52
CA GLY A 172 39.70 -22.52 16.09
C GLY A 172 39.66 -22.60 17.60
N LEU A 173 40.80 -22.46 18.27
CA LEU A 173 40.83 -22.14 19.68
C LEU A 173 41.51 -20.79 19.93
N TYR A 174 42.38 -20.40 19.00
CA TYR A 174 43.11 -19.15 19.14
C TYR A 174 42.18 -17.96 19.09
N VAL A 175 41.15 -18.01 18.24
CA VAL A 175 40.22 -16.89 18.21
C VAL A 175 39.36 -16.87 19.47
N ASP A 176 39.17 -18.02 20.10
CA ASP A 176 38.42 -18.06 21.35
C ASP A 176 39.20 -17.43 22.48
N TRP A 177 40.50 -17.76 22.58
CA TRP A 177 41.30 -17.10 23.60
C TRP A 177 41.55 -15.62 23.29
N CYS A 178 41.55 -15.24 22.01
CA CYS A 178 41.64 -13.81 21.69
C CYS A 178 40.34 -13.09 22.00
N VAL A 179 39.21 -13.79 22.01
CA VAL A 179 37.95 -13.10 22.16
C VAL A 179 37.43 -13.12 23.59
N THR A 180 37.89 -14.03 24.45
CA THR A 180 37.27 -14.10 25.77
C THR A 180 38.19 -13.78 26.94
N VAL A 181 39.52 -13.75 26.75
CA VAL A 181 40.39 -13.32 27.84
C VAL A 181 41.40 -12.31 27.34
N GLY A 182 41.48 -12.13 26.02
CA GLY A 182 42.35 -11.12 25.47
C GLY A 182 43.80 -11.52 25.35
N LEU A 183 44.09 -12.82 25.49
CA LEU A 183 45.44 -13.34 25.37
C LEU A 183 45.32 -14.84 25.14
N VAL A 184 46.41 -15.46 24.70
CA VAL A 184 46.38 -16.87 24.34
C VAL A 184 47.52 -17.59 25.06
N PRO A 185 47.25 -18.71 25.72
CA PRO A 185 48.34 -19.60 26.14
C PRO A 185 48.68 -20.55 25.01
N LEU A 186 49.97 -20.77 24.81
CA LEU A 186 50.42 -21.54 23.65
C LEU A 186 51.79 -22.14 23.93
N LEU A 187 51.99 -23.36 23.47
CA LEU A 187 53.21 -24.10 23.73
C LEU A 187 54.01 -24.24 22.45
N ASP A 188 55.33 -24.29 22.58
CA ASP A 188 56.24 -24.48 21.45
C ASP A 188 56.85 -25.88 21.52
N VAL A 189 56.24 -26.81 20.79
CA VAL A 189 56.72 -28.20 20.77
C VAL A 189 58.00 -28.28 19.95
N LYS A 190 59.05 -28.82 20.56
CA LYS A 190 60.34 -29.01 19.92
C LYS A 190 60.61 -30.50 19.80
N THR A 191 61.23 -30.89 18.70
CA THR A 191 61.56 -32.28 18.41
C THR A 191 63.02 -32.38 17.99
N LYS A 192 63.44 -33.60 17.67
CA LYS A 192 64.75 -33.83 17.10
C LYS A 192 64.80 -33.24 15.68
N PRO A 193 65.96 -32.79 15.23
CA PRO A 193 66.06 -32.28 13.84
C PRO A 193 65.96 -33.34 12.76
N SER A 194 65.69 -34.61 13.09
CA SER A 194 65.40 -35.60 12.07
C SER A 194 64.06 -35.33 11.40
N GLU A 195 63.12 -34.73 12.12
CA GLU A 195 61.83 -34.37 11.56
C GLU A 195 61.94 -33.26 10.54
N ALA A 196 62.92 -32.37 10.71
CA ALA A 196 63.23 -31.39 9.67
C ALA A 196 63.71 -32.08 8.41
N ALA A 197 64.49 -33.15 8.55
CA ALA A 197 64.90 -33.94 7.39
C ALA A 197 63.73 -34.70 6.79
N GLU A 198 62.76 -35.10 7.62
CA GLU A 198 61.54 -35.73 7.11
C GLU A 198 60.77 -34.76 6.23
N ARG A 199 60.62 -33.52 6.69
CA ARG A 199 59.89 -32.53 5.88
C ARG A 199 60.68 -32.13 4.64
N ALA A 200 62.01 -32.04 4.77
CA ALA A 200 62.85 -31.66 3.63
C ALA A 200 62.91 -32.77 2.59
N GLN A 201 62.72 -34.01 3.01
CA GLN A 201 62.53 -35.10 2.05
C GLN A 201 61.14 -35.03 1.43
N PHE A 202 60.12 -34.75 2.26
CA PHE A 202 58.74 -34.80 1.81
C PHE A 202 58.42 -33.73 0.78
N VAL A 203 59.07 -32.58 0.88
CA VAL A 203 58.75 -31.47 -0.03
C VAL A 203 59.23 -31.78 -1.45
N ARG A 204 60.25 -32.64 -1.59
CA ARG A 204 60.74 -32.98 -2.92
C ARG A 204 59.74 -33.88 -3.66
N ALA A 205 59.22 -34.89 -2.98
CA ALA A 205 58.17 -35.72 -3.58
C ALA A 205 56.87 -34.94 -3.73
N ALA A 206 56.69 -33.89 -2.92
CA ALA A 206 55.56 -32.99 -3.12
C ALA A 206 55.70 -32.19 -4.40
N VAL A 207 56.89 -31.63 -4.66
CA VAL A 207 57.05 -30.79 -5.84
C VAL A 207 57.32 -31.64 -7.08
N GLN A 208 57.48 -32.95 -6.92
CA GLN A 208 57.54 -33.82 -8.09
C GLN A 208 56.22 -33.87 -8.83
N ARG A 209 55.11 -33.65 -8.13
CA ARG A 209 53.81 -33.57 -8.79
C ARG A 209 53.71 -32.32 -9.66
N ALA A 210 54.40 -31.26 -9.28
CA ALA A 210 54.46 -30.09 -10.14
C ALA A 210 55.53 -30.25 -11.21
N THR A 211 56.56 -31.04 -10.93
CA THR A 211 57.61 -31.31 -11.91
C THR A 211 57.06 -32.11 -13.08
N GLU A 212 56.19 -33.08 -12.81
CA GLU A 212 55.55 -33.84 -13.87
C GLU A 212 54.58 -32.96 -14.65
N THR A 213 53.87 -32.06 -13.96
CA THR A 213 52.91 -31.19 -14.62
C THR A 213 53.61 -30.14 -15.47
N HIS A 214 54.60 -29.46 -14.90
CA HIS A 214 55.24 -28.35 -15.58
C HIS A 214 56.75 -28.34 -15.33
N PRO A 215 57.55 -28.26 -16.39
CA PRO A 215 58.99 -28.05 -16.18
C PRO A 215 59.32 -26.66 -15.69
N LEU A 216 58.56 -25.65 -16.14
CA LEU A 216 58.93 -24.27 -15.83
C LEU A 216 58.48 -23.87 -14.43
N ALA A 217 57.53 -24.61 -13.85
CA ALA A 217 57.05 -24.26 -12.52
C ALA A 217 58.05 -24.65 -11.45
N GLN A 218 58.91 -25.63 -11.74
CA GLN A 218 59.82 -26.15 -10.73
C GLN A 218 60.96 -25.18 -10.45
N ASP A 219 61.20 -24.24 -11.36
CA ASP A 219 62.31 -23.32 -11.21
C ASP A 219 62.05 -22.30 -10.10
N LEU A 220 60.79 -21.90 -9.93
CA LEU A 220 60.47 -21.02 -8.81
C LEU A 220 60.53 -21.76 -7.49
N LEU A 221 60.12 -23.02 -7.50
CA LEU A 221 60.08 -23.80 -6.27
C LEU A 221 61.48 -24.16 -5.82
N GLN A 222 62.39 -24.43 -6.75
CA GLN A 222 63.77 -24.72 -6.37
C GLN A 222 64.48 -23.45 -5.92
N ALA A 223 63.94 -22.29 -6.29
CA ALA A 223 64.49 -21.04 -5.78
C ALA A 223 64.00 -20.77 -4.36
N ASN A 224 62.71 -20.96 -4.13
CA ASN A 224 62.09 -20.57 -2.87
C ASN A 224 61.78 -21.75 -1.96
N LEU A 225 62.48 -22.88 -2.14
CA LEU A 225 62.30 -24.02 -1.25
C LEU A 225 62.70 -23.70 0.18
N ALA A 226 63.63 -22.76 0.37
CA ALA A 226 63.98 -22.32 1.70
C ALA A 226 62.80 -21.66 2.40
N LEU A 227 62.07 -20.82 1.68
CA LEU A 227 60.86 -20.20 2.22
C LEU A 227 59.77 -21.25 2.44
N LEU A 228 59.68 -22.23 1.54
CA LEU A 228 58.69 -23.29 1.68
C LEU A 228 58.95 -24.13 2.94
N LEU A 229 60.18 -24.57 3.14
CA LEU A 229 60.51 -25.34 4.33
C LEU A 229 60.46 -24.47 5.57
N GLN A 230 60.69 -23.16 5.41
CA GLN A 230 60.58 -22.24 6.54
C GLN A 230 59.15 -22.15 7.04
N VAL A 231 58.19 -21.96 6.14
CA VAL A 231 56.81 -21.86 6.57
C VAL A 231 56.26 -23.23 6.95
N ALA A 232 56.85 -24.31 6.42
CA ALA A 232 56.43 -25.64 6.82
C ALA A 232 56.90 -25.96 8.23
N GLU A 233 58.15 -25.60 8.56
CA GLU A 233 58.68 -25.87 9.89
C GLU A 233 58.05 -24.96 10.93
N ARG A 234 57.86 -23.69 10.59
CA ARG A 234 57.22 -22.77 11.53
C ARG A 234 55.73 -23.07 11.64
N LEU A 235 55.17 -23.74 10.64
CA LEU A 235 53.78 -24.18 10.73
C LEU A 235 53.59 -25.23 11.80
N GLY A 236 54.40 -26.28 11.78
CA GLY A 236 54.30 -27.32 12.77
C GLY A 236 55.12 -27.12 14.03
N ALA A 237 55.54 -25.89 14.30
CA ALA A 237 56.38 -25.64 15.46
C ALA A 237 55.56 -25.33 16.71
N VAL A 238 54.49 -24.54 16.57
CA VAL A 238 53.79 -23.97 17.70
C VAL A 238 52.36 -24.47 17.71
N ARG A 239 51.87 -24.80 18.90
CA ARG A 239 50.51 -25.26 19.12
C ARG A 239 49.72 -24.25 19.95
N VAL A 240 48.48 -24.61 20.26
CA VAL A 240 47.54 -23.73 20.95
C VAL A 240 47.39 -24.13 22.41
N ALA A 241 48.09 -25.19 22.83
CA ALA A 241 48.16 -25.68 24.22
C ALA A 241 46.78 -26.08 24.75
N ASN A 242 46.18 -27.08 24.11
CA ASN A 242 44.99 -27.73 24.65
C ASN A 242 45.45 -28.94 25.47
N ALA A 243 45.82 -28.66 26.70
CA ALA A 243 46.20 -29.69 27.65
C ALA A 243 45.56 -29.36 28.98
N PRO A 244 45.04 -30.35 29.69
CA PRO A 244 44.36 -30.07 30.96
C PRO A 244 45.34 -29.63 32.04
N GLU A 245 44.78 -29.00 33.06
CA GLU A 245 45.51 -28.50 34.23
C GLU A 245 46.59 -27.49 33.83
N VAL A 246 46.28 -26.68 32.83
CA VAL A 246 47.10 -25.53 32.49
C VAL A 246 46.72 -24.43 33.47
N ARG A 247 47.62 -23.46 33.68
CA ARG A 247 47.30 -22.36 34.56
C ARG A 247 48.04 -21.11 34.11
N VAL A 248 47.30 -20.02 33.96
CA VAL A 248 47.86 -18.71 33.64
C VAL A 248 47.40 -17.74 34.72
N PHE A 249 48.15 -16.65 34.90
CA PHE A 249 47.98 -15.76 36.03
C PHE A 249 48.66 -14.43 35.75
N LYS A 250 48.56 -13.51 36.71
CA LYS A 250 49.24 -12.23 36.64
C LYS A 250 50.07 -12.03 37.90
N LYS A 251 51.36 -11.80 37.74
CA LYS A 251 52.22 -11.54 38.89
C LYS A 251 51.99 -10.11 39.37
N VAL A 252 51.79 -9.96 40.68
CA VAL A 252 51.35 -8.68 41.22
C VAL A 252 52.50 -7.70 41.42
N ARG A 253 53.66 -8.15 41.90
CA ARG A 253 54.73 -7.22 42.26
C ARG A 253 55.43 -6.68 41.03
N SER A 254 55.61 -7.52 40.00
CA SER A 254 56.05 -7.07 38.70
C SER A 254 55.01 -7.53 37.68
N GLU A 255 54.43 -6.57 36.96
CA GLU A 255 53.29 -6.83 36.07
C GLU A 255 53.81 -7.44 34.76
N ARG A 256 54.29 -8.67 34.87
CA ARG A 256 54.91 -9.42 33.80
C ARG A 256 54.27 -10.79 33.68
N LEU A 257 52.93 -10.78 33.57
CA LEU A 257 52.07 -11.97 33.62
C LEU A 257 52.52 -13.06 32.65
N GLU A 258 52.41 -14.30 33.13
CA GLU A 258 53.12 -15.41 32.50
C GLU A 258 52.24 -16.65 32.49
N ALA A 259 52.59 -17.59 31.61
CA ALA A 259 51.88 -18.85 31.49
C ALA A 259 52.81 -20.00 31.85
N GLN A 260 52.28 -20.98 32.59
CA GLN A 260 53.01 -22.21 32.85
C GLN A 260 52.12 -23.41 32.63
N LEU A 261 52.73 -24.50 32.20
CA LEU A 261 52.04 -25.75 31.92
C LEU A 261 52.66 -26.84 32.77
N ARG A 262 51.87 -27.38 33.70
CA ARG A 262 52.16 -28.59 34.46
C ARG A 262 53.45 -28.42 35.27
N GLY A 263 53.57 -27.24 35.87
CA GLY A 263 54.75 -26.90 36.64
C GLY A 263 55.89 -26.30 35.84
N LYS A 264 55.82 -26.31 34.51
CA LYS A 264 56.88 -25.80 33.66
C LYS A 264 56.44 -24.49 33.02
N HIS A 265 57.25 -23.44 33.21
CA HIS A 265 56.93 -22.14 32.64
C HIS A 265 57.10 -22.19 31.12
N ILE A 266 56.12 -21.63 30.40
CA ILE A 266 56.07 -21.67 28.95
C ILE A 266 55.98 -20.25 28.41
N ARG A 267 56.00 -20.13 27.08
CA ARG A 267 55.80 -18.84 26.43
C ARG A 267 54.31 -18.55 26.31
N LEU A 268 53.96 -17.27 26.18
CA LEU A 268 52.58 -16.89 25.94
C LEU A 268 52.53 -15.56 25.21
N TYR A 269 51.38 -15.29 24.61
CA TYR A 269 51.13 -14.07 23.86
C TYR A 269 50.04 -13.28 24.58
N VAL A 270 50.08 -11.96 24.45
CA VAL A 270 49.05 -11.08 24.99
C VAL A 270 48.57 -10.18 23.85
N ALA A 271 47.25 -10.10 23.68
CA ALA A 271 46.65 -9.22 22.69
C ALA A 271 45.90 -8.06 23.31
N ALA A 272 45.19 -8.32 24.42
CA ALA A 272 44.43 -7.30 25.11
C ALA A 272 44.53 -7.60 26.60
N GLU A 273 45.45 -6.92 27.29
CA GLU A 273 45.61 -7.15 28.71
C GLU A 273 44.46 -6.50 29.47
N PRO A 274 43.89 -7.18 30.45
CA PRO A 274 42.76 -6.62 31.17
C PRO A 274 43.21 -5.65 32.26
N LEU A 275 42.30 -4.76 32.63
CA LEU A 275 42.59 -3.73 33.61
C LEU A 275 42.43 -4.28 35.02
N ALA A 276 43.25 -3.77 35.95
CA ALA A 276 43.35 -4.31 37.31
C ALA A 276 43.43 -3.19 38.32
N TYR A 277 42.63 -3.29 39.38
CA TYR A 277 42.53 -2.26 40.42
C TYR A 277 42.42 -2.95 41.78
N GLU A 278 41.96 -2.17 42.77
CA GLU A 278 41.83 -2.67 44.14
C GLU A 278 40.84 -3.81 44.26
N ARG A 279 39.86 -3.88 43.34
CA ARG A 279 39.16 -5.13 43.15
C ARG A 279 40.18 -6.14 42.63
N ASP A 280 40.61 -7.05 43.51
CA ASP A 280 41.77 -7.88 43.20
C ASP A 280 41.40 -8.95 42.18
N LYS A 281 40.13 -9.30 42.08
CA LYS A 281 39.65 -9.90 40.85
C LYS A 281 39.51 -8.81 39.79
N LEU A 282 40.28 -8.93 38.71
CA LEU A 282 40.44 -7.85 37.76
C LEU A 282 39.41 -8.02 36.64
N LEU A 283 39.09 -6.91 35.99
CA LEU A 283 37.99 -6.84 35.04
C LEU A 283 38.55 -6.79 33.63
N PHE A 284 37.88 -7.48 32.72
CA PHE A 284 38.37 -7.69 31.37
C PHE A 284 37.80 -6.66 30.40
N THR A 285 38.60 -6.34 29.39
CA THR A 285 38.18 -5.48 28.30
C THR A 285 37.78 -6.26 27.07
N THR A 286 37.72 -7.57 27.17
CA THR A 286 37.48 -8.43 26.03
C THR A 286 36.01 -8.33 25.60
N PRO A 287 35.71 -8.65 24.34
CA PRO A 287 34.32 -8.51 23.88
C PRO A 287 33.31 -9.44 24.54
N VAL A 288 33.65 -10.70 24.81
CA VAL A 288 32.62 -11.62 25.26
C VAL A 288 32.26 -11.37 26.73
N ALA A 289 33.18 -10.78 27.49
CA ALA A 289 32.82 -10.40 28.86
C ALA A 289 31.88 -9.22 28.92
N HIS A 290 31.68 -8.50 27.80
CA HIS A 290 30.71 -7.42 27.78
C HIS A 290 29.29 -7.95 27.79
N LEU A 291 29.09 -9.21 27.43
CA LEU A 291 27.77 -9.82 27.37
C LEU A 291 27.69 -11.11 28.18
N HIS A 292 28.56 -11.26 29.19
CA HIS A 292 28.53 -12.46 30.02
C HIS A 292 27.29 -12.51 30.91
N GLU A 293 27.00 -11.38 31.58
CA GLU A 293 25.90 -11.36 32.53
C GLU A 293 24.54 -11.46 31.84
N GLU A 294 24.45 -11.04 30.57
CA GLU A 294 23.18 -11.12 29.87
C GLU A 294 22.83 -12.56 29.54
N ILE A 295 23.80 -13.34 29.10
CA ILE A 295 23.51 -14.74 28.84
C ILE A 295 23.38 -15.52 30.13
N LEU A 296 23.98 -15.03 31.23
CA LEU A 296 23.65 -15.59 32.53
C LEU A 296 22.19 -15.35 32.88
N ARG A 297 21.69 -14.15 32.58
CA ARG A 297 20.28 -13.84 32.81
C ARG A 297 19.37 -14.71 31.94
N TYR A 298 19.77 -14.93 30.69
CA TYR A 298 18.98 -15.76 29.78
C TYR A 298 18.97 -17.21 30.23
N ASP A 299 20.09 -17.70 30.77
CA ASP A 299 20.13 -19.08 31.21
C ASP A 299 19.34 -19.28 32.49
N GLY A 300 19.41 -18.31 33.39
CA GLY A 300 18.56 -18.34 34.57
C GLY A 300 17.09 -18.30 34.21
N LEU A 301 16.73 -17.50 33.21
CA LEU A 301 15.34 -17.45 32.78
C LEU A 301 14.93 -18.73 32.07
N CYS A 302 15.84 -19.36 31.33
CA CYS A 302 15.57 -20.63 30.67
C CYS A 302 15.27 -21.72 31.68
N ARG A 303 16.16 -21.89 32.65
CA ARG A 303 15.97 -22.91 33.67
C ARG A 303 14.77 -22.59 34.55
N HIS A 304 14.51 -21.29 34.79
CA HIS A 304 13.38 -20.90 35.60
C HIS A 304 12.05 -21.20 34.90
N GLN A 305 11.98 -20.88 33.61
CA GLN A 305 10.82 -21.22 32.79
C GLN A 305 10.57 -22.72 32.76
N LYS A 306 11.63 -23.51 32.62
CA LYS A 306 11.48 -24.95 32.60
C LYS A 306 10.99 -25.48 33.94
N ILE A 307 11.56 -24.98 35.03
CA ILE A 307 11.24 -25.56 36.33
C ILE A 307 9.87 -25.08 36.81
N CYS A 308 9.38 -23.94 36.30
CA CYS A 308 8.02 -23.59 36.68
C CYS A 308 7.00 -24.27 35.80
N GLN A 309 7.29 -24.48 34.51
CA GLN A 309 6.31 -25.16 33.66
C GLN A 309 6.26 -26.65 33.96
N LEU A 310 7.33 -27.22 34.52
CA LEU A 310 7.21 -28.57 35.06
C LEU A 310 6.71 -28.60 36.50
N LEU A 311 6.41 -27.45 37.09
CA LEU A 311 5.88 -27.47 38.45
C LEU A 311 4.36 -27.61 38.46
N ASN A 312 3.65 -26.86 37.63
CA ASN A 312 2.19 -26.84 37.66
C ASN A 312 1.59 -27.64 36.51
N THR A 313 2.17 -28.80 36.20
CA THR A 313 1.63 -29.63 35.13
C THR A 313 0.25 -30.16 35.47
N PHE A 314 0.04 -30.53 36.72
CA PHE A 314 -1.23 -31.09 37.16
C PHE A 314 -2.31 -30.02 37.13
N PRO A 315 -3.53 -30.39 36.76
CA PRO A 315 -4.59 -29.39 36.57
C PRO A 315 -5.06 -28.69 37.83
N VAL A 316 -5.21 -29.43 38.93
CA VAL A 316 -5.85 -28.87 40.13
C VAL A 316 -4.95 -29.06 41.34
N LYS A 317 -5.00 -28.06 42.22
CA LYS A 317 -4.24 -28.06 43.46
C LYS A 317 -5.19 -27.76 44.60
N VAL A 318 -5.14 -28.56 45.66
CA VAL A 318 -5.88 -28.27 46.89
C VAL A 318 -4.87 -28.22 48.02
N VAL A 319 -5.26 -27.59 49.12
CA VAL A 319 -4.43 -27.51 50.31
C VAL A 319 -5.26 -27.98 51.50
N THR A 320 -4.59 -28.39 52.56
CA THR A 320 -5.26 -28.90 53.74
C THR A 320 -4.40 -28.74 54.99
N ASP A 488 11.76 -41.75 26.06
CA ASP A 488 10.54 -42.53 26.21
C ASP A 488 9.42 -42.02 25.32
N ALA A 489 9.42 -42.48 24.07
CA ALA A 489 8.39 -42.11 23.11
C ALA A 489 7.24 -43.12 23.09
N GLU A 490 6.99 -43.79 24.22
CA GLU A 490 5.98 -44.82 24.27
C GLU A 490 4.57 -44.23 24.22
N LEU A 491 4.41 -42.99 24.68
CA LEU A 491 3.09 -42.39 24.77
C LEU A 491 2.46 -42.14 23.41
N TYR A 492 3.27 -41.92 22.39
CA TYR A 492 2.73 -41.71 21.06
C TYR A 492 2.26 -43.02 20.45
N HIS A 493 2.99 -44.11 20.72
CA HIS A 493 2.77 -45.37 20.01
C HIS A 493 1.46 -46.03 20.42
N LEU A 494 1.20 -46.11 21.72
CA LEU A 494 0.04 -46.85 22.19
C LEU A 494 -1.22 -45.99 22.03
N PRO A 495 -2.39 -46.61 21.87
CA PRO A 495 -3.64 -45.84 21.78
C PRO A 495 -3.96 -45.14 23.09
N VAL A 496 -4.90 -44.20 23.02
CA VAL A 496 -5.13 -43.25 24.10
C VAL A 496 -5.74 -43.91 25.33
N LEU A 497 -6.29 -45.12 25.20
CA LEU A 497 -6.96 -45.73 26.34
C LEU A 497 -5.98 -46.33 27.33
N GLU A 498 -4.77 -46.63 26.90
CA GLU A 498 -3.70 -46.93 27.84
C GLU A 498 -3.00 -45.66 28.29
N ALA A 499 -3.01 -44.63 27.47
CA ALA A 499 -2.37 -43.36 27.81
C ALA A 499 -3.10 -42.65 28.93
N VAL A 500 -4.43 -42.74 28.95
CA VAL A 500 -5.20 -42.11 30.02
C VAL A 500 -4.99 -42.86 31.33
N ARG A 501 -4.69 -44.16 31.25
CA ARG A 501 -4.34 -44.91 32.45
C ARG A 501 -2.94 -44.56 32.93
N LYS A 502 -1.99 -44.43 32.00
CA LYS A 502 -0.59 -44.25 32.37
C LYS A 502 -0.26 -42.82 32.77
N ALA A 503 -0.92 -41.82 32.19
CA ALA A 503 -0.64 -40.45 32.57
C ALA A 503 -1.26 -40.09 33.92
N ARG A 504 -2.47 -40.58 34.18
CA ARG A 504 -3.14 -40.34 35.45
C ARG A 504 -2.36 -40.97 36.60
N ASP A 505 -1.79 -42.15 36.38
CA ASP A 505 -0.92 -42.78 37.35
C ASP A 505 0.51 -42.27 37.30
N ALA A 506 0.88 -41.55 36.25
CA ALA A 506 2.28 -41.21 36.02
C ALA A 506 2.71 -39.99 36.82
N ALA A 507 1.99 -38.89 36.70
CA ALA A 507 2.21 -37.71 37.53
C ALA A 507 1.11 -37.75 38.58
N PRO A 508 1.40 -38.24 39.77
CA PRO A 508 0.35 -38.43 40.77
C PRO A 508 -0.09 -37.11 41.37
N PHE A 509 -1.37 -37.06 41.72
CA PHE A 509 -1.88 -35.95 42.54
C PHE A 509 -1.23 -36.03 43.90
N ARG A 510 -0.68 -34.92 44.35
CA ARG A 510 -0.11 -34.85 45.69
C ARG A 510 -0.51 -33.55 46.36
N PRO A 511 -1.16 -33.60 47.51
CA PRO A 511 -1.55 -32.35 48.19
C PRO A 511 -0.37 -31.70 48.90
N LEU A 512 -0.66 -30.66 49.68
CA LEU A 512 0.36 -29.89 50.35
C LEU A 512 -0.25 -29.23 51.58
N ALA A 513 0.41 -29.36 52.72
CA ALA A 513 -0.19 -29.02 54.00
C ALA A 513 0.87 -28.90 55.07
N VAL A 514 0.69 -27.90 55.95
CA VAL A 514 1.42 -27.80 57.22
C VAL A 514 0.38 -27.56 58.30
N GLU A 515 0.60 -28.14 59.48
CA GLU A 515 -0.35 -28.03 60.58
C GLU A 515 -0.28 -26.63 61.21
N ASP A 516 -1.45 -26.06 61.51
CA ASP A 516 -1.55 -24.81 62.26
C ASP A 516 -2.93 -24.73 62.89
N ASN A 517 -2.97 -24.67 64.22
CA ASN A 517 -4.21 -24.76 64.98
C ASN A 517 -4.76 -23.37 65.25
N ARG A 518 -6.07 -23.21 65.07
CA ARG A 518 -6.84 -21.97 65.23
C ARG A 518 -6.33 -20.81 64.39
N LEU A 519 -5.56 -21.10 63.34
CA LEU A 519 -5.14 -20.14 62.33
C LEU A 519 -5.20 -20.88 61.01
N VAL A 520 -6.22 -20.58 60.21
CA VAL A 520 -6.57 -21.43 59.08
C VAL A 520 -6.09 -20.76 57.80
N ALA A 521 -6.19 -21.50 56.70
CA ALA A 521 -5.61 -21.06 55.45
C ALA A 521 -6.53 -20.07 54.71
N ASN A 522 -5.90 -19.10 54.06
CA ASN A 522 -6.57 -18.27 53.07
C ASN A 522 -5.68 -18.20 51.83
N SER A 523 -6.16 -18.73 50.72
CA SER A 523 -5.31 -19.14 49.63
C SER A 523 -5.31 -18.13 48.49
N PHE A 524 -4.23 -18.15 47.73
CA PHE A 524 -4.14 -17.44 46.47
C PHE A 524 -3.43 -18.34 45.46
N PHE A 525 -3.34 -17.86 44.23
CA PHE A 525 -2.96 -18.72 43.12
C PHE A 525 -2.41 -17.89 41.97
N SER A 526 -1.36 -18.42 41.34
CA SER A 526 -0.69 -17.75 40.23
C SER A 526 -0.40 -18.82 39.17
N GLN A 527 -0.73 -18.52 37.93
CA GLN A 527 -0.34 -19.36 36.80
C GLN A 527 0.25 -18.46 35.72
N PHE A 528 1.57 -18.53 35.58
CA PHE A 528 2.23 -17.84 34.49
C PHE A 528 3.56 -18.51 34.17
N VAL A 529 3.98 -18.33 32.94
CA VAL A 529 5.31 -18.72 32.49
C VAL A 529 6.01 -17.43 32.07
N PRO A 530 7.32 -17.33 32.19
CA PRO A 530 8.02 -16.12 31.71
C PRO A 530 8.21 -16.15 30.21
N GLY A 531 8.01 -14.99 29.59
CA GLY A 531 8.11 -14.91 28.14
C GLY A 531 9.56 -14.91 27.68
N THR A 532 9.99 -16.04 27.12
CA THR A 532 11.41 -16.20 26.78
C THR A 532 11.74 -15.51 25.46
N GLU A 533 10.75 -15.35 24.59
CA GLU A 533 11.02 -14.92 23.22
C GLU A 533 11.45 -13.47 23.12
N SER A 534 10.90 -12.60 23.97
CA SER A 534 11.22 -11.18 23.92
C SER A 534 12.68 -10.92 24.23
N LEU A 535 13.13 -11.35 25.41
CA LEU A 535 14.53 -11.15 25.75
C LEU A 535 15.45 -12.09 24.98
N GLU A 536 14.92 -13.18 24.42
CA GLU A 536 15.70 -13.96 23.46
C GLU A 536 16.06 -13.13 22.25
N ARG A 537 15.07 -12.46 21.66
CA ARG A 537 15.32 -11.60 20.51
C ARG A 537 16.23 -10.45 20.89
N PHE A 538 16.07 -9.94 22.13
CA PHE A 538 16.94 -8.89 22.64
C PHE A 538 18.39 -9.36 22.71
N LEU A 539 18.63 -10.55 23.22
CA LEU A 539 20.00 -11.03 23.36
C LEU A 539 20.60 -11.41 22.02
N THR A 540 19.80 -11.92 21.08
CA THR A 540 20.34 -12.21 19.75
C THR A 540 20.70 -10.94 19.02
N GLN A 541 19.87 -9.90 19.15
CA GLN A 541 20.21 -8.62 18.55
C GLN A 541 21.43 -8.00 19.20
N LEU A 542 21.59 -8.21 20.51
CA LEU A 542 22.78 -7.70 21.20
C LEU A 542 24.04 -8.45 20.75
N TRP A 543 23.93 -9.76 20.57
CA TRP A 543 25.05 -10.56 20.07
C TRP A 543 25.42 -10.14 18.66
N GLU A 544 24.42 -9.90 17.81
CA GLU A 544 24.65 -9.54 16.42
C GLU A 544 25.29 -8.17 16.31
N ASN A 545 24.78 -7.20 17.08
CA ASN A 545 25.36 -5.87 17.11
C ASN A 545 26.76 -5.87 17.68
N GLU A 546 27.01 -6.69 18.71
CA GLU A 546 28.33 -6.72 19.34
C GLU A 546 29.37 -7.27 18.39
N TYR A 547 29.09 -8.43 17.79
CA TYR A 547 30.06 -9.02 16.88
C TYR A 547 30.21 -8.22 15.60
N PHE A 548 29.17 -7.49 15.17
CA PHE A 548 29.33 -6.61 14.02
C PHE A 548 30.20 -5.41 14.34
N ARG A 549 30.09 -4.88 15.55
CA ARG A 549 30.89 -3.71 15.84
C ARG A 549 32.34 -4.05 16.12
N THR A 550 32.61 -5.13 16.86
CA THR A 550 34.00 -5.38 17.26
C THR A 550 34.87 -5.87 16.11
N PHE A 551 34.31 -6.61 15.16
CA PHE A 551 34.96 -6.92 13.90
C PHE A 551 33.94 -6.65 12.82
N ARG A 552 34.31 -5.85 11.83
CA ARG A 552 33.33 -5.29 10.91
C ARG A 552 32.90 -6.33 9.88
N LEU A 553 32.07 -7.27 10.34
CA LEU A 553 31.60 -8.37 9.51
C LEU A 553 30.60 -7.87 8.48
N ARG A 554 30.82 -8.21 7.22
CA ARG A 554 29.90 -7.82 6.16
C ARG A 554 28.77 -8.83 6.03
N ARG A 555 27.65 -8.37 5.48
CA ARG A 555 26.53 -9.23 5.11
C ARG A 555 26.21 -8.97 3.65
N LEU A 556 26.90 -9.66 2.74
CA LEU A 556 26.56 -9.55 1.33
C LEU A 556 25.34 -10.42 1.05
N VAL A 557 24.31 -9.82 0.45
CA VAL A 557 23.07 -10.51 0.14
C VAL A 557 22.64 -10.13 -1.27
N THR A 558 21.58 -10.79 -1.74
CA THR A 558 20.90 -10.35 -2.94
C THR A 558 19.92 -9.23 -2.60
N HIS A 559 19.23 -8.75 -3.62
CA HIS A 559 18.12 -7.83 -3.38
C HIS A 559 16.99 -8.56 -2.69
N GLN A 560 16.33 -7.86 -1.76
CA GLN A 560 15.43 -8.34 -0.71
C GLN A 560 15.90 -9.63 -0.04
N GLY A 561 17.21 -9.76 0.16
CA GLY A 561 17.78 -10.94 0.77
C GLY A 561 18.23 -10.67 2.19
N ALA A 562 17.95 -11.62 3.07
CA ALA A 562 18.30 -11.49 4.48
C ALA A 562 19.30 -12.58 4.87
N GLU A 563 20.45 -12.15 5.40
CA GLU A 563 21.58 -12.97 5.92
C GLU A 563 21.91 -14.17 5.03
N GLU A 564 22.28 -13.85 3.79
CA GLU A 564 22.70 -14.90 2.86
C GLU A 564 24.07 -15.45 3.24
N ALA A 565 25.03 -14.57 3.47
CA ALA A 565 26.38 -15.03 3.81
C ALA A 565 27.07 -13.94 4.62
N ILE A 566 27.82 -14.36 5.64
CA ILE A 566 28.60 -13.45 6.48
C ILE A 566 30.06 -13.85 6.31
N VAL A 567 30.93 -12.87 6.04
CA VAL A 567 32.32 -13.13 5.71
C VAL A 567 33.22 -12.16 6.43
N TYR A 568 34.49 -12.55 6.59
CA TYR A 568 35.52 -11.67 7.12
C TYR A 568 35.72 -10.48 6.20
N SER A 569 36.06 -9.34 6.79
CA SER A 569 36.29 -8.13 6.02
C SER A 569 37.65 -7.55 6.38
N ASN A 570 37.87 -6.31 5.92
CA ASN A 570 39.20 -5.71 5.90
C ASN A 570 39.75 -5.49 7.30
N TYR A 571 38.95 -4.91 8.19
CA TYR A 571 39.41 -4.70 9.56
C TYR A 571 39.54 -6.01 10.32
N THR A 572 38.72 -6.99 9.95
CA THR A 572 38.65 -8.24 10.71
C THR A 572 39.93 -9.04 10.61
N VAL A 573 40.44 -9.20 9.38
CA VAL A 573 41.67 -9.96 9.18
C VAL A 573 42.86 -9.27 9.81
N GLU A 574 42.90 -7.93 9.78
CA GLU A 574 43.95 -7.21 10.47
C GLU A 574 43.87 -7.40 11.97
N ARG A 575 42.66 -7.50 12.52
CA ARG A 575 42.58 -7.64 13.97
C ARG A 575 42.90 -9.05 14.44
N VAL A 576 42.54 -10.10 13.69
CA VAL A 576 42.70 -11.46 14.21
C VAL A 576 43.78 -12.26 13.46
N THR A 577 43.85 -12.18 12.14
CA THR A 577 44.68 -13.13 11.39
C THR A 577 46.16 -12.76 11.44
N LEU A 578 46.48 -11.50 11.14
CA LEU A 578 47.86 -11.06 11.20
C LEU A 578 48.50 -11.10 12.59
N PRO A 579 47.78 -10.99 13.72
CA PRO A 579 48.43 -11.36 14.99
C PRO A 579 48.82 -12.82 15.09
N TYR A 580 48.03 -13.72 14.50
CA TYR A 580 48.39 -15.14 14.50
C TYR A 580 49.69 -15.36 13.73
N LEU A 581 49.81 -14.73 12.58
CA LEU A 581 51.04 -14.87 11.81
C LEU A 581 52.16 -14.03 12.39
N CYS A 582 51.83 -13.04 13.23
CA CYS A 582 52.84 -12.30 13.96
C CYS A 582 53.52 -13.17 15.01
N HIS A 583 52.74 -13.89 15.81
CA HIS A 583 53.39 -14.80 16.76
C HIS A 583 53.92 -16.07 16.10
N ILE A 584 53.37 -16.46 14.94
CA ILE A 584 53.95 -17.54 14.15
C ILE A 584 55.34 -17.21 13.62
N LEU A 585 55.63 -15.92 13.45
CA LEU A 585 56.91 -15.39 12.94
C LEU A 585 57.19 -15.84 11.52
N ALA A 586 56.15 -16.11 10.75
CA ALA A 586 56.29 -16.18 9.30
C ALA A 586 55.88 -14.87 8.65
N LEU A 587 55.45 -13.88 9.44
CA LEU A 587 54.83 -12.65 8.97
C LEU A 587 55.78 -11.76 8.18
N GLY A 588 57.08 -12.01 8.21
CA GLY A 588 58.07 -11.13 7.60
C GLY A 588 58.02 -11.08 6.08
N THR A 589 57.24 -11.93 5.44
CA THR A 589 57.16 -11.97 3.99
C THR A 589 55.76 -11.82 3.42
N LEU A 590 54.74 -12.34 4.10
CA LEU A 590 53.39 -12.50 3.58
C LEU A 590 52.64 -11.18 3.56
N ASP A 591 51.36 -11.27 3.22
CA ASP A 591 50.53 -10.10 2.99
C ASP A 591 49.08 -10.50 3.25
N PRO A 592 48.28 -9.59 3.81
CA PRO A 592 46.85 -9.91 4.02
C PRO A 592 46.09 -10.01 2.71
N VAL A 593 45.09 -10.90 2.70
CA VAL A 593 44.36 -11.24 1.49
C VAL A 593 43.24 -10.22 1.25
N PRO A 594 42.93 -9.88 0.01
CA PRO A 594 41.68 -9.15 -0.27
C PRO A 594 40.45 -9.96 0.12
N GLU A 595 39.34 -9.24 0.27
CA GLU A 595 38.20 -9.78 1.01
C GLU A 595 37.28 -10.59 0.12
N ALA A 596 36.99 -10.08 -1.08
CA ALA A 596 36.30 -10.92 -2.07
C ALA A 596 37.18 -12.05 -2.55
N TYR A 597 38.50 -11.87 -2.48
CA TYR A 597 39.45 -12.94 -2.77
C TYR A 597 39.36 -14.05 -1.73
N LEU A 598 38.95 -13.71 -0.50
CA LEU A 598 38.78 -14.72 0.54
C LEU A 598 37.60 -15.62 0.26
N GLN A 599 36.53 -15.09 -0.32
CA GLN A 599 35.34 -15.86 -0.61
C GLN A 599 35.57 -16.90 -1.71
N LEU A 600 36.53 -16.65 -2.58
CA LEU A 600 36.77 -17.46 -3.78
C LEU A 600 37.34 -18.83 -3.41
N SER A 601 37.64 -19.63 -4.44
CA SER A 601 37.96 -21.03 -4.29
C SER A 601 39.33 -21.25 -3.67
N PHE A 602 39.59 -22.51 -3.37
CA PHE A 602 40.91 -22.92 -2.89
C PHE A 602 41.92 -22.93 -4.04
N GLY A 603 41.44 -23.04 -5.27
CA GLY A 603 42.30 -23.13 -6.42
C GLY A 603 42.25 -21.93 -7.33
N GLU A 604 41.08 -21.29 -7.42
CA GLU A 604 40.92 -20.12 -8.28
C GLU A 604 41.61 -18.90 -7.71
N ILE A 605 41.97 -18.93 -6.42
CA ILE A 605 42.56 -17.79 -5.73
C ILE A 605 43.92 -17.41 -6.31
N VAL A 606 44.71 -18.40 -6.76
CA VAL A 606 46.03 -18.08 -7.24
C VAL A 606 45.97 -17.48 -8.64
N ALA A 607 44.92 -17.79 -9.40
CA ALA A 607 44.75 -17.21 -10.72
C ALA A 607 44.45 -15.73 -10.64
N ALA A 608 43.87 -15.28 -9.52
CA ALA A 608 43.77 -13.86 -9.26
C ALA A 608 44.99 -13.32 -8.52
N ALA A 609 45.73 -14.19 -7.84
CA ALA A 609 46.89 -13.74 -7.07
C ALA A 609 48.02 -13.30 -7.98
N TYR A 610 48.33 -14.09 -9.01
CA TYR A 610 49.31 -13.55 -9.94
C TYR A 610 48.71 -12.57 -10.93
N ASP A 611 47.39 -12.49 -11.04
CA ASP A 611 46.77 -11.41 -11.80
C ASP A 611 47.03 -10.08 -11.11
N ASP A 612 47.00 -10.07 -9.78
CA ASP A 612 47.42 -8.89 -9.03
C ASP A 612 48.92 -8.63 -9.25
N SER A 613 49.71 -9.68 -9.37
CA SER A 613 51.15 -9.54 -9.56
C SER A 613 51.48 -9.06 -10.96
N LYS A 614 52.76 -8.75 -11.17
CA LYS A 614 53.27 -8.31 -12.45
C LYS A 614 53.60 -9.47 -13.39
N PHE A 615 53.19 -10.68 -13.04
CA PHE A 615 53.54 -11.86 -13.81
C PHE A 615 52.83 -11.86 -15.16
N CYS A 616 51.50 -11.86 -15.16
CA CYS A 616 50.78 -11.75 -16.42
C CYS A 616 50.74 -10.33 -16.94
N ARG A 617 51.09 -9.34 -16.11
CA ARG A 617 51.28 -7.99 -16.62
C ARG A 617 52.52 -7.86 -17.48
N TYR A 618 53.51 -8.74 -17.30
CA TYR A 618 54.65 -8.75 -18.19
C TYR A 618 54.41 -9.63 -19.41
N VAL A 619 53.45 -10.55 -19.32
CA VAL A 619 52.98 -11.24 -20.52
C VAL A 619 52.28 -10.26 -21.44
N GLU A 620 51.64 -9.23 -20.88
CA GLU A 620 51.17 -8.10 -21.67
C GLU A 620 52.31 -7.40 -22.40
N LEU A 621 53.47 -7.27 -21.73
CA LEU A 621 54.57 -6.55 -22.35
C LEU A 621 55.22 -7.40 -23.43
N ILE A 622 55.34 -8.71 -23.21
CA ILE A 622 55.89 -9.58 -24.25
C ILE A 622 54.90 -9.78 -25.40
N CYS A 623 53.59 -9.66 -25.13
CA CYS A 623 52.58 -9.61 -26.17
C CYS A 623 52.75 -8.38 -27.05
N SER A 624 52.92 -7.21 -26.43
CA SER A 624 53.15 -5.99 -27.19
C SER A 624 54.46 -6.05 -27.96
N ARG A 625 55.49 -6.68 -27.38
CA ARG A 625 56.78 -6.78 -28.05
C ARG A 625 56.72 -7.72 -29.25
N GLU A 626 56.05 -8.87 -29.11
CA GLU A 626 55.93 -9.80 -30.22
C GLU A 626 55.07 -9.23 -31.33
N LYS A 627 53.95 -8.57 -30.98
CA LYS A 627 53.11 -7.99 -32.01
C LYS A 627 53.77 -6.78 -32.66
N ALA A 628 54.63 -6.05 -31.94
CA ALA A 628 55.35 -4.94 -32.55
C ALA A 628 56.46 -5.44 -33.46
N ARG A 629 57.17 -6.49 -33.02
CA ARG A 629 58.26 -7.06 -33.81
C ARG A 629 57.75 -7.72 -35.08
N ARG A 630 56.51 -8.18 -35.07
CA ARG A 630 55.93 -8.72 -36.30
C ARG A 630 55.16 -7.68 -37.11
N ARG A 631 54.65 -6.62 -36.49
CA ARG A 631 54.03 -5.55 -37.27
C ARG A 631 55.08 -4.75 -38.03
N GLN A 632 56.27 -4.59 -37.45
CA GLN A 632 57.38 -4.04 -38.22
C GLN A 632 57.90 -5.04 -39.25
N MET A 633 57.73 -6.34 -39.00
CA MET A 633 58.08 -7.33 -40.02
C MET A 633 57.13 -7.26 -41.21
N SER A 634 55.87 -6.93 -40.97
CA SER A 634 54.93 -6.75 -42.07
C SER A 634 55.05 -5.34 -42.66
N ARG A 635 55.12 -4.33 -41.81
CA ARG A 635 55.10 -2.94 -42.27
C ARG A 635 56.29 -2.16 -41.75
N ASP B 52 -13.64 -76.24 -1.73
CA ASP B 52 -13.71 -75.00 -0.98
C ASP B 52 -12.32 -74.50 -0.63
N GLU B 53 -12.02 -73.26 -1.01
CA GLU B 53 -10.69 -72.67 -0.87
C GLU B 53 -10.79 -71.34 -0.14
N ALA B 54 -9.76 -71.03 0.66
CA ALA B 54 -9.67 -69.74 1.32
C ALA B 54 -9.00 -68.74 0.38
N VAL B 55 -9.69 -67.62 0.13
CA VAL B 55 -9.23 -66.59 -0.81
C VAL B 55 -9.59 -65.25 -0.20
N ILE B 56 -8.60 -64.37 -0.06
CA ILE B 56 -8.85 -63.05 0.52
C ILE B 56 -9.58 -62.18 -0.49
N ASP B 57 -10.62 -61.51 -0.03
CA ASP B 57 -11.52 -60.75 -0.89
C ASP B 57 -11.33 -59.26 -0.69
N ILE B 58 -11.67 -58.49 -1.72
CA ILE B 58 -11.41 -57.05 -1.68
C ILE B 58 -12.66 -56.23 -1.92
N PHE B 59 -13.61 -56.75 -2.69
CA PHE B 59 -14.69 -55.85 -3.10
C PHE B 59 -15.76 -55.55 -2.05
N PRO B 60 -16.55 -56.53 -1.54
CA PRO B 60 -17.81 -56.19 -0.86
C PRO B 60 -17.65 -55.97 0.64
N THR B 61 -16.65 -55.18 1.02
CA THR B 61 -16.47 -54.81 2.42
C THR B 61 -16.72 -53.32 2.58
N GLY B 62 -16.89 -52.91 3.85
CA GLY B 62 -17.29 -51.54 4.15
C GLY B 62 -16.27 -50.50 3.75
N GLN B 63 -14.98 -50.81 3.93
CA GLN B 63 -13.89 -49.94 3.51
C GLN B 63 -13.86 -49.71 2.01
N THR B 64 -14.33 -50.67 1.23
CA THR B 64 -14.27 -50.56 -0.22
C THR B 64 -15.63 -50.28 -0.86
N MET B 65 -16.72 -50.81 -0.32
CA MET B 65 -18.04 -50.40 -0.79
C MET B 65 -18.33 -48.97 -0.40
N SER B 66 -17.73 -48.51 0.70
CA SER B 66 -17.85 -47.11 1.09
C SER B 66 -17.13 -46.18 0.12
N PHE B 67 -16.18 -46.69 -0.66
CA PHE B 67 -15.37 -45.85 -1.53
C PHE B 67 -16.20 -45.25 -2.66
N LEU B 68 -17.05 -46.06 -3.29
CA LEU B 68 -17.92 -45.52 -4.32
C LEU B 68 -19.01 -44.64 -3.75
N ARG B 69 -19.31 -44.78 -2.46
CA ARG B 69 -20.28 -43.89 -1.84
C ARG B 69 -19.65 -42.53 -1.55
N LEU B 70 -18.42 -42.52 -1.06
CA LEU B 70 -17.78 -41.25 -0.73
C LEU B 70 -17.31 -40.52 -1.96
N LEU B 71 -16.85 -41.25 -2.98
CA LEU B 71 -16.31 -40.62 -4.16
C LEU B 71 -17.42 -40.00 -4.99
N HIS B 72 -18.64 -40.51 -4.85
CA HIS B 72 -19.83 -39.83 -5.35
C HIS B 72 -20.58 -39.13 -4.24
N GLY B 73 -20.00 -39.04 -3.04
CA GLY B 73 -20.52 -38.17 -2.01
C GLY B 73 -21.82 -38.58 -1.40
N PHE B 74 -22.05 -39.89 -1.23
CA PHE B 74 -23.26 -40.35 -0.55
C PHE B 74 -23.29 -39.92 0.90
N LEU B 75 -22.13 -39.86 1.55
CA LEU B 75 -22.06 -39.58 2.96
C LEU B 75 -21.22 -38.34 3.27
N GLY B 76 -20.25 -38.00 2.41
CA GLY B 76 -19.49 -36.79 2.63
C GLY B 76 -18.97 -36.17 1.36
N THR B 77 -18.84 -34.84 1.40
CA THR B 77 -18.26 -34.09 0.30
C THR B 77 -17.76 -32.75 0.80
N CYS B 78 -17.18 -31.98 -0.10
CA CYS B 78 -16.54 -30.70 0.19
C CYS B 78 -16.33 -30.00 -1.14
N ARG B 79 -15.57 -28.90 -1.11
CA ARG B 79 -15.29 -28.16 -2.33
C ARG B 79 -14.30 -28.87 -3.24
N GLY B 80 -13.60 -29.89 -2.74
CA GLY B 80 -12.69 -30.63 -3.58
C GLY B 80 -13.33 -31.70 -4.43
N GLN B 81 -14.65 -31.87 -4.32
CA GLN B 81 -15.31 -32.96 -5.04
C GLN B 81 -15.31 -32.73 -6.55
N SER B 82 -15.30 -31.47 -6.98
CA SER B 82 -15.49 -31.14 -8.39
C SER B 82 -14.30 -31.56 -9.25
N MET B 83 -13.12 -31.74 -8.67
CA MET B 83 -11.99 -32.13 -9.50
C MET B 83 -12.06 -33.60 -9.83
N HIS B 84 -12.78 -34.39 -9.04
CA HIS B 84 -13.08 -35.73 -9.50
C HIS B 84 -14.08 -35.70 -10.64
N GLN B 85 -14.98 -34.72 -10.62
CA GLN B 85 -15.97 -34.58 -11.68
C GLN B 85 -15.32 -34.18 -12.99
N VAL B 86 -14.30 -33.33 -12.93
CA VAL B 86 -13.60 -32.98 -14.17
C VAL B 86 -12.69 -34.12 -14.61
N LEU B 87 -12.35 -35.04 -13.71
CA LEU B 87 -11.56 -36.18 -14.12
C LEU B 87 -12.39 -37.24 -14.85
N ARG B 88 -13.70 -37.24 -14.68
CA ARG B 88 -14.52 -38.30 -15.22
C ARG B 88 -15.30 -37.83 -16.44
N ASP B 89 -14.70 -36.94 -17.20
CA ASP B 89 -15.36 -36.40 -18.39
C ASP B 89 -15.42 -37.47 -19.48
N PRO B 90 -16.61 -37.92 -19.90
CA PRO B 90 -16.68 -38.92 -20.97
C PRO B 90 -16.39 -38.34 -22.33
N CYS B 91 -16.41 -37.02 -22.48
CA CYS B 91 -16.24 -36.41 -23.78
C CYS B 91 -14.78 -36.39 -24.23
N VAL B 92 -13.84 -36.44 -23.28
CA VAL B 92 -12.43 -36.50 -23.67
C VAL B 92 -12.09 -37.86 -24.27
N LEU B 93 -12.87 -38.89 -23.94
CA LEU B 93 -12.73 -40.19 -24.57
C LEU B 93 -13.06 -40.11 -26.05
N ARG B 94 -14.24 -39.55 -26.39
CA ARG B 94 -14.62 -39.46 -27.78
C ARG B 94 -13.74 -38.47 -28.53
N LYS B 95 -13.21 -37.46 -27.83
CA LYS B 95 -12.33 -36.50 -28.48
C LYS B 95 -10.99 -37.14 -28.84
N GLN B 96 -10.37 -37.83 -27.89
CA GLN B 96 -9.10 -38.49 -28.15
C GLN B 96 -9.27 -39.63 -29.16
N LEU B 97 -10.40 -40.32 -29.10
CA LEU B 97 -10.67 -41.40 -30.05
C LEU B 97 -10.82 -40.88 -31.47
N LEU B 98 -11.57 -39.79 -31.65
CA LEU B 98 -11.71 -39.23 -32.98
C LEU B 98 -10.41 -38.62 -33.46
N TYR B 99 -9.60 -38.09 -32.54
CA TYR B 99 -8.29 -37.58 -32.92
C TYR B 99 -7.39 -38.70 -33.41
N GLY B 100 -7.41 -39.83 -32.72
CA GLY B 100 -6.58 -40.95 -33.14
C GLY B 100 -7.01 -41.52 -34.48
N VAL B 101 -8.33 -41.67 -34.68
CA VAL B 101 -8.76 -42.24 -35.95
C VAL B 101 -8.58 -41.24 -37.08
N CYS B 102 -8.65 -39.93 -36.83
CA CYS B 102 -8.44 -39.01 -37.95
C CYS B 102 -6.96 -38.83 -38.24
N LYS B 103 -6.10 -38.96 -37.22
CA LYS B 103 -4.66 -38.92 -37.47
C LYS B 103 -4.22 -40.14 -38.26
N THR B 104 -4.82 -41.31 -37.98
CA THR B 104 -4.54 -42.46 -38.83
C THR B 104 -5.25 -42.35 -40.17
N LEU B 105 -6.25 -41.49 -40.26
CA LEU B 105 -7.10 -41.45 -41.45
C LEU B 105 -6.54 -40.53 -42.52
N PHE B 106 -6.06 -39.35 -42.12
CA PHE B 106 -5.72 -38.35 -43.12
C PHE B 106 -4.37 -38.59 -43.78
N ASP B 107 -3.44 -39.24 -43.09
CA ASP B 107 -2.05 -39.26 -43.52
C ASP B 107 -1.76 -40.23 -44.66
N THR B 108 -2.77 -40.91 -45.21
CA THR B 108 -2.51 -42.02 -46.12
C THR B 108 -2.10 -41.56 -47.52
N ILE B 109 -2.95 -40.79 -48.20
CA ILE B 109 -2.80 -40.59 -49.63
C ILE B 109 -2.50 -39.10 -49.88
N THR B 110 -1.75 -38.51 -48.95
CA THR B 110 -1.42 -37.09 -48.98
C THR B 110 -0.58 -36.73 -50.20
N VAL B 111 0.22 -37.67 -50.70
CA VAL B 111 1.29 -37.32 -51.63
C VAL B 111 0.81 -37.37 -53.08
N ARG B 112 -0.22 -38.16 -53.38
CA ARG B 112 -0.54 -38.37 -54.78
C ARG B 112 -1.92 -37.80 -55.14
N ARG B 113 -2.91 -37.96 -54.27
CA ARG B 113 -4.28 -37.64 -54.60
C ARG B 113 -4.53 -36.14 -54.76
N VAL B 114 -3.68 -35.29 -54.18
CA VAL B 114 -3.89 -33.85 -54.27
C VAL B 114 -3.63 -33.37 -55.70
N ALA B 115 -2.59 -33.90 -56.34
CA ALA B 115 -2.31 -33.53 -57.73
C ALA B 115 -3.33 -34.16 -58.67
N GLU B 116 -3.92 -35.29 -58.26
CA GLU B 116 -4.91 -35.94 -59.10
C GLU B 116 -6.25 -35.22 -59.05
N GLU B 117 -6.62 -34.71 -57.86
CA GLU B 117 -7.91 -34.03 -57.74
C GLU B 117 -7.76 -32.53 -57.99
N TRP B 118 -6.53 -32.08 -58.25
CA TRP B 118 -6.35 -30.78 -58.87
C TRP B 118 -6.95 -30.74 -60.28
N LYS B 119 -6.95 -31.88 -60.97
CA LYS B 119 -7.36 -31.94 -62.36
C LYS B 119 -8.85 -31.64 -62.55
N LEU B 120 -9.70 -32.18 -61.67
CA LEU B 120 -11.14 -31.99 -61.81
C LEU B 120 -11.53 -30.55 -61.46
N HIS B 121 -10.91 -29.99 -60.43
CA HIS B 121 -11.24 -28.62 -60.05
C HIS B 121 -10.54 -27.60 -60.94
N ALA B 122 -9.60 -28.06 -61.77
CA ALA B 122 -9.10 -27.18 -62.84
C ALA B 122 -10.20 -26.84 -63.82
N ALA B 123 -10.92 -27.85 -64.32
CA ALA B 123 -11.99 -27.60 -65.27
C ALA B 123 -13.26 -27.15 -64.56
N LEU B 124 -13.38 -27.41 -63.25
CA LEU B 124 -14.59 -27.04 -62.54
C LEU B 124 -14.67 -25.54 -62.29
N PHE B 125 -13.52 -24.88 -62.10
CA PHE B 125 -13.48 -23.44 -61.90
C PHE B 125 -12.82 -22.75 -63.08
N PRO B 126 -13.61 -22.19 -64.01
CA PRO B 126 -13.01 -21.51 -65.17
C PRO B 126 -12.44 -20.14 -64.80
N TYR B 127 -11.12 -20.03 -64.79
CA TYR B 127 -10.42 -18.91 -64.19
C TYR B 127 -9.02 -18.86 -64.79
N ARG B 128 -8.08 -18.28 -64.03
CA ARG B 128 -6.62 -18.31 -64.26
C ARG B 128 -6.21 -17.65 -65.59
N ALA B 129 -6.85 -16.53 -65.91
CA ALA B 129 -6.46 -15.79 -67.10
C ALA B 129 -5.13 -15.08 -66.93
N LEU B 130 -4.95 -14.35 -65.83
CA LEU B 130 -3.75 -13.56 -65.59
C LEU B 130 -3.03 -14.11 -64.36
N ASP B 131 -1.70 -13.93 -64.34
CA ASP B 131 -0.88 -14.60 -63.34
C ASP B 131 -0.71 -13.77 -62.07
N GLU B 132 -1.03 -12.48 -62.14
CA GLU B 132 -0.69 -11.57 -61.04
C GLU B 132 -1.66 -11.73 -59.87
N GLU B 133 -2.94 -11.51 -60.11
CA GLU B 133 -3.95 -11.43 -59.06
C GLU B 133 -4.82 -12.68 -58.97
N ASP B 134 -5.01 -13.38 -60.09
CA ASP B 134 -5.91 -14.52 -60.10
C ASP B 134 -5.27 -15.75 -59.46
N LEU B 135 -4.01 -16.02 -59.81
CA LEU B 135 -3.35 -17.24 -59.36
C LEU B 135 -3.04 -17.17 -57.87
N GLU B 136 -2.61 -16.01 -57.38
CA GLU B 136 -2.18 -15.87 -56.00
C GLU B 136 -3.34 -16.01 -55.03
N GLN B 137 -4.55 -15.67 -55.48
CA GLN B 137 -5.70 -15.68 -54.59
C GLN B 137 -6.55 -16.94 -54.78
N TYR B 138 -6.54 -17.51 -55.98
CA TYR B 138 -7.45 -18.63 -56.27
C TYR B 138 -6.99 -19.91 -55.59
N LEU B 139 -5.68 -20.10 -55.46
CA LEU B 139 -5.15 -21.33 -54.85
C LEU B 139 -5.51 -21.43 -53.38
N LEU B 140 -5.53 -20.29 -52.67
CA LEU B 140 -5.79 -20.32 -51.23
C LEU B 140 -7.24 -20.65 -50.96
N VAL B 141 -8.17 -20.07 -51.73
CA VAL B 141 -9.58 -20.35 -51.52
C VAL B 141 -9.93 -21.75 -52.02
N TRP B 142 -9.24 -22.23 -53.05
CA TRP B 142 -9.46 -23.61 -53.50
C TRP B 142 -8.95 -24.62 -52.47
N SER B 143 -7.81 -24.31 -51.85
CA SER B 143 -7.26 -25.15 -50.80
C SER B 143 -8.16 -25.17 -49.58
N ALA B 144 -8.64 -24.00 -49.16
CA ALA B 144 -9.58 -23.90 -48.06
C ALA B 144 -10.89 -24.62 -48.39
N SER B 145 -11.32 -24.56 -49.64
CA SER B 145 -12.53 -25.24 -50.06
C SER B 145 -12.39 -26.75 -49.96
N LEU B 146 -11.26 -27.29 -50.44
CA LEU B 146 -11.08 -28.73 -50.41
C LEU B 146 -10.93 -29.24 -48.98
N ARG B 147 -10.13 -28.54 -48.16
CA ARG B 147 -9.92 -29.00 -46.79
C ARG B 147 -11.20 -28.85 -45.97
N GLN B 148 -12.00 -27.82 -46.26
CA GLN B 148 -13.24 -27.60 -45.53
C GLN B 148 -14.28 -28.64 -45.91
N SER B 149 -14.35 -29.01 -47.19
CA SER B 149 -15.36 -29.95 -47.61
C SER B 149 -15.03 -31.36 -47.12
N VAL B 150 -13.75 -31.75 -47.20
CA VAL B 150 -13.38 -33.06 -46.64
C VAL B 150 -13.48 -33.02 -45.12
N GLN B 151 -13.32 -31.83 -44.52
CA GLN B 151 -13.40 -31.69 -43.08
C GLN B 151 -14.82 -31.87 -42.57
N THR B 152 -15.79 -31.22 -43.21
CA THR B 152 -17.18 -31.43 -42.83
C THR B 152 -17.63 -32.85 -43.15
N GLY B 153 -17.08 -33.45 -44.21
CA GLY B 153 -17.43 -34.84 -44.51
C GLY B 153 -16.99 -35.81 -43.42
N VAL B 154 -15.71 -35.74 -43.04
CA VAL B 154 -15.20 -36.64 -42.02
C VAL B 154 -15.81 -36.29 -40.66
N LEU B 155 -16.13 -35.01 -40.45
CA LEU B 155 -16.72 -34.57 -39.19
C LEU B 155 -18.13 -35.13 -39.02
N GLY B 156 -18.94 -35.05 -40.06
CA GLY B 156 -20.30 -35.58 -39.99
C GLY B 156 -20.30 -37.10 -39.88
N ALA B 157 -19.43 -37.77 -40.63
CA ALA B 157 -19.35 -39.23 -40.59
C ALA B 157 -18.93 -39.71 -39.20
N LEU B 158 -17.88 -39.12 -38.65
CA LEU B 158 -17.42 -39.51 -37.33
C LEU B 158 -18.41 -39.08 -36.25
N ARG B 159 -19.11 -37.97 -36.43
CA ARG B 159 -20.07 -37.52 -35.43
C ARG B 159 -21.24 -38.49 -35.33
N ASP B 160 -21.78 -38.96 -36.47
CA ASP B 160 -22.93 -39.84 -36.33
C ASP B 160 -22.49 -41.24 -35.91
N ILE B 161 -21.34 -41.72 -36.39
CA ILE B 161 -20.91 -43.06 -35.95
C ILE B 161 -20.43 -43.05 -34.51
N LEU B 162 -20.09 -41.88 -33.96
CA LEU B 162 -19.89 -41.77 -32.53
C LEU B 162 -21.22 -41.73 -31.79
N TYR B 163 -22.03 -40.71 -32.07
CA TYR B 163 -23.25 -40.43 -31.31
C TYR B 163 -24.29 -41.52 -31.39
N GLN B 164 -24.20 -42.43 -32.36
CA GLN B 164 -25.15 -43.53 -32.37
C GLN B 164 -24.79 -44.60 -31.34
N TYR B 165 -23.50 -44.92 -31.21
CA TYR B 165 -23.16 -46.04 -30.32
C TYR B 165 -21.88 -45.80 -29.53
N ALA B 166 -21.55 -44.55 -29.20
CA ALA B 166 -20.47 -44.30 -28.25
C ALA B 166 -20.92 -43.56 -27.01
N ASP B 167 -22.22 -43.55 -26.71
CA ASP B 167 -22.69 -43.02 -25.44
C ASP B 167 -22.68 -44.08 -24.33
N ASN B 168 -21.55 -44.76 -24.22
CA ASN B 168 -21.44 -45.88 -23.29
C ASN B 168 -21.30 -45.43 -21.85
N ASP B 169 -20.79 -44.21 -21.64
CA ASP B 169 -20.50 -43.57 -20.33
C ASP B 169 -19.81 -44.50 -19.34
N ASP B 170 -18.95 -45.37 -19.85
CA ASP B 170 -18.24 -46.36 -19.06
C ASP B 170 -16.93 -45.81 -18.52
N TYR B 171 -16.34 -44.84 -19.21
CA TYR B 171 -15.13 -44.17 -18.74
C TYR B 171 -15.39 -43.46 -17.42
N GLY B 172 -16.62 -42.96 -17.24
CA GLY B 172 -17.07 -42.34 -16.01
C GLY B 172 -17.28 -43.29 -14.86
N LEU B 173 -16.99 -44.58 -15.06
CA LEU B 173 -16.78 -45.51 -13.96
C LEU B 173 -15.37 -46.06 -13.98
N TYR B 174 -14.77 -46.10 -15.16
CA TYR B 174 -13.43 -46.65 -15.33
C TYR B 174 -12.40 -45.83 -14.57
N VAL B 175 -12.56 -44.50 -14.57
CA VAL B 175 -11.61 -43.69 -13.83
C VAL B 175 -11.82 -43.85 -12.33
N ASP B 176 -13.04 -44.20 -11.91
CA ASP B 176 -13.30 -44.44 -10.51
C ASP B 176 -12.63 -45.71 -10.04
N TRP B 177 -12.77 -46.79 -10.81
CA TRP B 177 -12.06 -48.01 -10.43
C TRP B 177 -10.55 -47.89 -10.61
N CYS B 178 -10.07 -47.02 -11.49
CA CYS B 178 -8.64 -46.78 -11.54
C CYS B 178 -8.17 -45.93 -10.37
N VAL B 179 -9.04 -45.13 -9.79
CA VAL B 179 -8.59 -44.19 -8.79
C VAL B 179 -8.79 -44.69 -7.36
N THR B 180 -9.68 -45.67 -7.13
CA THR B 180 -9.94 -46.03 -5.74
C THR B 180 -9.57 -47.45 -5.37
N VAL B 181 -9.32 -48.35 -6.33
CA VAL B 181 -8.85 -49.69 -5.99
C VAL B 181 -7.66 -50.07 -6.86
N GLY B 182 -7.39 -49.27 -7.89
CA GLY B 182 -6.22 -49.50 -8.70
C GLY B 182 -6.38 -50.57 -9.76
N LEU B 183 -7.61 -50.99 -10.03
CA LEU B 183 -7.91 -52.01 -11.02
C LEU B 183 -9.38 -51.93 -11.35
N VAL B 184 -9.77 -52.48 -12.48
CA VAL B 184 -11.14 -52.33 -12.96
C VAL B 184 -11.71 -53.72 -13.24
N PRO B 185 -12.90 -54.04 -12.75
CA PRO B 185 -13.63 -55.20 -13.25
C PRO B 185 -14.42 -54.82 -14.49
N LEU B 186 -14.39 -55.70 -15.48
CA LEU B 186 -14.99 -55.38 -16.77
C LEU B 186 -15.36 -56.65 -17.50
N LEU B 187 -16.51 -56.64 -18.16
CA LEU B 187 -17.05 -57.80 -18.85
C LEU B 187 -16.86 -57.61 -20.35
N ASP B 188 -16.75 -58.72 -21.07
CA ASP B 188 -16.63 -58.72 -22.52
C ASP B 188 -17.89 -59.34 -23.12
N VAL B 189 -18.87 -58.50 -23.45
CA VAL B 189 -20.13 -58.97 -23.98
C VAL B 189 -19.95 -59.40 -25.44
N LYS B 190 -20.32 -60.64 -25.74
CA LYS B 190 -20.23 -61.19 -27.08
C LYS B 190 -21.63 -61.47 -27.59
N THR B 191 -21.84 -61.21 -28.88
CA THR B 191 -23.14 -61.36 -29.51
C THR B 191 -23.00 -62.20 -30.78
N LYS B 192 -24.14 -62.41 -31.43
CA LYS B 192 -24.15 -63.05 -32.73
C LYS B 192 -23.48 -62.14 -33.77
N PRO B 193 -22.83 -62.70 -34.78
CA PRO B 193 -22.22 -61.86 -35.82
C PRO B 193 -23.20 -61.16 -36.75
N SER B 194 -24.52 -61.28 -36.53
CA SER B 194 -25.48 -60.49 -37.29
C SER B 194 -25.39 -59.01 -36.93
N GLU B 195 -25.01 -58.70 -35.68
CA GLU B 195 -24.84 -57.34 -35.25
C GLU B 195 -23.62 -56.68 -35.90
N ALA B 196 -22.59 -57.48 -36.21
CA ALA B 196 -21.49 -56.97 -37.02
C ALA B 196 -21.97 -56.59 -38.41
N ALA B 197 -22.89 -57.37 -38.98
CA ALA B 197 -23.49 -57.01 -40.25
C ALA B 197 -24.39 -55.79 -40.12
N GLU B 198 -25.02 -55.60 -38.96
CA GLU B 198 -25.79 -54.38 -38.71
C GLU B 198 -24.90 -53.15 -38.75
N ARG B 199 -23.74 -53.23 -38.09
CA ARG B 199 -22.82 -52.09 -38.10
C ARG B 199 -22.20 -51.89 -39.47
N ALA B 200 -21.89 -52.99 -40.18
CA ALA B 200 -21.30 -52.88 -41.51
C ALA B 200 -22.29 -52.34 -42.53
N GLN B 201 -23.58 -52.55 -42.29
CA GLN B 201 -24.60 -51.88 -43.10
C GLN B 201 -24.73 -50.43 -42.70
N PHE B 202 -24.68 -50.13 -41.40
CA PHE B 202 -24.91 -48.79 -40.90
C PHE B 202 -23.83 -47.81 -41.32
N VAL B 203 -22.58 -48.29 -41.45
CA VAL B 203 -21.48 -47.39 -41.78
C VAL B 203 -21.59 -46.89 -43.22
N ARG B 204 -22.27 -47.63 -44.09
CA ARG B 204 -22.42 -47.20 -45.48
C ARG B 204 -23.37 -46.02 -45.60
N ALA B 205 -24.52 -46.11 -44.93
CA ALA B 205 -25.44 -44.98 -44.89
C ALA B 205 -24.87 -43.85 -44.05
N ALA B 206 -23.94 -44.16 -43.14
CA ALA B 206 -23.22 -43.12 -42.43
C ALA B 206 -22.30 -42.34 -43.35
N VAL B 207 -21.54 -43.03 -44.20
CA VAL B 207 -20.59 -42.33 -45.07
C VAL B 207 -21.26 -41.81 -46.32
N GLN B 208 -22.56 -42.13 -46.50
CA GLN B 208 -23.31 -41.50 -47.58
C GLN B 208 -23.51 -40.01 -47.33
N ARG B 209 -23.53 -39.59 -46.06
CA ARG B 209 -23.62 -38.17 -45.75
C ARG B 209 -22.34 -37.44 -46.13
N ALA B 210 -21.20 -38.14 -46.12
CA ALA B 210 -19.97 -37.55 -46.61
C ALA B 210 -19.87 -37.70 -48.12
N THR B 211 -20.51 -38.73 -48.68
CA THR B 211 -20.53 -38.94 -50.12
C THR B 211 -21.29 -37.82 -50.81
N GLU B 212 -22.42 -37.40 -50.23
CA GLU B 212 -23.18 -36.29 -50.79
C GLU B 212 -22.41 -34.98 -50.64
N THR B 213 -21.70 -34.82 -49.52
CA THR B 213 -20.96 -33.59 -49.29
C THR B 213 -19.74 -33.50 -50.19
N HIS B 214 -18.96 -34.58 -50.26
CA HIS B 214 -17.70 -34.55 -50.97
C HIS B 214 -17.46 -35.86 -51.73
N PRO B 215 -17.16 -35.79 -53.02
CA PRO B 215 -16.72 -37.00 -53.73
C PRO B 215 -15.32 -37.42 -53.33
N LEU B 216 -14.43 -36.47 -53.07
CA LEU B 216 -13.02 -36.82 -52.84
C LEU B 216 -12.80 -37.32 -51.43
N ALA B 217 -13.77 -37.11 -50.53
CA ALA B 217 -13.62 -37.62 -49.17
C ALA B 217 -13.89 -39.12 -49.12
N GLN B 218 -14.72 -39.63 -50.02
CA GLN B 218 -15.24 -40.98 -49.88
C GLN B 218 -14.18 -42.02 -50.25
N ASP B 219 -13.22 -41.65 -51.09
CA ASP B 219 -12.22 -42.60 -51.55
C ASP B 219 -11.25 -42.97 -50.43
N LEU B 220 -11.02 -42.04 -49.51
CA LEU B 220 -10.17 -42.32 -48.37
C LEU B 220 -10.91 -43.12 -47.30
N LEU B 221 -12.20 -42.83 -47.14
CA LEU B 221 -13.01 -43.57 -46.18
C LEU B 221 -13.26 -45.00 -46.64
N GLN B 222 -13.36 -45.22 -47.96
CA GLN B 222 -13.52 -46.59 -48.43
C GLN B 222 -12.20 -47.34 -48.37
N ALA B 223 -11.09 -46.61 -48.29
CA ALA B 223 -9.82 -47.27 -48.04
C ALA B 223 -9.70 -47.70 -46.59
N ASN B 224 -10.11 -46.84 -45.67
CA ASN B 224 -9.93 -47.12 -44.25
C ASN B 224 -11.22 -47.58 -43.55
N LEU B 225 -12.19 -48.09 -44.31
CA LEU B 225 -13.41 -48.61 -43.71
C LEU B 225 -13.15 -49.80 -42.80
N ALA B 226 -12.08 -50.56 -43.08
CA ALA B 226 -11.73 -51.68 -42.21
C ALA B 226 -11.33 -51.20 -40.83
N LEU B 227 -10.53 -50.12 -40.77
CA LEU B 227 -10.18 -49.52 -39.49
C LEU B 227 -11.40 -48.90 -38.82
N LEU B 228 -12.29 -48.31 -39.62
CA LEU B 228 -13.52 -47.72 -39.06
C LEU B 228 -14.40 -48.78 -38.42
N LEU B 229 -14.65 -49.89 -39.12
CA LEU B 229 -15.48 -50.95 -38.54
C LEU B 229 -14.74 -51.66 -37.42
N GLN B 230 -13.40 -51.66 -37.45
CA GLN B 230 -12.62 -52.25 -36.38
C GLN B 230 -12.80 -51.47 -35.09
N VAL B 231 -12.68 -50.15 -35.14
CA VAL B 231 -12.83 -49.36 -33.93
C VAL B 231 -14.31 -49.27 -33.52
N ALA B 232 -15.22 -49.44 -34.48
CA ALA B 232 -16.63 -49.47 -34.13
C ALA B 232 -17.01 -50.77 -33.41
N GLU B 233 -16.47 -51.90 -33.88
CA GLU B 233 -16.76 -53.18 -33.24
C GLU B 233 -16.07 -53.29 -31.89
N ARG B 234 -14.83 -52.84 -31.81
CA ARG B 234 -14.11 -52.88 -30.54
C ARG B 234 -14.64 -51.83 -29.58
N LEU B 235 -15.33 -50.82 -30.11
CA LEU B 235 -15.99 -49.84 -29.25
C LEU B 235 -17.13 -50.47 -28.46
N GLY B 236 -18.03 -51.15 -29.15
CA GLY B 236 -19.15 -51.80 -28.49
C GLY B 236 -18.89 -53.20 -28.01
N ALA B 237 -17.63 -53.59 -27.86
CA ALA B 237 -17.33 -54.96 -27.46
C ALA B 237 -17.24 -55.10 -25.95
N VAL B 238 -16.65 -54.12 -25.27
CA VAL B 238 -16.30 -54.24 -23.87
C VAL B 238 -17.04 -53.20 -23.06
N ARG B 239 -17.52 -53.61 -21.88
CA ARG B 239 -18.22 -52.76 -20.95
C ARG B 239 -17.44 -52.61 -19.65
N VAL B 240 -18.03 -51.88 -18.70
CA VAL B 240 -17.39 -51.55 -17.44
C VAL B 240 -17.93 -52.41 -16.29
N ALA B 241 -18.91 -53.26 -16.59
CA ALA B 241 -19.49 -54.24 -15.65
C ALA B 241 -20.14 -53.56 -14.44
N ASN B 242 -21.18 -52.75 -14.72
CA ASN B 242 -22.04 -52.25 -13.65
C ASN B 242 -23.22 -53.20 -13.52
N ALA B 243 -22.99 -54.27 -12.77
CA ALA B 243 -24.02 -55.23 -12.44
C ALA B 243 -23.88 -55.56 -10.97
N PRO B 244 -24.98 -55.67 -10.24
CA PRO B 244 -24.88 -55.92 -8.80
C PRO B 244 -24.42 -57.33 -8.51
N GLU B 245 -23.96 -57.51 -7.27
CA GLU B 245 -23.44 -58.78 -6.75
C GLU B 245 -22.26 -59.29 -7.56
N VAL B 246 -21.42 -58.36 -8.01
CA VAL B 246 -20.14 -58.70 -8.60
C VAL B 246 -19.19 -58.94 -7.43
N ARG B 247 -18.13 -59.70 -7.67
CA ARG B 247 -17.16 -59.94 -6.62
C ARG B 247 -15.78 -60.14 -7.22
N VAL B 248 -14.80 -59.41 -6.67
CA VAL B 248 -13.40 -59.56 -7.04
C VAL B 248 -12.60 -59.81 -5.76
N PHE B 249 -11.43 -60.42 -5.91
CA PHE B 249 -10.68 -60.95 -4.79
C PHE B 249 -9.24 -61.19 -5.21
N LYS B 250 -8.43 -61.68 -4.27
CA LYS B 250 -7.04 -62.06 -4.55
C LYS B 250 -6.82 -63.48 -4.08
N LYS B 251 -6.39 -64.35 -4.99
CA LYS B 251 -6.07 -65.72 -4.62
C LYS B 251 -4.75 -65.76 -3.87
N VAL B 252 -4.77 -66.37 -2.67
CA VAL B 252 -3.64 -66.25 -1.77
C VAL B 252 -2.49 -67.19 -2.12
N ARG B 253 -2.78 -68.44 -2.52
CA ARG B 253 -1.72 -69.40 -2.75
C ARG B 253 -1.00 -69.12 -4.06
N SER B 254 -1.72 -68.65 -5.07
CA SER B 254 -1.15 -68.23 -6.33
C SER B 254 -1.64 -66.81 -6.60
N GLU B 255 -0.71 -65.86 -6.60
CA GLU B 255 -1.05 -64.43 -6.63
C GLU B 255 -1.43 -64.01 -8.04
N ARG B 256 -2.58 -64.52 -8.49
CA ARG B 256 -3.13 -64.32 -9.82
C ARG B 256 -4.57 -63.86 -9.71
N LEU B 257 -4.78 -62.78 -8.95
CA LEU B 257 -6.10 -62.24 -8.59
C LEU B 257 -7.01 -62.05 -9.80
N GLU B 258 -8.29 -62.35 -9.59
CA GLU B 258 -9.22 -62.56 -10.69
C GLU B 258 -10.58 -61.95 -10.37
N ALA B 259 -11.37 -61.74 -11.41
CA ALA B 259 -12.71 -61.21 -11.30
C ALA B 259 -13.73 -62.23 -11.77
N GLN B 260 -14.83 -62.36 -11.03
CA GLN B 260 -15.94 -63.20 -11.48
C GLN B 260 -17.24 -62.45 -11.30
N LEU B 261 -18.19 -62.76 -12.18
CA LEU B 261 -19.51 -62.12 -12.18
C LEU B 261 -20.56 -63.22 -12.09
N ARG B 262 -21.26 -63.23 -10.95
CA ARG B 262 -22.47 -64.02 -10.72
C ARG B 262 -22.18 -65.52 -10.88
N GLY B 263 -21.06 -65.93 -10.30
CA GLY B 263 -20.61 -67.30 -10.40
C GLY B 263 -19.78 -67.63 -11.63
N LYS B 264 -19.68 -66.71 -12.59
CA LYS B 264 -18.96 -66.94 -13.83
C LYS B 264 -17.68 -66.11 -13.83
N HIS B 265 -16.54 -66.77 -14.03
CA HIS B 265 -15.27 -66.07 -14.07
C HIS B 265 -15.16 -65.25 -15.34
N ILE B 266 -14.67 -64.02 -15.21
CA ILE B 266 -14.53 -63.08 -16.32
C ILE B 266 -13.09 -62.59 -16.37
N ARG B 267 -12.76 -61.82 -17.40
CA ARG B 267 -11.46 -61.18 -17.48
C ARG B 267 -11.49 -59.86 -16.71
N LEU B 268 -10.31 -59.34 -16.39
CA LEU B 268 -10.21 -58.05 -15.72
C LEU B 268 -8.84 -57.44 -15.98
N TYR B 269 -8.75 -56.15 -15.71
CA TYR B 269 -7.53 -55.38 -15.90
C TYR B 269 -7.00 -54.96 -14.53
N VAL B 270 -5.69 -54.81 -14.42
CA VAL B 270 -5.05 -54.28 -13.22
C VAL B 270 -4.12 -53.15 -13.65
N ALA B 271 -4.19 -52.03 -12.93
CA ALA B 271 -3.30 -50.90 -13.17
C ALA B 271 -2.39 -50.63 -12.00
N ALA B 272 -2.88 -50.81 -10.78
CA ALA B 272 -2.10 -50.60 -9.58
C ALA B 272 -2.50 -51.66 -8.57
N GLU B 273 -1.72 -52.72 -8.48
CA GLU B 273 -2.03 -53.78 -7.53
C GLU B 273 -1.65 -53.33 -6.13
N PRO B 274 -2.49 -53.60 -5.13
CA PRO B 274 -2.19 -53.15 -3.78
C PRO B 274 -1.25 -54.11 -3.06
N LEU B 275 -0.51 -53.56 -2.11
CA LEU B 275 0.46 -54.34 -1.36
C LEU B 275 -0.23 -55.16 -0.27
N ALA B 276 0.32 -56.33 0.03
CA ALA B 276 -0.30 -57.31 0.90
C ALA B 276 0.75 -57.96 1.80
N TYR B 277 0.44 -58.04 3.10
CA TYR B 277 1.37 -58.57 4.10
C TYR B 277 0.58 -59.38 5.11
N GLU B 278 1.20 -59.62 6.28
CA GLU B 278 0.61 -60.45 7.34
C GLU B 278 -0.68 -59.86 7.87
N ARG B 279 -0.83 -58.54 7.81
CA ARG B 279 -2.14 -57.95 7.95
C ARG B 279 -2.96 -58.41 6.76
N ASP B 280 -3.86 -59.37 6.99
CA ASP B 280 -4.48 -60.08 5.88
C ASP B 280 -5.50 -59.22 5.16
N LYS B 281 -6.02 -58.20 5.82
CA LYS B 281 -6.60 -57.08 5.09
C LYS B 281 -5.45 -56.26 4.49
N LEU B 282 -5.40 -56.22 3.17
CA LEU B 282 -4.25 -55.66 2.48
C LEU B 282 -4.50 -54.18 2.25
N LEU B 283 -3.41 -53.43 2.12
CA LEU B 283 -3.47 -51.98 2.09
C LEU B 283 -3.20 -51.48 0.68
N PHE B 284 -3.90 -50.43 0.28
CA PHE B 284 -3.92 -49.97 -1.09
C PHE B 284 -2.94 -48.82 -1.28
N THR B 285 -2.37 -48.75 -2.49
CA THR B 285 -1.51 -47.66 -2.89
C THR B 285 -2.23 -46.64 -3.74
N THR B 286 -3.53 -46.79 -3.89
CA THR B 286 -4.32 -45.96 -4.78
C THR B 286 -4.49 -44.58 -4.17
N PRO B 287 -4.73 -43.55 -5.00
CA PRO B 287 -4.78 -42.18 -4.45
C PRO B 287 -5.91 -41.90 -3.47
N VAL B 288 -7.12 -42.39 -3.70
CA VAL B 288 -8.23 -41.97 -2.85
C VAL B 288 -8.16 -42.62 -1.48
N ALA B 289 -7.51 -43.77 -1.37
CA ALA B 289 -7.31 -44.37 -0.06
C ALA B 289 -6.29 -43.61 0.79
N HIS B 290 -5.51 -42.72 0.18
CA HIS B 290 -4.61 -41.89 0.96
C HIS B 290 -5.36 -40.85 1.77
N LEU B 291 -6.60 -40.53 1.36
CA LEU B 291 -7.42 -39.53 2.04
C LEU B 291 -8.77 -40.09 2.47
N HIS B 292 -8.88 -41.39 2.72
CA HIS B 292 -10.12 -41.94 3.22
C HIS B 292 -10.42 -41.48 4.65
N GLU B 293 -9.42 -41.60 5.54
CA GLU B 293 -9.66 -41.37 6.95
C GLU B 293 -9.92 -39.89 7.24
N GLU B 294 -9.41 -38.99 6.40
CA GLU B 294 -9.64 -37.57 6.63
C GLU B 294 -11.07 -37.18 6.32
N ILE B 295 -11.61 -37.68 5.21
CA ILE B 295 -13.00 -37.36 4.92
C ILE B 295 -13.94 -38.13 5.83
N LEU B 296 -13.50 -39.26 6.38
CA LEU B 296 -14.33 -39.92 7.38
C LEU B 296 -14.33 -39.13 8.68
N ARG B 297 -13.19 -38.51 9.01
CA ARG B 297 -13.12 -37.60 10.14
C ARG B 297 -14.01 -36.38 9.94
N TYR B 298 -14.03 -35.85 8.71
CA TYR B 298 -14.88 -34.71 8.41
C TYR B 298 -16.35 -35.09 8.49
N ASP B 299 -16.70 -36.31 8.11
CA ASP B 299 -18.08 -36.73 8.20
C ASP B 299 -18.51 -36.94 9.64
N GLY B 300 -17.61 -37.51 10.45
CA GLY B 300 -17.88 -37.61 11.87
C GLY B 300 -18.05 -36.27 12.53
N LEU B 301 -17.24 -35.28 12.12
CA LEU B 301 -17.39 -33.94 12.67
C LEU B 301 -18.66 -33.27 12.17
N CYS B 302 -19.07 -33.54 10.92
CA CYS B 302 -20.31 -33.00 10.39
C CYS B 302 -21.51 -33.51 11.17
N ARG B 303 -21.60 -34.84 11.34
CA ARG B 303 -22.69 -35.42 12.09
C ARG B 303 -22.64 -35.01 13.55
N HIS B 304 -21.45 -34.84 14.11
CA HIS B 304 -21.31 -34.44 15.49
C HIS B 304 -21.78 -33.01 15.70
N GLN B 305 -21.41 -32.11 14.79
CA GLN B 305 -21.87 -30.73 14.83
C GLN B 305 -23.38 -30.66 14.72
N LYS B 306 -23.97 -31.45 13.82
CA LYS B 306 -25.42 -31.46 13.68
C LYS B 306 -26.10 -31.97 14.94
N ILE B 307 -25.58 -33.05 15.52
CA ILE B 307 -26.30 -33.66 16.63
C ILE B 307 -26.10 -32.86 17.91
N CYS B 308 -25.00 -32.12 18.05
CA CYS B 308 -24.92 -31.25 19.22
C CYS B 308 -25.70 -29.97 19.00
N GLN B 309 -25.84 -29.53 17.75
CA GLN B 309 -26.64 -28.34 17.49
C GLN B 309 -28.12 -28.60 17.72
N LEU B 310 -28.60 -29.78 17.34
CA LEU B 310 -29.97 -30.15 17.65
C LEU B 310 -30.17 -30.62 19.08
N LEU B 311 -29.11 -30.64 19.90
CA LEU B 311 -29.27 -31.07 21.28
C LEU B 311 -29.60 -29.92 22.20
N ASN B 312 -28.90 -28.80 22.12
CA ASN B 312 -29.10 -27.68 23.02
C ASN B 312 -29.95 -26.58 22.40
N THR B 313 -31.02 -26.95 21.69
CA THR B 313 -31.87 -25.97 21.03
C THR B 313 -32.59 -25.10 22.06
N PHE B 314 -33.04 -25.70 23.15
CA PHE B 314 -33.83 -25.00 24.13
C PHE B 314 -32.96 -24.03 24.92
N PRO B 315 -33.50 -22.86 25.29
CA PRO B 315 -32.68 -21.84 25.95
C PRO B 315 -32.18 -22.21 27.33
N VAL B 316 -33.00 -22.90 28.13
CA VAL B 316 -32.66 -23.15 29.52
C VAL B 316 -32.79 -24.64 29.83
N LYS B 317 -31.88 -25.11 30.68
CA LYS B 317 -31.86 -26.48 31.14
C LYS B 317 -31.79 -26.48 32.66
N VAL B 318 -32.54 -27.36 33.31
CA VAL B 318 -32.49 -27.52 34.75
C VAL B 318 -32.14 -28.97 35.04
N VAL B 319 -31.77 -29.26 36.29
CA VAL B 319 -31.58 -30.62 36.76
C VAL B 319 -32.45 -30.81 37.98
N THR B 320 -32.80 -32.05 38.27
CA THR B 320 -33.59 -32.40 39.45
C THR B 320 -33.42 -33.86 39.82
N ASP B 488 -40.62 -28.36 4.67
CA ASP B 488 -41.68 -27.95 5.59
C ASP B 488 -41.49 -26.49 6.00
N ALA B 489 -42.04 -25.59 5.18
CA ALA B 489 -41.88 -24.15 5.36
C ALA B 489 -43.07 -23.52 6.09
N GLU B 490 -43.64 -24.25 7.05
CA GLU B 490 -44.86 -23.81 7.72
C GLU B 490 -44.64 -22.58 8.58
N LEU B 491 -43.41 -22.37 9.06
CA LEU B 491 -43.17 -21.27 9.99
C LEU B 491 -43.14 -19.92 9.29
N TYR B 492 -42.56 -19.85 8.10
CA TYR B 492 -42.31 -18.59 7.43
C TYR B 492 -43.61 -17.93 6.96
N HIS B 493 -44.56 -18.73 6.48
CA HIS B 493 -45.78 -18.17 5.89
C HIS B 493 -46.67 -17.54 6.95
N LEU B 494 -46.82 -18.20 8.08
CA LEU B 494 -47.80 -17.74 9.05
C LEU B 494 -47.18 -16.63 9.90
N PRO B 495 -47.96 -15.64 10.32
CA PRO B 495 -47.42 -14.59 11.20
C PRO B 495 -47.00 -15.12 12.56
N VAL B 496 -46.27 -14.28 13.30
CA VAL B 496 -45.49 -14.73 14.45
C VAL B 496 -46.36 -15.05 15.65
N LEU B 497 -47.63 -14.66 15.64
CA LEU B 497 -48.41 -14.74 16.87
C LEU B 497 -48.94 -16.14 17.15
N GLU B 498 -49.13 -16.96 16.11
CA GLU B 498 -49.37 -18.37 16.31
C GLU B 498 -48.08 -19.16 16.17
N ALA B 499 -47.08 -18.60 15.50
CA ALA B 499 -45.77 -19.22 15.39
C ALA B 499 -45.08 -19.29 16.75
N VAL B 500 -45.31 -18.30 17.60
CA VAL B 500 -44.73 -18.35 18.94
C VAL B 500 -45.46 -19.38 19.78
N ARG B 501 -46.73 -19.66 19.47
CA ARG B 501 -47.45 -20.74 20.13
C ARG B 501 -46.95 -22.09 19.64
N LYS B 502 -46.66 -22.20 18.35
CA LYS B 502 -46.20 -23.45 17.77
C LYS B 502 -44.77 -23.78 18.13
N ALA B 503 -43.89 -22.78 18.26
CA ALA B 503 -42.52 -23.06 18.64
C ALA B 503 -42.40 -23.44 20.11
N ARG B 504 -43.15 -22.75 20.98
CA ARG B 504 -43.13 -23.05 22.41
C ARG B 504 -43.67 -24.42 22.70
N ASP B 505 -44.72 -24.83 21.99
CA ASP B 505 -45.26 -26.18 22.11
C ASP B 505 -44.50 -27.19 21.26
N ALA B 506 -43.62 -26.72 20.36
CA ALA B 506 -43.03 -27.60 19.37
C ALA B 506 -41.85 -28.39 19.92
N ALA B 507 -40.86 -27.69 20.49
CA ALA B 507 -39.76 -28.33 21.20
C ALA B 507 -40.10 -28.19 22.68
N PRO B 508 -40.61 -29.23 23.30
CA PRO B 508 -41.05 -29.11 24.69
C PRO B 508 -39.87 -29.03 25.64
N PHE B 509 -40.07 -28.31 26.73
CA PHE B 509 -39.11 -28.28 27.83
C PHE B 509 -39.07 -29.68 28.44
N ARG B 510 -37.87 -30.23 28.57
CA ARG B 510 -37.71 -31.55 29.15
C ARG B 510 -36.61 -31.52 30.18
N PRO B 511 -36.91 -31.72 31.46
CA PRO B 511 -35.85 -31.83 32.47
C PRO B 511 -35.17 -33.17 32.44
N LEU B 512 -34.28 -33.41 33.39
CA LEU B 512 -33.57 -34.68 33.48
C LEU B 512 -33.22 -34.94 34.93
N ALA B 513 -33.34 -36.20 35.35
CA ALA B 513 -33.29 -36.51 36.78
C ALA B 513 -32.96 -37.99 36.97
N VAL B 514 -32.04 -38.27 37.89
CA VAL B 514 -31.80 -39.60 38.42
C VAL B 514 -31.81 -39.50 39.94
N GLU B 515 -32.41 -40.50 40.60
CA GLU B 515 -32.53 -40.47 42.05
C GLU B 515 -31.21 -40.81 42.71
N ASP B 516 -30.83 -40.04 43.73
CA ASP B 516 -29.65 -40.32 44.54
C ASP B 516 -29.82 -39.64 45.90
N ASN B 517 -29.98 -40.44 46.95
CA ASN B 517 -30.31 -39.94 48.27
C ASN B 517 -29.04 -39.59 49.03
N ARG B 518 -29.08 -38.45 49.73
CA ARG B 518 -28.01 -37.87 50.54
C ARG B 518 -26.71 -37.64 49.76
N LEU B 519 -26.79 -37.58 48.42
CA LEU B 519 -25.69 -37.18 47.55
C LEU B 519 -26.32 -36.34 46.45
N VAL B 520 -26.14 -35.04 46.53
CA VAL B 520 -26.92 -34.10 45.73
C VAL B 520 -26.07 -33.58 44.59
N ALA B 521 -26.71 -32.87 43.68
CA ALA B 521 -26.07 -32.47 42.44
C ALA B 521 -25.19 -31.23 42.63
N ASN B 522 -24.08 -31.21 41.91
CA ASN B 522 -23.29 -30.00 41.74
C ASN B 522 -22.95 -29.86 40.26
N SER B 523 -23.58 -28.89 39.60
CA SER B 523 -23.75 -28.91 38.16
C SER B 523 -22.64 -28.14 37.46
N PHE B 524 -22.46 -28.48 36.19
CA PHE B 524 -21.63 -27.71 35.27
C PHE B 524 -22.33 -27.67 33.93
N PHE B 525 -21.76 -26.90 33.01
CA PHE B 525 -22.44 -26.55 31.77
C PHE B 525 -21.44 -26.19 30.70
N SER B 526 -21.72 -26.63 29.47
CA SER B 526 -20.87 -26.38 28.32
C SER B 526 -21.77 -26.01 27.15
N GLN B 527 -21.40 -24.98 26.42
CA GLN B 527 -22.08 -24.61 25.18
C GLN B 527 -21.01 -24.31 24.14
N PHE B 528 -20.84 -25.23 23.19
CA PHE B 528 -19.94 -24.98 22.08
C PHE B 528 -20.35 -25.84 20.90
N VAL B 529 -19.95 -25.38 19.71
CA VAL B 529 -20.09 -26.15 18.49
C VAL B 529 -18.67 -26.37 17.96
N PRO B 530 -18.43 -27.46 17.23
CA PRO B 530 -17.12 -27.63 16.61
C PRO B 530 -16.99 -26.81 15.34
N GLY B 531 -15.85 -26.14 15.19
CA GLY B 531 -15.66 -25.28 14.05
C GLY B 531 -15.39 -26.07 12.79
N THR B 532 -16.38 -26.11 11.90
CA THR B 532 -16.29 -26.99 10.73
C THR B 532 -15.43 -26.36 9.64
N GLU B 533 -15.37 -25.03 9.59
CA GLU B 533 -14.80 -24.33 8.45
C GLU B 533 -13.30 -24.49 8.36
N SER B 534 -12.59 -24.56 9.50
CA SER B 534 -11.15 -24.66 9.50
C SER B 534 -10.68 -25.97 8.86
N LEU B 535 -11.11 -27.10 9.42
CA LEU B 535 -10.72 -28.37 8.83
C LEU B 535 -11.43 -28.65 7.52
N GLU B 536 -12.54 -27.96 7.23
CA GLU B 536 -13.11 -28.00 5.89
C GLU B 536 -12.12 -27.44 4.87
N ARG B 537 -11.60 -26.25 5.14
CA ARG B 537 -10.61 -25.65 4.24
C ARG B 537 -9.36 -26.49 4.17
N PHE B 538 -8.99 -27.10 5.30
CA PHE B 538 -7.85 -28.03 5.33
C PHE B 538 -8.08 -29.22 4.40
N LEU B 539 -9.27 -29.80 4.44
CA LEU B 539 -9.53 -30.97 3.61
C LEU B 539 -9.68 -30.61 2.14
N THR B 540 -10.21 -29.43 1.84
CA THR B 540 -10.28 -29.00 0.45
C THR B 540 -8.89 -28.75 -0.11
N GLN B 541 -8.01 -28.15 0.68
CA GLN B 541 -6.64 -27.95 0.24
C GLN B 541 -5.91 -29.27 0.08
N LEU B 542 -6.19 -30.23 0.97
CA LEU B 542 -5.56 -31.55 0.86
C LEU B 542 -6.05 -32.29 -0.38
N TRP B 543 -7.36 -32.21 -0.65
CA TRP B 543 -7.93 -32.81 -1.85
C TRP B 543 -7.35 -32.19 -3.10
N GLU B 544 -7.22 -30.86 -3.10
CA GLU B 544 -6.71 -30.15 -4.27
C GLU B 544 -5.26 -30.49 -4.53
N ASN B 545 -4.44 -30.46 -3.49
CA ASN B 545 -3.04 -30.82 -3.61
C ASN B 545 -2.85 -32.28 -4.01
N GLU B 546 -3.71 -33.16 -3.51
CA GLU B 546 -3.60 -34.58 -3.85
C GLU B 546 -3.90 -34.81 -5.32
N TYR B 547 -5.04 -34.32 -5.79
CA TYR B 547 -5.40 -34.51 -7.19
C TYR B 547 -4.46 -33.76 -8.14
N PHE B 548 -3.89 -32.64 -7.70
CA PHE B 548 -2.91 -31.96 -8.54
C PHE B 548 -1.61 -32.73 -8.63
N ARG B 549 -1.20 -33.39 -7.55
CA ARG B 549 0.05 -34.11 -7.63
C ARG B 549 -0.08 -35.41 -8.40
N THR B 550 -1.13 -36.20 -8.13
CA THR B 550 -1.19 -37.51 -8.78
C THR B 550 -1.56 -37.42 -10.25
N PHE B 551 -2.23 -36.35 -10.67
CA PHE B 551 -2.43 -36.07 -12.08
C PHE B 551 -2.16 -34.59 -12.27
N ARG B 552 -1.24 -34.24 -13.16
CA ARG B 552 -0.76 -32.87 -13.23
C ARG B 552 -1.76 -32.00 -13.99
N LEU B 553 -2.87 -31.69 -13.31
CA LEU B 553 -3.91 -30.85 -13.89
C LEU B 553 -3.40 -29.42 -14.04
N ARG B 554 -3.82 -28.75 -15.10
CA ARG B 554 -3.41 -27.37 -15.28
C ARG B 554 -4.49 -26.41 -14.78
N ARG B 555 -4.10 -25.15 -14.61
CA ARG B 555 -5.02 -24.07 -14.26
C ARG B 555 -4.76 -22.92 -15.24
N LEU B 556 -5.40 -22.97 -16.40
CA LEU B 556 -5.31 -21.84 -17.31
C LEU B 556 -6.33 -20.79 -16.89
N VAL B 557 -5.83 -19.60 -16.56
CA VAL B 557 -6.66 -18.50 -16.08
C VAL B 557 -6.23 -17.23 -16.79
N THR B 558 -7.02 -16.17 -16.60
CA THR B 558 -6.58 -14.85 -17.01
C THR B 558 -5.67 -14.26 -15.94
N HIS B 559 -5.18 -13.05 -16.20
CA HIS B 559 -4.47 -12.31 -15.19
C HIS B 559 -5.43 -11.94 -14.06
N GLN B 560 -4.91 -11.99 -12.83
CA GLN B 560 -5.63 -11.93 -11.54
C GLN B 560 -6.90 -12.79 -11.51
N GLY B 561 -6.89 -13.92 -12.20
CA GLY B 561 -8.03 -14.81 -12.25
C GLY B 561 -7.76 -16.07 -11.45
N ALA B 562 -8.78 -16.52 -10.71
CA ALA B 562 -8.67 -17.69 -9.85
C ALA B 562 -9.63 -18.77 -10.35
N GLU B 563 -9.08 -19.98 -10.57
CA GLU B 563 -9.75 -21.22 -11.00
C GLU B 563 -10.80 -21.00 -12.09
N GLU B 564 -10.34 -20.43 -13.21
CA GLU B 564 -11.22 -20.26 -14.36
C GLU B 564 -11.56 -21.60 -15.00
N ALA B 565 -10.56 -22.46 -15.19
CA ALA B 565 -10.80 -23.75 -15.81
C ALA B 565 -9.69 -24.71 -15.39
N ILE B 566 -10.08 -25.97 -15.22
CA ILE B 566 -9.15 -27.07 -14.97
C ILE B 566 -9.33 -28.04 -16.12
N VAL B 567 -8.22 -28.59 -16.62
CA VAL B 567 -8.27 -29.42 -17.81
C VAL B 567 -7.15 -30.45 -17.75
N TYR B 568 -7.38 -31.60 -18.39
CA TYR B 568 -6.39 -32.66 -18.52
C TYR B 568 -5.13 -32.15 -19.20
N SER B 569 -3.99 -32.59 -18.71
CA SER B 569 -2.71 -32.22 -19.28
C SER B 569 -1.95 -33.46 -19.70
N ASN B 570 -0.66 -33.27 -19.98
CA ASN B 570 0.10 -34.21 -20.79
C ASN B 570 0.38 -35.51 -20.05
N TYR B 571 0.72 -35.42 -18.77
CA TYR B 571 0.93 -36.62 -17.96
C TYR B 571 -0.38 -37.34 -17.69
N THR B 572 -1.47 -36.59 -17.60
CA THR B 572 -2.75 -37.13 -17.16
C THR B 572 -3.32 -38.09 -18.19
N VAL B 573 -3.30 -37.70 -19.46
CA VAL B 573 -3.84 -38.55 -20.52
C VAL B 573 -3.03 -39.82 -20.67
N GLU B 574 -1.71 -39.72 -20.51
CA GLU B 574 -0.86 -40.92 -20.54
C GLU B 574 -1.17 -41.83 -19.38
N ARG B 575 -1.50 -41.28 -18.22
CA ARG B 575 -1.76 -42.16 -17.08
C ARG B 575 -3.14 -42.81 -17.15
N VAL B 576 -4.18 -42.13 -17.66
CA VAL B 576 -5.52 -42.70 -17.60
C VAL B 576 -6.05 -43.12 -18.96
N THR B 577 -5.90 -42.30 -20.01
CA THR B 577 -6.62 -42.54 -21.25
C THR B 577 -6.02 -43.66 -22.08
N LEU B 578 -4.71 -43.61 -22.29
CA LEU B 578 -4.04 -44.68 -23.02
C LEU B 578 -4.08 -46.05 -22.34
N PRO B 579 -4.20 -46.20 -21.01
CA PRO B 579 -4.56 -47.53 -20.50
C PRO B 579 -5.94 -47.99 -20.92
N TYR B 580 -6.91 -47.07 -21.03
CA TYR B 580 -8.24 -47.46 -21.48
C TYR B 580 -8.19 -47.98 -22.90
N LEU B 581 -7.46 -47.29 -23.77
CA LEU B 581 -7.34 -47.75 -25.14
C LEU B 581 -6.38 -48.93 -25.27
N CYS B 582 -5.54 -49.13 -24.25
CA CYS B 582 -4.70 -50.32 -24.19
C CYS B 582 -5.52 -51.57 -23.95
N HIS B 583 -6.43 -51.54 -22.97
CA HIS B 583 -7.29 -52.70 -22.78
C HIS B 583 -8.40 -52.79 -23.83
N ILE B 584 -8.79 -51.66 -24.44
CA ILE B 584 -9.71 -51.68 -25.58
C ILE B 584 -9.10 -52.36 -26.80
N LEU B 585 -7.77 -52.36 -26.90
CA LEU B 585 -7.00 -52.98 -27.99
C LEU B 585 -7.29 -52.33 -29.34
N ALA B 586 -7.68 -51.07 -29.32
CA ALA B 586 -7.60 -50.25 -30.52
C ALA B 586 -6.33 -49.43 -30.56
N LEU B 587 -5.48 -49.55 -29.52
CA LEU B 587 -4.32 -48.69 -29.32
C LEU B 587 -3.22 -48.86 -30.35
N GLY B 588 -3.28 -49.91 -31.19
CA GLY B 588 -2.22 -50.22 -32.12
C GLY B 588 -2.03 -49.22 -33.25
N THR B 589 -2.94 -48.26 -33.39
CA THR B 589 -2.84 -47.27 -34.45
C THR B 589 -2.85 -45.83 -33.96
N LEU B 590 -3.61 -45.52 -32.92
CA LEU B 590 -3.94 -44.16 -32.52
C LEU B 590 -2.78 -43.47 -31.83
N ASP B 591 -3.04 -42.27 -31.31
CA ASP B 591 -2.01 -41.40 -30.77
C ASP B 591 -2.66 -40.49 -29.74
N PRO B 592 -1.95 -40.17 -28.66
CA PRO B 592 -2.50 -39.24 -27.67
C PRO B 592 -2.61 -37.82 -28.22
N VAL B 593 -3.64 -37.11 -27.75
CA VAL B 593 -4.00 -35.80 -28.27
C VAL B 593 -3.12 -34.72 -27.63
N PRO B 594 -2.76 -33.67 -28.36
CA PRO B 594 -2.19 -32.48 -27.71
C PRO B 594 -3.16 -31.84 -26.74
N GLU B 595 -2.59 -31.09 -25.80
CA GLU B 595 -3.33 -30.71 -24.59
C GLU B 595 -4.26 -29.53 -24.85
N ALA B 596 -3.76 -28.50 -25.52
CA ALA B 596 -4.62 -27.40 -25.94
C ALA B 596 -5.59 -27.83 -27.03
N TYR B 597 -5.23 -28.89 -27.78
CA TYR B 597 -6.13 -29.47 -28.76
C TYR B 597 -7.32 -30.13 -28.10
N LEU B 598 -7.15 -30.58 -26.85
CA LEU B 598 -8.25 -31.18 -26.10
C LEU B 598 -9.29 -30.13 -25.72
N GLN B 599 -8.86 -28.91 -25.43
CA GLN B 599 -9.78 -27.86 -25.03
C GLN B 599 -10.68 -27.42 -26.18
N LEU B 600 -10.25 -27.59 -27.41
CA LEU B 600 -10.92 -27.07 -28.60
C LEU B 600 -12.21 -27.83 -28.89
N SER B 601 -12.83 -27.47 -30.01
CA SER B 601 -14.18 -27.91 -30.34
C SER B 601 -14.21 -29.38 -30.75
N PHE B 602 -15.45 -29.87 -30.89
CA PHE B 602 -15.67 -31.20 -31.46
C PHE B 602 -15.44 -31.19 -32.96
N GLY B 603 -15.53 -30.01 -33.58
CA GLY B 603 -15.40 -29.89 -35.01
C GLY B 603 -14.14 -29.20 -35.48
N GLU B 604 -13.66 -28.26 -34.69
CA GLU B 604 -12.46 -27.51 -35.05
C GLU B 604 -11.19 -28.33 -34.85
N ILE B 605 -11.30 -29.45 -34.12
CA ILE B 605 -10.16 -30.30 -33.78
C ILE B 605 -9.53 -30.93 -35.02
N VAL B 606 -10.35 -31.28 -36.03
CA VAL B 606 -9.79 -31.96 -37.18
C VAL B 606 -9.06 -30.99 -38.10
N ALA B 607 -9.47 -29.71 -38.08
CA ALA B 607 -8.81 -28.70 -38.91
C ALA B 607 -7.40 -28.42 -38.40
N ALA B 608 -7.16 -28.65 -37.12
CA ALA B 608 -5.81 -28.64 -36.61
C ALA B 608 -5.16 -30.02 -36.71
N ALA B 609 -5.95 -31.08 -36.80
CA ALA B 609 -5.39 -32.43 -36.84
C ALA B 609 -4.70 -32.69 -38.16
N TYR B 610 -5.33 -32.32 -39.27
CA TYR B 610 -4.55 -32.46 -40.51
C TYR B 610 -3.61 -31.29 -40.73
N ASP B 611 -3.76 -30.19 -39.98
CA ASP B 611 -2.73 -29.16 -40.02
C ASP B 611 -1.43 -29.67 -39.42
N ASP B 612 -1.53 -30.53 -38.40
CA ASP B 612 -0.35 -31.23 -37.91
C ASP B 612 0.17 -32.20 -38.97
N SER B 613 -0.73 -32.83 -39.72
CA SER B 613 -0.35 -33.80 -40.73
C SER B 613 0.27 -33.13 -41.94
N LYS B 614 0.78 -33.95 -42.85
CA LYS B 614 1.38 -33.50 -44.09
C LYS B 614 0.36 -33.29 -45.20
N PHE B 615 -0.93 -33.29 -44.85
CA PHE B 615 -1.98 -33.12 -45.84
C PHE B 615 -1.96 -31.71 -46.44
N CYS B 616 -2.14 -30.70 -45.60
CA CYS B 616 -2.03 -29.33 -46.09
C CYS B 616 -0.60 -28.87 -46.26
N ARG B 617 0.36 -29.60 -45.69
CA ARG B 617 1.76 -29.33 -45.98
C ARG B 617 2.14 -29.72 -47.40
N TYR B 618 1.41 -30.67 -48.00
CA TYR B 618 1.63 -30.97 -49.41
C TYR B 618 0.81 -30.06 -50.30
N VAL B 619 -0.23 -29.43 -49.75
CA VAL B 619 -0.90 -28.35 -50.48
C VAL B 619 0.03 -27.15 -50.59
N GLU B 620 0.90 -26.95 -49.59
CA GLU B 620 1.99 -25.99 -49.73
C GLU B 620 2.92 -26.37 -50.87
N LEU B 621 3.17 -27.67 -51.05
CA LEU B 621 4.07 -28.11 -52.12
C LEU B 621 3.42 -27.95 -53.49
N ILE B 622 2.13 -28.26 -53.60
CA ILE B 622 1.46 -28.09 -54.89
C ILE B 622 1.21 -26.61 -55.19
N CYS B 623 1.10 -25.76 -54.16
CA CYS B 623 1.15 -24.32 -54.32
C CYS B 623 2.48 -23.86 -54.91
N SER B 624 3.58 -24.37 -54.35
CA SER B 624 4.90 -24.06 -54.88
C SER B 624 5.06 -24.56 -56.31
N ARG B 625 4.51 -25.74 -56.61
CA ARG B 625 4.63 -26.31 -57.95
C ARG B 625 3.83 -25.51 -58.97
N GLU B 626 2.60 -25.12 -58.64
CA GLU B 626 1.78 -24.36 -59.57
C GLU B 626 2.33 -22.95 -59.78
N LYS B 627 2.81 -22.31 -58.70
CA LYS B 627 3.36 -20.97 -58.85
C LYS B 627 4.70 -21.00 -59.57
N ALA B 628 5.49 -22.08 -59.43
CA ALA B 628 6.74 -22.18 -60.18
C ALA B 628 6.49 -22.48 -61.64
N ARG B 629 5.52 -23.36 -61.92
CA ARG B 629 5.20 -23.75 -63.29
C ARG B 629 4.57 -22.59 -64.05
N ARG B 630 3.91 -21.67 -63.35
CA ARG B 630 3.40 -20.49 -64.04
C ARG B 630 4.34 -19.30 -64.01
N ARG B 631 5.27 -19.22 -63.05
CA ARG B 631 6.27 -18.17 -63.09
C ARG B 631 7.29 -18.44 -64.19
N GLN B 632 7.59 -19.72 -64.46
CA GLN B 632 8.36 -20.04 -65.65
C GLN B 632 7.55 -19.86 -66.92
N MET B 633 6.22 -19.97 -66.84
CA MET B 633 5.39 -19.68 -68.00
C MET B 633 5.39 -18.19 -68.31
N SER B 634 5.51 -17.35 -67.28
CA SER B 634 5.62 -15.92 -67.52
C SER B 634 7.06 -15.51 -67.84
N ARG B 635 8.02 -16.03 -67.09
CA ARG B 635 9.42 -15.63 -67.24
C ARG B 635 10.34 -16.84 -67.45
N ASP C 52 -77.11 6.10 -5.41
CA ASP C 52 -75.90 5.78 -4.65
C ASP C 52 -75.22 4.53 -5.19
N GLU C 53 -73.93 4.64 -5.47
CA GLU C 53 -73.14 3.57 -6.09
C GLU C 53 -71.92 3.27 -5.23
N ALA C 54 -71.52 2.00 -5.19
CA ALA C 54 -70.30 1.60 -4.51
C ALA C 54 -69.13 1.71 -5.47
N VAL C 55 -68.10 2.47 -5.07
CA VAL C 55 -66.94 2.75 -5.90
C VAL C 55 -65.72 2.74 -4.98
N ILE C 56 -64.69 1.95 -5.35
CA ILE C 56 -63.49 1.88 -4.53
C ILE C 56 -62.68 3.17 -4.72
N ASP C 57 -62.15 3.70 -3.63
CA ASP C 57 -61.48 4.98 -3.62
C ASP C 57 -59.98 4.82 -3.37
N ILE C 58 -59.21 5.82 -3.80
CA ILE C 58 -57.76 5.71 -3.69
C ILE C 58 -57.14 6.90 -2.95
N PHE C 59 -57.75 8.08 -3.04
CA PHE C 59 -57.01 9.22 -2.52
C PHE C 59 -57.00 9.38 -0.99
N PRO C 60 -58.15 9.58 -0.29
CA PRO C 60 -58.09 10.13 1.07
C PRO C 60 -57.96 9.07 2.16
N THR C 61 -57.05 8.13 1.97
CA THR C 61 -56.77 7.14 2.99
C THR C 61 -55.35 7.32 3.52
N GLY C 62 -55.08 6.67 4.67
CA GLY C 62 -53.82 6.87 5.36
C GLY C 62 -52.61 6.41 4.59
N GLN C 63 -52.73 5.27 3.90
CA GLN C 63 -51.67 4.75 3.03
C GLN C 63 -51.31 5.70 1.91
N THR C 64 -52.25 6.48 1.42
CA THR C 64 -51.99 7.36 0.29
C THR C 64 -51.88 8.81 0.66
N MET C 65 -52.62 9.29 1.66
CA MET C 65 -52.40 10.64 2.12
C MET C 65 -51.10 10.74 2.91
N SER C 66 -50.64 9.62 3.48
CA SER C 66 -49.33 9.58 4.09
C SER C 66 -48.21 9.71 3.07
N PHE C 67 -48.49 9.42 1.79
CA PHE C 67 -47.44 9.42 0.77
C PHE C 67 -46.92 10.83 0.50
N LEU C 68 -47.82 11.82 0.44
CA LEU C 68 -47.36 13.20 0.30
C LEU C 68 -46.72 13.72 1.58
N ARG C 69 -47.01 13.11 2.72
CA ARG C 69 -46.33 13.50 3.94
C ARG C 69 -44.91 12.98 3.95
N LEU C 70 -44.71 11.74 3.54
CA LEU C 70 -43.38 11.14 3.59
C LEU C 70 -42.50 11.63 2.46
N LEU C 71 -43.08 11.90 1.30
CA LEU C 71 -42.29 12.31 0.15
C LEU C 71 -41.75 13.73 0.36
N HIS C 72 -42.47 14.53 1.13
CA HIS C 72 -41.94 15.79 1.62
C HIS C 72 -41.49 15.69 3.06
N GLY C 73 -41.45 14.48 3.60
CA GLY C 73 -40.77 14.23 4.85
C GLY C 73 -41.42 14.81 6.08
N PHE C 74 -42.75 14.75 6.16
CA PHE C 74 -43.44 15.23 7.36
C PHE C 74 -43.11 14.36 8.56
N LEU C 75 -42.87 13.07 8.34
CA LEU C 75 -42.70 12.13 9.44
C LEU C 75 -41.37 11.39 9.37
N GLY C 76 -40.78 11.20 8.19
CA GLY C 76 -39.48 10.56 8.13
C GLY C 76 -38.68 10.92 6.90
N THR C 77 -37.37 11.04 7.10
CA THR C 77 -36.43 11.30 6.02
C THR C 77 -35.15 10.52 6.24
N CYS C 78 -34.20 10.75 5.35
CA CYS C 78 -32.86 10.16 5.35
C CYS C 78 -32.04 10.98 4.36
N ARG C 79 -30.88 10.47 4.00
CA ARG C 79 -30.09 11.15 2.99
C ARG C 79 -30.64 11.00 1.59
N GLY C 80 -31.66 10.17 1.38
CA GLY C 80 -32.13 9.95 0.03
C GLY C 80 -33.16 10.94 -0.48
N GLN C 81 -33.70 11.77 0.40
CA GLN C 81 -34.83 12.61 0.02
C GLN C 81 -34.41 13.73 -0.92
N SER C 82 -33.12 14.04 -0.96
CA SER C 82 -32.59 14.99 -1.93
C SER C 82 -32.68 14.47 -3.35
N MET C 83 -32.75 13.16 -3.54
CA MET C 83 -32.93 12.64 -4.89
C MET C 83 -34.33 12.91 -5.40
N HIS C 84 -35.31 12.99 -4.51
CA HIS C 84 -36.61 13.48 -4.97
C HIS C 84 -36.55 14.97 -5.24
N GLN C 85 -35.71 15.68 -4.51
CA GLN C 85 -35.58 17.12 -4.67
C GLN C 85 -34.96 17.48 -6.01
N VAL C 86 -33.99 16.69 -6.47
CA VAL C 86 -33.42 16.97 -7.78
C VAL C 86 -34.38 16.55 -8.90
N LEU C 87 -35.35 15.71 -8.60
CA LEU C 87 -36.30 15.33 -9.62
C LEU C 87 -37.36 16.40 -9.87
N ARG C 88 -37.62 17.28 -8.92
CA ARG C 88 -38.73 18.21 -9.01
C ARG C 88 -38.24 19.59 -9.38
N ASP C 89 -37.23 19.67 -10.22
CA ASP C 89 -36.68 20.95 -10.63
C ASP C 89 -37.65 21.62 -11.60
N PRO C 90 -38.25 22.76 -11.26
CA PRO C 90 -39.20 23.40 -12.19
C PRO C 90 -38.51 24.08 -13.34
N CYS C 91 -37.21 24.32 -13.26
CA CYS C 91 -36.51 25.05 -14.30
C CYS C 91 -36.18 24.18 -15.49
N VAL C 92 -36.14 22.85 -15.32
CA VAL C 92 -35.91 22.00 -16.47
C VAL C 92 -37.13 21.98 -17.38
N LEU C 93 -38.32 22.25 -16.82
CA LEU C 93 -39.52 22.46 -17.62
C LEU C 93 -39.37 23.67 -18.53
N ARG C 94 -39.02 24.83 -17.95
CA ARG C 94 -38.91 26.04 -18.75
C ARG C 94 -37.77 25.93 -19.75
N LYS C 95 -36.69 25.21 -19.38
CA LYS C 95 -35.57 25.03 -20.29
C LYS C 95 -35.96 24.16 -21.47
N GLN C 96 -36.65 23.04 -21.21
CA GLN C 96 -37.07 22.15 -22.28
C GLN C 96 -38.09 22.82 -23.20
N LEU C 97 -39.01 23.60 -22.64
CA LEU C 97 -40.01 24.22 -23.49
C LEU C 97 -39.42 25.36 -24.31
N LEU C 98 -38.45 26.10 -23.74
CA LEU C 98 -37.82 27.14 -24.55
C LEU C 98 -36.94 26.52 -25.62
N TYR C 99 -36.33 25.37 -25.33
CA TYR C 99 -35.58 24.64 -26.35
C TYR C 99 -36.50 24.20 -27.48
N GLY C 100 -37.70 23.73 -27.12
CA GLY C 100 -38.66 23.31 -28.14
C GLY C 100 -39.12 24.46 -29.01
N VAL C 101 -39.43 25.61 -28.39
CA VAL C 101 -39.95 26.70 -29.21
C VAL C 101 -38.84 27.35 -30.02
N CYS C 102 -37.58 27.33 -29.54
CA CYS C 102 -36.56 27.93 -30.37
C CYS C 102 -36.11 26.98 -31.47
N LYS C 103 -36.21 25.67 -31.25
CA LYS C 103 -35.95 24.72 -32.32
C LYS C 103 -37.02 24.82 -33.39
N THR C 104 -38.28 25.04 -32.99
CA THR C 104 -39.30 25.28 -34.00
C THR C 104 -39.18 26.68 -34.59
N LEU C 105 -38.48 27.59 -33.91
CA LEU C 105 -38.34 28.95 -34.41
C LEU C 105 -37.27 29.03 -35.49
N PHE C 106 -36.06 28.61 -35.16
CA PHE C 106 -34.90 28.99 -35.96
C PHE C 106 -34.82 28.26 -37.29
N ASP C 107 -35.47 27.11 -37.42
CA ASP C 107 -35.31 26.27 -38.60
C ASP C 107 -36.10 26.74 -39.80
N THR C 108 -36.89 27.82 -39.68
CA THR C 108 -37.86 28.15 -40.71
C THR C 108 -37.24 28.81 -41.94
N ILE C 109 -36.49 29.90 -41.75
CA ILE C 109 -36.17 30.79 -42.86
C ILE C 109 -34.64 30.80 -43.03
N THR C 110 -34.04 29.64 -42.77
CA THR C 110 -32.58 29.49 -42.83
C THR C 110 -32.04 29.70 -44.24
N VAL C 111 -32.82 29.38 -45.26
CA VAL C 111 -32.26 29.18 -46.60
C VAL C 111 -32.27 30.48 -47.40
N ARG C 112 -33.17 31.41 -47.08
CA ARG C 112 -33.32 32.57 -47.97
C ARG C 112 -32.91 33.86 -47.29
N ARG C 113 -33.30 34.05 -46.04
CA ARG C 113 -33.15 35.34 -45.37
C ARG C 113 -31.71 35.72 -45.08
N VAL C 114 -30.80 34.74 -45.04
CA VAL C 114 -29.40 35.05 -44.77
C VAL C 114 -28.78 35.81 -45.95
N ALA C 115 -29.09 35.38 -47.18
CA ALA C 115 -28.59 36.07 -48.36
C ALA C 115 -29.29 37.40 -48.55
N GLU C 116 -30.53 37.51 -48.05
CA GLU C 116 -31.26 38.77 -48.16
C GLU C 116 -30.74 39.81 -47.17
N GLU C 117 -30.39 39.38 -45.96
CA GLU C 117 -29.93 40.33 -44.96
C GLU C 117 -28.43 40.49 -45.00
N TRP C 118 -27.76 39.74 -45.90
CA TRP C 118 -26.40 40.10 -46.28
C TRP C 118 -26.35 41.46 -46.98
N LYS C 119 -27.43 41.82 -47.69
CA LYS C 119 -27.44 43.03 -48.52
C LYS C 119 -27.37 44.30 -47.69
N LEU C 120 -28.10 44.36 -46.58
CA LEU C 120 -28.12 45.57 -45.77
C LEU C 120 -26.80 45.76 -45.02
N HIS C 121 -26.23 44.67 -44.52
CA HIS C 121 -24.97 44.78 -43.80
C HIS C 121 -23.78 44.87 -44.75
N ALA C 122 -24.02 44.65 -46.05
CA ALA C 122 -23.00 44.99 -47.03
C ALA C 122 -22.75 46.50 -47.05
N ALA C 123 -23.82 47.29 -47.14
CA ALA C 123 -23.67 48.74 -47.16
C ALA C 123 -23.49 49.30 -45.76
N LEU C 124 -23.86 48.54 -44.73
CA LEU C 124 -23.75 49.05 -43.36
C LEU C 124 -22.30 49.04 -42.88
N PHE C 125 -21.49 48.09 -43.35
CA PHE C 125 -20.08 48.01 -42.99
C PHE C 125 -19.20 48.35 -44.19
N PRO C 126 -18.70 49.59 -44.30
CA PRO C 126 -17.82 49.93 -45.43
C PRO C 126 -16.42 49.36 -45.26
N TYR C 127 -16.10 48.34 -46.05
CA TYR C 127 -14.92 47.52 -45.83
C TYR C 127 -14.60 46.81 -47.14
N ARG C 128 -13.93 45.65 -47.03
CA ARG C 128 -13.71 44.66 -48.11
C ARG C 128 -12.90 45.21 -49.27
N ALA C 129 -11.85 45.98 -48.95
CA ALA C 129 -10.96 46.49 -49.99
C ALA C 129 -10.06 45.39 -50.55
N LEU C 130 -9.39 44.64 -49.68
CA LEU C 130 -8.46 43.60 -50.09
C LEU C 130 -9.01 42.24 -49.70
N ASP C 131 -8.62 41.21 -50.45
CA ASP C 131 -9.26 39.90 -50.31
C ASP C 131 -8.52 39.02 -49.31
N GLU C 132 -7.28 39.36 -48.98
CA GLU C 132 -6.44 38.45 -48.20
C GLU C 132 -6.83 38.44 -46.72
N GLU C 133 -6.89 39.63 -46.11
CA GLU C 133 -7.03 39.77 -44.67
C GLU C 133 -8.42 40.28 -44.27
N ASP C 134 -9.03 41.12 -45.10
CA ASP C 134 -10.31 41.73 -44.74
C ASP C 134 -11.46 40.74 -44.85
N LEU C 135 -11.49 39.97 -45.95
CA LEU C 135 -12.62 39.09 -46.21
C LEU C 135 -12.64 37.91 -45.24
N GLU C 136 -11.47 37.35 -44.95
CA GLU C 136 -11.39 36.16 -44.11
C GLU C 136 -11.77 36.45 -42.67
N GLN C 137 -11.58 37.69 -42.22
CA GLN C 137 -11.85 38.02 -40.83
C GLN C 137 -13.20 38.70 -40.67
N TYR C 138 -13.68 39.39 -41.70
CA TYR C 138 -14.90 40.18 -41.56
C TYR C 138 -16.14 39.29 -41.51
N LEU C 139 -16.13 38.17 -42.25
CA LEU C 139 -17.30 37.30 -42.32
C LEU C 139 -17.58 36.63 -40.98
N LEU C 140 -16.52 36.27 -40.26
CA LEU C 140 -16.71 35.56 -39.00
C LEU C 140 -17.29 36.48 -37.93
N VAL C 141 -16.80 37.72 -37.87
CA VAL C 141 -17.31 38.64 -36.86
C VAL C 141 -18.68 39.15 -37.25
N TRP C 142 -18.98 39.24 -38.55
CA TRP C 142 -20.33 39.60 -38.98
C TRP C 142 -21.32 38.48 -38.68
N SER C 143 -20.89 37.22 -38.87
CA SER C 143 -21.73 36.08 -38.55
C SER C 143 -22.01 35.98 -37.06
N ALA C 144 -20.95 36.17 -36.25
CA ALA C 144 -21.10 36.19 -34.81
C ALA C 144 -21.99 37.33 -34.35
N SER C 145 -21.89 38.48 -35.03
CA SER C 145 -22.73 39.64 -34.72
C SER C 145 -24.20 39.34 -34.98
N LEU C 146 -24.50 38.75 -36.14
CA LEU C 146 -25.90 38.48 -36.47
C LEU C 146 -26.49 37.41 -35.57
N ARG C 147 -25.74 36.33 -35.31
CA ARG C 147 -26.28 35.26 -34.46
C ARG C 147 -26.42 35.74 -33.02
N GLN C 148 -25.49 36.60 -32.57
CA GLN C 148 -25.55 37.09 -31.20
C GLN C 148 -26.71 38.06 -31.03
N SER C 149 -26.96 38.90 -32.04
CA SER C 149 -28.02 39.88 -31.90
C SER C 149 -29.40 39.22 -31.96
N VAL C 150 -29.58 38.26 -32.88
CA VAL C 150 -30.85 37.52 -32.89
C VAL C 150 -30.97 36.64 -31.65
N GLN C 151 -29.82 36.22 -31.10
CA GLN C 151 -29.81 35.38 -29.91
C GLN C 151 -30.28 36.15 -28.69
N THR C 152 -29.73 37.34 -28.46
CA THR C 152 -30.19 38.15 -27.35
C THR C 152 -31.62 38.62 -27.55
N GLY C 153 -32.05 38.83 -28.81
CA GLY C 153 -33.43 39.19 -29.06
C GLY C 153 -34.41 38.12 -28.66
N VAL C 154 -34.20 36.89 -29.14
CA VAL C 154 -35.11 35.80 -28.81
C VAL C 154 -34.97 35.43 -27.33
N LEU C 155 -33.78 35.65 -26.75
CA LEU C 155 -33.54 35.33 -25.36
C LEU C 155 -34.31 36.27 -24.45
N GLY C 156 -34.28 37.56 -24.76
CA GLY C 156 -35.02 38.53 -23.94
C GLY C 156 -36.51 38.38 -24.08
N ALA C 157 -36.99 38.14 -25.31
CA ALA C 157 -38.42 37.98 -25.53
C ALA C 157 -38.94 36.72 -24.83
N LEU C 158 -38.18 35.64 -24.91
CA LEU C 158 -38.61 34.40 -24.29
C LEU C 158 -38.47 34.45 -22.77
N ARG C 159 -37.44 35.11 -22.25
CA ARG C 159 -37.30 35.25 -20.81
C ARG C 159 -38.42 36.09 -20.22
N ASP C 160 -38.86 37.12 -20.95
CA ASP C 160 -39.98 37.91 -20.49
C ASP C 160 -41.28 37.12 -20.50
N ILE C 161 -41.60 36.46 -21.62
CA ILE C 161 -42.86 35.75 -21.71
C ILE C 161 -42.87 34.49 -20.86
N LEU C 162 -41.72 33.99 -20.47
CA LEU C 162 -41.64 32.94 -19.47
C LEU C 162 -41.84 33.50 -18.07
N TYR C 163 -40.92 34.37 -17.63
CA TYR C 163 -40.86 34.85 -16.25
C TYR C 163 -42.09 35.64 -15.84
N GLN C 164 -42.90 36.13 -16.78
CA GLN C 164 -44.11 36.81 -16.36
C GLN C 164 -45.23 35.82 -16.01
N TYR C 165 -45.37 34.73 -16.78
CA TYR C 165 -46.48 33.84 -16.49
C TYR C 165 -46.14 32.36 -16.64
N ALA C 166 -44.89 31.97 -16.37
CA ALA C 166 -44.57 30.54 -16.28
C ALA C 166 -44.04 30.15 -14.92
N ASP C 167 -44.27 30.94 -13.88
CA ASP C 167 -43.92 30.53 -12.52
C ASP C 167 -45.03 29.73 -11.86
N ASN C 168 -45.53 28.72 -12.58
CA ASN C 168 -46.68 27.98 -12.12
C ASN C 168 -46.33 26.97 -11.04
N ASP C 169 -45.05 26.54 -11.01
CA ASP C 169 -44.48 25.52 -10.09
C ASP C 169 -45.37 24.29 -9.91
N ASP C 170 -46.06 23.91 -10.98
CA ASP C 170 -46.98 22.79 -10.98
C ASP C 170 -46.30 21.47 -11.29
N TYR C 171 -45.21 21.51 -12.07
CA TYR C 171 -44.40 20.34 -12.34
C TYR C 171 -43.81 19.78 -11.06
N GLY C 172 -43.52 20.66 -10.11
CA GLY C 172 -43.07 20.29 -8.78
C GLY C 172 -44.10 19.60 -7.91
N LEU C 173 -45.32 19.43 -8.41
CA LEU C 173 -46.27 18.49 -7.83
C LEU C 173 -46.59 17.36 -8.79
N TYR C 174 -46.47 17.65 -10.09
CA TYR C 174 -46.78 16.68 -11.11
C TYR C 174 -45.85 15.48 -11.04
N VAL C 175 -44.58 15.72 -10.72
CA VAL C 175 -43.67 14.58 -10.58
C VAL C 175 -44.00 13.76 -9.35
N ASP C 176 -44.57 14.39 -8.32
CA ASP C 176 -44.97 13.66 -7.13
C ASP C 176 -46.16 12.75 -7.43
N TRP C 177 -47.17 13.28 -8.12
CA TRP C 177 -48.29 12.42 -8.48
C TRP C 177 -47.90 11.36 -9.51
N CYS C 178 -46.93 11.63 -10.37
CA CYS C 178 -46.45 10.59 -11.26
C CYS C 178 -45.65 9.54 -10.53
N VAL C 179 -45.04 9.90 -9.38
CA VAL C 179 -44.14 8.96 -8.75
C VAL C 179 -44.79 8.17 -7.61
N THR C 180 -45.90 8.65 -7.03
CA THR C 180 -46.42 7.96 -5.86
C THR C 180 -47.80 7.34 -6.03
N VAL C 181 -48.56 7.70 -7.07
CA VAL C 181 -49.84 7.02 -7.31
C VAL C 181 -49.94 6.61 -8.77
N GLY C 182 -49.01 7.08 -9.59
CA GLY C 182 -49.00 6.66 -10.99
C GLY C 182 -49.98 7.38 -11.88
N LEU C 183 -50.56 8.48 -11.39
CA LEU C 183 -51.51 9.28 -12.16
C LEU C 183 -51.61 10.63 -11.50
N VAL C 184 -52.15 11.60 -12.21
CA VAL C 184 -52.19 12.98 -11.73
C VAL C 184 -53.62 13.50 -11.81
N PRO C 185 -54.15 14.09 -10.73
CA PRO C 185 -55.37 14.88 -10.85
C PRO C 185 -55.01 16.30 -11.23
N LEU C 186 -55.79 16.87 -12.14
CA LEU C 186 -55.44 18.17 -12.71
C LEU C 186 -56.70 18.85 -13.24
N LEU C 187 -56.77 20.16 -13.04
CA LEU C 187 -57.95 20.95 -13.41
C LEU C 187 -57.60 21.83 -14.60
N ASP C 188 -58.61 22.11 -15.43
CA ASP C 188 -58.47 23.00 -16.58
C ASP C 188 -59.23 24.30 -16.32
N VAL C 189 -58.50 25.31 -15.84
CA VAL C 189 -59.12 26.60 -15.55
C VAL C 189 -59.44 27.32 -16.86
N LYS C 190 -60.70 27.73 -17.00
CA LYS C 190 -61.18 28.46 -18.16
C LYS C 190 -61.58 29.86 -17.71
N THR C 191 -61.32 30.84 -18.56
CA THR C 191 -61.64 32.24 -18.28
C THR C 191 -62.35 32.84 -19.49
N LYS C 192 -62.68 34.12 -19.37
CA LYS C 192 -63.20 34.88 -20.49
C LYS C 192 -62.12 35.05 -21.55
N PRO C 193 -62.48 35.14 -22.83
CA PRO C 193 -61.46 35.37 -23.88
C PRO C 193 -60.86 36.77 -23.88
N SER C 194 -61.19 37.64 -22.92
CA SER C 194 -60.49 38.91 -22.79
C SER C 194 -59.05 38.70 -22.33
N GLU C 195 -58.80 37.65 -21.57
CA GLU C 195 -57.45 37.33 -21.13
C GLU C 195 -56.57 36.87 -22.28
N ALA C 196 -57.15 36.25 -23.29
CA ALA C 196 -56.43 35.96 -24.53
C ALA C 196 -56.01 37.26 -25.20
N ALA C 197 -56.87 38.27 -25.17
CA ALA C 197 -56.50 39.58 -25.71
C ALA C 197 -55.45 40.25 -24.85
N GLU C 198 -55.47 40.01 -23.53
CA GLU C 198 -54.41 40.51 -22.65
C GLU C 198 -53.06 39.93 -23.03
N ARG C 199 -53.01 38.62 -23.27
CA ARG C 199 -51.74 38.00 -23.66
C ARG C 199 -51.32 38.42 -25.06
N ALA C 200 -52.29 38.56 -25.98
CA ALA C 200 -51.98 38.96 -27.34
C ALA C 200 -51.51 40.40 -27.42
N GLN C 201 -51.96 41.23 -26.46
CA GLN C 201 -51.39 42.57 -26.34
C GLN C 201 -50.01 42.51 -25.71
N PHE C 202 -49.83 41.65 -24.70
CA PHE C 202 -48.59 41.62 -23.93
C PHE C 202 -47.41 41.11 -24.76
N VAL C 203 -47.68 40.22 -25.71
CA VAL C 203 -46.59 39.64 -26.50
C VAL C 203 -45.98 40.67 -27.45
N ARG C 204 -46.75 41.69 -27.82
CA ARG C 204 -46.22 42.72 -28.72
C ARG C 204 -45.23 43.62 -28.00
N ALA C 205 -45.56 44.06 -26.78
CA ALA C 205 -44.61 44.82 -25.98
C ALA C 205 -43.46 43.95 -25.52
N ALA C 206 -43.68 42.63 -25.45
CA ALA C 206 -42.59 41.71 -25.18
C ALA C 206 -41.59 41.65 -26.34
N VAL C 207 -42.10 41.55 -27.57
CA VAL C 207 -41.19 41.43 -28.72
C VAL C 207 -40.69 42.79 -29.16
N GLN C 208 -41.19 43.87 -28.56
CA GLN C 208 -40.61 45.18 -28.84
C GLN C 208 -39.19 45.29 -28.27
N ARG C 209 -38.89 44.53 -27.21
CA ARG C 209 -37.54 44.50 -26.69
C ARG C 209 -36.58 43.82 -27.66
N ALA C 210 -37.09 42.89 -28.46
CA ALA C 210 -36.27 42.30 -29.51
C ALA C 210 -36.27 43.17 -30.77
N THR C 211 -37.35 43.94 -30.96
CA THR C 211 -37.43 44.86 -32.09
C THR C 211 -36.40 45.98 -31.95
N GLU C 212 -36.22 46.49 -30.73
CA GLU C 212 -35.20 47.50 -30.50
C GLU C 212 -33.80 46.91 -30.64
N THR C 213 -33.62 45.66 -30.20
CA THR C 213 -32.31 45.02 -30.29
C THR C 213 -31.97 44.69 -31.73
N HIS C 214 -32.89 44.06 -32.45
CA HIS C 214 -32.61 43.56 -33.78
C HIS C 214 -33.80 43.77 -34.72
N PRO C 215 -33.58 44.37 -35.88
CA PRO C 215 -34.65 44.39 -36.88
C PRO C 215 -34.91 43.03 -37.51
N LEU C 216 -33.87 42.21 -37.67
CA LEU C 216 -34.03 40.97 -38.41
C LEU C 216 -34.62 39.87 -37.54
N ALA C 217 -34.56 40.04 -36.21
CA ALA C 217 -35.10 39.02 -35.33
C ALA C 217 -36.63 39.05 -35.29
N GLN C 218 -37.21 40.21 -35.60
CA GLN C 218 -38.65 40.37 -35.45
C GLN C 218 -39.41 39.66 -36.57
N ASP C 219 -38.72 39.32 -37.65
CA ASP C 219 -39.38 38.71 -38.80
C ASP C 219 -39.76 37.26 -38.50
N LEU C 220 -38.94 36.56 -37.72
CA LEU C 220 -39.31 35.20 -37.31
C LEU C 220 -40.45 35.24 -36.30
N LEU C 221 -40.43 36.24 -35.42
CA LEU C 221 -41.45 36.30 -34.38
C LEU C 221 -42.79 36.71 -34.95
N GLN C 222 -42.80 37.57 -35.96
CA GLN C 222 -44.06 37.93 -36.58
C GLN C 222 -44.59 36.80 -37.45
N ALA C 223 -43.72 35.86 -37.82
CA ALA C 223 -44.17 34.66 -38.51
C ALA C 223 -44.78 33.66 -37.54
N ASN C 224 -44.11 33.43 -36.41
CA ASN C 224 -44.48 32.37 -35.49
C ASN C 224 -45.17 32.89 -34.24
N LEU C 225 -45.77 34.09 -34.30
CA LEU C 225 -46.52 34.62 -33.15
C LEU C 225 -47.72 33.75 -32.82
N ALA C 226 -48.29 33.06 -33.82
CA ALA C 226 -49.37 32.14 -33.56
C ALA C 226 -48.91 30.98 -32.67
N LEU C 227 -47.73 30.43 -32.95
CA LEU C 227 -47.16 29.40 -32.10
C LEU C 227 -46.80 29.94 -30.72
N LEU C 228 -46.32 31.19 -30.67
CA LEU C 228 -45.97 31.81 -29.39
C LEU C 228 -47.21 32.00 -28.51
N LEU C 229 -48.28 32.56 -29.07
CA LEU C 229 -49.51 32.72 -28.29
C LEU C 229 -50.16 31.38 -28.01
N GLN C 230 -49.92 30.38 -28.88
CA GLN C 230 -50.45 29.05 -28.64
C GLN C 230 -49.81 28.42 -27.41
N VAL C 231 -48.48 28.47 -27.31
CA VAL C 231 -47.82 27.89 -26.15
C VAL C 231 -48.02 28.76 -24.92
N ALA C 232 -48.28 30.06 -25.11
CA ALA C 232 -48.57 30.91 -23.96
C ALA C 232 -49.96 30.64 -23.39
N GLU C 233 -50.94 30.43 -24.27
CA GLU C 233 -52.30 30.15 -23.81
C GLU C 233 -52.41 28.76 -23.23
N ARG C 234 -51.78 27.78 -23.88
CA ARG C 234 -51.79 26.41 -23.36
C ARG C 234 -50.93 26.30 -22.12
N LEU C 235 -49.98 27.23 -21.94
CA LEU C 235 -49.20 27.27 -20.71
C LEU C 235 -50.08 27.61 -19.51
N GLY C 236 -50.84 28.69 -19.59
CA GLY C 236 -51.68 29.09 -18.50
C GLY C 236 -53.07 28.49 -18.50
N ALA C 237 -53.29 27.41 -19.24
CA ALA C 237 -54.62 26.84 -19.33
C ALA C 237 -54.87 25.80 -18.24
N VAL C 238 -53.86 24.97 -17.94
CA VAL C 238 -54.05 23.79 -17.12
C VAL C 238 -53.20 23.91 -15.87
N ARG C 239 -53.78 23.50 -14.74
CA ARG C 239 -53.12 23.50 -13.44
C ARG C 239 -52.95 22.08 -12.92
N VAL C 240 -52.40 21.98 -11.72
CA VAL C 240 -52.05 20.71 -11.09
C VAL C 240 -53.08 20.32 -10.03
N ALA C 241 -54.07 21.18 -9.79
CA ALA C 241 -55.20 20.97 -8.87
C ALA C 241 -54.73 20.76 -7.44
N ASN C 242 -54.10 21.79 -6.87
CA ASN C 242 -53.80 21.83 -5.45
C ASN C 242 -54.95 22.57 -4.76
N ALA C 243 -56.01 21.84 -4.49
CA ALA C 243 -57.15 22.35 -3.78
C ALA C 243 -57.59 21.29 -2.77
N PRO C 244 -57.95 21.70 -1.56
CA PRO C 244 -58.31 20.72 -0.54
C PRO C 244 -59.64 20.06 -0.86
N GLU C 245 -59.86 18.91 -0.22
CA GLU C 245 -61.06 18.08 -0.35
C GLU C 245 -61.29 17.65 -1.80
N VAL C 246 -60.21 17.32 -2.49
CA VAL C 246 -60.29 16.67 -3.77
C VAL C 246 -60.49 15.19 -3.51
N ARG C 247 -61.00 14.47 -4.51
CA ARG C 247 -61.18 13.04 -4.34
C ARG C 247 -61.08 12.35 -5.70
N VAL C 248 -60.25 11.32 -5.77
CA VAL C 248 -60.13 10.46 -6.94
C VAL C 248 -60.36 9.03 -6.50
N PHE C 249 -60.78 8.18 -7.45
CA PHE C 249 -61.27 6.84 -7.15
C PHE C 249 -61.26 6.00 -8.41
N LYS C 250 -61.65 4.74 -8.26
CA LYS C 250 -61.80 3.82 -9.38
C LYS C 250 -63.20 3.24 -9.39
N LYS C 251 -63.91 3.41 -10.51
CA LYS C 251 -65.23 2.84 -10.63
C LYS C 251 -65.12 1.34 -10.88
N VAL C 252 -65.84 0.56 -10.09
CA VAL C 252 -65.61 -0.89 -10.06
C VAL C 252 -66.27 -1.62 -11.22
N ARG C 253 -67.49 -1.24 -11.62
CA ARG C 253 -68.19 -2.00 -12.65
C ARG C 253 -67.65 -1.68 -14.03
N SER C 254 -67.37 -0.41 -14.29
CA SER C 254 -66.74 0.03 -15.52
C SER C 254 -65.41 0.66 -15.15
N GLU C 255 -64.31 0.04 -15.58
CA GLU C 255 -62.96 0.40 -15.14
C GLU C 255 -62.49 1.64 -15.89
N ARG C 256 -63.14 2.75 -15.59
CA ARG C 256 -62.91 4.05 -16.22
C ARG C 256 -62.71 5.11 -15.16
N LEU C 257 -61.75 4.85 -14.27
CA LEU C 257 -61.45 5.64 -13.07
C LEU C 257 -61.32 7.13 -13.37
N GLU C 258 -61.87 7.96 -12.47
CA GLU C 258 -62.16 9.33 -12.78
C GLU C 258 -61.82 10.23 -11.58
N ALA C 259 -61.67 11.51 -11.86
CA ALA C 259 -61.38 12.51 -10.84
C ALA C 259 -62.51 13.52 -10.75
N GLN C 260 -62.87 13.89 -9.53
CA GLN C 260 -63.82 14.97 -9.33
C GLN C 260 -63.31 15.92 -8.25
N LEU C 261 -63.65 17.19 -8.40
CA LEU C 261 -63.25 18.24 -7.47
C LEU C 261 -64.50 18.91 -6.95
N ARG C 262 -64.73 18.74 -5.65
CA ARG C 262 -65.73 19.47 -4.86
C ARG C 262 -67.14 19.24 -5.42
N GLY C 263 -67.40 17.96 -5.74
CA GLY C 263 -68.66 17.56 -6.32
C GLY C 263 -68.74 17.68 -7.82
N LYS C 264 -67.77 18.30 -8.48
CA LYS C 264 -67.77 18.50 -9.92
C LYS C 264 -66.75 17.58 -10.56
N HIS C 265 -67.20 16.78 -11.52
CA HIS C 265 -66.30 15.88 -12.23
C HIS C 265 -65.36 16.66 -13.13
N ILE C 266 -64.07 16.30 -13.10
CA ILE C 266 -63.03 17.02 -13.82
C ILE C 266 -62.29 16.05 -14.72
N ARG C 267 -61.33 16.57 -15.48
CA ARG C 267 -60.46 15.74 -16.30
C ARG C 267 -59.31 15.22 -15.45
N LEU C 268 -58.71 14.11 -15.87
CA LEU C 268 -57.51 13.60 -15.21
C LEU C 268 -56.69 12.79 -16.19
N TYR C 269 -55.42 12.58 -15.83
CA TYR C 269 -54.47 11.84 -16.62
C TYR C 269 -54.05 10.60 -15.85
N VAL C 270 -53.72 9.54 -16.56
CA VAL C 270 -53.18 8.32 -15.97
C VAL C 270 -51.87 7.99 -16.67
N ALA C 271 -50.84 7.70 -15.87
CA ALA C 271 -49.55 7.27 -16.42
C ALA C 271 -49.25 5.82 -16.09
N ALA C 272 -49.58 5.38 -14.88
CA ALA C 272 -49.34 4.01 -14.45
C ALA C 272 -50.51 3.59 -13.58
N GLU C 273 -51.47 2.89 -14.18
CA GLU C 273 -52.64 2.45 -13.43
C GLU C 273 -52.25 1.29 -12.52
N PRO C 274 -52.69 1.28 -11.27
CA PRO C 274 -52.31 0.21 -10.37
C PRO C 274 -53.17 -1.03 -10.56
N LEU C 275 -52.61 -2.16 -10.14
CA LEU C 275 -53.28 -3.44 -10.30
C LEU C 275 -54.29 -3.68 -9.18
N ALA C 276 -55.38 -4.37 -9.50
CA ALA C 276 -56.51 -4.52 -8.60
C ALA C 276 -57.05 -5.94 -8.66
N TYR C 277 -57.29 -6.53 -7.48
CA TYR C 277 -57.74 -7.91 -7.37
C TYR C 277 -58.76 -8.01 -6.25
N GLU C 278 -59.00 -9.24 -5.77
CA GLU C 278 -60.00 -9.50 -4.74
C GLU C 278 -59.66 -8.81 -3.42
N ARG C 279 -58.36 -8.58 -3.17
CA ARG C 279 -58.00 -7.61 -2.15
C ARG C 279 -58.49 -6.26 -2.65
N ASP C 280 -59.59 -5.77 -2.07
CA ASP C 280 -60.30 -4.65 -2.67
C ASP C 280 -59.57 -3.34 -2.44
N LYS C 281 -58.70 -3.29 -1.43
CA LYS C 281 -57.64 -2.30 -1.45
C LYS C 281 -56.59 -2.74 -2.46
N LEU C 282 -56.43 -1.95 -3.52
CA LEU C 282 -55.63 -2.36 -4.66
C LEU C 282 -54.19 -1.91 -4.46
N LEU C 283 -53.27 -2.63 -5.09
CA LEU C 283 -51.84 -2.47 -4.85
C LEU C 283 -51.22 -1.72 -6.01
N PHE C 284 -50.28 -0.84 -5.70
CA PHE C 284 -49.72 0.08 -6.68
C PHE C 284 -48.43 -0.47 -7.27
N THR C 285 -48.18 -0.09 -8.53
CA THR C 285 -46.95 -0.42 -9.22
C THR C 285 -45.97 0.74 -9.22
N THR C 286 -46.30 1.82 -8.54
CA THR C 286 -45.53 3.04 -8.58
C THR C 286 -44.22 2.84 -7.81
N PRO C 287 -43.18 3.64 -8.10
CA PRO C 287 -41.89 3.41 -7.43
C PRO C 287 -41.88 3.68 -5.94
N VAL C 288 -42.55 4.72 -5.44
CA VAL C 288 -42.37 5.06 -4.04
C VAL C 288 -43.13 4.08 -3.13
N ALA C 289 -44.16 3.43 -3.65
CA ALA C 289 -44.83 2.40 -2.85
C ALA C 289 -43.98 1.14 -2.70
N HIS C 290 -42.91 1.00 -3.49
CA HIS C 290 -42.04 -0.15 -3.33
C HIS C 290 -41.22 -0.06 -2.04
N LEU C 291 -41.04 1.15 -1.52
CA LEU C 291 -40.22 1.38 -0.35
C LEU C 291 -40.97 2.08 0.77
N HIS C 292 -42.29 1.94 0.80
CA HIS C 292 -43.10 2.63 1.79
C HIS C 292 -42.96 1.97 3.17
N GLU C 293 -43.02 0.64 3.21
CA GLU C 293 -42.94 -0.07 4.50
C GLU C 293 -41.57 0.07 5.13
N GLU C 294 -40.53 0.29 4.32
CA GLU C 294 -39.20 0.43 4.87
C GLU C 294 -39.04 1.75 5.61
N ILE C 295 -39.59 2.82 5.05
CA ILE C 295 -39.48 4.08 5.77
C ILE C 295 -40.45 4.14 6.92
N LEU C 296 -41.54 3.35 6.89
CA LEU C 296 -42.30 3.16 8.12
C LEU C 296 -41.48 2.46 9.18
N ARG C 297 -40.67 1.47 8.79
CA ARG C 297 -39.80 0.77 9.73
C ARG C 297 -38.76 1.72 10.30
N TYR C 298 -38.21 2.59 9.46
CA TYR C 298 -37.23 3.56 9.94
C TYR C 298 -37.86 4.57 10.89
N ASP C 299 -39.10 4.96 10.63
CA ASP C 299 -39.72 5.93 11.50
C ASP C 299 -40.11 5.32 12.84
N GLY C 300 -40.57 4.07 12.80
CA GLY C 300 -40.82 3.35 14.04
C GLY C 300 -39.56 3.17 14.85
N LEU C 301 -38.43 2.89 14.18
CA LEU C 301 -37.17 2.77 14.90
C LEU C 301 -36.69 4.10 15.42
N CYS C 302 -36.93 5.19 14.67
CA CYS C 302 -36.55 6.53 15.11
C CYS C 302 -37.30 6.92 16.38
N ARG C 303 -38.63 6.81 16.34
CA ARG C 303 -39.44 7.16 17.51
C ARG C 303 -39.17 6.21 18.66
N HIS C 304 -38.89 4.94 18.36
CA HIS C 304 -38.61 3.98 19.41
C HIS C 304 -37.29 4.27 20.10
N GLN C 305 -36.26 4.59 19.32
CA GLN C 305 -34.97 5.00 19.85
C GLN C 305 -35.10 6.22 20.72
N LYS C 306 -35.88 7.21 20.26
CA LYS C 306 -36.06 8.43 21.04
C LYS C 306 -36.81 8.14 22.34
N ILE C 307 -37.86 7.33 22.29
CA ILE C 307 -38.68 7.16 23.48
C ILE C 307 -37.99 6.23 24.47
N CYS C 308 -37.06 5.37 24.02
CA CYS C 308 -36.33 4.61 25.03
C CYS C 308 -35.16 5.39 25.59
N GLN C 309 -34.50 6.25 24.78
CA GLN C 309 -33.38 7.01 25.32
C GLN C 309 -33.87 8.15 26.23
N LEU C 310 -35.11 8.59 26.05
CA LEU C 310 -35.71 9.46 27.05
C LEU C 310 -36.39 8.71 28.19
N LEU C 311 -36.35 7.38 28.19
CA LEU C 311 -36.94 6.64 29.28
C LEU C 311 -35.96 6.42 30.42
N ASN C 312 -34.73 6.01 30.13
CA ASN C 312 -33.76 5.67 31.16
C ASN C 312 -32.72 6.75 31.36
N THR C 313 -33.14 8.02 31.33
CA THR C 313 -32.19 9.12 31.52
C THR C 313 -31.62 9.12 32.93
N PHE C 314 -32.44 8.81 33.92
CA PHE C 314 -32.02 8.81 35.31
C PHE C 314 -31.04 7.66 35.56
N PRO C 315 -30.02 7.90 36.39
CA PRO C 315 -28.96 6.90 36.55
C PRO C 315 -29.37 5.60 37.23
N VAL C 316 -30.18 5.68 38.29
CA VAL C 316 -30.48 4.52 39.09
C VAL C 316 -31.98 4.30 39.17
N LYS C 317 -32.36 3.02 39.22
CA LYS C 317 -33.74 2.59 39.36
C LYS C 317 -33.82 1.58 40.48
N VAL C 318 -34.76 1.80 41.41
CA VAL C 318 -35.07 0.81 42.44
C VAL C 318 -36.54 0.45 42.32
N VAL C 319 -36.91 -0.70 42.84
CA VAL C 319 -38.29 -1.16 42.86
C VAL C 319 -38.69 -1.48 44.28
N THR C 320 -39.99 -1.48 44.55
CA THR C 320 -40.48 -1.75 45.89
C THR C 320 -41.91 -2.29 45.84
N ASP C 488 -35.30 25.95 25.26
CA ASP C 488 -34.78 26.28 26.58
C ASP C 488 -33.27 26.03 26.66
N ALA C 489 -32.48 27.01 26.21
CA ALA C 489 -31.04 26.93 26.25
C ALA C 489 -30.46 27.54 27.52
N GLU C 490 -31.25 27.53 28.61
CA GLU C 490 -30.81 28.17 29.85
C GLU C 490 -29.70 27.38 30.53
N LEU C 491 -29.62 26.08 30.28
CA LEU C 491 -28.67 25.22 30.98
C LEU C 491 -27.23 25.53 30.59
N TYR C 492 -27.01 25.99 29.36
CA TYR C 492 -25.67 26.33 28.93
C TYR C 492 -25.22 27.64 29.56
N HIS C 493 -26.13 28.59 29.71
CA HIS C 493 -25.75 29.95 30.09
C HIS C 493 -25.30 30.04 31.54
N LEU C 494 -26.07 29.45 32.44
CA LEU C 494 -25.78 29.61 33.86
C LEU C 494 -24.63 28.67 34.27
N PRO C 495 -23.85 29.03 35.30
CA PRO C 495 -22.78 28.14 35.76
C PRO C 495 -23.33 26.86 36.36
N VAL C 496 -22.45 25.88 36.55
CA VAL C 496 -22.85 24.51 36.85
C VAL C 496 -23.44 24.37 38.24
N LEU C 497 -23.24 25.35 39.12
CA LEU C 497 -23.70 25.19 40.49
C LEU C 497 -25.20 25.44 40.63
N GLU C 498 -25.80 26.16 39.70
CA GLU C 498 -27.25 26.20 39.60
C GLU C 498 -27.77 25.06 38.74
N ALA C 499 -26.95 24.57 37.80
CA ALA C 499 -27.36 23.48 36.94
C ALA C 499 -27.48 22.18 37.70
N VAL C 500 -26.62 21.96 38.69
CA VAL C 500 -26.70 20.74 39.49
C VAL C 500 -27.94 20.80 40.39
N ARG C 501 -28.37 22.00 40.77
CA ARG C 501 -29.62 22.14 41.52
C ARG C 501 -30.82 21.93 40.62
N LYS C 502 -30.78 22.48 39.40
CA LYS C 502 -31.94 22.46 38.52
C LYS C 502 -32.13 21.12 37.82
N ALA C 503 -31.06 20.40 37.50
CA ALA C 503 -31.23 19.11 36.84
C ALA C 503 -31.67 18.03 37.82
N ARG C 504 -31.15 18.06 39.05
CA ARG C 504 -31.55 17.10 40.08
C ARG C 504 -33.01 17.27 40.45
N ASP C 505 -33.49 18.51 40.50
CA ASP C 505 -34.90 18.79 40.71
C ASP C 505 -35.73 18.68 39.43
N ALA C 506 -35.07 18.65 38.27
CA ALA C 506 -35.78 18.77 37.01
C ALA C 506 -36.37 17.45 36.53
N ALA C 507 -35.54 16.40 36.47
CA ALA C 507 -36.02 15.05 36.20
C ALA C 507 -36.04 14.36 37.56
N PRO C 508 -37.19 14.29 38.21
CA PRO C 508 -37.24 13.74 39.56
C PRO C 508 -37.08 12.23 39.56
N PHE C 509 -36.46 11.72 40.61
CA PHE C 509 -36.47 10.30 40.88
C PHE C 509 -37.90 9.87 41.17
N ARG C 510 -38.35 8.80 40.53
CA ARG C 510 -39.65 8.25 40.81
C ARG C 510 -39.55 6.73 40.83
N PRO C 511 -39.92 6.07 41.94
CA PRO C 511 -39.87 4.61 41.99
C PRO C 511 -41.02 3.97 41.22
N LEU C 512 -41.14 2.65 41.35
CA LEU C 512 -42.14 1.89 40.61
C LEU C 512 -42.44 0.62 41.39
N ALA C 513 -43.73 0.34 41.58
CA ALA C 513 -44.14 -0.67 42.54
C ALA C 513 -45.59 -1.06 42.30
N VAL C 514 -45.86 -2.37 42.43
CA VAL C 514 -47.22 -2.91 42.54
C VAL C 514 -47.23 -3.85 43.74
N GLU C 515 -48.33 -3.85 44.49
CA GLU C 515 -48.44 -4.67 45.69
C GLU C 515 -48.61 -6.15 45.32
N ASP C 516 -47.92 -7.03 46.03
CA ASP C 516 -48.10 -8.47 45.92
C ASP C 516 -47.60 -9.14 47.19
N ASN C 517 -48.50 -9.83 47.89
CA ASN C 517 -48.22 -10.37 49.21
C ASN C 517 -47.73 -11.81 49.08
N ARG C 518 -46.68 -12.15 49.83
CA ARG C 518 -45.99 -13.44 49.88
C ARG C 518 -45.51 -13.94 48.52
N LEU C 519 -45.35 -13.03 47.56
CA LEU C 519 -44.71 -13.29 46.28
C LEU C 519 -43.91 -12.04 45.96
N VAL C 520 -42.59 -12.13 46.11
CA VAL C 520 -41.74 -10.96 46.16
C VAL C 520 -41.02 -10.82 44.82
N ALA C 521 -40.33 -9.69 44.66
CA ALA C 521 -39.75 -9.35 43.38
C ALA C 521 -38.41 -10.05 43.17
N ASN C 522 -38.16 -10.43 41.93
CA ASN C 522 -36.83 -10.82 41.47
C ASN C 522 -36.55 -10.11 40.16
N SER C 523 -35.56 -9.24 40.15
CA SER C 523 -35.45 -8.18 39.17
C SER C 523 -34.42 -8.51 38.09
N PHE C 524 -34.63 -7.90 36.92
CA PHE C 524 -33.66 -7.89 35.85
C PHE C 524 -33.63 -6.49 35.25
N PHE C 525 -32.72 -6.28 34.31
CA PHE C 525 -32.39 -4.95 33.86
C PHE C 525 -31.77 -5.00 32.47
N SER C 526 -32.15 -4.03 31.64
CA SER C 526 -31.66 -3.93 30.26
C SER C 526 -31.35 -2.46 30.00
N GLN C 527 -30.19 -2.20 29.41
CA GLN C 527 -29.84 -0.87 28.95
C GLN C 527 -29.29 -0.99 27.54
N PHE C 528 -30.09 -0.58 26.56
CA PHE C 528 -29.62 -0.52 25.19
C PHE C 528 -30.45 0.48 24.41
N VAL C 529 -29.83 1.03 23.38
CA VAL C 529 -30.51 1.84 22.38
C VAL C 529 -30.40 1.10 21.06
N PRO C 530 -31.35 1.22 20.14
CA PRO C 530 -31.21 0.55 18.86
C PRO C 530 -30.32 1.33 17.91
N GLY C 531 -29.46 0.60 17.20
CA GLY C 531 -28.52 1.23 16.29
C GLY C 531 -29.20 1.77 15.05
N THR C 532 -29.31 3.09 14.96
CA THR C 532 -30.06 3.69 13.86
C THR C 532 -29.22 3.78 12.60
N GLU C 533 -27.90 3.84 12.75
CA GLU C 533 -27.03 4.19 11.64
C GLU C 533 -26.94 3.09 10.60
N SER C 534 -26.98 1.82 11.01
CA SER C 534 -26.85 0.70 10.09
C SER C 534 -28.00 0.65 9.11
N LEU C 535 -29.23 0.54 9.62
CA LEU C 535 -30.38 0.53 8.71
C LEU C 535 -30.67 1.90 8.12
N GLU C 536 -30.14 2.98 8.71
CA GLU C 536 -30.16 4.28 8.02
C GLU C 536 -29.38 4.21 6.72
N ARG C 537 -28.14 3.73 6.80
CA ARG C 537 -27.31 3.59 5.60
C ARG C 537 -27.96 2.61 4.61
N PHE C 538 -28.60 1.57 5.15
CA PHE C 538 -29.32 0.62 4.31
C PHE C 538 -30.45 1.29 3.56
N LEU C 539 -31.24 2.13 4.23
CA LEU C 539 -32.37 2.75 3.57
C LEU C 539 -31.93 3.84 2.61
N THR C 540 -30.83 4.53 2.89
CA THR C 540 -30.32 5.51 1.94
C THR C 540 -29.80 4.82 0.69
N GLN C 541 -29.11 3.69 0.85
CA GLN C 541 -28.63 2.96 -0.31
C GLN C 541 -29.78 2.35 -1.10
N LEU C 542 -30.84 1.92 -0.41
CA LEU C 542 -32.02 1.39 -1.09
C LEU C 542 -32.72 2.49 -1.86
N TRP C 543 -32.82 3.68 -1.27
CA TRP C 543 -33.38 4.85 -1.93
C TRP C 543 -32.57 5.22 -3.17
N GLU C 544 -31.24 5.20 -3.02
CA GLU C 544 -30.35 5.59 -4.10
C GLU C 544 -30.46 4.64 -5.27
N ASN C 545 -30.40 3.33 -4.98
CA ASN C 545 -30.54 2.33 -6.02
C ASN C 545 -31.91 2.36 -6.66
N GLU C 546 -32.96 2.66 -5.88
CA GLU C 546 -34.31 2.70 -6.43
C GLU C 546 -34.47 3.83 -7.42
N TYR C 547 -34.15 5.05 -6.98
CA TYR C 547 -34.28 6.21 -7.86
C TYR C 547 -33.30 6.16 -9.03
N PHE C 548 -32.16 5.50 -8.86
CA PHE C 548 -31.23 5.37 -9.98
C PHE C 548 -31.72 4.37 -11.00
N ARG C 549 -32.38 3.30 -10.56
CA ARG C 549 -32.86 2.35 -11.55
C ARG C 549 -34.10 2.84 -12.26
N THR C 550 -35.05 3.47 -11.54
CA THR C 550 -36.32 3.79 -12.20
C THR C 550 -36.20 4.94 -13.18
N PHE C 551 -35.30 5.90 -12.93
CA PHE C 551 -34.94 6.92 -13.90
C PHE C 551 -33.43 6.95 -13.90
N ARG C 552 -32.83 6.83 -15.08
CA ARG C 552 -31.38 6.58 -15.18
C ARG C 552 -30.62 7.89 -14.99
N LEU C 553 -30.55 8.32 -13.73
CA LEU C 553 -29.85 9.55 -13.37
C LEU C 553 -28.35 9.36 -13.54
N ARG C 554 -27.64 10.43 -13.87
CA ARG C 554 -26.20 10.35 -14.02
C ARG C 554 -25.48 10.98 -12.83
N ARG C 555 -24.21 10.63 -12.67
CA ARG C 555 -23.33 11.29 -11.70
C ARG C 555 -22.08 11.74 -12.43
N LEU C 556 -22.14 12.93 -13.02
CA LEU C 556 -20.92 13.49 -13.59
C LEU C 556 -20.08 14.09 -12.47
N VAL C 557 -18.86 13.59 -12.33
CA VAL C 557 -17.96 14.00 -11.25
C VAL C 557 -16.57 14.22 -11.85
N THR C 558 -15.69 14.78 -11.03
CA THR C 558 -14.28 14.80 -11.39
C THR C 558 -13.63 13.46 -11.03
N HIS C 559 -12.34 13.36 -11.31
CA HIS C 559 -11.57 12.21 -10.85
C HIS C 559 -11.46 12.27 -9.33
N GLN C 560 -11.52 11.07 -8.70
CA GLN C 560 -11.75 10.80 -7.28
C GLN C 560 -12.82 11.69 -6.65
N GLY C 561 -13.87 11.99 -7.40
CA GLY C 561 -14.94 12.84 -6.93
C GLY C 561 -16.19 12.04 -6.64
N ALA C 562 -16.82 12.34 -5.50
CA ALA C 562 -18.02 11.64 -5.07
C ALA C 562 -19.19 12.61 -5.04
N GLU C 563 -20.26 12.24 -5.77
CA GLU C 563 -21.56 12.94 -5.90
C GLU C 563 -21.41 14.46 -6.04
N GLU C 564 -20.69 14.86 -7.10
CA GLU C 564 -20.53 16.27 -7.39
C GLU C 564 -21.84 16.87 -7.91
N ALA C 565 -22.48 16.22 -8.86
CA ALA C 565 -23.71 16.75 -9.43
C ALA C 565 -24.53 15.60 -9.99
N ILE C 566 -25.85 15.70 -9.85
CA ILE C 566 -26.80 14.76 -10.41
C ILE C 566 -27.69 15.54 -11.37
N VAL C 567 -28.06 14.93 -12.48
CA VAL C 567 -28.81 15.63 -13.52
C VAL C 567 -29.64 14.62 -14.31
N TYR C 568 -30.74 15.11 -14.87
CA TYR C 568 -31.61 14.30 -15.74
C TYR C 568 -30.84 13.78 -16.94
N SER C 569 -31.20 12.59 -17.39
CA SER C 569 -30.56 11.99 -18.55
C SER C 569 -31.62 11.58 -19.56
N ASN C 570 -31.18 10.80 -20.56
CA ASN C 570 -31.94 10.59 -21.78
C ASN C 570 -33.25 9.85 -21.54
N TYR C 571 -33.20 8.78 -20.74
CA TYR C 571 -34.42 8.04 -20.45
C TYR C 571 -35.34 8.84 -19.52
N THR C 572 -34.75 9.69 -18.67
CA THR C 572 -35.50 10.37 -17.63
C THR C 572 -36.47 11.39 -18.22
N VAL C 573 -35.99 12.20 -19.17
CA VAL C 573 -36.83 13.22 -19.77
C VAL C 573 -37.95 12.59 -20.59
N GLU C 574 -37.67 11.47 -21.26
CA GLU C 574 -38.70 10.75 -21.98
C GLU C 574 -39.74 10.18 -21.02
N ARG C 575 -39.32 9.76 -19.83
CA ARG C 575 -40.31 9.18 -18.94
C ARG C 575 -41.17 10.23 -18.24
N VAL C 576 -40.62 11.39 -17.88
CA VAL C 576 -41.38 12.34 -17.05
C VAL C 576 -41.75 13.61 -17.81
N THR C 577 -40.85 14.19 -18.61
CA THR C 577 -41.11 15.52 -19.15
C THR C 577 -42.04 15.48 -20.35
N LEU C 578 -41.80 14.56 -21.27
CA LEU C 578 -42.66 14.44 -22.44
C LEU C 578 -44.10 14.01 -22.15
N PRO C 579 -44.41 13.23 -21.11
CA PRO C 579 -45.84 13.10 -20.74
C PRO C 579 -46.46 14.40 -20.27
N TYR C 580 -45.70 15.28 -19.62
CA TYR C 580 -46.23 16.56 -19.21
C TYR C 580 -46.62 17.39 -20.42
N LEU C 581 -45.75 17.43 -21.42
CA LEU C 581 -46.07 18.18 -22.62
C LEU C 581 -47.05 17.44 -23.50
N CYS C 582 -47.21 16.12 -23.29
CA CYS C 582 -48.26 15.37 -23.95
C CYS C 582 -49.63 15.78 -23.47
N HIS C 583 -49.83 15.84 -22.15
CA HIS C 583 -51.13 16.29 -21.67
C HIS C 583 -51.30 17.80 -21.79
N ILE C 584 -50.21 18.57 -21.83
CA ILE C 584 -50.28 20.00 -22.14
C ILE C 584 -50.77 20.26 -23.55
N LEU C 585 -50.56 19.30 -24.46
CA LEU C 585 -50.96 19.37 -25.88
C LEU C 585 -50.26 20.49 -26.63
N ALA C 586 -49.07 20.86 -26.16
CA ALA C 586 -48.16 21.63 -27.00
C ALA C 586 -47.15 20.73 -27.69
N LEU C 587 -47.20 19.42 -27.44
CA LEU C 587 -46.19 18.46 -27.84
C LEU C 587 -46.08 18.27 -29.36
N GLY C 588 -47.04 18.77 -30.14
CA GLY C 588 -47.08 18.53 -31.56
C GLY C 588 -45.98 19.19 -32.36
N THR C 589 -45.16 20.05 -31.75
CA THR C 589 -44.10 20.73 -32.46
C THR C 589 -42.72 20.56 -31.83
N LEU C 590 -42.63 20.47 -30.50
CA LEU C 590 -41.38 20.57 -29.76
C LEU C 590 -40.56 19.28 -29.86
N ASP C 591 -39.49 19.24 -29.10
CA ASP C 591 -38.50 18.16 -29.17
C ASP C 591 -37.80 18.07 -27.82
N PRO C 592 -37.46 16.87 -27.37
CA PRO C 592 -36.72 16.74 -26.11
C PRO C 592 -35.30 17.27 -26.24
N VAL C 593 -34.80 17.80 -25.12
CA VAL C 593 -33.52 18.51 -25.09
C VAL C 593 -32.38 17.51 -24.94
N PRO C 594 -31.22 17.75 -25.53
CA PRO C 594 -30.02 17.00 -25.15
C PRO C 594 -29.63 17.24 -23.70
N GLU C 595 -28.81 16.31 -23.19
CA GLU C 595 -28.67 16.16 -21.74
C GLU C 595 -27.61 17.06 -21.17
N ALA C 596 -26.45 17.14 -21.84
CA ALA C 596 -25.47 18.17 -21.47
C ALA C 596 -25.98 19.56 -21.81
N TYR C 597 -26.89 19.66 -22.78
CA TYR C 597 -27.56 20.92 -23.10
C TYR C 597 -28.46 21.35 -21.95
N LEU C 598 -28.98 20.39 -21.18
CA LEU C 598 -29.81 20.71 -20.03
C LEU C 598 -29.00 21.34 -18.90
N GLN C 599 -27.74 20.93 -18.75
CA GLN C 599 -26.89 21.46 -17.69
C GLN C 599 -26.53 22.92 -17.93
N LEU C 600 -26.53 23.36 -19.20
CA LEU C 600 -26.03 24.67 -19.60
C LEU C 600 -26.97 25.79 -19.15
N SER C 601 -26.62 27.01 -19.56
CA SER C 601 -27.25 28.21 -19.05
C SER C 601 -28.66 28.40 -19.59
N PHE C 602 -29.34 29.39 -19.02
CA PHE C 602 -30.65 29.80 -19.50
C PHE C 602 -30.52 30.56 -20.81
N GLY C 603 -29.35 31.15 -21.07
CA GLY C 603 -29.15 31.95 -22.24
C GLY C 603 -28.21 31.34 -23.26
N GLU C 604 -27.24 30.58 -22.79
CA GLU C 604 -26.26 29.95 -23.68
C GLU C 604 -26.87 28.78 -24.46
N ILE C 605 -28.03 28.29 -24.01
CA ILE C 605 -28.67 27.12 -24.60
C ILE C 605 -29.11 27.37 -26.03
N VAL C 606 -29.52 28.59 -26.36
CA VAL C 606 -30.01 28.84 -27.71
C VAL C 606 -28.85 28.96 -28.69
N ALA C 607 -27.67 29.36 -28.20
CA ALA C 607 -26.49 29.45 -29.06
C ALA C 607 -26.03 28.08 -29.51
N ALA C 608 -26.33 27.05 -28.72
CA ALA C 608 -26.15 25.69 -29.17
C ALA C 608 -27.37 25.15 -29.90
N ALA C 609 -28.55 25.73 -29.65
CA ALA C 609 -29.76 25.24 -30.27
C ALA C 609 -29.79 25.54 -31.77
N TYR C 610 -29.43 26.76 -32.15
CA TYR C 610 -29.31 26.94 -33.59
C TYR C 610 -28.00 26.44 -34.16
N ASP C 611 -27.02 26.13 -33.31
CA ASP C 611 -25.83 25.44 -33.78
C ASP C 611 -26.21 24.03 -34.23
N ASP C 612 -27.13 23.40 -33.51
CA ASP C 612 -27.69 22.12 -33.98
C ASP C 612 -28.49 22.33 -35.26
N SER C 613 -29.17 23.46 -35.39
CA SER C 613 -29.98 23.75 -36.56
C SER C 613 -29.11 24.07 -37.77
N LYS C 614 -29.75 24.19 -38.91
CA LYS C 614 -29.10 24.55 -40.17
C LYS C 614 -28.95 26.05 -40.35
N PHE C 615 -29.16 26.83 -39.30
CA PHE C 615 -29.08 28.28 -39.39
C PHE C 615 -27.65 28.74 -39.62
N CYS C 616 -26.75 28.43 -38.70
CA CYS C 616 -25.35 28.76 -38.91
C CYS C 616 -24.66 27.81 -39.87
N ARG C 617 -25.28 26.65 -40.15
CA ARG C 617 -24.77 25.78 -41.20
C ARG C 617 -24.98 26.37 -42.59
N TYR C 618 -25.96 27.26 -42.75
CA TYR C 618 -26.12 27.96 -44.02
C TYR C 618 -25.31 29.23 -44.04
N VAL C 619 -24.91 29.74 -42.87
CA VAL C 619 -23.89 30.78 -42.84
C VAL C 619 -22.56 30.22 -43.31
N GLU C 620 -22.31 28.94 -43.06
CA GLU C 620 -21.19 28.26 -43.71
C GLU C 620 -21.34 28.25 -45.23
N LEU C 621 -22.58 28.09 -45.71
CA LEU C 621 -22.80 28.04 -47.16
C LEU C 621 -22.60 29.42 -47.79
N ILE C 622 -23.10 30.47 -47.14
CA ILE C 622 -22.89 31.82 -47.67
C ILE C 622 -21.45 32.27 -47.49
N CYS C 623 -20.74 31.75 -46.48
CA CYS C 623 -19.30 31.95 -46.37
C CYS C 623 -18.55 31.34 -47.54
N SER C 624 -18.87 30.08 -47.87
CA SER C 624 -18.23 29.44 -49.01
C SER C 624 -18.58 30.14 -50.32
N ARG C 625 -19.83 30.64 -50.43
CA ARG C 625 -20.24 31.32 -51.65
C ARG C 625 -19.54 32.66 -51.81
N GLU C 626 -19.42 33.44 -50.73
CA GLU C 626 -18.76 34.72 -50.80
C GLU C 626 -17.26 34.57 -51.06
N LYS C 627 -16.63 33.60 -50.38
CA LYS C 627 -15.20 33.39 -50.61
C LYS C 627 -14.93 32.80 -52.00
N ALA C 628 -15.87 32.02 -52.56
CA ALA C 628 -15.70 31.52 -53.92
C ALA C 628 -15.91 32.62 -54.94
N ARG C 629 -16.92 33.46 -54.72
CA ARG C 629 -17.23 34.56 -55.64
C ARG C 629 -16.13 35.61 -55.65
N ARG C 630 -15.39 35.73 -54.54
CA ARG C 630 -14.25 36.64 -54.54
C ARG C 630 -12.94 35.97 -54.90
N ARG C 631 -12.80 34.66 -54.73
CA ARG C 631 -11.60 33.98 -55.21
C ARG C 631 -11.61 33.89 -56.73
N GLN C 632 -12.79 33.74 -57.33
CA GLN C 632 -12.88 33.89 -58.78
C GLN C 632 -12.72 35.33 -59.21
N MET C 633 -13.04 36.29 -58.35
CA MET C 633 -12.79 37.69 -58.66
C MET C 633 -11.29 37.99 -58.67
N SER C 634 -10.55 37.32 -57.80
CA SER C 634 -9.10 37.48 -57.82
C SER C 634 -8.45 36.59 -58.87
N ARG C 635 -8.88 35.33 -58.96
CA ARG C 635 -8.24 34.37 -59.86
C ARG C 635 -9.26 33.70 -60.78
N ASP D 52 -5.93 63.05 44.65
CA ASP D 52 -6.17 61.62 44.52
C ASP D 52 -7.26 61.34 43.47
N GLU D 53 -6.90 60.53 42.48
CA GLU D 53 -7.79 60.25 41.35
C GLU D 53 -7.96 58.75 41.19
N ALA D 54 -9.15 58.32 40.78
CA ALA D 54 -9.40 56.91 40.47
C ALA D 54 -9.01 56.64 39.02
N VAL D 55 -8.14 55.67 38.81
CA VAL D 55 -7.60 55.32 37.50
C VAL D 55 -7.48 53.80 37.44
N ILE D 56 -8.05 53.19 36.41
CA ILE D 56 -8.00 51.74 36.29
C ILE D 56 -6.60 51.33 35.83
N ASP D 57 -6.07 50.27 36.44
CA ASP D 57 -4.70 49.83 36.23
C ASP D 57 -4.66 48.52 35.46
N ILE D 58 -3.51 48.26 34.83
CA ILE D 58 -3.39 47.06 33.99
C ILE D 58 -2.19 46.21 34.38
N PHE D 59 -1.12 46.81 34.87
CA PHE D 59 0.08 46.00 35.01
C PHE D 59 0.11 45.03 36.20
N PRO D 60 0.07 45.47 37.48
CA PRO D 60 0.51 44.60 38.58
C PRO D 60 -0.60 43.73 39.15
N THR D 61 -1.37 43.08 38.28
CA THR D 61 -2.39 42.14 38.73
C THR D 61 -2.04 40.73 38.27
N GLY D 62 -2.72 39.75 38.88
CA GLY D 62 -2.38 38.36 38.66
C GLY D 62 -2.57 37.88 37.24
N GLN D 63 -3.66 38.33 36.60
CA GLN D 63 -3.92 38.02 35.19
C GLN D 63 -2.84 38.54 34.26
N THR D 64 -2.19 39.64 34.61
CA THR D 64 -1.19 40.23 33.73
C THR D 64 0.24 39.99 34.20
N MET D 65 0.48 39.95 35.50
CA MET D 65 1.83 39.59 35.94
C MET D 65 2.07 38.10 35.74
N SER D 66 1.00 37.30 35.71
CA SER D 66 1.12 35.90 35.36
C SER D 66 1.51 35.70 33.90
N PHE D 67 1.29 36.70 33.04
CA PHE D 67 1.55 36.55 31.62
C PHE D 67 3.04 36.41 31.33
N LEU D 68 3.87 37.20 31.99
CA LEU D 68 5.31 37.04 31.82
C LEU D 68 5.83 35.78 32.49
N ARG D 69 5.08 35.24 33.44
CA ARG D 69 5.48 33.96 34.02
C ARG D 69 5.18 32.81 33.06
N LEU D 70 4.01 32.85 32.43
CA LEU D 70 3.62 31.75 31.56
C LEU D 70 4.32 31.80 30.22
N LEU D 71 4.56 33.01 29.71
CA LEU D 71 5.16 33.14 28.39
C LEU D 71 6.63 32.77 28.45
N HIS D 72 7.25 32.90 29.62
CA HIS D 72 8.55 32.32 29.87
C HIS D 72 8.45 31.03 30.67
N GLY D 73 7.23 30.51 30.85
CA GLY D 73 7.05 29.16 31.34
C GLY D 73 7.41 28.94 32.79
N PHE D 74 7.15 29.90 33.66
CA PHE D 74 7.41 29.72 35.08
C PHE D 74 6.50 28.64 35.67
N LEU D 75 5.28 28.54 35.16
CA LEU D 75 4.30 27.63 35.73
C LEU D 75 3.77 26.64 34.71
N GLY D 76 3.83 26.96 33.42
CA GLY D 76 3.38 26.02 32.41
C GLY D 76 4.05 26.21 31.07
N THR D 77 4.19 25.08 30.35
CA THR D 77 4.80 25.09 29.03
C THR D 77 4.35 23.85 28.27
N CYS D 78 4.76 23.79 27.00
CA CYS D 78 4.37 22.73 26.08
C CYS D 78 5.35 22.78 24.92
N ARG D 79 5.01 22.07 23.85
CA ARG D 79 5.86 22.08 22.67
C ARG D 79 5.72 23.33 21.83
N GLY D 80 4.68 24.13 22.07
CA GLY D 80 4.52 25.34 21.29
C GLY D 80 5.29 26.53 21.82
N GLN D 81 5.87 26.43 23.02
CA GLN D 81 6.54 27.58 23.62
C GLN D 81 7.81 27.95 22.88
N SER D 82 8.42 26.98 22.17
CA SER D 82 9.62 27.24 21.38
C SER D 82 9.35 28.18 20.20
N MET D 83 8.11 28.27 19.74
CA MET D 83 7.82 29.18 18.66
C MET D 83 7.81 30.61 19.15
N HIS D 84 7.55 30.82 20.44
CA HIS D 84 7.79 32.14 21.00
C HIS D 84 9.28 32.43 21.07
N GLN D 85 10.08 31.39 21.30
CA GLN D 85 11.53 31.56 21.38
C GLN D 85 12.13 31.91 20.04
N VAL D 86 11.58 31.36 18.96
CA VAL D 86 12.07 31.76 17.64
C VAL D 86 11.55 33.14 17.27
N LEU D 87 10.52 33.63 17.95
CA LEU D 87 10.05 34.98 17.69
C LEU D 87 10.92 36.05 18.33
N ARG D 88 11.67 35.73 19.38
CA ARG D 88 12.40 36.75 20.13
C ARG D 88 13.87 36.70 19.79
N ASP D 89 14.20 36.48 18.54
CA ASP D 89 15.58 36.44 18.10
C ASP D 89 16.15 37.85 18.08
N PRO D 90 17.14 38.18 18.92
CA PRO D 90 17.69 39.54 18.89
C PRO D 90 18.57 39.79 17.69
N CYS D 91 19.01 38.75 16.99
CA CYS D 91 19.93 38.93 15.88
C CYS D 91 19.21 39.38 14.61
N VAL D 92 17.91 39.14 14.50
CA VAL D 92 17.19 39.64 13.33
C VAL D 92 17.05 41.15 13.39
N LEU D 93 17.09 41.72 14.60
CA LEU D 93 17.16 43.16 14.77
C LEU D 93 18.44 43.73 14.18
N ARG D 94 19.60 43.17 14.60
CA ARG D 94 20.87 43.69 14.12
C ARG D 94 21.04 43.43 12.63
N LYS D 95 20.46 42.33 12.12
CA LYS D 95 20.54 42.03 10.70
C LYS D 95 19.71 43.01 9.88
N GLN D 96 18.49 43.30 10.34
CA GLN D 96 17.63 44.24 9.62
C GLN D 96 18.20 45.65 9.66
N LEU D 97 18.77 46.06 10.80
CA LEU D 97 19.29 47.42 10.88
C LEU D 97 20.57 47.57 10.06
N LEU D 98 21.41 46.52 10.02
CA LEU D 98 22.60 46.63 9.19
C LEU D 98 22.23 46.59 7.72
N TYR D 99 21.17 45.85 7.37
CA TYR D 99 20.66 45.88 6.00
C TYR D 99 20.16 47.26 5.64
N GLY D 100 19.47 47.93 6.57
CA GLY D 100 19.00 49.27 6.32
C GLY D 100 20.12 50.27 6.14
N VAL D 101 21.14 50.20 6.99
CA VAL D 101 22.20 51.19 6.88
C VAL D 101 23.09 50.90 5.68
N CYS D 102 23.23 49.64 5.27
CA CYS D 102 24.06 49.42 4.08
C CYS D 102 23.29 49.72 2.81
N LYS D 103 21.96 49.55 2.82
CA LYS D 103 21.16 49.97 1.68
C LYS D 103 21.18 51.49 1.54
N THR D 104 21.16 52.21 2.65
CA THR D 104 21.31 53.65 2.56
C THR D 104 22.75 54.05 2.28
N LEU D 105 23.71 53.14 2.53
CA LEU D 105 25.11 53.46 2.29
C LEU D 105 25.46 53.33 0.82
N PHE D 106 25.22 52.15 0.24
CA PHE D 106 25.85 51.81 -1.02
C PHE D 106 25.26 52.54 -2.21
N ASP D 107 24.02 53.00 -2.10
CA ASP D 107 23.31 53.55 -3.25
C ASP D 107 23.74 54.96 -3.62
N THR D 108 24.65 55.58 -2.87
CA THR D 108 24.91 57.01 -3.03
C THR D 108 25.75 57.33 -4.26
N ILE D 109 26.94 56.73 -4.37
CA ILE D 109 27.97 57.24 -5.28
C ILE D 109 28.25 56.18 -6.35
N THR D 110 27.20 55.42 -6.70
CA THR D 110 27.32 54.37 -7.71
C THR D 110 27.67 54.91 -9.09
N VAL D 111 27.27 56.15 -9.38
CA VAL D 111 27.26 56.59 -10.78
C VAL D 111 28.59 57.20 -11.18
N ARG D 112 29.37 57.72 -10.23
CA ARG D 112 30.55 58.48 -10.63
C ARG D 112 31.85 57.84 -10.16
N ARG D 113 31.87 57.33 -8.92
CA ARG D 113 33.12 56.91 -8.29
C ARG D 113 33.70 55.64 -8.91
N VAL D 114 32.90 54.85 -9.61
CA VAL D 114 33.40 53.62 -10.23
C VAL D 114 34.34 53.97 -11.39
N ALA D 115 33.97 54.96 -12.20
CA ALA D 115 34.82 55.38 -13.31
C ALA D 115 36.03 56.14 -12.79
N GLU D 116 35.91 56.77 -11.62
CA GLU D 116 37.03 57.49 -11.05
C GLU D 116 38.05 56.55 -10.44
N GLU D 117 37.59 55.47 -9.81
CA GLU D 117 38.53 54.55 -9.16
C GLU D 117 38.92 53.43 -10.12
N TRP D 118 38.38 53.44 -11.33
CA TRP D 118 38.98 52.67 -12.41
C TRP D 118 40.38 53.17 -12.75
N LYS D 119 40.63 54.48 -12.57
CA LYS D 119 41.87 55.11 -12.99
C LYS D 119 43.07 54.60 -12.19
N LEU D 120 42.92 54.46 -10.87
CA LEU D 120 44.04 54.06 -10.03
C LEU D 120 44.38 52.58 -10.25
N HIS D 121 43.36 51.74 -10.41
CA HIS D 121 43.62 50.32 -10.62
C HIS D 121 43.97 50.03 -12.08
N ALA D 122 43.81 51.01 -12.96
CA ALA D 122 44.40 50.90 -14.29
C ALA D 122 45.92 50.83 -14.21
N ALA D 123 46.53 51.76 -13.47
CA ALA D 123 47.99 51.76 -13.34
C ALA D 123 48.46 50.76 -12.30
N LEU D 124 47.57 50.34 -11.40
CA LEU D 124 47.96 49.42 -10.34
C LEU D 124 48.15 48.00 -10.86
N PHE D 125 47.38 47.61 -11.90
CA PHE D 125 47.50 46.29 -12.50
C PHE D 125 48.07 46.41 -13.91
N PRO D 126 49.38 46.17 -14.10
CA PRO D 126 49.96 46.26 -15.45
C PRO D 126 49.62 45.04 -16.29
N TYR D 127 48.73 45.21 -17.26
CA TYR D 127 48.08 44.10 -17.96
C TYR D 127 47.55 44.64 -19.28
N ARG D 128 46.51 43.98 -19.82
CA ARG D 128 45.67 44.43 -20.93
C ARG D 128 46.44 44.58 -22.24
N ALA D 129 47.34 43.63 -22.51
CA ALA D 129 48.07 43.65 -23.77
C ALA D 129 47.18 43.24 -24.94
N LEU D 130 46.45 42.13 -24.81
CA LEU D 130 45.61 41.61 -25.88
C LEU D 130 44.15 41.67 -25.47
N ASP D 131 43.26 41.78 -26.46
CA ASP D 131 41.86 42.08 -26.18
C ASP D 131 41.03 40.81 -26.01
N GLU D 132 41.55 39.67 -26.48
CA GLU D 132 40.73 38.47 -26.54
C GLU D 132 40.55 37.82 -25.18
N GLU D 133 41.65 37.56 -24.48
CA GLU D 133 41.65 36.77 -23.26
C GLU D 133 41.90 37.60 -22.01
N ASP D 134 42.69 38.67 -22.13
CA ASP D 134 43.07 39.45 -20.96
C ASP D 134 41.92 40.33 -20.49
N LEU D 135 41.24 41.00 -21.43
CA LEU D 135 40.22 41.97 -21.07
C LEU D 135 38.98 41.28 -20.50
N GLU D 136 38.58 40.17 -21.11
CA GLU D 136 37.34 39.49 -20.72
C GLU D 136 37.45 38.89 -19.32
N GLN D 137 38.67 38.53 -18.91
CA GLN D 137 38.84 37.87 -17.62
C GLN D 137 39.27 38.85 -16.54
N TYR D 138 39.96 39.93 -16.92
CA TYR D 138 40.53 40.84 -15.93
C TYR D 138 39.45 41.70 -15.27
N LEU D 139 38.43 42.08 -16.03
CA LEU D 139 37.39 42.96 -15.51
C LEU D 139 36.56 42.27 -14.43
N LEU D 140 36.31 40.97 -14.59
CA LEU D 140 35.48 40.24 -13.63
C LEU D 140 36.20 40.08 -12.30
N VAL D 141 37.49 39.75 -12.35
CA VAL D 141 38.23 39.57 -11.10
C VAL D 141 38.54 40.91 -10.46
N TRP D 142 38.69 41.98 -11.25
CA TRP D 142 38.86 43.30 -10.67
C TRP D 142 37.58 43.79 -10.01
N SER D 143 36.43 43.51 -10.64
CA SER D 143 35.15 43.89 -10.08
C SER D 143 34.86 43.12 -8.79
N ALA D 144 35.14 41.81 -8.81
CA ALA D 144 34.99 40.99 -7.61
C ALA D 144 35.93 41.45 -6.51
N SER D 145 37.14 41.87 -6.87
CA SER D 145 38.11 42.36 -5.90
C SER D 145 37.62 43.64 -5.24
N LEU D 146 37.12 44.59 -6.04
CA LEU D 146 36.68 45.86 -5.47
C LEU D 146 35.44 45.65 -4.59
N ARG D 147 34.49 44.82 -5.04
CA ARG D 147 33.28 44.64 -4.25
C ARG D 147 33.57 43.88 -2.97
N GLN D 148 34.50 42.91 -3.00
CA GLN D 148 34.78 42.16 -1.79
C GLN D 148 35.61 43.01 -0.83
N SER D 149 36.43 43.93 -1.34
CA SER D 149 37.25 44.73 -0.45
C SER D 149 36.40 45.77 0.26
N VAL D 150 35.51 46.44 -0.49
CA VAL D 150 34.59 47.38 0.16
C VAL D 150 33.61 46.60 1.05
N GLN D 151 33.33 45.34 0.70
CA GLN D 151 32.41 44.51 1.46
C GLN D 151 32.99 44.15 2.82
N THR D 152 34.23 43.66 2.85
CA THR D 152 34.86 43.37 4.14
C THR D 152 35.12 44.64 4.95
N GLY D 153 35.36 45.77 4.26
CA GLY D 153 35.53 47.02 4.99
C GLY D 153 34.28 47.44 5.74
N VAL D 154 33.14 47.50 5.03
CA VAL D 154 31.90 47.90 5.68
C VAL D 154 31.45 46.83 6.67
N LEU D 155 31.79 45.56 6.40
CA LEU D 155 31.41 44.46 7.27
C LEU D 155 32.14 44.55 8.60
N GLY D 156 33.45 44.81 8.56
CA GLY D 156 34.21 44.93 9.79
C GLY D 156 33.83 46.15 10.60
N ALA D 157 33.63 47.29 9.91
CA ALA D 157 33.24 48.52 10.61
C ALA D 157 31.88 48.36 11.26
N LEU D 158 30.93 47.76 10.54
CA LEU D 158 29.59 47.59 11.08
C LEU D 158 29.54 46.53 12.17
N ARG D 159 30.32 45.45 12.03
CA ARG D 159 30.36 44.43 13.07
C ARG D 159 30.95 44.99 14.35
N ASP D 160 31.95 45.86 14.24
CA ASP D 160 32.52 46.48 15.43
C ASP D 160 31.52 47.42 16.10
N ILE D 161 30.93 48.34 15.32
CA ILE D 161 30.03 49.32 15.93
C ILE D 161 28.71 48.70 16.37
N LEU D 162 28.37 47.51 15.86
CA LEU D 162 27.27 46.74 16.41
C LEU D 162 27.68 46.04 17.69
N TYR D 163 28.64 45.12 17.61
CA TYR D 163 29.02 44.24 18.71
C TYR D 163 29.56 44.97 19.93
N GLN D 164 29.98 46.22 19.78
CA GLN D 164 30.42 46.94 20.97
C GLN D 164 29.25 47.50 21.76
N TYR D 165 28.21 48.01 21.08
CA TYR D 165 27.13 48.62 21.85
C TYR D 165 25.75 48.34 21.27
N ALA D 166 25.54 47.19 20.63
CA ALA D 166 24.18 46.78 20.28
C ALA D 166 23.77 45.47 20.92
N ASP D 167 24.42 45.05 21.99
CA ASP D 167 23.97 43.88 22.75
C ASP D 167 22.95 44.25 23.82
N ASN D 168 21.94 45.03 23.40
CA ASN D 168 20.97 45.56 24.34
C ASN D 168 19.96 44.53 24.78
N ASP D 169 19.73 43.50 23.95
CA ASP D 169 18.75 42.40 24.12
C ASP D 169 17.38 42.88 24.60
N ASP D 170 16.98 44.06 24.14
CA ASP D 170 15.73 44.69 24.54
C ASP D 170 14.57 44.28 23.65
N TYR D 171 14.86 43.96 22.39
CA TYR D 171 13.86 43.42 21.48
C TYR D 171 13.29 42.12 22.00
N GLY D 172 14.12 41.35 22.70
CA GLY D 172 13.73 40.12 23.37
C GLY D 172 12.83 40.31 24.59
N LEU D 173 12.51 41.55 24.93
CA LEU D 173 11.38 41.83 25.80
C LEU D 173 10.29 42.61 25.09
N TYR D 174 10.70 43.36 24.05
CA TYR D 174 9.76 44.19 23.31
C TYR D 174 8.72 43.34 22.59
N VAL D 175 9.13 42.17 22.09
CA VAL D 175 8.16 41.31 21.43
C VAL D 175 7.21 40.71 22.45
N ASP D 176 7.65 40.53 23.70
CA ASP D 176 6.78 40.02 24.74
C ASP D 176 5.72 41.05 25.10
N TRP D 177 6.13 42.31 25.28
CA TRP D 177 5.12 43.33 25.55
C TRP D 177 4.23 43.61 24.36
N CYS D 178 4.73 43.43 23.14
CA CYS D 178 3.84 43.55 21.98
C CYS D 178 2.89 42.38 21.87
N VAL D 179 3.23 41.22 22.43
CA VAL D 179 2.41 40.05 22.20
C VAL D 179 1.44 39.78 23.35
N THR D 180 1.69 40.31 24.56
CA THR D 180 0.82 39.91 25.66
C THR D 180 0.00 41.04 26.28
N VAL D 181 0.31 42.31 26.01
CA VAL D 181 -0.55 43.40 26.50
C VAL D 181 -0.85 44.37 25.37
N GLY D 182 -0.16 44.23 24.25
CA GLY D 182 -0.45 45.08 23.11
C GLY D 182 0.17 46.46 23.17
N LEU D 183 1.12 46.66 24.07
CA LEU D 183 1.82 47.94 24.21
C LEU D 183 3.09 47.68 25.00
N VAL D 184 4.01 48.62 24.96
CA VAL D 184 5.31 48.44 25.59
C VAL D 184 5.61 49.63 26.49
N PRO D 185 6.00 49.39 27.74
CA PRO D 185 6.60 50.46 28.54
C PRO D 185 8.08 50.54 28.26
N LEU D 186 8.59 51.76 28.15
CA LEU D 186 9.97 51.96 27.70
C LEU D 186 10.47 53.31 28.20
N LEU D 187 11.74 53.34 28.61
CA LEU D 187 12.34 54.53 29.18
C LEU D 187 13.38 55.08 28.22
N ASP D 188 13.54 56.40 28.24
CA ASP D 188 14.53 57.10 27.41
C ASP D 188 15.66 57.60 28.31
N VAL D 189 16.73 56.81 28.39
CA VAL D 189 17.88 57.19 29.22
C VAL D 189 18.66 58.32 28.54
N LYS D 190 18.87 59.40 29.27
CA LYS D 190 19.61 60.56 28.79
C LYS D 190 20.88 60.68 29.62
N THR D 191 21.97 61.08 28.98
CA THR D 191 23.26 61.26 29.62
C THR D 191 23.83 62.62 29.23
N LYS D 192 25.03 62.89 29.73
CA LYS D 192 25.78 64.07 29.34
C LYS D 192 26.21 63.92 27.88
N PRO D 193 26.34 65.02 27.14
CA PRO D 193 26.82 64.92 25.74
C PRO D 193 28.30 64.57 25.60
N SER D 194 29.02 64.27 26.68
CA SER D 194 30.37 63.74 26.56
C SER D 194 30.36 62.33 25.98
N GLU D 195 29.30 61.57 26.23
CA GLU D 195 29.16 60.24 25.68
C GLU D 195 28.96 60.26 24.18
N ALA D 196 28.33 61.31 23.66
CA ALA D 196 28.27 61.51 22.21
C ALA D 196 29.66 61.72 21.65
N ALA D 197 30.53 62.44 22.37
CA ALA D 197 31.91 62.60 21.96
C ALA D 197 32.68 61.29 22.08
N GLU D 198 32.33 60.45 23.05
CA GLU D 198 32.92 59.12 23.16
C GLU D 198 32.60 58.28 21.93
N ARG D 199 31.34 58.29 21.50
CA ARG D 199 30.97 57.52 20.32
C ARG D 199 31.55 58.12 19.04
N ALA D 200 31.62 59.46 18.97
CA ALA D 200 32.17 60.12 17.79
C ALA D 200 33.67 59.92 17.69
N GLN D 201 34.34 59.71 18.82
CA GLN D 201 35.74 59.29 18.80
C GLN D 201 35.85 57.84 18.40
N PHE D 202 34.95 56.99 18.94
CA PHE D 202 35.06 55.55 18.74
C PHE D 202 34.82 55.13 17.29
N VAL D 203 33.97 55.88 16.58
CA VAL D 203 33.65 55.50 15.21
C VAL D 203 34.83 55.71 14.28
N ARG D 204 35.75 56.62 14.63
CA ARG D 204 36.91 56.86 13.79
C ARG D 204 37.91 55.70 13.87
N ALA D 205 38.17 55.22 15.09
CA ALA D 205 39.02 54.03 15.24
C ALA D 205 38.30 52.79 14.73
N ALA D 206 36.97 52.82 14.70
CA ALA D 206 36.21 51.74 14.08
C ALA D 206 36.42 51.72 12.56
N VAL D 207 36.34 52.88 11.92
CA VAL D 207 36.45 52.91 10.46
C VAL D 207 37.92 52.91 10.02
N GLN D 208 38.85 52.99 10.97
CA GLN D 208 40.25 52.80 10.62
C GLN D 208 40.54 51.37 10.20
N ARG D 209 39.76 50.41 10.69
CA ARG D 209 39.90 49.03 10.24
C ARG D 209 39.46 48.87 8.79
N ALA D 210 38.52 49.71 8.34
CA ALA D 210 38.16 49.71 6.93
C ALA D 210 39.12 50.56 6.12
N THR D 211 39.72 51.56 6.76
CA THR D 211 40.71 52.41 6.10
C THR D 211 41.96 51.62 5.76
N GLU D 212 42.40 50.74 6.66
CA GLU D 212 43.53 49.88 6.38
C GLU D 212 43.18 48.86 5.29
N THR D 213 41.94 48.35 5.31
CA THR D 213 41.54 47.35 4.33
C THR D 213 41.38 47.97 2.95
N HIS D 214 40.66 49.09 2.87
CA HIS D 214 40.33 49.69 1.59
C HIS D 214 40.42 51.21 1.65
N PRO D 215 41.14 51.83 0.73
CA PRO D 215 41.08 53.30 0.64
C PRO D 215 39.76 53.80 0.09
N LEU D 216 39.14 53.06 -0.83
CA LEU D 216 37.95 53.57 -1.50
C LEU D 216 36.70 53.39 -0.65
N ALA D 217 36.76 52.50 0.34
CA ALA D 217 35.59 52.27 1.18
C ALA D 217 35.39 53.41 2.17
N GLN D 218 36.45 54.13 2.49
CA GLN D 218 36.37 55.16 3.53
C GLN D 218 35.64 56.39 3.03
N ASP D 219 35.52 56.54 1.72
CA ASP D 219 34.90 57.74 1.15
C ASP D 219 33.39 57.74 1.37
N LEU D 220 32.77 56.55 1.35
CA LEU D 220 31.35 56.48 1.67
C LEU D 220 31.11 56.71 3.15
N LEU D 221 32.01 56.21 4.00
CA LEU D 221 31.84 56.32 5.43
C LEU D 221 32.06 57.76 5.89
N GLN D 222 33.00 58.47 5.27
CA GLN D 222 33.21 59.86 5.63
C GLN D 222 32.08 60.74 5.11
N ALA D 223 31.32 60.24 4.13
CA ALA D 223 30.13 60.95 3.67
C ALA D 223 28.96 60.72 4.63
N ASN D 224 28.75 59.47 5.05
CA ASN D 224 27.58 59.10 5.81
C ASN D 224 27.87 58.86 7.28
N LEU D 225 28.96 59.44 7.80
CA LEU D 225 29.25 59.32 9.23
C LEU D 225 28.19 59.97 10.09
N ALA D 226 27.51 60.99 9.56
CA ALA D 226 26.39 61.59 10.28
C ALA D 226 25.27 60.59 10.48
N LEU D 227 24.94 59.82 9.45
CA LEU D 227 23.94 58.77 9.58
C LEU D 227 24.42 57.66 10.50
N LEU D 228 25.72 57.35 10.44
CA LEU D 228 26.28 56.31 11.31
C LEU D 228 26.19 56.71 12.78
N LEU D 229 26.61 57.93 13.12
CA LEU D 229 26.52 58.38 14.49
C LEU D 229 25.07 58.61 14.89
N GLN D 230 24.20 58.90 13.92
CA GLN D 230 22.78 59.06 14.21
C GLN D 230 22.17 57.74 14.65
N VAL D 231 22.42 56.66 13.91
CA VAL D 231 21.86 55.37 14.30
C VAL D 231 22.59 54.80 15.51
N ALA D 232 23.83 55.22 15.74
CA ALA D 232 24.53 54.77 16.94
C ALA D 232 23.99 55.45 18.18
N GLU D 233 23.70 56.75 18.09
CA GLU D 233 23.17 57.48 19.24
C GLU D 233 21.73 57.08 19.52
N ARG D 234 20.92 56.95 18.47
CA ARG D 234 19.54 56.53 18.65
C ARG D 234 19.47 55.06 19.04
N LEU D 235 20.52 54.30 18.75
CA LEU D 235 20.58 52.92 19.22
C LEU D 235 20.69 52.84 20.73
N GLY D 236 21.63 53.57 21.32
CA GLY D 236 21.79 53.56 22.75
C GLY D 236 20.97 54.58 23.50
N ALA D 237 19.94 55.13 22.87
CA ALA D 237 19.16 56.17 23.54
C ALA D 237 18.02 55.59 24.36
N VAL D 238 17.32 54.57 23.84
CA VAL D 238 16.07 54.11 24.41
C VAL D 238 16.23 52.67 24.85
N ARG D 239 15.64 52.36 26.01
CA ARG D 239 15.65 51.02 26.58
C ARG D 239 14.23 50.45 26.65
N VAL D 240 14.11 49.25 27.20
CA VAL D 240 12.87 48.51 27.26
C VAL D 240 12.24 48.58 28.64
N ALA D 241 12.91 49.26 29.58
CA ALA D 241 12.44 49.51 30.95
C ALA D 241 12.19 48.22 31.73
N ASN D 242 13.27 47.46 31.93
CA ASN D 242 13.23 46.33 32.86
C ASN D 242 13.72 46.82 34.22
N ALA D 243 12.80 47.41 34.96
CA ALA D 243 13.07 47.87 36.31
C ALA D 243 11.88 47.49 37.16
N PRO D 244 12.12 47.02 38.39
CA PRO D 244 11.00 46.58 39.24
C PRO D 244 10.17 47.75 39.71
N GLU D 245 8.95 47.42 40.14
CA GLU D 245 7.96 48.37 40.65
C GLU D 245 7.61 49.44 39.61
N VAL D 246 7.52 49.02 38.36
CA VAL D 246 6.98 49.85 37.31
C VAL D 246 5.47 49.74 37.40
N ARG D 247 4.75 50.71 36.83
CA ARG D 247 3.31 50.64 36.83
C ARG D 247 2.75 51.38 35.61
N VAL D 248 1.88 50.71 34.87
CA VAL D 248 1.16 51.31 33.75
C VAL D 248 -0.33 51.10 34.00
N PHE D 249 -1.14 51.96 33.40
CA PHE D 249 -2.56 52.05 33.71
C PHE D 249 -3.30 52.77 32.59
N LYS D 250 -4.61 52.91 32.75
CA LYS D 250 -5.43 53.67 31.82
C LYS D 250 -6.25 54.70 32.58
N LYS D 251 -6.09 55.97 32.20
CA LYS D 251 -6.87 57.03 32.83
C LYS D 251 -8.30 56.99 32.33
N VAL D 252 -9.26 56.98 33.26
CA VAL D 252 -10.64 56.67 32.89
C VAL D 252 -11.37 57.87 32.28
N ARG D 253 -11.16 59.08 32.80
CA ARG D 253 -11.94 60.22 32.32
C ARG D 253 -11.42 60.71 30.98
N SER D 254 -10.11 60.77 30.82
CA SER D 254 -9.48 61.09 29.55
C SER D 254 -8.67 59.87 29.12
N GLU D 255 -9.07 59.25 28.00
CA GLU D 255 -8.53 57.97 27.57
C GLU D 255 -7.17 58.17 26.90
N ARG D 256 -6.20 58.57 27.72
CA ARG D 256 -4.84 58.89 27.30
C ARG D 256 -3.85 58.14 28.17
N LEU D 257 -4.03 56.82 28.22
CA LEU D 257 -3.30 55.88 29.08
C LEU D 257 -1.79 56.08 29.02
N GLU D 258 -1.15 55.98 30.18
CA GLU D 258 0.20 56.50 30.36
C GLU D 258 1.02 55.55 31.21
N ALA D 259 2.34 55.69 31.11
CA ALA D 259 3.28 54.89 31.87
C ALA D 259 4.08 55.77 32.81
N GLN D 260 4.29 55.31 34.03
CA GLN D 260 5.19 55.98 34.96
C GLN D 260 6.10 54.98 35.63
N LEU D 261 7.31 55.43 35.95
CA LEU D 261 8.33 54.61 36.59
C LEU D 261 8.74 55.29 37.88
N ARG D 262 8.44 54.62 39.00
CA ARG D 262 8.95 54.95 40.33
C ARG D 262 8.52 56.36 40.74
N GLY D 263 7.26 56.67 40.44
CA GLY D 263 6.71 57.98 40.71
C GLY D 263 6.94 59.01 39.63
N LYS D 264 7.76 58.71 38.63
CA LYS D 264 8.07 59.66 37.55
C LYS D 264 7.39 59.21 36.28
N HIS D 265 6.60 60.12 35.68
CA HIS D 265 5.91 59.81 34.44
C HIS D 265 6.92 59.71 33.29
N ILE D 266 6.77 58.67 32.46
CA ILE D 266 7.70 58.38 31.38
C ILE D 266 6.93 58.31 30.06
N ARG D 267 7.66 58.11 28.97
CA ARG D 267 7.04 57.90 27.67
C ARG D 267 6.65 56.43 27.52
N LEU D 268 5.70 56.16 26.63
CA LEU D 268 5.33 54.79 26.31
C LEU D 268 4.75 54.71 24.91
N TYR D 269 4.74 53.51 24.37
CA TYR D 269 4.22 53.22 23.04
C TYR D 269 3.01 52.32 23.17
N VAL D 270 2.07 52.45 22.24
CA VAL D 270 0.90 51.59 22.17
C VAL D 270 0.84 50.99 20.77
N ALA D 271 0.67 49.67 20.68
CA ALA D 271 0.51 48.99 19.41
C ALA D 271 -0.89 48.43 19.22
N ALA D 272 -1.47 47.89 20.28
CA ALA D 272 -2.82 47.33 20.24
C ALA D 272 -3.48 47.65 21.56
N GLU D 273 -4.27 48.71 21.58
CA GLU D 273 -4.95 49.11 22.81
C GLU D 273 -6.11 48.15 23.08
N PRO D 274 -6.28 47.70 24.32
CA PRO D 274 -7.37 46.77 24.61
C PRO D 274 -8.68 47.48 24.80
N LEU D 275 -9.76 46.72 24.61
CA LEU D 275 -11.11 47.26 24.69
C LEU D 275 -11.59 47.29 26.15
N ALA D 276 -12.39 48.30 26.48
CA ALA D 276 -12.78 48.58 27.86
C ALA D 276 -14.26 48.93 27.93
N TYR D 277 -14.98 48.30 28.86
CA TYR D 277 -16.43 48.43 28.99
C TYR D 277 -16.80 48.45 30.47
N GLU D 278 -18.08 48.20 30.75
CA GLU D 278 -18.60 48.26 32.12
C GLU D 278 -17.96 47.21 33.01
N ARG D 279 -17.51 46.10 32.43
CA ARG D 279 -16.54 45.28 33.13
C ARG D 279 -15.28 46.13 33.28
N ASP D 280 -15.06 46.65 34.49
CA ASP D 280 -14.04 47.67 34.68
C ASP D 280 -12.64 47.07 34.61
N LYS D 281 -12.53 45.77 34.86
CA LYS D 281 -11.37 45.05 34.33
C LYS D 281 -11.58 44.81 32.84
N LEU D 282 -10.69 45.37 32.04
CA LEU D 282 -10.88 45.44 30.60
C LEU D 282 -10.23 44.25 29.93
N LEU D 283 -10.77 43.89 28.77
CA LEU D 283 -10.41 42.66 28.09
C LEU D 283 -9.49 42.98 26.93
N PHE D 284 -8.50 42.11 26.72
CA PHE D 284 -7.42 42.38 25.79
C PHE D 284 -7.68 41.75 24.43
N THR D 285 -7.15 42.38 23.39
CA THR D 285 -7.21 41.86 22.03
C THR D 285 -5.91 41.20 21.62
N THR D 286 -4.98 41.06 22.55
CA THR D 286 -3.65 40.58 22.23
C THR D 286 -3.69 39.07 21.95
N PRO D 287 -2.72 38.54 21.21
CA PRO D 287 -2.76 37.10 20.88
C PRO D 287 -2.62 36.16 22.07
N VAL D 288 -1.77 36.45 23.05
CA VAL D 288 -1.52 35.45 24.09
C VAL D 288 -2.68 35.36 25.06
N ALA D 289 -3.47 36.42 25.18
CA ALA D 289 -4.67 36.34 26.03
C ALA D 289 -5.76 35.50 25.40
N HIS D 290 -5.64 35.14 24.12
CA HIS D 290 -6.61 34.25 23.50
C HIS D 290 -6.45 32.82 23.99
N LEU D 291 -5.29 32.49 24.54
CA LEU D 291 -5.01 31.13 25.01
C LEU D 291 -4.54 31.10 26.46
N HIS D 292 -4.96 32.07 27.27
CA HIS D 292 -4.59 32.10 28.67
C HIS D 292 -5.27 30.98 29.45
N GLU D 293 -6.58 30.83 29.27
CA GLU D 293 -7.34 29.89 30.09
C GLU D 293 -7.03 28.44 29.75
N GLU D 294 -6.59 28.16 28.52
CA GLU D 294 -6.33 26.77 28.19
C GLU D 294 -5.01 26.30 28.77
N ILE D 295 -4.01 27.19 28.82
CA ILE D 295 -2.80 26.78 29.52
C ILE D 295 -3.03 26.80 31.03
N LEU D 296 -4.02 27.56 31.50
CA LEU D 296 -4.44 27.38 32.89
C LEU D 296 -5.07 26.01 33.10
N ARG D 297 -5.86 25.53 32.14
CA ARG D 297 -6.40 24.17 32.19
C ARG D 297 -5.30 23.13 32.20
N TYR D 298 -4.29 23.32 31.36
CA TYR D 298 -3.18 22.37 31.29
C TYR D 298 -2.38 22.36 32.58
N ASP D 299 -2.22 23.52 33.20
CA ASP D 299 -1.44 23.57 34.43
C ASP D 299 -2.21 22.97 35.60
N GLY D 300 -3.51 23.25 35.66
CA GLY D 300 -4.34 22.61 36.66
C GLY D 300 -4.40 21.11 36.49
N LEU D 301 -4.41 20.65 35.24
CA LEU D 301 -4.41 19.21 34.99
C LEU D 301 -3.06 18.60 35.30
N CYS D 302 -1.97 19.34 35.07
CA CYS D 302 -0.64 18.88 35.44
C CYS D 302 -0.51 18.68 36.94
N ARG D 303 -0.88 19.71 37.71
CA ARG D 303 -0.78 19.62 39.15
C ARG D 303 -1.76 18.60 39.70
N HIS D 304 -2.93 18.47 39.09
CA HIS D 304 -3.93 17.52 39.56
C HIS D 304 -3.49 16.09 39.31
N GLN D 305 -2.94 15.82 38.11
CA GLN D 305 -2.35 14.53 37.79
C GLN D 305 -1.24 14.17 38.75
N LYS D 306 -0.36 15.13 39.05
CA LYS D 306 0.73 14.87 39.97
C LYS D 306 0.23 14.57 41.37
N ILE D 307 -0.75 15.34 41.85
CA ILE D 307 -1.16 15.19 43.24
C ILE D 307 -2.04 13.96 43.40
N CYS D 308 -2.68 13.48 42.33
CA CYS D 308 -3.40 12.23 42.51
C CYS D 308 -2.49 11.03 42.34
N GLN D 309 -1.47 11.10 41.46
CA GLN D 309 -0.59 9.95 41.32
C GLN D 309 0.36 9.84 42.51
N LEU D 310 0.63 10.94 43.20
CA LEU D 310 1.31 10.84 44.49
C LEU D 310 0.35 10.59 45.65
N LEU D 311 -0.94 10.46 45.40
CA LEU D 311 -1.86 10.16 46.49
C LEU D 311 -2.01 8.67 46.71
N ASN D 312 -2.17 7.88 45.65
CA ASN D 312 -2.42 6.46 45.77
C ASN D 312 -1.19 5.61 45.46
N THR D 313 -0.02 6.05 45.91
CA THR D 313 1.21 5.31 45.66
C THR D 313 1.18 3.97 46.38
N PHE D 314 0.65 3.93 47.58
CA PHE D 314 0.60 2.72 48.38
C PHE D 314 -0.37 1.72 47.76
N PRO D 315 -0.03 0.43 47.81
CA PRO D 315 -0.86 -0.57 47.12
C PRO D 315 -2.25 -0.78 47.67
N VAL D 316 -2.40 -0.76 49.00
CA VAL D 316 -3.67 -1.14 49.60
C VAL D 316 -4.15 -0.06 50.56
N LYS D 317 -5.47 0.12 50.58
CA LYS D 317 -6.12 1.08 51.46
C LYS D 317 -7.21 0.36 52.22
N VAL D 318 -7.32 0.62 53.52
CA VAL D 318 -8.40 0.10 54.34
C VAL D 318 -9.14 1.28 54.95
N VAL D 319 -10.31 1.01 55.50
CA VAL D 319 -11.07 2.01 56.26
C VAL D 319 -11.38 1.40 57.62
N THR D 320 -11.62 2.26 58.61
CA THR D 320 -12.00 1.81 59.94
C THR D 320 -12.69 2.92 60.71
N ASP D 488 17.74 12.86 45.60
CA ASP D 488 18.05 11.64 46.32
C ASP D 488 18.03 10.43 45.40
N ALA D 489 19.15 10.19 44.74
CA ALA D 489 19.31 9.03 43.85
C ALA D 489 19.91 7.83 44.56
N GLU D 490 19.68 7.73 45.88
CA GLU D 490 20.28 6.67 46.66
C GLU D 490 19.64 5.31 46.35
N LEU D 491 18.38 5.32 45.91
CA LEU D 491 17.64 4.07 45.71
C LEU D 491 18.21 3.23 44.57
N TYR D 492 18.80 3.87 43.58
CA TYR D 492 19.38 3.14 42.47
C TYR D 492 20.70 2.49 42.88
N HIS D 493 21.47 3.18 43.72
CA HIS D 493 22.85 2.75 44.02
C HIS D 493 22.87 1.49 44.86
N LEU D 494 22.09 1.45 45.93
CA LEU D 494 22.17 0.33 46.86
C LEU D 494 21.41 -0.87 46.29
N PRO D 495 21.79 -2.09 46.66
CA PRO D 495 21.06 -3.27 46.20
C PRO D 495 19.66 -3.32 46.79
N VAL D 496 18.82 -4.20 46.20
CA VAL D 496 17.39 -4.16 46.46
C VAL D 496 17.03 -4.61 47.87
N LEU D 497 17.96 -5.25 48.58
CA LEU D 497 17.61 -5.77 49.89
C LEU D 497 17.62 -4.69 50.96
N GLU D 498 18.30 -3.58 50.72
CA GLU D 498 18.12 -2.40 51.55
C GLU D 498 16.97 -1.54 51.04
N ALA D 499 16.69 -1.62 49.74
CA ALA D 499 15.61 -0.84 49.14
C ALA D 499 14.24 -1.33 49.61
N VAL D 500 14.09 -2.64 49.79
CA VAL D 500 12.82 -3.18 50.26
C VAL D 500 12.62 -2.81 51.73
N ARG D 501 13.71 -2.63 52.47
CA ARG D 501 13.60 -2.13 53.84
C ARG D 501 13.25 -0.66 53.88
N LYS D 502 13.89 0.13 53.00
CA LYS D 502 13.74 1.58 53.05
C LYS D 502 12.45 2.08 52.43
N ALA D 503 11.93 1.41 51.40
CA ALA D 503 10.69 1.84 50.80
C ALA D 503 9.49 1.48 51.65
N ARG D 504 9.50 0.29 52.26
CA ARG D 504 8.42 -0.13 53.14
C ARG D 504 8.31 0.77 54.37
N ASP D 505 9.45 1.23 54.88
CA ASP D 505 9.47 2.19 55.97
C ASP D 505 9.34 3.63 55.49
N ALA D 506 9.50 3.87 54.19
CA ALA D 506 9.60 5.23 53.68
C ALA D 506 8.25 5.88 53.49
N ALA D 507 7.34 5.23 52.75
CA ALA D 507 5.96 5.67 52.61
C ALA D 507 5.17 4.75 53.53
N PRO D 508 4.85 5.21 54.74
CA PRO D 508 4.19 4.32 55.70
C PRO D 508 2.74 4.08 55.35
N PHE D 509 2.27 2.89 55.70
CA PHE D 509 0.85 2.59 55.66
C PHE D 509 0.16 3.45 56.70
N ARG D 510 -0.88 4.17 56.29
CA ARG D 510 -1.68 4.94 57.22
C ARG D 510 -3.15 4.80 56.90
N PRO D 511 -3.95 4.27 57.81
CA PRO D 511 -5.39 4.15 57.56
C PRO D 511 -6.13 5.47 57.71
N LEU D 512 -7.45 5.43 57.64
CA LEU D 512 -8.26 6.62 57.79
C LEU D 512 -9.60 6.24 58.41
N ALA D 513 -10.09 7.08 59.32
CA ALA D 513 -11.20 6.69 60.18
C ALA D 513 -11.87 7.92 60.76
N VAL D 514 -13.20 7.92 60.74
CA VAL D 514 -14.02 8.87 61.51
C VAL D 514 -15.06 8.05 62.28
N GLU D 515 -15.32 8.45 63.52
CA GLU D 515 -16.25 7.72 64.38
C GLU D 515 -17.69 7.98 63.95
N ASP D 516 -18.50 6.92 63.89
CA ASP D 516 -19.93 7.01 63.65
C ASP D 516 -20.61 5.77 64.19
N ASN D 517 -21.46 5.95 65.19
CA ASN D 517 -22.06 4.84 65.93
C ASN D 517 -23.39 4.45 65.30
N ARG D 518 -23.60 3.14 65.14
CA ARG D 518 -24.77 2.48 64.54
C ARG D 518 -25.05 2.95 63.11
N LEU D 519 -24.05 3.51 62.43
CA LEU D 519 -24.09 3.82 61.01
C LEU D 519 -22.71 3.50 60.47
N VAL D 520 -22.60 2.39 59.75
CA VAL D 520 -21.31 1.80 59.45
C VAL D 520 -20.95 2.10 58.00
N ALA D 521 -19.72 1.77 57.63
CA ALA D 521 -19.19 2.16 56.34
C ALA D 521 -19.63 1.20 55.24
N ASN D 522 -19.89 1.76 54.06
CA ASN D 522 -20.03 0.98 52.84
C ASN D 522 -19.17 1.64 51.77
N SER D 523 -18.18 0.92 51.27
CA SER D 523 -17.03 1.52 50.63
C SER D 523 -17.12 1.46 49.11
N PHE D 524 -16.41 2.39 48.48
CA PHE D 524 -16.16 2.35 47.05
C PHE D 524 -14.73 2.80 46.80
N PHE D 525 -14.31 2.70 45.55
CA PHE D 525 -12.89 2.84 45.22
C PHE D 525 -12.74 3.26 43.77
N SER D 526 -11.78 4.15 43.52
CA SER D 526 -11.48 4.66 42.20
C SER D 526 -9.97 4.70 42.04
N GLN D 527 -9.47 4.25 40.90
CA GLN D 527 -8.07 4.38 40.54
C GLN D 527 -7.99 4.85 39.10
N PHE D 528 -7.64 6.11 38.93
CA PHE D 528 -7.38 6.64 37.60
C PHE D 528 -6.47 7.84 37.68
N VAL D 529 -5.76 8.07 36.59
CA VAL D 529 -4.98 9.29 36.39
C VAL D 529 -5.58 9.99 35.17
N PRO D 530 -5.52 11.31 35.09
CA PRO D 530 -6.04 11.99 33.90
C PRO D 530 -5.05 11.90 32.75
N GLY D 531 -5.59 11.69 31.54
CA GLY D 531 -4.74 11.57 30.37
C GLY D 531 -4.22 12.91 29.92
N THR D 532 -2.92 13.15 30.17
CA THR D 532 -2.36 14.47 29.90
C THR D 532 -2.03 14.64 28.42
N GLU D 533 -1.76 13.54 27.73
CA GLU D 533 -1.18 13.61 26.39
C GLU D 533 -2.18 14.12 25.36
N SER D 534 -3.45 13.78 25.50
CA SER D 534 -4.46 14.19 24.52
C SER D 534 -4.62 15.70 24.50
N LEU D 535 -4.96 16.31 25.63
CA LEU D 535 -5.09 17.75 25.65
C LEU D 535 -3.75 18.46 25.58
N GLU D 536 -2.64 17.77 25.88
CA GLU D 536 -1.33 18.32 25.58
C GLU D 536 -1.17 18.54 24.09
N ARG D 537 -1.47 17.52 23.29
CA ARG D 537 -1.38 17.64 21.84
C ARG D 537 -2.36 18.68 21.33
N PHE D 538 -3.54 18.76 21.95
CA PHE D 538 -4.53 19.77 21.62
C PHE D 538 -3.98 21.17 21.85
N LEU D 539 -3.33 21.40 22.98
CA LEU D 539 -2.84 22.74 23.29
C LEU D 539 -1.62 23.09 22.46
N THR D 540 -0.78 22.11 22.12
CA THR D 540 0.36 22.41 21.26
C THR D 540 -0.10 22.74 19.85
N GLN D 541 -1.12 22.03 19.36
CA GLN D 541 -1.67 22.35 18.05
C GLN D 541 -2.36 23.71 18.07
N LEU D 542 -3.00 24.06 19.19
CA LEU D 542 -3.63 25.37 19.31
C LEU D 542 -2.59 26.49 19.33
N TRP D 543 -1.51 26.28 20.09
CA TRP D 543 -0.42 27.24 20.13
C TRP D 543 0.22 27.41 18.75
N GLU D 544 0.40 26.29 18.04
CA GLU D 544 1.04 26.33 16.73
C GLU D 544 0.18 27.06 15.72
N ASN D 545 -1.12 26.72 15.67
CA ASN D 545 -2.02 27.40 14.76
C ASN D 545 -2.20 28.86 15.12
N GLU D 546 -2.17 29.21 16.41
CA GLU D 546 -2.34 30.58 16.82
C GLU D 546 -1.17 31.44 16.37
N TYR D 547 0.05 31.01 16.69
CA TYR D 547 1.22 31.77 16.28
C TYR D 547 1.41 31.77 14.77
N PHE D 548 0.96 30.71 14.09
CA PHE D 548 1.06 30.72 12.63
C PHE D 548 0.08 31.69 12.01
N ARG D 549 -1.10 31.83 12.60
CA ARG D 549 -2.06 32.75 12.00
C ARG D 549 -1.72 34.20 12.30
N THR D 550 -1.30 34.51 13.54
CA THR D 550 -1.12 35.92 13.86
C THR D 550 0.12 36.52 13.22
N PHE D 551 1.18 35.75 13.03
CA PHE D 551 2.32 36.15 12.23
C PHE D 551 2.60 35.00 11.29
N ARG D 552 2.67 35.29 9.99
CA ARG D 552 2.67 34.23 8.98
C ARG D 552 4.06 33.62 8.86
N LEU D 553 4.41 32.80 9.85
CA LEU D 553 5.69 32.12 9.89
C LEU D 553 5.76 31.05 8.79
N ARG D 554 6.95 30.80 8.28
CA ARG D 554 7.11 29.79 7.25
C ARG D 554 7.74 28.52 7.81
N ARG D 555 7.59 27.43 7.08
CA ARG D 555 8.28 26.17 7.37
C ARG D 555 9.00 25.72 6.11
N LEU D 556 10.20 26.21 5.90
CA LEU D 556 11.01 25.69 4.81
C LEU D 556 11.64 24.38 5.24
N VAL D 557 11.32 23.30 4.52
CA VAL D 557 11.80 21.96 4.85
C VAL D 557 12.28 21.30 3.57
N THR D 558 12.91 20.13 3.74
CA THR D 558 13.19 19.27 2.60
C THR D 558 11.95 18.45 2.26
N HIS D 559 12.08 17.64 1.21
CA HIS D 559 11.03 16.67 0.90
C HIS D 559 10.97 15.62 2.00
N GLN D 560 9.75 15.19 2.31
CA GLN D 560 9.33 14.43 3.51
C GLN D 560 9.98 14.91 4.80
N GLY D 561 10.16 16.23 4.93
CA GLY D 561 10.79 16.81 6.10
C GLY D 561 9.77 17.52 6.96
N ALA D 562 9.88 17.31 8.27
CA ALA D 562 8.95 17.90 9.23
C ALA D 562 9.71 18.85 10.15
N GLU D 563 9.25 20.11 10.19
CA GLU D 563 9.74 21.24 11.01
C GLU D 563 11.27 21.33 11.06
N GLU D 564 11.86 21.47 9.88
CA GLU D 564 13.31 21.64 9.78
C GLU D 564 13.73 23.01 10.29
N ALA D 565 13.07 24.06 9.84
CA ALA D 565 13.45 25.41 10.24
C ALA D 565 12.24 26.33 10.12
N ILE D 566 12.12 27.26 11.06
CA ILE D 566 11.07 28.27 11.07
C ILE D 566 11.77 29.62 11.05
N VAL D 567 11.20 30.58 10.32
CA VAL D 567 11.86 31.87 10.11
C VAL D 567 10.78 32.93 9.87
N TYR D 568 11.12 34.17 10.20
CA TYR D 568 10.25 35.32 9.95
C TYR D 568 9.97 35.47 8.46
N SER D 569 8.77 35.94 8.14
CA SER D 569 8.38 36.14 6.77
C SER D 569 7.89 37.57 6.57
N ASN D 570 7.26 37.80 5.41
CA ASN D 570 7.04 39.15 4.91
C ASN D 570 6.08 39.94 5.79
N TYR D 571 4.97 39.33 6.19
CA TYR D 571 4.03 40.02 7.05
C TYR D 571 4.59 40.19 8.46
N THR D 572 5.44 39.26 8.89
CA THR D 572 5.91 39.23 10.26
C THR D 572 6.81 40.41 10.58
N VAL D 573 7.76 40.70 9.70
CA VAL D 573 8.68 41.81 9.92
C VAL D 573 7.94 43.14 9.88
N GLU D 574 6.95 43.27 9.01
CA GLU D 574 6.13 44.47 8.99
C GLU D 574 5.33 44.62 10.26
N ARG D 575 4.88 43.51 10.86
CA ARG D 575 4.07 43.66 12.05
C ARG D 575 4.92 43.95 13.29
N VAL D 576 6.12 43.37 13.43
CA VAL D 576 6.86 43.51 14.68
C VAL D 576 8.11 44.37 14.54
N THR D 577 8.90 44.23 13.46
CA THR D 577 10.21 44.86 13.43
C THR D 577 10.11 46.35 13.10
N LEU D 578 9.33 46.68 12.08
CA LEU D 578 9.16 48.08 11.70
C LEU D 578 8.48 48.96 12.74
N PRO D 579 7.57 48.47 13.61
CA PRO D 579 7.19 49.33 14.75
C PRO D 579 8.32 49.61 15.71
N TYR D 580 9.25 48.66 15.88
CA TYR D 580 10.40 48.90 16.75
C TYR D 580 11.26 50.03 16.20
N LEU D 581 11.52 50.01 14.89
CA LEU D 581 12.30 51.07 14.30
C LEU D 581 11.48 52.34 14.12
N CYS D 582 10.15 52.22 14.16
CA CYS D 582 9.28 53.40 14.16
C CYS D 582 9.42 54.18 15.46
N HIS D 583 9.35 53.49 16.60
CA HIS D 583 9.55 54.21 17.85
C HIS D 583 11.02 54.53 18.12
N ILE D 584 11.95 53.77 17.53
CA ILE D 584 13.37 54.12 17.58
C ILE D 584 13.67 55.43 16.85
N LEU D 585 12.84 55.78 15.86
CA LEU D 585 12.94 57.00 15.03
C LEU D 585 14.23 57.01 14.21
N ALA D 586 14.75 55.84 13.90
CA ALA D 586 15.72 55.73 12.81
C ALA D 586 15.06 55.32 11.50
N LEU D 587 13.74 55.11 11.52
CA LEU D 587 12.99 54.52 10.42
C LEU D 587 12.95 55.38 9.16
N GLY D 588 13.35 56.65 9.24
CA GLY D 588 13.22 57.57 8.13
C GLY D 588 14.10 57.28 6.94
N THR D 589 15.04 56.33 7.05
CA THR D 589 15.94 56.01 5.96
C THR D 589 15.94 54.55 5.56
N LEU D 590 15.76 53.63 6.49
CA LEU D 590 16.00 52.21 6.31
C LEU D 590 14.87 51.55 5.51
N ASP D 591 14.94 50.23 5.43
CA ASP D 591 14.05 49.44 4.58
C ASP D 591 13.97 48.04 5.16
N PRO D 592 12.80 47.41 5.09
CA PRO D 592 12.68 46.02 5.57
C PRO D 592 13.45 45.05 4.69
N VAL D 593 13.96 44.00 5.31
CA VAL D 593 14.86 43.05 4.66
C VAL D 593 14.04 42.00 3.91
N PRO D 594 14.51 41.50 2.77
CA PRO D 594 13.93 40.29 2.19
C PRO D 594 14.11 39.08 3.11
N GLU D 595 13.30 38.06 2.84
CA GLU D 595 13.05 37.03 3.84
C GLU D 595 14.07 35.91 3.76
N ALA D 596 14.39 35.45 2.54
CA ALA D 596 15.52 34.55 2.38
C ALA D 596 16.83 35.26 2.67
N TYR D 597 16.86 36.58 2.51
CA TYR D 597 18.02 37.38 2.90
C TYR D 597 18.20 37.37 4.40
N LEU D 598 17.10 37.21 5.15
CA LEU D 598 17.19 37.14 6.61
C LEU D 598 17.86 35.84 7.07
N GLN D 599 17.65 34.75 6.34
CA GLN D 599 18.22 33.47 6.71
C GLN D 599 19.74 33.44 6.54
N LEU D 600 20.27 34.28 5.66
CA LEU D 600 21.67 34.25 5.24
C LEU D 600 22.58 34.77 6.36
N SER D 601 23.87 34.86 6.03
CA SER D 601 24.92 35.10 7.01
C SER D 601 24.91 36.54 7.50
N PHE D 602 25.73 36.77 8.53
CA PHE D 602 25.96 38.11 9.04
C PHE D 602 26.84 38.90 8.08
N GLY D 603 27.62 38.20 7.26
CA GLY D 603 28.55 38.86 6.37
C GLY D 603 28.18 38.74 4.91
N GLU D 604 27.55 37.64 4.53
CA GLU D 604 27.17 37.42 3.14
C GLU D 604 25.99 38.29 2.73
N ILE D 605 25.27 38.85 3.71
CA ILE D 605 24.06 39.63 3.47
C ILE D 605 24.36 40.91 2.67
N VAL D 606 25.52 41.52 2.88
CA VAL D 606 25.80 42.77 2.19
C VAL D 606 26.19 42.52 0.74
N ALA D 607 26.72 41.34 0.45
CA ALA D 607 27.08 40.99 -0.92
C ALA D 607 25.84 40.83 -1.78
N ALA D 608 24.72 40.46 -1.16
CA ALA D 608 23.44 40.52 -1.85
C ALA D 608 22.77 41.88 -1.73
N ALA D 609 23.14 42.66 -0.72
CA ALA D 609 22.50 43.95 -0.51
C ALA D 609 22.92 44.95 -1.59
N TYR D 610 24.21 45.02 -1.91
CA TYR D 610 24.53 45.87 -3.05
C TYR D 610 24.28 45.17 -4.38
N ASP D 611 24.08 43.86 -4.38
CA ASP D 611 23.62 43.19 -5.61
C ASP D 611 22.22 43.65 -5.95
N ASP D 612 21.38 43.87 -4.94
CA ASP D 612 20.09 44.50 -5.16
C ASP D 612 20.26 45.95 -5.63
N SER D 613 21.28 46.64 -5.12
CA SER D 613 21.51 48.03 -5.48
C SER D 613 22.08 48.14 -6.90
N LYS D 614 22.18 49.38 -7.36
CA LYS D 614 22.73 49.69 -8.68
C LYS D 614 24.25 49.79 -8.66
N PHE D 615 24.89 49.34 -7.59
CA PHE D 615 26.33 49.47 -7.46
C PHE D 615 27.06 48.56 -8.44
N CYS D 616 26.85 47.25 -8.33
CA CYS D 616 27.43 46.35 -9.31
C CYS D 616 26.65 46.33 -10.62
N ARG D 617 25.44 46.89 -10.63
CA ARG D 617 24.74 47.09 -11.90
C ARG D 617 25.37 48.18 -12.73
N TYR D 618 26.10 49.11 -12.11
CA TYR D 618 26.84 50.09 -12.89
C TYR D 618 28.24 49.60 -13.22
N VAL D 619 28.72 48.60 -12.49
CA VAL D 619 29.92 47.88 -12.92
C VAL D 619 29.63 47.11 -14.20
N GLU D 620 28.38 46.65 -14.38
CA GLU D 620 27.94 46.14 -15.67
C GLU D 620 28.03 47.21 -16.76
N LEU D 621 27.70 48.45 -16.42
CA LEU D 621 27.72 49.50 -17.44
C LEU D 621 29.15 49.89 -17.78
N ILE D 622 30.04 49.95 -16.79
CA ILE D 622 31.44 50.26 -17.09
C ILE D 622 32.13 49.07 -17.76
N CYS D 623 31.67 47.84 -17.51
CA CYS D 623 32.10 46.68 -18.27
C CYS D 623 31.74 46.79 -19.75
N SER D 624 30.48 47.16 -20.03
CA SER D 624 30.06 47.34 -21.41
C SER D 624 30.79 48.50 -22.06
N ARG D 625 31.08 49.55 -21.29
CA ARG D 625 31.78 50.71 -21.84
C ARG D 625 33.24 50.38 -22.17
N GLU D 626 33.92 49.66 -21.27
CA GLU D 626 35.32 49.29 -21.53
C GLU D 626 35.42 48.30 -22.68
N LYS D 627 34.52 47.31 -22.72
CA LYS D 627 34.57 46.35 -23.81
C LYS D 627 34.15 46.98 -25.14
N ALA D 628 33.29 48.00 -25.12
CA ALA D 628 32.94 48.69 -26.36
C ALA D 628 34.07 49.59 -26.83
N ARG D 629 34.71 50.29 -25.88
CA ARG D 629 35.81 51.19 -26.20
C ARG D 629 37.02 50.41 -26.71
N ARG D 630 37.18 49.16 -26.31
CA ARG D 630 38.26 48.35 -26.86
C ARG D 630 37.85 47.53 -28.08
N ARG D 631 36.55 47.22 -28.24
CA ARG D 631 36.12 46.56 -29.47
C ARG D 631 36.15 47.52 -30.64
N GLN D 632 35.86 48.80 -30.41
CA GLN D 632 36.09 49.80 -31.43
C GLN D 632 37.58 50.07 -31.64
N MET D 633 38.40 49.84 -30.60
CA MET D 633 39.84 49.95 -30.77
C MET D 633 40.37 48.83 -31.65
N SER D 634 39.78 47.65 -31.57
CA SER D 634 40.17 46.56 -32.45
C SER D 634 39.48 46.67 -33.81
N ARG D 635 38.18 46.95 -33.82
CA ARG D 635 37.40 46.96 -35.05
C ARG D 635 36.66 48.29 -35.25
N ASP E 52 46.38 -52.40 33.44
CA ASP E 52 45.19 -51.56 33.44
C ASP E 52 45.57 -50.08 33.53
N GLU E 53 45.05 -49.30 32.57
CA GLU E 53 45.39 -47.88 32.46
C GLU E 53 44.11 -47.05 32.44
N ALA E 54 44.16 -45.88 33.08
CA ALA E 54 43.03 -44.95 33.07
C ALA E 54 43.10 -44.08 31.83
N VAL E 55 42.08 -44.16 30.99
CA VAL E 55 42.01 -43.40 29.73
C VAL E 55 40.57 -42.93 29.57
N ILE E 56 40.38 -41.63 29.39
CA ILE E 56 39.03 -41.07 29.33
C ILE E 56 38.42 -41.36 27.96
N ASP E 57 37.17 -41.78 27.96
CA ASP E 57 36.45 -42.22 26.77
C ASP E 57 35.52 -41.15 26.24
N ILE E 58 35.15 -41.27 24.97
CA ILE E 58 34.28 -40.29 24.34
C ILE E 58 33.04 -40.92 23.71
N PHE E 59 33.17 -42.16 23.23
CA PHE E 59 32.05 -42.66 22.43
C PHE E 59 30.81 -43.10 23.21
N PRO E 60 30.86 -44.15 24.08
CA PRO E 60 29.62 -44.84 24.46
C PRO E 60 28.95 -44.24 25.69
N THR E 61 28.83 -42.91 25.71
CA THR E 61 28.14 -42.23 26.79
C THR E 61 26.88 -41.56 26.25
N GLY E 62 26.00 -41.19 27.18
CA GLY E 62 24.68 -40.69 26.80
C GLY E 62 24.71 -39.40 26.02
N GLN E 63 25.62 -38.48 26.38
CA GLN E 63 25.79 -37.22 25.68
C GLN E 63 26.23 -37.42 24.23
N THR E 64 26.95 -38.48 23.92
CA THR E 64 27.45 -38.69 22.58
C THR E 64 26.72 -39.76 21.81
N MET E 65 26.26 -40.82 22.49
CA MET E 65 25.42 -41.79 21.81
C MET E 65 24.04 -41.20 21.52
N SER E 66 23.63 -40.23 22.33
CA SER E 66 22.41 -39.48 22.02
C SER E 66 22.56 -38.61 20.79
N PHE E 67 23.79 -38.25 20.42
CA PHE E 67 24.01 -37.29 19.34
C PHE E 67 23.62 -37.88 17.99
N LEU E 68 24.00 -39.12 17.74
CA LEU E 68 23.63 -39.75 16.47
C LEU E 68 22.14 -40.05 16.43
N ARG E 69 21.51 -40.19 17.61
CA ARG E 69 20.06 -40.37 17.65
C ARG E 69 19.35 -39.07 17.29
N LEU E 70 19.78 -37.95 17.87
CA LEU E 70 19.10 -36.69 17.62
C LEU E 70 19.38 -36.18 16.21
N LEU E 71 20.56 -36.48 15.68
CA LEU E 71 20.88 -36.00 14.34
C LEU E 71 20.03 -36.70 13.28
N HIS E 72 19.70 -37.97 13.51
CA HIS E 72 18.70 -38.65 12.70
C HIS E 72 17.34 -38.64 13.36
N GLY E 73 17.18 -37.88 14.43
CA GLY E 73 15.87 -37.58 14.96
C GLY E 73 15.13 -38.72 15.60
N PHE E 74 15.82 -39.53 16.40
CA PHE E 74 15.13 -40.58 17.15
C PHE E 74 14.19 -39.97 18.17
N LEU E 75 14.59 -38.88 18.80
CA LEU E 75 13.83 -38.26 19.87
C LEU E 75 13.43 -36.83 19.52
N GLY E 76 14.21 -36.15 18.69
CA GLY E 76 13.90 -34.77 18.37
C GLY E 76 14.07 -34.43 16.91
N THR E 77 13.07 -33.75 16.37
CA THR E 77 13.13 -33.27 15.00
C THR E 77 12.23 -32.06 14.82
N CYS E 78 12.47 -31.33 13.74
CA CYS E 78 11.78 -30.11 13.37
C CYS E 78 12.17 -29.85 11.92
N ARG E 79 11.87 -28.64 11.45
CA ARG E 79 12.26 -28.27 10.09
C ARG E 79 13.75 -28.04 9.93
N GLY E 80 14.55 -28.14 11.00
CA GLY E 80 15.97 -27.99 10.89
C GLY E 80 16.71 -29.18 10.32
N GLN E 81 16.15 -30.38 10.46
CA GLN E 81 16.92 -31.59 10.17
C GLN E 81 17.13 -31.78 8.68
N SER E 82 16.27 -31.18 7.85
CA SER E 82 16.42 -31.30 6.40
C SER E 82 17.67 -30.61 5.89
N MET E 83 18.18 -29.61 6.61
CA MET E 83 19.45 -29.01 6.21
C MET E 83 20.61 -29.94 6.52
N HIS E 84 20.46 -30.83 7.50
CA HIS E 84 21.44 -31.89 7.63
C HIS E 84 21.27 -32.90 6.51
N GLN E 85 20.04 -33.11 6.07
CA GLN E 85 19.75 -34.07 5.02
C GLN E 85 20.34 -33.65 3.70
N VAL E 86 20.36 -32.35 3.42
CA VAL E 86 20.98 -31.87 2.18
C VAL E 86 22.50 -31.91 2.30
N LEU E 87 23.03 -32.02 3.50
CA LEU E 87 24.47 -32.12 3.65
C LEU E 87 24.99 -33.54 3.46
N ARG E 88 24.18 -34.55 3.72
CA ARG E 88 24.64 -35.93 3.76
C ARG E 88 24.32 -36.65 2.45
N ASP E 89 24.16 -35.90 1.39
CA ASP E 89 23.88 -36.47 0.08
C ASP E 89 25.11 -37.15 -0.50
N PRO E 90 25.08 -38.46 -0.77
CA PRO E 90 26.27 -39.15 -1.26
C PRO E 90 26.58 -38.88 -2.71
N CYS E 91 25.70 -38.22 -3.44
CA CYS E 91 25.91 -38.07 -4.88
C CYS E 91 26.93 -37.00 -5.20
N VAL E 92 27.14 -36.03 -4.30
CA VAL E 92 28.17 -35.02 -4.53
C VAL E 92 29.55 -35.64 -4.43
N LEU E 93 29.70 -36.74 -3.69
CA LEU E 93 30.94 -37.50 -3.67
C LEU E 93 31.26 -38.08 -5.04
N ARG E 94 30.31 -38.80 -5.63
CA ARG E 94 30.56 -39.43 -6.92
C ARG E 94 30.73 -38.38 -8.00
N LYS E 95 30.04 -37.24 -7.89
CA LYS E 95 30.17 -36.18 -8.87
C LYS E 95 31.54 -35.51 -8.80
N GLN E 96 32.00 -35.21 -7.58
CA GLN E 96 33.30 -34.57 -7.41
C GLN E 96 34.44 -35.51 -7.81
N LEU E 97 34.30 -36.80 -7.50
CA LEU E 97 35.39 -37.72 -7.86
C LEU E 97 35.43 -37.95 -9.36
N LEU E 98 34.26 -38.02 -10.02
CA LEU E 98 34.30 -38.18 -11.47
C LEU E 98 34.80 -36.91 -12.14
N TYR E 99 34.50 -35.75 -11.55
CA TYR E 99 35.04 -34.50 -12.09
C TYR E 99 36.56 -34.46 -11.96
N GLY E 100 37.08 -34.89 -10.81
CA GLY E 100 38.52 -34.92 -10.63
C GLY E 100 39.21 -35.88 -11.57
N VAL E 101 38.62 -37.07 -11.75
CA VAL E 101 39.30 -38.05 -12.59
C VAL E 101 39.19 -37.64 -14.06
N CYS E 102 38.09 -36.99 -14.48
CA CYS E 102 38.03 -36.60 -15.89
C CYS E 102 38.85 -35.36 -16.17
N LYS E 103 39.01 -34.48 -15.17
CA LYS E 103 39.91 -33.35 -15.32
C LYS E 103 41.36 -33.83 -15.44
N THR E 104 41.72 -34.88 -14.70
CA THR E 104 43.04 -35.46 -14.91
C THR E 104 43.11 -36.23 -16.23
N LEU E 105 41.96 -36.68 -16.74
CA LEU E 105 41.96 -37.47 -17.98
C LEU E 105 42.19 -36.57 -19.19
N PHE E 106 41.42 -35.50 -19.29
CA PHE E 106 41.25 -34.85 -20.58
C PHE E 106 42.43 -33.98 -20.96
N ASP E 107 43.19 -33.49 -19.99
CA ASP E 107 44.23 -32.50 -20.28
C ASP E 107 45.53 -33.09 -20.82
N THR E 108 45.60 -34.41 -20.99
CA THR E 108 46.89 -35.05 -21.24
C THR E 108 47.37 -34.87 -22.67
N ILE E 109 46.56 -35.26 -23.66
CA ILE E 109 47.05 -35.41 -25.02
C ILE E 109 46.32 -34.39 -25.90
N THR E 110 46.06 -33.22 -25.29
CA THR E 110 45.32 -32.14 -25.95
C THR E 110 46.06 -31.60 -27.17
N VAL E 111 47.38 -31.61 -27.15
CA VAL E 111 48.15 -30.78 -28.07
C VAL E 111 48.47 -31.53 -29.37
N ARG E 112 48.54 -32.85 -29.32
CA ARG E 112 49.04 -33.57 -30.50
C ARG E 112 47.95 -34.39 -31.18
N ARG E 113 47.15 -35.10 -30.40
CA ARG E 113 46.26 -36.12 -30.95
C ARG E 113 45.10 -35.54 -31.77
N VAL E 114 44.77 -34.26 -31.59
CA VAL E 114 43.71 -33.65 -32.39
C VAL E 114 44.15 -33.53 -33.85
N ALA E 115 45.40 -33.13 -34.08
CA ALA E 115 45.91 -33.04 -35.44
C ALA E 115 46.16 -34.43 -36.02
N GLU E 116 46.43 -35.41 -35.15
CA GLU E 116 46.67 -36.76 -35.63
C GLU E 116 45.38 -37.46 -36.02
N GLU E 117 44.30 -37.21 -35.28
CA GLU E 117 43.04 -37.87 -35.61
C GLU E 117 42.17 -36.99 -36.50
N TRP E 118 42.69 -35.81 -36.88
CA TRP E 118 42.14 -35.10 -38.02
C TRP E 118 42.30 -35.90 -39.31
N LYS E 119 43.38 -36.69 -39.40
CA LYS E 119 43.74 -37.37 -40.65
C LYS E 119 42.73 -38.45 -41.02
N LEU E 120 42.26 -39.22 -40.04
CA LEU E 120 41.34 -40.32 -40.35
C LEU E 120 39.96 -39.80 -40.72
N HIS E 121 39.50 -38.76 -40.02
CA HIS E 121 38.19 -38.20 -40.33
C HIS E 121 38.25 -37.27 -41.53
N ALA E 122 39.45 -36.94 -42.00
CA ALA E 122 39.57 -36.30 -43.31
C ALA E 122 39.12 -37.24 -44.42
N ALA E 123 39.64 -38.47 -44.43
CA ALA E 123 39.25 -39.43 -45.47
C ALA E 123 37.90 -40.05 -45.16
N LEU E 124 37.45 -39.97 -43.90
CA LEU E 124 36.18 -40.60 -43.54
C LEU E 124 34.99 -39.78 -44.03
N PHE E 125 35.15 -38.46 -44.13
CA PHE E 125 34.08 -37.58 -44.60
C PHE E 125 34.45 -36.96 -45.94
N PRO E 126 33.96 -37.51 -47.07
CA PRO E 126 34.30 -36.94 -48.38
C PRO E 126 33.49 -35.68 -48.68
N TYR E 127 34.16 -34.53 -48.60
CA TYR E 127 33.48 -33.24 -48.54
C TYR E 127 34.50 -32.17 -48.95
N ARG E 128 34.30 -30.94 -48.49
CA ARG E 128 35.26 -29.82 -48.52
C ARG E 128 35.66 -29.40 -49.95
N ALA E 129 34.69 -29.42 -50.87
CA ALA E 129 34.97 -28.99 -52.24
C ALA E 129 35.13 -27.48 -52.33
N LEU E 130 34.21 -26.72 -51.74
CA LEU E 130 34.20 -25.26 -51.83
C LEU E 130 34.49 -24.67 -50.45
N ASP E 131 35.15 -23.51 -50.44
CA ASP E 131 35.68 -22.98 -49.18
C ASP E 131 34.67 -22.11 -48.43
N GLU E 132 33.60 -21.69 -49.12
CA GLU E 132 32.69 -20.72 -48.54
C GLU E 132 31.75 -21.35 -47.52
N GLU E 133 30.98 -22.36 -47.94
CA GLU E 133 29.90 -22.92 -47.13
C GLU E 133 30.26 -24.28 -46.53
N ASP E 134 31.09 -25.05 -47.22
CA ASP E 134 31.42 -26.39 -46.74
C ASP E 134 32.39 -26.34 -45.57
N LEU E 135 33.42 -25.50 -45.67
CA LEU E 135 34.46 -25.46 -44.66
C LEU E 135 33.97 -24.78 -43.38
N GLU E 136 33.12 -23.76 -43.52
CA GLU E 136 32.65 -23.02 -42.36
C GLU E 136 31.68 -23.84 -41.52
N GLN E 137 30.95 -24.75 -42.16
CA GLN E 137 29.89 -25.46 -41.45
C GLN E 137 30.29 -26.88 -41.08
N TYR E 138 31.24 -27.47 -41.80
CA TYR E 138 31.58 -28.87 -41.58
C TYR E 138 32.35 -29.07 -40.28
N LEU E 139 33.28 -28.16 -39.97
CA LEU E 139 34.25 -28.42 -38.93
C LEU E 139 33.65 -28.22 -37.54
N LEU E 140 32.64 -27.35 -37.43
CA LEU E 140 31.88 -27.23 -36.17
C LEU E 140 31.20 -28.54 -35.83
N VAL E 141 30.53 -29.16 -36.80
CA VAL E 141 29.80 -30.39 -36.54
C VAL E 141 30.76 -31.55 -36.35
N TRP E 142 31.92 -31.51 -37.02
CA TRP E 142 32.94 -32.52 -36.81
C TRP E 142 33.53 -32.44 -35.41
N SER E 143 33.81 -31.21 -34.95
CA SER E 143 34.34 -31.01 -33.60
C SER E 143 33.33 -31.41 -32.53
N ALA E 144 32.06 -31.04 -32.74
CA ALA E 144 31.00 -31.42 -31.82
C ALA E 144 30.82 -32.93 -31.79
N SER E 145 30.93 -33.58 -32.95
CA SER E 145 30.82 -35.03 -33.04
C SER E 145 31.93 -35.71 -32.27
N LEU E 146 33.17 -35.23 -32.43
CA LEU E 146 34.29 -35.86 -31.77
C LEU E 146 34.22 -35.68 -30.26
N ARG E 147 33.90 -34.46 -29.79
CA ARG E 147 33.83 -34.23 -28.35
C ARG E 147 32.68 -35.01 -27.74
N GLN E 148 31.54 -35.13 -28.43
CA GLN E 148 30.42 -35.86 -27.83
C GLN E 148 30.68 -37.36 -27.87
N SER E 149 31.43 -37.85 -28.85
CA SER E 149 31.68 -39.28 -28.93
C SER E 149 32.65 -39.71 -27.85
N VAL E 150 33.74 -38.95 -27.66
CA VAL E 150 34.65 -39.25 -26.56
C VAL E 150 33.97 -38.99 -25.22
N GLN E 151 33.00 -38.06 -25.20
CA GLN E 151 32.28 -37.72 -23.99
C GLN E 151 31.40 -38.87 -23.54
N THR E 152 30.58 -39.41 -24.44
CA THR E 152 29.72 -40.53 -24.08
C THR E 152 30.54 -41.79 -23.81
N GLY E 153 31.69 -41.94 -24.48
CA GLY E 153 32.54 -43.09 -24.19
C GLY E 153 33.09 -43.07 -22.77
N VAL E 154 33.70 -41.95 -22.37
CA VAL E 154 34.26 -41.88 -21.03
C VAL E 154 33.13 -41.81 -20.00
N LEU E 155 31.97 -41.29 -20.39
CA LEU E 155 30.84 -41.20 -19.49
C LEU E 155 30.28 -42.58 -19.17
N GLY E 156 30.16 -43.44 -20.18
CA GLY E 156 29.70 -44.80 -19.94
C GLY E 156 30.71 -45.60 -19.15
N ALA E 157 32.00 -45.40 -19.43
CA ALA E 157 33.05 -46.09 -18.67
C ALA E 157 33.04 -45.68 -17.20
N LEU E 158 32.91 -44.38 -16.93
CA LEU E 158 32.90 -43.91 -15.55
C LEU E 158 31.62 -44.32 -14.84
N ARG E 159 30.48 -44.31 -15.54
CA ARG E 159 29.22 -44.70 -14.92
C ARG E 159 29.22 -46.18 -14.57
N ASP E 160 29.84 -47.02 -15.40
CA ASP E 160 29.95 -48.43 -15.07
C ASP E 160 30.87 -48.65 -13.86
N ILE E 161 32.07 -48.06 -13.90
CA ILE E 161 33.01 -48.29 -12.80
C ILE E 161 32.58 -47.61 -11.51
N LEU E 162 31.69 -46.63 -11.59
CA LEU E 162 31.08 -46.05 -10.40
C LEU E 162 29.94 -46.91 -9.88
N TYR E 163 28.92 -47.15 -10.71
CA TYR E 163 27.72 -47.84 -10.26
C TYR E 163 27.95 -49.31 -9.94
N GLN E 164 29.09 -49.88 -10.32
CA GLN E 164 29.35 -51.23 -9.85
C GLN E 164 29.81 -51.25 -8.40
N TYR E 165 30.75 -50.38 -8.03
CA TYR E 165 31.35 -50.50 -6.71
C TYR E 165 31.62 -49.17 -6.03
N ALA E 166 30.80 -48.15 -6.30
CA ALA E 166 30.87 -46.93 -5.50
C ALA E 166 29.57 -46.62 -4.79
N ASP E 167 28.72 -47.61 -4.56
CA ASP E 167 27.54 -47.42 -3.72
C ASP E 167 27.84 -47.69 -2.24
N ASN E 168 28.92 -47.07 -1.76
CA ASN E 168 29.40 -47.38 -0.43
C ASN E 168 28.61 -46.65 0.65
N ASP E 169 28.01 -45.49 0.30
CA ASP E 169 27.20 -44.61 1.17
C ASP E 169 27.83 -44.34 2.54
N ASP E 170 29.16 -44.36 2.58
CA ASP E 170 29.92 -44.07 3.79
C ASP E 170 30.01 -42.59 4.07
N TYR E 171 29.91 -41.77 3.03
CA TYR E 171 29.99 -40.33 3.17
C TYR E 171 28.85 -39.80 4.02
N GLY E 172 27.70 -40.45 3.95
CA GLY E 172 26.54 -40.05 4.72
C GLY E 172 26.70 -40.20 6.21
N LEU E 173 27.60 -41.06 6.66
CA LEU E 173 27.96 -41.13 8.08
C LEU E 173 29.24 -40.37 8.36
N TYR E 174 30.08 -40.23 7.34
CA TYR E 174 31.32 -39.48 7.49
C TYR E 174 31.05 -38.02 7.81
N VAL E 175 30.02 -37.45 7.18
CA VAL E 175 29.66 -36.08 7.52
C VAL E 175 29.03 -36.01 8.91
N ASP E 176 28.42 -37.10 9.38
CA ASP E 176 27.86 -37.10 10.73
C ASP E 176 28.98 -37.07 11.76
N TRP E 177 29.98 -37.94 11.60
CA TRP E 177 31.08 -37.92 12.53
C TRP E 177 31.95 -36.67 12.40
N CYS E 178 31.96 -36.02 11.24
CA CYS E 178 32.62 -34.73 11.16
C CYS E 178 31.80 -33.62 11.79
N VAL E 179 30.49 -33.78 11.89
CA VAL E 179 29.67 -32.69 12.38
C VAL E 179 29.33 -32.80 13.86
N THR E 180 29.41 -33.99 14.46
CA THR E 180 28.96 -34.10 15.84
C THR E 180 30.06 -34.38 16.87
N VAL E 181 31.22 -34.89 16.45
CA VAL E 181 32.29 -35.14 17.41
C VAL E 181 33.61 -34.58 16.87
N GLY E 182 33.61 -34.15 15.61
CA GLY E 182 34.79 -33.54 15.05
C GLY E 182 35.87 -34.50 14.62
N LEU E 183 35.56 -35.79 14.52
CA LEU E 183 36.50 -36.80 14.09
C LEU E 183 35.71 -38.03 13.68
N VAL E 184 36.31 -38.88 12.87
CA VAL E 184 35.60 -40.01 12.28
C VAL E 184 36.32 -41.30 12.67
N PRO E 185 35.60 -42.33 13.09
CA PRO E 185 36.20 -43.67 13.17
C PRO E 185 36.03 -44.39 11.84
N LEU E 186 37.06 -45.13 11.46
CA LEU E 186 37.09 -45.75 10.14
C LEU E 186 38.12 -46.87 10.13
N LEU E 187 37.77 -47.98 9.50
CA LEU E 187 38.63 -49.15 9.44
C LEU E 187 39.13 -49.32 8.01
N ASP E 188 40.26 -50.00 7.87
CA ASP E 188 40.87 -50.25 6.56
C ASP E 188 40.79 -51.74 6.25
N VAL E 189 39.72 -52.13 5.57
CA VAL E 189 39.53 -53.54 5.21
C VAL E 189 40.51 -53.91 4.11
N LYS E 190 41.28 -54.97 4.36
CA LYS E 190 42.26 -55.47 3.41
C LYS E 190 41.82 -56.85 2.93
N THR E 191 42.01 -57.10 1.65
CA THR E 191 41.60 -58.36 1.04
C THR E 191 42.80 -58.98 0.34
N LYS E 192 42.57 -60.16 -0.22
CA LYS E 192 43.57 -60.84 -1.02
C LYS E 192 43.79 -60.06 -2.33
N PRO E 193 45.01 -60.07 -2.87
CA PRO E 193 45.25 -59.39 -4.14
C PRO E 193 44.59 -60.02 -5.37
N SER E 194 43.85 -61.12 -5.21
CA SER E 194 43.04 -61.63 -6.31
C SER E 194 41.89 -60.70 -6.62
N GLU E 195 41.39 -59.97 -5.62
CA GLU E 195 40.34 -58.98 -5.84
C GLU E 195 40.85 -57.79 -6.64
N ALA E 196 42.13 -57.45 -6.50
CA ALA E 196 42.75 -56.48 -7.38
C ALA E 196 42.74 -56.97 -8.83
N ALA E 197 42.97 -58.27 -9.02
CA ALA E 197 42.86 -58.85 -10.36
C ALA E 197 41.42 -58.87 -10.84
N GLU E 198 40.45 -59.02 -9.93
CA GLU E 198 39.04 -58.92 -10.29
C GLU E 198 38.71 -57.54 -10.83
N ARG E 199 39.17 -56.49 -10.15
CA ARG E 199 38.91 -55.14 -10.63
C ARG E 199 39.69 -54.83 -11.90
N ALA E 200 40.92 -55.36 -12.00
CA ALA E 200 41.74 -55.11 -13.19
C ALA E 200 41.19 -55.86 -14.40
N GLN E 201 40.47 -56.95 -14.16
CA GLN E 201 39.73 -57.59 -15.26
C GLN E 201 38.46 -56.82 -15.58
N PHE E 202 37.77 -56.33 -14.54
CA PHE E 202 36.49 -55.67 -14.74
C PHE E 202 36.62 -54.36 -15.49
N VAL E 203 37.74 -53.66 -15.33
CA VAL E 203 37.91 -52.37 -15.98
C VAL E 203 38.07 -52.54 -17.49
N ARG E 204 38.58 -53.70 -17.93
CA ARG E 204 38.75 -53.91 -19.37
C ARG E 204 37.40 -54.11 -20.06
N ALA E 205 36.54 -54.93 -19.48
CA ALA E 205 35.19 -55.08 -20.02
C ALA E 205 34.37 -53.82 -19.83
N ALA E 206 34.75 -52.99 -18.85
CA ALA E 206 34.13 -51.68 -18.73
C ALA E 206 34.53 -50.76 -19.87
N VAL E 207 35.82 -50.72 -20.22
CA VAL E 207 36.27 -49.79 -21.24
C VAL E 207 36.05 -50.35 -22.64
N GLN E 208 35.60 -51.61 -22.74
CA GLN E 208 35.17 -52.11 -24.04
C GLN E 208 33.91 -51.42 -24.52
N ARG E 209 33.06 -50.96 -23.59
CA ARG E 209 31.89 -50.18 -23.97
C ARG E 209 32.28 -48.82 -24.53
N ALA E 210 33.42 -48.28 -24.07
CA ALA E 210 33.92 -47.05 -24.66
C ALA E 210 34.72 -47.34 -25.94
N THR E 211 35.28 -48.54 -26.03
CA THR E 211 36.01 -48.94 -27.24
C THR E 211 35.07 -49.10 -28.41
N GLU E 212 33.85 -49.59 -28.17
CA GLU E 212 32.91 -49.82 -29.26
C GLU E 212 32.39 -48.50 -29.84
N THR E 213 32.06 -47.54 -28.97
CA THR E 213 31.47 -46.30 -29.46
C THR E 213 32.52 -45.39 -30.09
N HIS E 214 33.76 -45.44 -29.57
CA HIS E 214 34.80 -44.55 -30.05
C HIS E 214 36.15 -45.25 -30.05
N PRO E 215 36.85 -45.27 -31.18
CA PRO E 215 38.22 -45.77 -31.17
C PRO E 215 39.20 -44.83 -30.48
N LEU E 216 39.02 -43.52 -30.65
CA LEU E 216 40.03 -42.58 -30.18
C LEU E 216 39.93 -42.37 -28.67
N ALA E 217 38.79 -42.71 -28.08
CA ALA E 217 38.62 -42.55 -26.64
C ALA E 217 39.43 -43.59 -25.87
N GLN E 218 39.68 -44.74 -26.48
CA GLN E 218 40.34 -45.83 -25.77
C GLN E 218 41.82 -45.55 -25.57
N ASP E 219 42.40 -44.70 -26.41
CA ASP E 219 43.83 -44.44 -26.34
C ASP E 219 44.19 -43.62 -25.10
N LEU E 220 43.26 -42.78 -24.65
CA LEU E 220 43.51 -42.01 -23.43
C LEU E 220 43.25 -42.87 -22.19
N LEU E 221 42.25 -43.74 -22.27
CA LEU E 221 41.95 -44.64 -21.15
C LEU E 221 43.05 -45.67 -20.96
N GLN E 222 43.66 -46.13 -22.06
CA GLN E 222 44.75 -47.08 -21.94
C GLN E 222 46.02 -46.38 -21.45
N ALA E 223 46.07 -45.05 -21.62
CA ALA E 223 47.18 -44.31 -21.03
C ALA E 223 47.01 -44.17 -19.52
N ASN E 224 45.80 -43.87 -19.07
CA ASN E 224 45.59 -43.58 -17.66
C ASN E 224 44.86 -44.69 -16.91
N LEU E 225 44.93 -45.94 -17.41
CA LEU E 225 44.33 -47.07 -16.71
C LEU E 225 44.98 -47.30 -15.35
N ALA E 226 46.25 -46.91 -15.18
CA ALA E 226 46.89 -47.02 -13.88
C ALA E 226 46.22 -46.12 -12.85
N LEU E 227 45.91 -44.88 -13.23
CA LEU E 227 45.17 -43.99 -12.34
C LEU E 227 43.75 -44.47 -12.13
N LEU E 228 43.14 -45.06 -13.16
CA LEU E 228 41.80 -45.62 -13.02
C LEU E 228 41.75 -46.77 -12.03
N LEU E 229 42.67 -47.71 -12.13
CA LEU E 229 42.70 -48.82 -11.19
C LEU E 229 43.16 -48.35 -9.82
N GLN E 230 43.95 -47.28 -9.77
CA GLN E 230 44.37 -46.72 -8.49
C GLN E 230 43.19 -46.15 -7.73
N VAL E 231 42.35 -45.35 -8.40
CA VAL E 231 41.20 -44.77 -7.70
C VAL E 231 40.12 -45.82 -7.48
N ALA E 232 40.12 -46.88 -8.30
CA ALA E 232 39.17 -47.96 -8.06
C ALA E 232 39.55 -48.78 -6.83
N GLU E 233 40.86 -49.07 -6.68
CA GLU E 233 41.31 -49.85 -5.53
C GLU E 233 41.24 -49.03 -4.25
N ARG E 234 41.60 -47.74 -4.33
CA ARG E 234 41.52 -46.90 -3.15
C ARG E 234 40.08 -46.53 -2.83
N LEU E 235 39.17 -46.70 -3.81
CA LEU E 235 37.75 -46.47 -3.56
C LEU E 235 37.19 -47.51 -2.62
N GLY E 236 37.37 -48.80 -2.94
CA GLY E 236 36.87 -49.86 -2.10
C GLY E 236 37.79 -50.30 -0.99
N ALA E 237 38.78 -49.48 -0.64
CA ALA E 237 39.75 -49.89 0.37
C ALA E 237 39.29 -49.55 1.78
N VAL E 238 38.66 -48.37 1.95
CA VAL E 238 38.42 -47.81 3.26
C VAL E 238 36.91 -47.66 3.47
N ARG E 239 36.46 -48.03 4.67
CA ARG E 239 35.07 -47.94 5.08
C ARG E 239 34.89 -46.96 6.23
N VAL E 240 33.67 -46.94 6.78
CA VAL E 240 33.26 -45.91 7.74
C VAL E 240 33.10 -46.50 9.14
N ALA E 241 33.33 -47.81 9.30
CA ALA E 241 33.21 -48.55 10.56
C ALA E 241 31.80 -48.47 11.14
N ASN E 242 30.84 -48.96 10.36
CA ASN E 242 29.46 -49.11 10.83
C ASN E 242 29.31 -50.51 11.42
N ALA E 243 29.78 -50.66 12.64
CA ALA E 243 29.70 -51.91 13.36
C ALA E 243 29.51 -51.60 14.83
N PRO E 244 28.84 -52.48 15.57
CA PRO E 244 28.68 -52.25 17.01
C PRO E 244 29.98 -52.53 17.76
N GLU E 245 29.89 -52.34 19.09
CA GLU E 245 30.97 -52.53 20.08
C GLU E 245 32.29 -51.84 19.70
N VAL E 246 32.19 -50.74 18.97
CA VAL E 246 33.36 -49.91 18.71
C VAL E 246 33.55 -49.01 19.91
N ARG E 247 34.75 -48.45 20.04
CA ARG E 247 35.04 -47.52 21.12
C ARG E 247 36.19 -46.63 20.72
N VAL E 248 36.05 -45.34 21.01
CA VAL E 248 37.13 -44.38 20.85
C VAL E 248 37.27 -43.62 22.17
N PHE E 249 38.47 -43.09 22.40
CA PHE E 249 38.83 -42.51 23.68
C PHE E 249 40.04 -41.61 23.50
N LYS E 250 40.32 -40.79 24.52
CA LYS E 250 41.49 -39.93 24.53
C LYS E 250 42.43 -40.40 25.63
N LYS E 251 43.65 -40.76 25.25
CA LYS E 251 44.62 -41.26 26.22
C LYS E 251 45.16 -40.08 27.01
N VAL E 252 45.07 -40.16 28.33
CA VAL E 252 45.21 -38.96 29.15
C VAL E 252 46.66 -38.54 29.36
N ARG E 253 47.60 -39.48 29.40
CA ARG E 253 48.98 -39.11 29.69
C ARG E 253 49.71 -38.66 28.43
N SER E 254 49.45 -39.33 27.32
CA SER E 254 49.97 -38.95 26.02
C SER E 254 48.79 -38.62 25.13
N GLU E 255 48.64 -37.34 24.77
CA GLU E 255 47.43 -36.83 24.10
C GLU E 255 47.43 -37.23 22.63
N ARG E 256 47.29 -38.54 22.41
CA ARG E 256 47.41 -39.20 21.12
C ARG E 256 46.25 -40.14 20.89
N LEU E 257 45.03 -39.61 21.02
CA LEU E 257 43.76 -40.35 21.03
C LEU E 257 43.62 -41.31 19.85
N GLU E 258 43.03 -42.49 20.12
CA GLU E 258 43.07 -43.62 19.22
C GLU E 258 41.69 -44.25 19.06
N ALA E 259 41.57 -45.06 18.01
CA ALA E 259 40.37 -45.84 17.74
C ALA E 259 40.69 -47.33 17.81
N GLN E 260 39.90 -48.08 18.55
CA GLN E 260 39.99 -49.52 18.52
C GLN E 260 38.65 -50.12 18.17
N LEU E 261 38.68 -51.28 17.53
CA LEU E 261 37.48 -51.97 17.07
C LEU E 261 37.56 -53.39 17.61
N ARG E 262 36.72 -53.68 18.60
CA ARG E 262 36.46 -55.02 19.12
C ARG E 262 37.75 -55.64 19.68
N GLY E 263 38.46 -54.83 20.46
CA GLY E 263 39.74 -55.24 21.01
C GLY E 263 40.93 -55.05 20.11
N LYS E 264 40.73 -54.59 18.87
CA LYS E 264 41.81 -54.42 17.91
C LYS E 264 41.94 -52.94 17.57
N HIS E 265 43.13 -52.39 17.81
CA HIS E 265 43.36 -50.97 17.51
C HIS E 265 43.42 -50.74 16.01
N ILE E 266 42.74 -49.69 15.55
CA ILE E 266 42.60 -49.39 14.13
C ILE E 266 43.04 -47.96 13.89
N ARG E 267 43.06 -47.54 12.63
CA ARG E 267 43.36 -46.17 12.27
C ARG E 267 42.13 -45.29 12.51
N LEU E 268 42.35 -43.98 12.61
CA LEU E 268 41.26 -43.02 12.61
C LEU E 268 41.76 -41.65 12.18
N TYR E 269 40.82 -40.80 11.80
CA TYR E 269 41.09 -39.44 11.36
C TYR E 269 40.55 -38.48 12.40
N VAL E 270 41.18 -37.31 12.51
CA VAL E 270 40.69 -36.23 13.35
C VAL E 270 40.60 -34.96 12.50
N ALA E 271 39.47 -34.27 12.59
CA ALA E 271 39.30 -33.00 11.92
C ALA E 271 39.17 -31.85 12.89
N ALA E 272 38.40 -32.03 13.96
CA ALA E 272 38.23 -31.02 14.98
C ALA E 272 38.37 -31.70 16.33
N GLU E 273 39.52 -31.57 16.95
CA GLU E 273 39.73 -32.19 18.24
C GLU E 273 39.05 -31.34 19.32
N PRO E 274 38.35 -31.95 20.27
CA PRO E 274 37.67 -31.15 21.28
C PRO E 274 38.59 -30.80 22.43
N LEU E 275 38.25 -29.70 23.09
CA LEU E 275 39.07 -29.18 24.18
C LEU E 275 38.82 -29.96 25.46
N ALA E 276 39.88 -30.16 26.25
CA ALA E 276 39.85 -31.01 27.44
C ALA E 276 40.54 -30.31 28.60
N TYR E 277 39.94 -30.39 29.78
CA TYR E 277 40.42 -29.67 30.96
C TYR E 277 40.20 -30.52 32.21
N GLU E 278 40.23 -29.85 33.37
CA GLU E 278 40.00 -30.50 34.67
C GLU E 278 38.65 -31.19 34.73
N ARG E 279 37.67 -30.67 34.01
CA ARG E 279 36.45 -31.40 33.72
C ARG E 279 36.83 -32.62 32.88
N ASP E 280 36.74 -33.81 33.48
CA ASP E 280 37.23 -35.00 32.80
C ASP E 280 36.29 -35.41 31.68
N LYS E 281 35.01 -35.06 31.81
CA LYS E 281 34.18 -34.97 30.62
C LYS E 281 34.58 -33.72 29.85
N LEU E 282 35.09 -33.92 28.64
CA LEU E 282 35.68 -32.83 27.87
C LEU E 282 34.59 -32.22 26.99
N LEU E 283 34.79 -30.97 26.61
CA LEU E 283 33.76 -30.20 25.95
C LEU E 283 34.12 -30.03 24.48
N PHE E 284 33.11 -30.14 23.62
CA PHE E 284 33.33 -30.24 22.19
C PHE E 284 33.18 -28.87 21.53
N THR E 285 33.91 -28.70 20.43
CA THR E 285 33.81 -27.50 19.62
C THR E 285 33.07 -27.74 18.32
N THR E 286 32.34 -28.83 18.22
CA THR E 286 31.70 -29.19 16.97
C THR E 286 30.46 -28.32 16.77
N PRO E 287 29.96 -28.23 15.53
CA PRO E 287 28.73 -27.46 15.31
C PRO E 287 27.51 -28.00 16.01
N VAL E 288 27.34 -29.32 16.09
CA VAL E 288 26.06 -29.87 16.56
C VAL E 288 25.95 -29.74 18.08
N ALA E 289 27.07 -29.82 18.81
CA ALA E 289 27.01 -29.66 20.25
C ALA E 289 26.70 -28.24 20.70
N HIS E 290 26.72 -27.27 19.78
CA HIS E 290 26.30 -25.91 20.12
C HIS E 290 24.80 -25.83 20.35
N LEU E 291 24.05 -26.78 19.82
CA LEU E 291 22.59 -26.76 19.89
C LEU E 291 22.01 -28.05 20.43
N HIS E 292 22.76 -28.78 21.24
CA HIS E 292 22.24 -30.00 21.85
C HIS E 292 21.19 -29.70 22.91
N GLU E 293 21.49 -28.72 23.77
CA GLU E 293 20.61 -28.45 24.90
C GLU E 293 19.28 -27.87 24.46
N GLU E 294 19.25 -27.18 23.32
CA GLU E 294 18.01 -26.54 22.92
C GLU E 294 17.04 -27.52 22.31
N ILE E 295 17.54 -28.45 21.49
CA ILE E 295 16.65 -29.49 20.99
C ILE E 295 16.28 -30.45 22.10
N LEU E 296 17.11 -30.59 23.13
CA LEU E 296 16.70 -31.39 24.27
C LEU E 296 15.60 -30.69 25.05
N ARG E 297 15.67 -29.35 25.13
CA ARG E 297 14.60 -28.56 25.72
C ARG E 297 13.32 -28.67 24.90
N TYR E 298 13.46 -28.69 23.58
CA TYR E 298 12.29 -28.82 22.71
C TYR E 298 11.64 -30.18 22.88
N ASP E 299 12.43 -31.22 23.08
CA ASP E 299 11.86 -32.54 23.28
C ASP E 299 11.20 -32.66 24.64
N GLY E 300 11.80 -32.04 25.66
CA GLY E 300 11.16 -31.98 26.96
C GLY E 300 9.83 -31.24 26.91
N LEU E 301 9.78 -30.16 26.12
CA LEU E 301 8.54 -29.43 25.97
C LEU E 301 7.52 -30.21 25.15
N CYS E 302 7.97 -30.96 24.14
CA CYS E 302 7.07 -31.80 23.36
C CYS E 302 6.43 -32.88 24.20
N ARG E 303 7.26 -33.63 24.94
CA ARG E 303 6.74 -34.69 25.79
C ARG E 303 5.89 -34.12 26.91
N HIS E 304 6.25 -32.94 27.42
CA HIS E 304 5.48 -32.32 28.49
C HIS E 304 4.11 -31.86 27.99
N GLN E 305 4.07 -31.30 26.77
CA GLN E 305 2.80 -30.92 26.16
C GLN E 305 1.92 -32.13 25.94
N LYS E 306 2.50 -33.23 25.46
CA LYS E 306 1.73 -34.44 25.23
C LYS E 306 1.17 -35.00 26.54
N ILE E 307 1.98 -34.97 27.61
CA ILE E 307 1.54 -35.63 28.82
C ILE E 307 0.58 -34.73 29.61
N CYS E 308 0.66 -33.41 29.45
CA CYS E 308 -0.33 -32.59 30.13
C CYS E 308 -1.63 -32.52 29.34
N GLN E 309 -1.55 -32.58 28.01
CA GLN E 309 -2.76 -32.66 27.20
C GLN E 309 -3.48 -33.98 27.43
N LEU E 310 -2.72 -35.05 27.62
CA LEU E 310 -3.30 -36.35 27.95
C LEU E 310 -3.71 -36.48 29.40
N LEU E 311 -3.48 -35.45 30.22
CA LEU E 311 -3.82 -35.55 31.62
C LEU E 311 -5.21 -35.03 31.92
N ASN E 312 -5.58 -33.87 31.38
CA ASN E 312 -6.85 -33.23 31.70
C ASN E 312 -7.90 -33.44 30.61
N THR E 313 -7.96 -34.67 30.06
CA THR E 313 -8.85 -34.93 28.94
C THR E 313 -10.32 -34.83 29.35
N PHE E 314 -10.64 -35.30 30.54
CA PHE E 314 -12.01 -35.33 31.04
C PHE E 314 -12.50 -33.92 31.34
N PRO E 315 -13.76 -33.62 31.03
CA PRO E 315 -14.25 -32.24 31.13
C PRO E 315 -14.35 -31.72 32.55
N VAL E 316 -14.62 -32.60 33.51
CA VAL E 316 -14.80 -32.19 34.89
C VAL E 316 -13.91 -33.02 35.79
N LYS E 317 -13.36 -32.36 36.81
CA LYS E 317 -12.54 -32.99 37.83
C LYS E 317 -13.10 -32.58 39.19
N VAL E 318 -13.22 -33.53 40.11
CA VAL E 318 -13.70 -33.24 41.45
C VAL E 318 -12.65 -33.76 42.43
N VAL E 319 -12.68 -33.27 43.66
CA VAL E 319 -11.79 -33.72 44.72
C VAL E 319 -12.63 -34.40 45.78
N THR E 320 -11.98 -35.05 46.72
CA THR E 320 -12.69 -35.72 47.80
C THR E 320 -11.83 -35.82 49.06
N ASP E 488 -5.69 -47.15 14.83
CA ASP E 488 -6.95 -47.59 15.41
C ASP E 488 -8.05 -46.57 15.15
N ALA E 489 -8.69 -46.70 13.97
CA ALA E 489 -9.70 -45.77 13.50
C ALA E 489 -11.11 -46.25 13.80
N GLU E 490 -11.31 -46.89 14.95
CA GLU E 490 -12.59 -47.48 15.30
C GLU E 490 -13.69 -46.44 15.49
N LEU E 491 -13.32 -45.23 15.92
CA LEU E 491 -14.33 -44.21 16.19
C LEU E 491 -14.92 -43.62 14.93
N TYR E 492 -14.09 -43.43 13.90
CA TYR E 492 -14.50 -42.70 12.70
C TYR E 492 -15.54 -43.47 11.89
N HIS E 493 -15.33 -44.79 11.74
CA HIS E 493 -16.24 -45.59 10.92
C HIS E 493 -17.61 -45.73 11.57
N LEU E 494 -17.62 -45.90 12.88
CA LEU E 494 -18.85 -46.23 13.55
C LEU E 494 -19.65 -44.95 13.82
N PRO E 495 -20.97 -45.01 13.76
CA PRO E 495 -21.78 -43.81 14.03
C PRO E 495 -21.70 -43.34 15.48
N VAL E 496 -22.20 -42.13 15.71
CA VAL E 496 -21.95 -41.44 16.97
C VAL E 496 -22.78 -42.01 18.11
N LEU E 497 -23.83 -42.76 17.81
CA LEU E 497 -24.78 -43.15 18.84
C LEU E 497 -24.26 -44.27 19.74
N GLU E 498 -23.34 -45.08 19.24
CA GLU E 498 -22.61 -46.01 20.08
C GLU E 498 -21.21 -45.48 20.40
N ALA E 499 -20.73 -44.53 19.61
CA ALA E 499 -19.46 -43.87 19.92
C ALA E 499 -19.56 -43.05 21.20
N VAL E 500 -20.74 -42.48 21.48
CA VAL E 500 -20.92 -41.77 22.74
C VAL E 500 -20.96 -42.76 23.90
N ARG E 501 -21.39 -43.99 23.64
CA ARG E 501 -21.30 -45.03 24.67
C ARG E 501 -19.86 -45.45 24.89
N LYS E 502 -19.10 -45.59 23.82
CA LYS E 502 -17.72 -46.03 23.93
C LYS E 502 -16.78 -44.95 24.46
N ALA E 503 -17.13 -43.69 24.31
CA ALA E 503 -16.29 -42.62 24.81
C ALA E 503 -16.32 -42.51 26.33
N ARG E 504 -17.51 -42.66 26.93
CA ARG E 504 -17.63 -42.58 28.39
C ARG E 504 -16.90 -43.73 29.07
N ASP E 505 -17.15 -44.96 28.63
CA ASP E 505 -16.45 -46.13 29.15
C ASP E 505 -14.99 -46.19 28.68
N ALA E 506 -14.64 -45.41 27.67
CA ALA E 506 -13.27 -45.40 27.15
C ALA E 506 -12.32 -44.68 28.09
N ALA E 507 -12.65 -43.46 28.48
CA ALA E 507 -11.88 -42.72 29.49
C ALA E 507 -12.73 -42.67 30.74
N PRO E 508 -12.48 -43.57 31.69
CA PRO E 508 -13.27 -43.57 32.93
C PRO E 508 -12.95 -42.38 33.81
N PHE E 509 -13.95 -41.95 34.55
CA PHE E 509 -13.82 -40.84 35.48
C PHE E 509 -12.94 -41.27 36.65
N ARG E 510 -11.96 -40.44 36.98
CA ARG E 510 -11.08 -40.73 38.11
C ARG E 510 -11.12 -39.60 39.11
N PRO E 511 -11.69 -39.81 40.29
CA PRO E 511 -11.57 -38.82 41.36
C PRO E 511 -10.19 -38.85 42.01
N LEU E 512 -10.02 -38.07 43.06
CA LEU E 512 -8.77 -38.05 43.79
C LEU E 512 -9.03 -37.68 45.23
N ALA E 513 -8.38 -38.38 46.16
CA ALA E 513 -8.72 -38.25 47.56
C ALA E 513 -7.57 -38.73 48.43
N VAL E 514 -7.23 -37.92 49.44
CA VAL E 514 -6.34 -38.33 50.53
C VAL E 514 -7.03 -37.92 51.82
N GLU E 515 -7.02 -38.80 52.83
CA GLU E 515 -7.72 -38.54 54.08
C GLU E 515 -6.97 -37.50 54.91
N ASP E 516 -7.72 -36.56 55.48
CA ASP E 516 -7.17 -35.57 56.40
C ASP E 516 -8.30 -35.04 57.28
N ASN E 517 -8.19 -35.29 58.58
CA ASN E 517 -9.26 -35.01 59.54
C ASN E 517 -9.07 -33.61 60.12
N ARG E 518 -10.17 -32.86 60.21
CA ARG E 518 -10.28 -31.49 60.72
C ARG E 518 -9.38 -30.50 59.99
N LEU E 519 -8.91 -30.83 58.80
CA LEU E 519 -8.21 -29.94 57.90
C LEU E 519 -8.68 -30.29 56.50
N VAL E 520 -9.46 -29.40 55.89
CA VAL E 520 -10.25 -29.74 54.73
C VAL E 520 -9.68 -29.07 53.49
N ALA E 521 -10.29 -29.34 52.35
CA ALA E 521 -9.74 -28.92 51.08
C ALA E 521 -10.08 -27.47 50.76
N ASN E 522 -9.10 -26.78 50.18
CA ASN E 522 -9.33 -25.48 49.56
C ASN E 522 -8.66 -25.47 48.19
N SER E 523 -9.47 -25.36 47.14
CA SER E 523 -9.09 -25.84 45.82
C SER E 523 -8.62 -24.73 44.91
N PHE E 524 -7.86 -25.14 43.89
CA PHE E 524 -7.51 -24.28 42.77
C PHE E 524 -7.40 -25.15 41.52
N PHE E 525 -7.20 -24.49 40.39
CA PHE E 525 -7.38 -25.14 39.10
C PHE E 525 -6.59 -24.40 38.02
N SER E 526 -6.00 -25.16 37.11
CA SER E 526 -5.25 -24.61 35.98
C SER E 526 -5.51 -25.47 34.76
N GLN E 527 -5.78 -24.85 33.63
CA GLN E 527 -5.89 -25.53 32.35
C GLN E 527 -5.07 -24.75 31.34
N PHE E 528 -3.92 -25.29 30.98
CA PHE E 528 -3.10 -24.63 29.96
C PHE E 528 -2.25 -25.65 29.25
N VAL E 529 -1.80 -25.27 28.06
CA VAL E 529 -0.86 -26.06 27.28
C VAL E 529 0.37 -25.19 27.04
N PRO E 530 1.57 -25.77 26.96
CA PRO E 530 2.73 -24.95 26.61
C PRO E 530 2.82 -24.70 25.12
N GLY E 531 3.09 -23.44 24.76
CA GLY E 531 3.11 -23.06 23.37
C GLY E 531 4.33 -23.57 22.63
N THR E 532 4.12 -24.55 21.75
CA THR E 532 5.25 -25.19 21.09
C THR E 532 5.72 -24.40 19.89
N GLU E 533 4.84 -23.63 19.27
CA GLU E 533 5.12 -23.03 17.97
C GLU E 533 6.15 -21.92 18.04
N SER E 534 6.16 -21.14 19.13
CA SER E 534 7.09 -20.04 19.28
C SER E 534 8.53 -20.53 19.33
N LEU E 535 8.84 -21.39 20.29
CA LEU E 535 10.21 -21.89 20.36
C LEU E 535 10.51 -22.90 19.26
N GLU E 536 9.50 -23.48 18.60
CA GLU E 536 9.76 -24.25 17.40
C GLU E 536 10.32 -23.37 16.29
N ARG E 537 9.67 -22.23 16.06
CA ARG E 537 10.16 -21.27 15.07
C ARG E 537 11.53 -20.76 15.46
N PHE E 538 11.74 -20.55 16.76
CA PHE E 538 13.04 -20.13 17.28
C PHE E 538 14.11 -21.18 16.98
N LEU E 539 13.81 -22.45 17.22
CA LEU E 539 14.79 -23.50 17.00
C LEU E 539 15.07 -23.73 15.52
N THR E 540 14.05 -23.58 14.67
CA THR E 540 14.28 -23.77 13.26
C THR E 540 15.11 -22.63 12.68
N GLN E 541 14.87 -21.40 13.15
CA GLN E 541 15.70 -20.29 12.72
C GLN E 541 17.14 -20.43 13.23
N LEU E 542 17.29 -20.98 14.44
CA LEU E 542 18.61 -21.24 14.98
C LEU E 542 19.33 -22.30 14.17
N TRP E 543 18.62 -23.36 13.79
CA TRP E 543 19.21 -24.39 12.94
C TRP E 543 19.60 -23.82 11.58
N GLU E 544 18.75 -22.95 11.03
CA GLU E 544 18.98 -22.39 9.71
C GLU E 544 20.23 -21.53 9.67
N ASN E 545 20.30 -20.53 10.56
CA ASN E 545 21.48 -19.68 10.50
C ASN E 545 22.72 -20.37 11.06
N GLU E 546 22.57 -21.38 11.92
CA GLU E 546 23.73 -22.12 12.40
C GLU E 546 24.38 -22.90 11.27
N TYR E 547 23.59 -23.71 10.56
CA TYR E 547 24.12 -24.45 9.42
C TYR E 547 24.54 -23.53 8.28
N PHE E 548 23.94 -22.34 8.17
CA PHE E 548 24.40 -21.42 7.14
C PHE E 548 25.76 -20.82 7.46
N ARG E 549 26.04 -20.53 8.73
CA ARG E 549 27.34 -19.95 8.99
C ARG E 549 28.45 -21.00 9.00
N THR E 550 28.18 -22.20 9.53
CA THR E 550 29.29 -23.15 9.64
C THR E 550 29.70 -23.75 8.31
N PHE E 551 28.78 -23.88 7.36
CA PHE E 551 29.09 -24.22 5.99
C PHE E 551 28.26 -23.27 5.14
N ARG E 552 28.90 -22.52 4.26
CA ARG E 552 28.22 -21.42 3.58
C ARG E 552 27.32 -21.96 2.48
N LEU E 553 26.17 -22.49 2.89
CA LEU E 553 25.18 -23.01 1.95
C LEU E 553 24.48 -21.86 1.23
N ARG E 554 24.31 -21.99 -0.08
CA ARG E 554 23.60 -20.98 -0.85
C ARG E 554 22.12 -21.32 -0.95
N ARG E 555 21.31 -20.29 -1.20
CA ARG E 555 19.88 -20.43 -1.45
C ARG E 555 19.56 -19.76 -2.79
N LEU E 556 19.72 -20.50 -3.87
CA LEU E 556 19.33 -19.95 -5.17
C LEU E 556 17.82 -20.11 -5.35
N VAL E 557 17.14 -19.00 -5.62
CA VAL E 557 15.69 -18.99 -5.83
C VAL E 557 15.40 -18.12 -7.03
N THR E 558 14.13 -18.09 -7.42
CA THR E 558 13.68 -17.10 -8.38
C THR E 558 13.35 -15.79 -7.66
N HIS E 559 12.91 -14.81 -8.43
CA HIS E 559 12.34 -13.61 -7.83
C HIS E 559 11.05 -13.97 -7.11
N GLN E 560 10.86 -13.36 -5.94
CA GLN E 560 9.84 -13.63 -4.92
C GLN E 560 9.69 -15.12 -4.57
N GLY E 561 10.76 -15.89 -4.73
CA GLY E 561 10.75 -17.30 -4.46
C GLY E 561 11.40 -17.62 -3.13
N ALA E 562 10.82 -18.58 -2.41
CA ALA E 562 11.28 -18.94 -1.09
C ALA E 562 11.79 -20.39 -1.09
N GLU E 563 13.07 -20.56 -0.77
CA GLU E 563 13.79 -21.83 -0.52
C GLU E 563 13.51 -22.90 -1.58
N GLU E 564 13.89 -22.58 -2.82
CA GLU E 564 13.74 -23.55 -3.90
C GLU E 564 14.77 -24.66 -3.79
N ALA E 565 16.04 -24.32 -3.58
CA ALA E 565 17.08 -25.32 -3.53
C ALA E 565 18.24 -24.83 -2.68
N ILE E 566 18.86 -25.75 -1.95
CA ILE E 566 20.05 -25.47 -1.16
C ILE E 566 21.16 -26.35 -1.70
N VAL E 567 22.30 -25.76 -2.06
CA VAL E 567 23.36 -26.50 -2.75
C VAL E 567 24.68 -26.29 -2.02
N TYR E 568 25.59 -27.25 -2.23
CA TYR E 568 26.96 -27.11 -1.74
C TYR E 568 27.66 -25.98 -2.47
N SER E 569 28.27 -25.09 -1.70
CA SER E 569 28.99 -23.97 -2.27
C SER E 569 30.48 -24.13 -1.98
N ASN E 570 31.22 -23.07 -2.30
CA ASN E 570 32.65 -23.20 -2.55
C ASN E 570 33.42 -23.45 -1.27
N TYR E 571 33.02 -22.80 -0.17
CA TYR E 571 33.65 -23.08 1.12
C TYR E 571 33.27 -24.46 1.64
N THR E 572 32.05 -24.91 1.33
CA THR E 572 31.52 -26.14 1.91
C THR E 572 32.29 -27.36 1.41
N VAL E 573 32.58 -27.41 0.11
CA VAL E 573 33.32 -28.54 -0.44
C VAL E 573 34.73 -28.57 0.10
N GLU E 574 35.36 -27.41 0.28
CA GLU E 574 36.70 -27.36 0.86
C GLU E 574 36.68 -27.81 2.31
N ARG E 575 35.58 -27.57 3.02
CA ARG E 575 35.58 -27.98 4.42
C ARG E 575 35.28 -29.47 4.58
N VAL E 576 34.38 -30.05 3.78
CA VAL E 576 33.94 -31.41 4.05
C VAL E 576 34.41 -32.42 2.99
N THR E 577 34.47 -32.06 1.71
CA THR E 577 34.71 -33.07 0.69
C THR E 577 36.19 -33.36 0.53
N LEU E 578 37.02 -32.32 0.45
CA LEU E 578 38.46 -32.51 0.33
C LEU E 578 39.14 -33.15 1.53
N PRO E 579 38.67 -33.01 2.79
CA PRO E 579 39.21 -33.91 3.82
C PRO E 579 38.90 -35.38 3.59
N TYR E 580 37.76 -35.69 2.98
CA TYR E 580 37.46 -37.07 2.65
C TYR E 580 38.46 -37.61 1.63
N LEU E 581 38.81 -36.78 0.65
CA LEU E 581 39.80 -37.21 -0.33
C LEU E 581 41.21 -37.14 0.24
N CYS E 582 41.42 -36.35 1.30
CA CYS E 582 42.70 -36.33 1.98
C CYS E 582 42.95 -37.64 2.73
N HIS E 583 41.97 -38.12 3.47
CA HIS E 583 42.15 -39.41 4.11
C HIS E 583 42.02 -40.57 3.13
N ILE E 584 41.27 -40.40 2.04
CA ILE E 584 41.20 -41.41 0.98
C ILE E 584 42.52 -41.56 0.24
N LEU E 585 43.35 -40.51 0.25
CA LEU E 585 44.68 -40.46 -0.39
C LEU E 585 44.59 -40.65 -1.89
N ALA E 586 43.47 -40.25 -2.49
CA ALA E 586 43.44 -40.02 -3.93
C ALA E 586 43.64 -38.55 -4.26
N LEU E 587 43.81 -37.70 -3.24
CA LEU E 587 43.79 -36.25 -3.38
C LEU E 587 44.97 -35.69 -4.17
N GLY E 588 46.02 -36.48 -4.41
CA GLY E 588 47.22 -35.99 -5.06
C GLY E 588 47.06 -35.61 -6.51
N THR E 589 45.94 -35.95 -7.14
CA THR E 589 45.74 -35.67 -8.55
C THR E 589 44.52 -34.81 -8.84
N LEU E 590 43.45 -34.94 -8.05
CA LEU E 590 42.14 -34.38 -8.35
C LEU E 590 42.10 -32.87 -8.09
N ASP E 591 40.89 -32.34 -8.16
CA ASP E 591 40.65 -30.90 -8.04
C ASP E 591 39.20 -30.70 -7.60
N PRO E 592 38.94 -29.72 -6.74
CA PRO E 592 37.56 -29.49 -6.30
C PRO E 592 36.70 -28.91 -7.42
N VAL E 593 35.42 -29.30 -7.41
CA VAL E 593 34.47 -28.92 -8.46
C VAL E 593 33.96 -27.52 -8.18
N PRO E 594 33.72 -26.71 -9.21
CA PRO E 594 32.95 -25.47 -9.01
C PRO E 594 31.55 -25.75 -8.52
N GLU E 595 30.99 -24.77 -7.80
CA GLU E 595 29.74 -24.99 -7.08
C GLU E 595 28.55 -25.05 -8.01
N ALA E 596 28.51 -24.20 -9.04
CA ALA E 596 27.45 -24.26 -10.02
C ALA E 596 27.55 -25.49 -10.90
N TYR E 597 28.75 -26.04 -11.04
CA TYR E 597 28.96 -27.28 -11.78
C TYR E 597 28.38 -28.46 -11.01
N LEU E 598 28.26 -28.34 -9.69
CA LEU E 598 27.74 -29.43 -8.88
C LEU E 598 26.25 -29.64 -9.11
N GLN E 599 25.53 -28.59 -9.47
CA GLN E 599 24.09 -28.72 -9.68
C GLN E 599 23.75 -29.44 -10.96
N LEU E 600 24.66 -29.45 -11.94
CA LEU E 600 24.42 -29.94 -13.27
C LEU E 600 24.27 -31.47 -13.30
N SER E 601 24.05 -32.00 -14.49
CA SER E 601 23.71 -33.40 -14.67
C SER E 601 24.90 -34.32 -14.40
N PHE E 602 24.59 -35.61 -14.29
CA PHE E 602 25.61 -36.64 -14.18
C PHE E 602 26.35 -36.81 -15.49
N GLY E 603 25.71 -36.45 -16.60
CA GLY E 603 26.30 -36.62 -17.91
C GLY E 603 26.77 -35.33 -18.55
N GLU E 604 26.12 -34.22 -18.22
CA GLU E 604 26.45 -32.94 -18.81
C GLU E 604 27.71 -32.33 -18.19
N ILE E 605 28.14 -32.87 -17.05
CA ILE E 605 29.26 -32.31 -16.28
C ILE E 605 30.58 -32.43 -17.04
N VAL E 606 30.76 -33.49 -17.82
CA VAL E 606 32.04 -33.68 -18.50
C VAL E 606 32.13 -32.75 -19.70
N ALA E 607 31.00 -32.37 -20.28
CA ALA E 607 31.00 -31.47 -21.43
C ALA E 607 31.46 -30.08 -21.04
N ALA E 608 31.17 -29.67 -19.80
CA ALA E 608 31.76 -28.46 -19.27
C ALA E 608 33.15 -28.70 -18.69
N ALA E 609 33.46 -29.95 -18.31
CA ALA E 609 34.74 -30.24 -17.69
C ALA E 609 35.88 -30.13 -18.69
N TYR E 610 35.72 -30.69 -19.89
CA TYR E 610 36.78 -30.43 -20.86
C TYR E 610 36.62 -29.09 -21.56
N ASP E 611 35.45 -28.45 -21.46
CA ASP E 611 35.34 -27.07 -21.93
C ASP E 611 36.18 -26.14 -21.07
N ASP E 612 36.29 -26.44 -19.77
CA ASP E 612 37.23 -25.74 -18.93
C ASP E 612 38.66 -26.06 -19.36
N SER E 613 38.93 -27.31 -19.76
CA SER E 613 40.26 -27.72 -20.17
C SER E 613 40.62 -27.14 -21.54
N LYS E 614 41.87 -27.37 -21.94
CA LYS E 614 42.39 -26.91 -23.22
C LYS E 614 42.10 -27.89 -24.35
N PHE E 615 41.18 -28.82 -24.13
CA PHE E 615 40.87 -29.81 -25.16
C PHE E 615 40.18 -29.16 -26.34
N CYS E 616 38.98 -28.59 -26.13
CA CYS E 616 38.31 -27.89 -27.21
C CYS E 616 38.89 -26.52 -27.47
N ARG E 617 39.68 -25.99 -26.54
CA ARG E 617 40.42 -24.76 -26.82
C ARG E 617 41.51 -24.97 -27.87
N TYR E 618 42.08 -26.18 -27.93
CA TYR E 618 43.01 -26.48 -29.01
C TYR E 618 42.27 -26.88 -30.28
N VAL E 619 41.02 -27.33 -30.15
CA VAL E 619 40.18 -27.50 -31.32
C VAL E 619 39.87 -26.15 -31.96
N GLU E 620 39.75 -25.09 -31.14
CA GLU E 620 39.64 -23.74 -31.68
C GLU E 620 40.91 -23.37 -32.45
N LEU E 621 42.08 -23.81 -31.96
CA LEU E 621 43.32 -23.49 -32.65
C LEU E 621 43.45 -24.29 -33.94
N ILE E 622 42.95 -25.53 -33.96
CA ILE E 622 43.04 -26.31 -35.20
C ILE E 622 41.98 -25.86 -36.21
N CYS E 623 40.84 -25.32 -35.76
CA CYS E 623 39.93 -24.63 -36.68
C CYS E 623 40.58 -23.39 -37.27
N SER E 624 41.31 -22.63 -36.45
CA SER E 624 42.06 -21.48 -36.96
C SER E 624 43.14 -21.92 -37.94
N ARG E 625 43.77 -23.05 -37.68
CA ARG E 625 44.83 -23.54 -38.56
C ARG E 625 44.26 -23.98 -39.90
N GLU E 626 43.13 -24.71 -39.88
CA GLU E 626 42.53 -25.20 -41.11
C GLU E 626 41.97 -24.04 -41.94
N LYS E 627 41.33 -23.07 -41.27
CA LYS E 627 40.80 -21.93 -42.01
C LYS E 627 41.92 -21.02 -42.52
N ALA E 628 43.06 -20.96 -41.83
CA ALA E 628 44.19 -20.17 -42.32
C ALA E 628 44.86 -20.85 -43.49
N ARG E 629 45.06 -22.17 -43.40
CA ARG E 629 45.70 -22.95 -44.45
C ARG E 629 44.84 -23.01 -45.71
N ARG E 630 43.52 -22.91 -45.56
CA ARG E 630 42.66 -22.86 -46.73
C ARG E 630 42.38 -21.44 -47.22
N ARG E 631 42.47 -20.43 -46.37
CA ARG E 631 42.33 -19.07 -46.85
C ARG E 631 43.58 -18.63 -47.62
N GLN E 632 44.74 -19.14 -47.23
CA GLN E 632 45.93 -18.98 -48.07
C GLN E 632 45.83 -19.81 -49.34
N MET E 633 45.10 -20.92 -49.31
CA MET E 633 44.87 -21.69 -50.53
C MET E 633 43.96 -20.92 -51.49
N SER E 634 43.00 -20.17 -50.95
CA SER E 634 42.15 -19.36 -51.81
C SER E 634 42.83 -18.05 -52.18
N ARG E 635 43.42 -17.37 -51.20
CA ARG E 635 44.02 -16.05 -51.43
C ARG E 635 45.46 -15.99 -50.94
N ASP F 52 -46.80 -60.67 -11.91
CA ASP F 52 -46.16 -59.70 -11.02
C ASP F 52 -44.65 -59.94 -10.94
N GLU F 53 -43.88 -58.88 -11.18
CA GLU F 53 -42.43 -58.97 -11.24
C GLU F 53 -41.81 -57.91 -10.33
N ALA F 54 -40.71 -58.27 -9.68
CA ALA F 54 -39.99 -57.34 -8.81
C ALA F 54 -38.99 -56.54 -9.65
N VAL F 55 -39.14 -55.22 -9.64
CA VAL F 55 -38.30 -54.32 -10.43
C VAL F 55 -38.03 -53.08 -9.57
N ILE F 56 -36.75 -52.74 -9.41
CA ILE F 56 -36.39 -51.62 -8.54
C ILE F 56 -36.69 -50.31 -9.27
N ASP F 57 -37.29 -49.36 -8.56
CA ASP F 57 -37.76 -48.11 -9.11
C ASP F 57 -36.83 -46.96 -8.76
N ILE F 58 -36.94 -45.87 -9.55
CA ILE F 58 -36.06 -44.73 -9.33
C ILE F 58 -36.85 -43.42 -9.16
N PHE F 59 -38.01 -43.31 -9.80
CA PHE F 59 -38.63 -41.98 -9.80
C PHE F 59 -39.31 -41.57 -8.50
N PRO F 60 -40.42 -42.22 -8.05
CA PRO F 60 -41.33 -41.57 -7.10
C PRO F 60 -40.94 -41.78 -5.64
N THR F 61 -39.66 -41.62 -5.33
CA THR F 61 -39.20 -41.72 -3.96
C THR F 61 -38.69 -40.37 -3.49
N GLY F 62 -38.55 -40.24 -2.16
CA GLY F 62 -38.25 -38.95 -1.56
C GLY F 62 -36.91 -38.38 -1.95
N GLN F 63 -35.89 -39.24 -2.07
CA GLN F 63 -34.56 -38.83 -2.52
C GLN F 63 -34.56 -38.26 -3.93
N THR F 64 -35.47 -38.71 -4.79
CA THR F 64 -35.48 -38.26 -6.17
C THR F 64 -36.60 -37.30 -6.48
N MET F 65 -37.77 -37.45 -5.87
CA MET F 65 -38.80 -36.44 -6.02
C MET F 65 -38.42 -35.17 -5.29
N SER F 66 -37.59 -35.26 -4.25
CA SER F 66 -37.03 -34.09 -3.61
C SER F 66 -36.05 -33.35 -4.51
N PHE F 67 -35.47 -34.05 -5.50
CA PHE F 67 -34.41 -33.45 -6.30
C PHE F 67 -34.92 -32.34 -7.21
N LEU F 68 -36.08 -32.54 -7.83
CA LEU F 68 -36.63 -31.50 -8.67
C LEU F 68 -37.16 -30.35 -7.81
N ARG F 69 -37.49 -30.63 -6.55
CA ARG F 69 -37.90 -29.56 -5.65
C ARG F 69 -36.71 -28.69 -5.26
N LEU F 70 -35.59 -29.32 -4.90
CA LEU F 70 -34.43 -28.54 -4.46
C LEU F 70 -33.76 -27.83 -5.63
N LEU F 71 -33.84 -28.41 -6.82
CA LEU F 71 -33.20 -27.78 -7.97
C LEU F 71 -33.93 -26.50 -8.36
N HIS F 72 -35.25 -26.48 -8.18
CA HIS F 72 -36.02 -25.25 -8.29
C HIS F 72 -36.29 -24.63 -6.94
N GLY F 73 -35.66 -25.14 -5.89
CA GLY F 73 -35.61 -24.44 -4.62
C GLY F 73 -36.91 -24.37 -3.86
N PHE F 74 -37.68 -25.47 -3.82
CA PHE F 74 -38.89 -25.49 -3.01
C PHE F 74 -38.57 -25.36 -1.53
N LEU F 75 -37.49 -25.99 -1.09
CA LEU F 75 -37.16 -26.07 0.33
C LEU F 75 -35.85 -25.37 0.64
N GLY F 76 -34.94 -25.28 -0.33
CA GLY F 76 -33.68 -24.61 -0.09
C GLY F 76 -33.10 -23.93 -1.30
N THR F 77 -32.47 -22.79 -1.06
CA THR F 77 -31.83 -22.03 -2.12
C THR F 77 -30.75 -21.13 -1.54
N CYS F 78 -29.88 -20.65 -2.42
CA CYS F 78 -28.75 -19.80 -2.10
C CYS F 78 -28.31 -19.16 -3.40
N ARG F 79 -27.13 -18.55 -3.39
CA ARG F 79 -26.60 -17.93 -4.61
C ARG F 79 -26.13 -18.93 -5.64
N GLY F 80 -26.18 -20.23 -5.35
CA GLY F 80 -25.76 -21.23 -6.32
C GLY F 80 -26.79 -21.56 -7.37
N GLN F 81 -28.07 -21.30 -7.10
CA GLN F 81 -29.12 -21.76 -8.00
C GLN F 81 -29.16 -20.98 -9.30
N SER F 82 -28.60 -19.76 -9.30
CA SER F 82 -28.58 -18.95 -10.50
C SER F 82 -27.69 -19.54 -11.59
N MET F 83 -26.68 -20.32 -11.21
CA MET F 83 -25.88 -20.98 -12.23
C MET F 83 -26.64 -22.14 -12.85
N HIS F 84 -27.60 -22.71 -12.13
CA HIS F 84 -28.51 -23.62 -12.81
C HIS F 84 -29.45 -22.85 -13.71
N GLN F 85 -29.82 -21.63 -13.31
CA GLN F 85 -30.73 -20.81 -14.10
C GLN F 85 -30.11 -20.39 -15.42
N VAL F 86 -28.79 -20.13 -15.43
CA VAL F 86 -28.14 -19.80 -16.69
C VAL F 86 -27.95 -21.04 -17.54
N LEU F 87 -28.05 -22.23 -16.96
CA LEU F 87 -27.94 -23.44 -17.75
C LEU F 87 -29.25 -23.82 -18.42
N ARG F 88 -30.40 -23.44 -17.87
CA ARG F 88 -31.69 -23.92 -18.34
C ARG F 88 -32.34 -22.92 -19.25
N ASP F 89 -31.55 -22.06 -19.86
CA ASP F 89 -32.06 -21.07 -20.79
C ASP F 89 -32.50 -21.72 -22.09
N PRO F 90 -33.75 -21.54 -22.52
CA PRO F 90 -34.22 -22.21 -23.75
C PRO F 90 -33.74 -21.55 -25.01
N CYS F 91 -33.14 -20.37 -24.94
CA CYS F 91 -32.85 -19.63 -26.15
C CYS F 91 -31.59 -20.11 -26.84
N VAL F 92 -30.68 -20.79 -26.12
CA VAL F 92 -29.50 -21.34 -26.76
C VAL F 92 -29.88 -22.49 -27.69
N LEU F 93 -30.99 -23.17 -27.38
CA LEU F 93 -31.56 -24.16 -28.28
C LEU F 93 -31.95 -23.55 -29.61
N ARG F 94 -32.74 -22.48 -29.57
CA ARG F 94 -33.20 -21.88 -30.82
C ARG F 94 -32.04 -21.21 -31.56
N LYS F 95 -31.03 -20.73 -30.84
CA LYS F 95 -29.89 -20.10 -31.50
C LYS F 95 -29.04 -21.13 -32.22
N GLN F 96 -28.70 -22.23 -31.54
CA GLN F 96 -27.91 -23.28 -32.16
C GLN F 96 -28.69 -23.97 -33.27
N LEU F 97 -30.01 -24.09 -33.10
CA LEU F 97 -30.85 -24.68 -34.13
C LEU F 97 -30.87 -23.84 -35.39
N LEU F 98 -31.06 -22.52 -35.24
CA LEU F 98 -31.08 -21.66 -36.42
C LEU F 98 -29.69 -21.56 -37.03
N TYR F 99 -28.63 -21.67 -36.21
CA TYR F 99 -27.29 -21.67 -36.75
C TYR F 99 -27.02 -22.90 -37.58
N GLY F 100 -27.46 -24.07 -37.10
CA GLY F 100 -27.27 -25.30 -37.84
C GLY F 100 -28.05 -25.30 -39.13
N VAL F 101 -29.29 -24.82 -39.09
CA VAL F 101 -30.07 -24.86 -40.32
C VAL F 101 -29.57 -23.82 -41.32
N CYS F 102 -29.06 -22.67 -40.86
CA CYS F 102 -28.58 -21.70 -41.84
C CYS F 102 -27.21 -22.07 -42.36
N LYS F 103 -26.39 -22.76 -41.55
CA LYS F 103 -25.13 -23.29 -42.05
C LYS F 103 -25.36 -24.35 -43.10
N THR F 104 -26.41 -25.18 -42.93
CA THR F 104 -26.75 -26.10 -44.01
C THR F 104 -27.38 -25.37 -45.19
N LEU F 105 -27.96 -24.19 -44.95
CA LEU F 105 -28.61 -23.46 -46.03
C LEU F 105 -27.60 -22.80 -46.95
N PHE F 106 -26.65 -22.07 -46.37
CA PHE F 106 -25.93 -21.07 -47.15
C PHE F 106 -24.86 -21.67 -48.04
N ASP F 107 -24.34 -22.84 -47.69
CA ASP F 107 -23.16 -23.38 -48.38
C ASP F 107 -23.49 -24.04 -49.71
N THR F 108 -24.77 -24.11 -50.10
CA THR F 108 -25.17 -24.98 -51.20
C THR F 108 -24.78 -24.42 -52.56
N ILE F 109 -25.19 -23.20 -52.88
CA ILE F 109 -25.17 -22.71 -54.25
C ILE F 109 -24.21 -21.51 -54.30
N THR F 110 -23.15 -21.60 -53.49
CA THR F 110 -22.18 -20.52 -53.35
C THR F 110 -21.42 -20.25 -54.65
N VAL F 111 -21.22 -21.28 -55.47
CA VAL F 111 -20.20 -21.19 -56.52
C VAL F 111 -20.79 -20.69 -57.83
N ARG F 112 -22.09 -20.91 -58.06
CA ARG F 112 -22.63 -20.61 -59.39
C ARG F 112 -23.56 -19.41 -59.38
N ARG F 113 -24.46 -19.35 -58.41
CA ARG F 113 -25.55 -18.38 -58.44
C ARG F 113 -25.10 -16.95 -58.26
N VAL F 114 -23.91 -16.70 -57.71
CA VAL F 114 -23.41 -15.34 -57.57
C VAL F 114 -23.09 -14.75 -58.95
N ALA F 115 -22.50 -15.56 -59.82
CA ALA F 115 -22.21 -15.09 -61.18
C ALA F 115 -23.49 -14.99 -62.00
N GLU F 116 -24.49 -15.80 -61.66
CA GLU F 116 -25.74 -15.77 -62.40
C GLU F 116 -26.59 -14.57 -62.01
N GLU F 117 -26.57 -14.19 -60.73
CA GLU F 117 -27.39 -13.06 -60.30
C GLU F 117 -26.59 -11.78 -60.30
N TRP F 118 -25.32 -11.85 -60.72
CA TRP F 118 -24.61 -10.64 -61.13
C TRP F 118 -25.26 -10.00 -62.36
N LYS F 119 -25.85 -10.83 -63.22
CA LYS F 119 -26.37 -10.35 -64.51
C LYS F 119 -27.55 -9.42 -64.35
N LEU F 120 -28.47 -9.73 -63.44
CA LEU F 120 -29.67 -8.92 -63.28
C LEU F 120 -29.35 -7.58 -62.62
N HIS F 121 -28.46 -7.61 -61.62
CA HIS F 121 -28.09 -6.36 -60.96
C HIS F 121 -27.06 -5.57 -61.77
N ALA F 122 -26.51 -6.18 -62.83
CA ALA F 122 -25.76 -5.38 -63.79
C ALA F 122 -26.67 -4.39 -64.51
N ALA F 123 -27.80 -4.88 -65.03
CA ALA F 123 -28.71 -3.98 -65.73
C ALA F 123 -29.58 -3.18 -64.76
N LEU F 124 -29.67 -3.63 -63.51
CA LEU F 124 -30.51 -2.94 -62.54
C LEU F 124 -29.86 -1.66 -62.05
N PHE F 125 -28.52 -1.63 -61.98
CA PHE F 125 -27.80 -0.44 -61.56
C PHE F 125 -27.01 0.17 -62.71
N PRO F 126 -27.53 1.22 -63.36
CA PRO F 126 -26.81 1.83 -64.48
C PRO F 126 -25.67 2.73 -64.01
N TYR F 127 -24.44 2.27 -64.18
CA TYR F 127 -23.29 2.85 -63.50
C TYR F 127 -22.04 2.41 -64.28
N ARG F 128 -20.90 2.37 -63.58
CA ARG F 128 -19.63 1.73 -64.02
C ARG F 128 -19.05 2.36 -65.30
N ALA F 129 -19.14 3.69 -65.41
CA ALA F 129 -18.56 4.37 -66.56
C ALA F 129 -17.04 4.42 -66.47
N LEU F 130 -16.50 4.80 -65.32
CA LEU F 130 -15.06 4.96 -65.14
C LEU F 130 -14.55 3.90 -64.16
N ASP F 131 -13.30 3.47 -64.35
CA ASP F 131 -12.80 2.30 -63.64
C ASP F 131 -12.18 2.67 -62.30
N GLU F 132 -11.88 3.96 -62.09
CA GLU F 132 -11.10 4.35 -60.91
C GLU F 132 -11.97 4.38 -59.65
N GLU F 133 -13.03 5.18 -59.66
CA GLU F 133 -13.83 5.45 -58.47
C GLU F 133 -15.15 4.70 -58.45
N ASP F 134 -15.73 4.44 -59.63
CA ASP F 134 -17.04 3.79 -59.68
C ASP F 134 -16.93 2.31 -59.37
N LEU F 135 -15.94 1.64 -59.96
CA LEU F 135 -15.81 0.19 -59.82
C LEU F 135 -15.35 -0.20 -58.42
N GLU F 136 -14.48 0.61 -57.82
CA GLU F 136 -13.92 0.28 -56.52
C GLU F 136 -14.95 0.43 -55.41
N GLN F 137 -15.93 1.31 -55.60
CA GLN F 137 -16.86 1.61 -54.52
C GLN F 137 -18.22 0.94 -54.73
N TYR F 138 -18.59 0.69 -55.98
CA TYR F 138 -19.93 0.16 -56.24
C TYR F 138 -20.04 -1.31 -55.83
N LEU F 139 -18.96 -2.07 -55.97
CA LEU F 139 -19.06 -3.52 -55.82
C LEU F 139 -19.13 -3.93 -54.36
N LEU F 140 -18.48 -3.16 -53.47
CA LEU F 140 -18.60 -3.39 -52.03
C LEU F 140 -20.04 -3.19 -51.56
N VAL F 141 -20.67 -2.09 -51.96
CA VAL F 141 -22.01 -1.81 -51.45
C VAL F 141 -23.05 -2.70 -52.16
N TRP F 142 -22.76 -3.14 -53.38
CA TRP F 142 -23.61 -4.13 -54.04
C TRP F 142 -23.54 -5.47 -53.33
N SER F 143 -22.33 -5.90 -52.95
CA SER F 143 -22.15 -7.15 -52.21
C SER F 143 -22.81 -7.08 -50.85
N ALA F 144 -22.64 -5.96 -50.14
CA ALA F 144 -23.26 -5.77 -48.85
C ALA F 144 -24.77 -5.76 -48.95
N SER F 145 -25.30 -5.15 -50.03
CA SER F 145 -26.73 -5.11 -50.27
C SER F 145 -27.30 -6.50 -50.49
N LEU F 146 -26.62 -7.31 -51.31
CA LEU F 146 -27.11 -8.65 -51.59
C LEU F 146 -27.06 -9.54 -50.37
N ARG F 147 -25.95 -9.50 -49.61
CA ARG F 147 -25.86 -10.34 -48.43
C ARG F 147 -26.87 -9.92 -47.36
N GLN F 148 -27.10 -8.61 -47.21
CA GLN F 148 -28.04 -8.18 -46.17
C GLN F 148 -29.48 -8.47 -46.60
N SER F 149 -29.76 -8.44 -47.90
CA SER F 149 -31.13 -8.69 -48.35
C SER F 149 -31.49 -10.16 -48.19
N VAL F 150 -30.57 -11.06 -48.61
CA VAL F 150 -30.82 -12.48 -48.38
C VAL F 150 -30.78 -12.79 -46.88
N GLN F 151 -30.01 -12.00 -46.12
CA GLN F 151 -29.90 -12.19 -44.69
C GLN F 151 -31.20 -11.89 -43.98
N THR F 152 -31.79 -10.72 -44.24
CA THR F 152 -33.07 -10.37 -43.62
C THR F 152 -34.19 -11.27 -44.12
N GLY F 153 -34.11 -11.73 -45.38
CA GLY F 153 -35.11 -12.65 -45.88
C GLY F 153 -35.12 -13.98 -45.13
N VAL F 154 -33.95 -14.61 -45.03
CA VAL F 154 -33.91 -15.90 -44.34
C VAL F 154 -34.09 -15.71 -42.83
N LEU F 155 -33.74 -14.52 -42.32
CA LEU F 155 -33.91 -14.22 -40.91
C LEU F 155 -35.39 -14.11 -40.54
N GLY F 156 -36.17 -13.42 -41.37
CA GLY F 156 -37.59 -13.34 -41.13
C GLY F 156 -38.28 -14.67 -41.30
N ALA F 157 -37.84 -15.46 -42.29
CA ALA F 157 -38.42 -16.80 -42.48
C ALA F 157 -38.15 -17.70 -41.28
N LEU F 158 -36.90 -17.69 -40.78
CA LEU F 158 -36.57 -18.55 -39.65
C LEU F 158 -37.23 -18.06 -38.37
N ARG F 159 -37.36 -16.74 -38.21
CA ARG F 159 -37.99 -16.20 -37.01
C ARG F 159 -39.48 -16.54 -36.98
N ASP F 160 -40.14 -16.52 -38.15
CA ASP F 160 -41.54 -16.89 -38.19
C ASP F 160 -41.72 -18.39 -37.91
N ILE F 161 -40.95 -19.24 -38.59
CA ILE F 161 -41.11 -20.67 -38.40
C ILE F 161 -40.62 -21.14 -37.04
N LEU F 162 -39.80 -20.34 -36.36
CA LEU F 162 -39.44 -20.61 -34.98
C LEU F 162 -40.52 -20.14 -34.02
N TYR F 163 -40.83 -18.83 -34.03
CA TYR F 163 -41.73 -18.24 -33.06
C TYR F 163 -43.17 -18.73 -33.18
N GLN F 164 -43.54 -19.37 -34.29
CA GLN F 164 -44.86 -19.97 -34.31
C GLN F 164 -44.93 -21.25 -33.48
N TYR F 165 -43.95 -22.14 -33.64
CA TYR F 165 -44.10 -23.46 -33.02
C TYR F 165 -42.79 -24.00 -32.44
N ALA F 166 -41.88 -23.14 -31.99
CA ALA F 166 -40.73 -23.61 -31.24
C ALA F 166 -40.67 -23.05 -29.83
N ASP F 167 -41.78 -22.61 -29.27
CA ASP F 167 -41.85 -22.20 -27.87
C ASP F 167 -42.17 -23.39 -26.96
N ASN F 168 -41.45 -24.49 -27.15
CA ASN F 168 -41.78 -25.72 -26.47
C ASN F 168 -41.31 -25.73 -25.03
N ASP F 169 -40.24 -24.98 -24.72
CA ASP F 169 -39.58 -24.84 -23.41
C ASP F 169 -39.32 -26.18 -22.71
N ASP F 170 -39.14 -27.23 -23.49
CA ASP F 170 -38.84 -28.56 -22.99
C ASP F 170 -37.39 -28.71 -22.58
N TYR F 171 -36.51 -27.89 -23.17
CA TYR F 171 -35.09 -27.94 -22.87
C TYR F 171 -34.82 -27.58 -21.42
N GLY F 172 -35.66 -26.70 -20.86
CA GLY F 172 -35.52 -26.28 -19.49
C GLY F 172 -35.77 -27.37 -18.48
N LEU F 173 -36.51 -28.40 -18.84
CA LEU F 173 -36.63 -29.59 -18.01
C LEU F 173 -35.69 -30.69 -18.45
N TYR F 174 -35.31 -30.67 -19.72
CA TYR F 174 -34.39 -31.66 -20.26
C TYR F 174 -33.04 -31.55 -19.59
N VAL F 175 -32.58 -30.32 -19.34
CA VAL F 175 -31.32 -30.15 -18.63
C VAL F 175 -31.47 -30.55 -17.18
N ASP F 176 -32.68 -30.46 -16.61
CA ASP F 176 -32.87 -30.90 -15.23
C ASP F 176 -32.75 -32.41 -15.14
N TRP F 177 -33.43 -33.13 -16.02
CA TRP F 177 -33.31 -34.58 -15.98
C TRP F 177 -31.93 -35.07 -16.43
N CYS F 178 -31.19 -34.29 -17.22
CA CYS F 178 -29.81 -34.66 -17.48
C CYS F 178 -28.91 -34.35 -16.30
N VAL F 179 -29.28 -33.42 -15.43
CA VAL F 179 -28.38 -33.02 -14.37
C VAL F 179 -28.67 -33.71 -13.04
N THR F 180 -29.88 -34.24 -12.83
CA THR F 180 -30.16 -34.79 -11.51
C THR F 180 -30.35 -36.30 -11.46
N VAL F 181 -30.63 -36.96 -12.57
CA VAL F 181 -30.76 -38.42 -12.56
C VAL F 181 -29.98 -39.04 -13.69
N GLY F 182 -29.45 -38.21 -14.58
CA GLY F 182 -28.60 -38.72 -15.64
C GLY F 182 -29.34 -39.34 -16.80
N LEU F 183 -30.65 -39.13 -16.89
CA LEU F 183 -31.46 -39.65 -17.99
C LEU F 183 -32.77 -38.87 -18.00
N VAL F 184 -33.44 -38.88 -19.15
CA VAL F 184 -34.62 -38.04 -19.34
C VAL F 184 -35.80 -38.94 -19.70
N PRO F 185 -36.96 -38.73 -19.10
CA PRO F 185 -38.19 -39.33 -19.62
C PRO F 185 -38.82 -38.41 -20.65
N LEU F 186 -39.37 -39.01 -21.70
CA LEU F 186 -39.85 -38.23 -22.84
C LEU F 186 -40.79 -39.09 -23.67
N LEU F 187 -41.89 -38.50 -24.12
CA LEU F 187 -42.89 -39.21 -24.90
C LEU F 187 -42.85 -38.69 -26.34
N ASP F 188 -43.32 -39.51 -27.26
CA ASP F 188 -43.36 -39.17 -28.68
C ASP F 188 -44.81 -39.02 -29.13
N VAL F 189 -45.32 -37.79 -29.06
CA VAL F 189 -46.70 -37.53 -29.45
C VAL F 189 -46.82 -37.61 -30.97
N LYS F 190 -47.74 -38.44 -31.43
CA LYS F 190 -48.01 -38.62 -32.84
C LYS F 190 -49.40 -38.08 -33.16
N THR F 191 -49.51 -37.42 -34.30
CA THR F 191 -50.75 -36.81 -34.73
C THR F 191 -51.12 -37.32 -36.11
N LYS F 192 -52.28 -36.86 -36.59
CA LYS F 192 -52.72 -37.18 -37.94
C LYS F 192 -51.81 -36.45 -38.94
N PRO F 193 -51.57 -37.05 -40.12
CA PRO F 193 -50.74 -36.37 -41.14
C PRO F 193 -51.37 -35.12 -41.75
N SER F 194 -52.60 -34.74 -41.37
CA SER F 194 -53.14 -33.46 -41.79
C SER F 194 -52.39 -32.30 -41.15
N GLU F 195 -51.83 -32.51 -39.96
CA GLU F 195 -51.01 -31.50 -39.32
C GLU F 195 -49.70 -31.27 -40.05
N ALA F 196 -49.16 -32.33 -40.68
CA ALA F 196 -48.03 -32.16 -41.57
C ALA F 196 -48.40 -31.27 -42.75
N ALA F 197 -49.63 -31.42 -43.26
CA ALA F 197 -50.10 -30.53 -44.31
C ALA F 197 -50.32 -29.11 -43.80
N GLU F 198 -50.70 -28.97 -42.52
CA GLU F 198 -50.80 -27.64 -41.90
C GLU F 198 -49.45 -26.94 -41.89
N ARG F 199 -48.40 -27.66 -41.49
CA ARG F 199 -47.08 -27.06 -41.46
C ARG F 199 -46.54 -26.83 -42.86
N ALA F 200 -46.85 -27.73 -43.80
CA ALA F 200 -46.38 -27.59 -45.17
C ALA F 200 -47.10 -26.46 -45.89
N GLN F 201 -48.32 -26.12 -45.44
CA GLN F 201 -48.97 -24.92 -45.93
C GLN F 201 -48.40 -23.67 -45.25
N PHE F 202 -48.10 -23.77 -43.95
CA PHE F 202 -47.64 -22.62 -43.18
C PHE F 202 -46.27 -22.14 -43.64
N VAL F 203 -45.41 -23.07 -44.09
CA VAL F 203 -44.07 -22.67 -44.48
C VAL F 203 -44.09 -21.86 -45.78
N ARG F 204 -45.10 -22.04 -46.62
CA ARG F 204 -45.17 -21.28 -47.85
C ARG F 204 -45.53 -19.82 -47.59
N ALA F 205 -46.52 -19.58 -46.73
CA ALA F 205 -46.84 -18.21 -46.34
C ALA F 205 -45.74 -17.62 -45.48
N ALA F 206 -44.95 -18.47 -44.82
CA ALA F 206 -43.76 -17.98 -44.12
C ALA F 206 -42.70 -17.49 -45.10
N VAL F 207 -42.44 -18.26 -46.16
CA VAL F 207 -41.35 -17.87 -47.08
C VAL F 207 -41.84 -16.86 -48.10
N GLN F 208 -43.14 -16.55 -48.10
CA GLN F 208 -43.60 -15.43 -48.91
C GLN F 208 -43.08 -14.09 -48.37
N ARG F 209 -42.84 -14.02 -47.06
CA ARG F 209 -42.24 -12.83 -46.49
C ARG F 209 -40.79 -12.67 -46.93
N ALA F 210 -40.11 -13.78 -47.21
CA ALA F 210 -38.77 -13.70 -47.77
C ALA F 210 -38.82 -13.50 -49.29
N THR F 211 -39.91 -13.96 -49.91
CA THR F 211 -40.09 -13.77 -51.35
C THR F 211 -40.30 -12.30 -51.69
N GLU F 212 -41.00 -11.57 -50.81
CA GLU F 212 -41.27 -10.17 -51.07
C GLU F 212 -40.00 -9.32 -50.97
N THR F 213 -39.19 -9.55 -49.95
CA THR F 213 -38.01 -8.70 -49.76
C THR F 213 -36.91 -9.05 -50.75
N HIS F 214 -36.80 -10.33 -51.14
CA HIS F 214 -35.74 -10.75 -52.00
C HIS F 214 -36.21 -11.84 -52.97
N PRO F 215 -36.01 -11.64 -54.27
CA PRO F 215 -36.29 -12.75 -55.19
C PRO F 215 -35.27 -13.86 -55.12
N LEU F 216 -33.99 -13.53 -54.93
CA LEU F 216 -32.94 -14.54 -55.04
C LEU F 216 -32.88 -15.41 -53.79
N ALA F 217 -33.44 -14.95 -52.68
CA ALA F 217 -33.42 -15.73 -51.46
C ALA F 217 -34.37 -16.91 -51.54
N GLN F 218 -35.42 -16.79 -52.35
CA GLN F 218 -36.45 -17.82 -52.39
C GLN F 218 -35.95 -19.07 -53.12
N ASP F 219 -34.95 -18.91 -53.99
CA ASP F 219 -34.46 -20.04 -54.78
C ASP F 219 -33.70 -21.04 -53.92
N LEU F 220 -33.07 -20.57 -52.85
CA LEU F 220 -32.37 -21.48 -51.95
C LEU F 220 -33.36 -22.13 -50.97
N LEU F 221 -34.38 -21.37 -50.56
CA LEU F 221 -35.39 -21.93 -49.66
C LEU F 221 -36.25 -22.96 -50.38
N GLN F 222 -36.51 -22.76 -51.68
CA GLN F 222 -37.26 -23.75 -52.42
C GLN F 222 -36.42 -24.97 -52.72
N ALA F 223 -35.09 -24.83 -52.65
CA ALA F 223 -34.22 -25.99 -52.76
C ALA F 223 -34.25 -26.80 -51.47
N ASN F 224 -34.18 -26.15 -50.33
CA ASN F 224 -34.04 -26.86 -49.07
C ASN F 224 -35.32 -26.87 -48.23
N LEU F 225 -36.49 -26.70 -48.86
CA LEU F 225 -37.76 -26.77 -48.14
C LEU F 225 -37.99 -28.15 -47.54
N ALA F 226 -37.41 -29.20 -48.13
CA ALA F 226 -37.52 -30.53 -47.56
C ALA F 226 -36.84 -30.60 -46.20
N LEU F 227 -35.63 -30.03 -46.09
CA LEU F 227 -34.95 -29.97 -44.81
C LEU F 227 -35.67 -29.05 -43.84
N LEU F 228 -36.28 -27.97 -44.35
CA LEU F 228 -37.04 -27.06 -43.50
C LEU F 228 -38.26 -27.74 -42.90
N LEU F 229 -39.05 -28.45 -43.72
CA LEU F 229 -40.20 -29.16 -43.20
C LEU F 229 -39.78 -30.35 -42.35
N GLN F 230 -38.61 -30.91 -42.63
CA GLN F 230 -38.08 -32.01 -41.81
C GLN F 230 -37.78 -31.55 -40.40
N VAL F 231 -37.08 -30.42 -40.27
CA VAL F 231 -36.75 -29.94 -38.93
C VAL F 231 -37.98 -29.33 -38.25
N ALA F 232 -38.95 -28.88 -39.05
CA ALA F 232 -40.19 -28.38 -38.46
C ALA F 232 -41.03 -29.53 -37.90
N GLU F 233 -41.11 -30.65 -38.64
CA GLU F 233 -41.89 -31.78 -38.17
C GLU F 233 -41.21 -32.48 -37.00
N ARG F 234 -39.88 -32.63 -37.07
CA ARG F 234 -39.16 -33.25 -35.98
C ARG F 234 -39.07 -32.32 -34.78
N LEU F 235 -39.27 -31.02 -35.00
CA LEU F 235 -39.31 -30.07 -33.91
C LEU F 235 -40.52 -30.30 -33.00
N GLY F 236 -41.71 -30.34 -33.58
CA GLY F 236 -42.91 -30.55 -32.82
C GLY F 236 -43.30 -32.00 -32.62
N ALA F 237 -42.35 -32.93 -32.78
CA ALA F 237 -42.68 -34.34 -32.68
C ALA F 237 -42.53 -34.86 -31.25
N VAL F 238 -41.50 -34.41 -30.54
CA VAL F 238 -41.09 -35.02 -29.29
C VAL F 238 -41.21 -33.99 -28.17
N ARG F 239 -41.74 -34.43 -27.03
CA ARG F 239 -41.91 -33.60 -25.85
C ARG F 239 -41.07 -34.14 -24.69
N VAL F 240 -41.29 -33.56 -23.50
CA VAL F 240 -40.44 -33.79 -22.35
C VAL F 240 -41.15 -34.59 -21.26
N ALA F 241 -42.41 -34.97 -21.51
CA ALA F 241 -43.26 -35.74 -20.59
C ALA F 241 -43.47 -35.02 -19.25
N ASN F 242 -44.01 -33.81 -19.33
CA ASN F 242 -44.42 -33.07 -18.15
C ASN F 242 -45.87 -33.43 -17.85
N ALA F 243 -46.04 -34.55 -17.18
CA ALA F 243 -47.35 -35.05 -16.80
C ALA F 243 -47.21 -35.82 -15.51
N PRO F 244 -48.24 -35.85 -14.68
CA PRO F 244 -48.17 -36.64 -13.45
C PRO F 244 -48.29 -38.14 -13.73
N GLU F 245 -48.24 -38.90 -12.64
CA GLU F 245 -48.33 -40.38 -12.59
C GLU F 245 -47.40 -41.09 -13.59
N VAL F 246 -46.27 -40.48 -13.89
CA VAL F 246 -45.25 -41.15 -14.67
C VAL F 246 -44.43 -41.99 -13.71
N ARG F 247 -43.70 -42.95 -14.28
CA ARG F 247 -42.82 -43.79 -13.46
C ARG F 247 -41.72 -44.36 -14.34
N VAL F 248 -40.50 -44.33 -13.82
CA VAL F 248 -39.36 -44.99 -14.45
C VAL F 248 -38.71 -45.88 -13.40
N PHE F 249 -38.00 -46.91 -13.88
CA PHE F 249 -37.47 -47.96 -13.02
C PHE F 249 -36.37 -48.71 -13.76
N LYS F 250 -35.60 -49.50 -13.01
CA LYS F 250 -34.58 -50.35 -13.59
C LYS F 250 -34.97 -51.80 -13.41
N LYS F 251 -35.12 -52.52 -14.52
CA LYS F 251 -35.53 -53.91 -14.46
C LYS F 251 -34.35 -54.76 -14.01
N VAL F 252 -34.55 -55.54 -12.95
CA VAL F 252 -33.42 -56.09 -12.21
C VAL F 252 -32.80 -57.31 -12.89
N ARG F 253 -33.57 -58.11 -13.60
CA ARG F 253 -33.01 -59.33 -14.17
C ARG F 253 -32.35 -59.06 -15.52
N SER F 254 -32.96 -58.19 -16.32
CA SER F 254 -32.39 -57.73 -17.57
C SER F 254 -32.18 -56.22 -17.45
N GLU F 255 -30.91 -55.80 -17.43
CA GLU F 255 -30.55 -54.42 -17.11
C GLU F 255 -30.82 -53.50 -18.30
N ARG F 256 -32.11 -53.35 -18.59
CA ARG F 256 -32.62 -52.67 -19.77
C ARG F 256 -33.73 -51.71 -19.38
N LEU F 257 -33.42 -50.82 -18.44
CA LEU F 257 -34.36 -49.91 -17.77
C LEU F 257 -35.24 -49.12 -18.74
N GLU F 258 -36.50 -48.92 -18.35
CA GLU F 258 -37.55 -48.47 -19.26
C GLU F 258 -38.37 -47.35 -18.65
N ALA F 259 -39.11 -46.65 -19.49
CA ALA F 259 -40.05 -45.62 -19.09
C ALA F 259 -41.45 -46.01 -19.49
N GLN F 260 -42.37 -45.94 -18.54
CA GLN F 260 -43.78 -46.09 -18.86
C GLN F 260 -44.56 -44.87 -18.38
N LEU F 261 -45.63 -44.56 -19.10
CA LEU F 261 -46.46 -43.40 -18.83
C LEU F 261 -47.89 -43.91 -18.70
N ARG F 262 -48.39 -43.92 -17.46
CA ARG F 262 -49.79 -44.15 -17.13
C ARG F 262 -50.24 -45.52 -17.60
N GLY F 263 -49.40 -46.52 -17.31
CA GLY F 263 -49.64 -47.87 -17.75
C GLY F 263 -49.19 -48.20 -19.15
N LYS F 264 -48.67 -47.22 -19.90
CA LYS F 264 -48.25 -47.42 -21.27
C LYS F 264 -46.74 -47.20 -21.37
N HIS F 265 -46.02 -48.22 -21.85
CA HIS F 265 -44.57 -48.11 -21.98
C HIS F 265 -44.22 -47.18 -23.13
N ILE F 266 -43.26 -46.28 -22.88
CA ILE F 266 -42.86 -45.25 -23.83
C ILE F 266 -41.36 -45.33 -24.05
N ARG F 267 -40.84 -44.51 -24.97
CA ARG F 267 -39.42 -44.43 -25.19
C ARG F 267 -38.76 -43.57 -24.11
N LEU F 268 -37.45 -43.72 -23.94
CA LEU F 268 -36.69 -42.80 -23.11
C LEU F 268 -35.22 -42.83 -23.51
N TYR F 269 -34.51 -41.80 -23.09
CA TYR F 269 -33.10 -41.63 -23.37
C TYR F 269 -32.32 -41.80 -22.07
N VAL F 270 -31.08 -42.27 -22.18
CA VAL F 270 -30.16 -42.35 -21.06
C VAL F 270 -28.86 -41.64 -21.45
N ALA F 271 -28.37 -40.79 -20.56
CA ALA F 271 -27.09 -40.13 -20.77
C ALA F 271 -26.06 -40.57 -19.74
N ALA F 272 -26.45 -40.68 -18.48
CA ALA F 272 -25.57 -41.13 -17.42
C ALA F 272 -26.33 -42.14 -16.59
N GLU F 273 -26.05 -43.41 -16.80
CA GLU F 273 -26.72 -44.44 -16.03
C GLU F 273 -26.09 -44.54 -14.65
N PRO F 274 -26.87 -44.68 -13.59
CA PRO F 274 -26.30 -44.73 -12.25
C PRO F 274 -25.90 -46.15 -11.87
N LEU F 275 -24.91 -46.23 -11.00
CA LEU F 275 -24.36 -47.50 -10.58
C LEU F 275 -25.29 -48.17 -9.56
N ALA F 276 -25.36 -49.50 -9.60
CA ALA F 276 -26.32 -50.26 -8.81
C ALA F 276 -25.64 -51.48 -8.20
N TYR F 277 -25.89 -51.72 -6.92
CA TYR F 277 -25.21 -52.78 -6.17
C TYR F 277 -26.19 -53.41 -5.17
N GLU F 278 -25.62 -54.17 -4.22
CA GLU F 278 -26.40 -54.86 -3.21
C GLU F 278 -27.18 -53.89 -2.33
N ARG F 279 -26.68 -52.66 -2.18
CA ARG F 279 -27.54 -51.59 -1.70
C ARG F 279 -28.56 -51.37 -2.81
N ASP F 280 -29.78 -51.86 -2.61
CA ASP F 280 -30.74 -51.95 -3.71
C ASP F 280 -31.30 -50.58 -4.04
N LYS F 281 -31.23 -49.63 -3.12
CA LYS F 281 -31.26 -48.24 -3.51
C LYS F 281 -29.95 -47.88 -4.18
N LEU F 282 -30.01 -47.65 -5.49
CA LEU F 282 -28.80 -47.50 -6.30
C LEU F 282 -28.33 -46.07 -6.22
N LEU F 283 -27.03 -45.89 -6.40
CA LEU F 283 -26.38 -44.62 -6.13
C LEU F 283 -26.03 -43.94 -7.46
N PHE F 284 -26.22 -42.63 -7.51
CA PHE F 284 -26.15 -41.88 -8.75
C PHE F 284 -24.78 -41.25 -8.94
N THR F 285 -24.39 -41.10 -10.20
CA THR F 285 -23.17 -40.41 -10.55
C THR F 285 -23.43 -39.04 -11.13
N THR F 286 -24.60 -38.50 -10.93
CA THR F 286 -24.97 -37.23 -11.54
C THR F 286 -24.30 -36.09 -10.77
N PRO F 287 -24.19 -34.91 -11.38
CA PRO F 287 -23.61 -33.78 -10.64
C PRO F 287 -24.42 -33.33 -9.44
N VAL F 288 -25.75 -33.34 -9.52
CA VAL F 288 -26.54 -32.71 -8.45
C VAL F 288 -26.56 -33.58 -7.20
N ALA F 289 -26.51 -34.90 -7.36
CA ALA F 289 -26.48 -35.78 -6.19
C ALA F 289 -25.17 -35.71 -5.41
N HIS F 290 -24.14 -35.07 -5.96
CA HIS F 290 -22.91 -34.87 -5.22
C HIS F 290 -23.08 -33.85 -4.11
N LEU F 291 -24.11 -33.01 -4.18
CA LEU F 291 -24.34 -31.94 -3.22
C LEU F 291 -25.76 -31.94 -2.64
N HIS F 292 -26.41 -33.10 -2.63
CA HIS F 292 -27.75 -33.17 -2.05
C HIS F 292 -27.71 -33.04 -0.53
N GLU F 293 -26.77 -33.74 0.11
CA GLU F 293 -26.73 -33.77 1.56
C GLU F 293 -26.32 -32.42 2.14
N GLU F 294 -25.54 -31.63 1.39
CA GLU F 294 -25.07 -30.37 1.93
C GLU F 294 -26.16 -29.32 1.92
N ILE F 295 -26.93 -29.25 0.84
CA ILE F 295 -28.06 -28.32 0.86
C ILE F 295 -29.16 -28.80 1.79
N LEU F 296 -29.24 -30.12 2.03
CA LEU F 296 -30.19 -30.58 3.03
C LEU F 296 -29.73 -30.18 4.43
N ARG F 297 -28.41 -30.20 4.66
CA ARG F 297 -27.85 -29.69 5.91
C ARG F 297 -28.09 -28.19 6.05
N TYR F 298 -27.98 -27.46 4.95
CA TYR F 298 -28.22 -26.01 4.97
C TYR F 298 -29.67 -25.70 5.29
N ASP F 299 -30.59 -26.51 4.78
CA ASP F 299 -32.00 -26.25 5.06
C ASP F 299 -32.36 -26.64 6.48
N GLY F 300 -31.75 -27.73 6.98
CA GLY F 300 -31.90 -28.05 8.39
C GLY F 300 -31.39 -26.95 9.30
N LEU F 301 -30.25 -26.35 8.92
CA LEU F 301 -29.73 -25.24 9.70
C LEU F 301 -30.58 -23.99 9.56
N CYS F 302 -31.18 -23.78 8.39
CA CYS F 302 -32.08 -22.64 8.19
C CYS F 302 -33.31 -22.74 9.07
N ARG F 303 -34.00 -23.88 9.01
CA ARG F 303 -35.18 -24.10 9.83
C ARG F 303 -34.82 -24.12 11.31
N HIS F 304 -33.63 -24.63 11.63
CA HIS F 304 -33.17 -24.66 13.02
C HIS F 304 -32.93 -23.26 13.55
N GLN F 305 -32.30 -22.41 12.75
CA GLN F 305 -32.09 -21.01 13.11
C GLN F 305 -33.40 -20.28 13.31
N LYS F 306 -34.36 -20.50 12.41
CA LYS F 306 -35.66 -19.87 12.54
C LYS F 306 -36.39 -20.34 13.80
N ILE F 307 -36.32 -21.64 14.09
CA ILE F 307 -37.12 -22.16 15.19
C ILE F 307 -36.46 -21.90 16.53
N CYS F 308 -35.14 -21.71 16.57
CA CYS F 308 -34.56 -21.28 17.84
C CYS F 308 -34.72 -19.79 18.04
N GLN F 309 -34.73 -19.02 16.95
CA GLN F 309 -34.91 -17.58 17.06
C GLN F 309 -36.32 -17.23 17.48
N LEU F 310 -37.31 -17.98 16.99
CA LEU F 310 -38.68 -17.78 17.47
C LEU F 310 -38.97 -18.47 18.79
N LEU F 311 -37.96 -19.08 19.42
CA LEU F 311 -38.19 -19.74 20.69
C LEU F 311 -37.91 -18.84 21.88
N ASN F 312 -36.78 -18.13 21.88
CA ASN F 312 -36.38 -17.33 23.02
C ASN F 312 -36.69 -15.85 22.82
N THR F 313 -37.85 -15.54 22.23
CA THR F 313 -38.18 -14.16 21.91
C THR F 313 -38.36 -13.30 23.15
N PHE F 314 -38.98 -13.86 24.18
CA PHE F 314 -39.27 -13.14 25.40
C PHE F 314 -37.99 -12.87 26.17
N PRO F 315 -37.87 -11.68 26.79
CA PRO F 315 -36.58 -11.29 27.38
C PRO F 315 -36.20 -12.07 28.62
N VAL F 316 -37.19 -12.53 29.39
CA VAL F 316 -36.92 -13.22 30.65
C VAL F 316 -37.68 -14.53 30.68
N LYS F 317 -37.03 -15.54 31.25
CA LYS F 317 -37.60 -16.86 31.45
C LYS F 317 -37.37 -17.27 32.90
N VAL F 318 -38.38 -17.86 33.53
CA VAL F 318 -38.26 -18.36 34.89
C VAL F 318 -38.63 -19.84 34.88
N VAL F 319 -38.29 -20.53 35.96
CA VAL F 319 -38.69 -21.92 36.15
C VAL F 319 -39.51 -21.99 37.43
N THR F 320 -40.36 -23.01 37.53
CA THR F 320 -41.11 -23.27 38.75
C THR F 320 -41.57 -24.71 38.81
N ASP F 488 -48.62 -8.75 7.10
CA ASP F 488 -49.25 -8.12 8.24
C ASP F 488 -48.38 -7.02 8.81
N ALA F 489 -48.47 -5.82 8.22
CA ALA F 489 -47.63 -4.68 8.56
C ALA F 489 -48.31 -3.75 9.55
N GLU F 490 -49.06 -4.31 10.50
CA GLU F 490 -49.89 -3.51 11.40
C GLU F 490 -49.07 -2.69 12.37
N LEU F 491 -47.85 -3.13 12.69
CA LEU F 491 -47.08 -2.49 13.77
C LEU F 491 -46.53 -1.15 13.35
N TYR F 492 -46.16 -0.99 12.08
CA TYR F 492 -45.45 0.21 11.66
C TYR F 492 -46.35 1.43 11.60
N HIS F 493 -47.61 1.23 11.21
CA HIS F 493 -48.48 2.37 10.90
C HIS F 493 -48.87 3.15 12.15
N LEU F 494 -49.23 2.46 13.21
CA LEU F 494 -49.74 3.14 14.38
C LEU F 494 -48.58 3.58 15.28
N PRO F 495 -48.78 4.58 16.15
CA PRO F 495 -47.71 4.97 17.07
C PRO F 495 -47.41 3.89 18.11
N VAL F 496 -46.30 4.09 18.81
CA VAL F 496 -45.74 3.05 19.67
C VAL F 496 -46.54 2.85 20.95
N LEU F 497 -47.44 3.76 21.28
CA LEU F 497 -48.09 3.68 22.59
C LEU F 497 -49.18 2.64 22.64
N GLU F 498 -49.70 2.22 21.49
CA GLU F 498 -50.57 1.06 21.45
C GLU F 498 -49.80 -0.19 21.02
N ALA F 499 -48.67 0.00 20.33
CA ALA F 499 -47.81 -1.13 19.99
C ALA F 499 -47.18 -1.73 21.23
N VAL F 500 -46.87 -0.90 22.24
CA VAL F 500 -46.34 -1.42 23.49
C VAL F 500 -47.42 -2.17 24.25
N ARG F 501 -48.69 -1.83 24.02
CA ARG F 501 -49.78 -2.60 24.59
C ARG F 501 -49.94 -3.94 23.86
N LYS F 502 -49.90 -3.91 22.54
CA LYS F 502 -50.14 -5.12 21.76
C LYS F 502 -48.95 -6.07 21.75
N ALA F 503 -47.76 -5.59 22.09
CA ALA F 503 -46.59 -6.47 22.11
C ALA F 503 -46.62 -7.45 23.26
N ARG F 504 -46.96 -6.99 24.47
CA ARG F 504 -47.00 -7.87 25.63
C ARG F 504 -48.11 -8.90 25.51
N ASP F 505 -49.32 -8.47 25.14
CA ASP F 505 -50.43 -9.37 24.90
C ASP F 505 -50.24 -10.20 23.62
N ALA F 506 -49.33 -9.78 22.74
CA ALA F 506 -49.07 -10.49 21.51
C ALA F 506 -48.26 -11.75 21.73
N ALA F 507 -47.15 -11.64 22.46
CA ALA F 507 -46.36 -12.80 22.88
C ALA F 507 -46.55 -12.93 24.37
N PRO F 508 -47.46 -13.79 24.81
CA PRO F 508 -47.68 -13.96 26.25
C PRO F 508 -46.53 -14.67 26.92
N PHE F 509 -46.32 -14.33 28.19
CA PHE F 509 -45.28 -14.96 29.00
C PHE F 509 -45.67 -16.41 29.27
N ARG F 510 -44.75 -17.33 29.04
CA ARG F 510 -45.00 -18.73 29.31
C ARG F 510 -44.00 -19.27 30.31
N PRO F 511 -44.40 -19.59 31.52
CA PRO F 511 -43.51 -20.31 32.44
C PRO F 511 -43.39 -21.77 32.07
N LEU F 512 -42.68 -22.54 32.90
CA LEU F 512 -42.53 -23.97 32.67
C LEU F 512 -42.26 -24.66 33.99
N ALA F 513 -42.90 -25.82 34.18
CA ALA F 513 -42.92 -26.44 35.50
C ALA F 513 -43.27 -27.92 35.37
N VAL F 514 -42.50 -28.75 36.07
CA VAL F 514 -42.84 -30.15 36.29
C VAL F 514 -42.66 -30.42 37.78
N GLU F 515 -43.62 -31.12 38.39
CA GLU F 515 -43.58 -31.37 39.83
C GLU F 515 -42.51 -32.39 40.17
N ASP F 516 -41.75 -32.11 41.23
CA ASP F 516 -40.76 -33.05 41.76
C ASP F 516 -40.50 -32.71 43.22
N ASN F 517 -40.84 -33.63 44.10
CA ASN F 517 -40.80 -33.39 45.54
C ASN F 517 -39.44 -33.80 46.11
N ARG F 518 -38.89 -32.96 46.98
CA ARG F 518 -37.60 -33.09 47.66
C ARG F 518 -36.43 -33.26 46.71
N LEU F 519 -36.59 -32.86 45.45
CA LEU F 519 -35.50 -32.76 44.48
C LEU F 519 -35.80 -31.53 43.65
N VAL F 520 -35.03 -30.47 43.89
CA VAL F 520 -35.37 -29.13 43.42
C VAL F 520 -34.52 -28.78 42.21
N ALA F 521 -34.83 -27.65 41.61
CA ALA F 521 -34.20 -27.27 40.34
C ALA F 521 -32.86 -26.60 40.57
N ASN F 522 -31.91 -26.90 39.68
CA ASN F 522 -30.68 -26.13 39.56
C ASN F 522 -30.43 -25.86 38.08
N SER F 523 -30.53 -24.60 37.69
CA SER F 523 -30.79 -24.24 36.31
C SER F 523 -29.52 -23.89 35.56
N PHE F 524 -29.65 -23.85 34.23
CA PHE F 524 -28.64 -23.28 33.35
C PHE F 524 -29.36 -22.61 32.20
N PHE F 525 -28.58 -21.97 31.33
CA PHE F 525 -29.14 -21.06 30.34
C PHE F 525 -28.19 -20.91 29.17
N SER F 526 -28.76 -20.84 27.97
CA SER F 526 -28.01 -20.67 26.73
C SER F 526 -28.80 -19.75 25.82
N GLN F 527 -28.13 -18.77 25.24
CA GLN F 527 -28.73 -17.91 24.22
C GLN F 527 -27.74 -17.84 23.06
N PHE F 528 -28.05 -18.55 21.98
CA PHE F 528 -27.18 -18.49 20.82
C PHE F 528 -27.99 -18.80 19.57
N VAL F 529 -27.41 -18.40 18.44
CA VAL F 529 -27.98 -18.67 17.12
C VAL F 529 -26.91 -19.40 16.31
N PRO F 530 -27.29 -20.25 15.37
CA PRO F 530 -26.28 -20.84 14.48
C PRO F 530 -25.86 -19.87 13.38
N GLY F 531 -24.56 -19.81 13.13
CA GLY F 531 -24.05 -18.90 12.14
C GLY F 531 -24.30 -19.40 10.73
N THR F 532 -25.25 -18.78 10.04
CA THR F 532 -25.66 -19.28 8.74
C THR F 532 -24.71 -18.83 7.63
N GLU F 533 -24.05 -17.68 7.84
CA GLU F 533 -23.30 -17.04 6.77
C GLU F 533 -22.05 -17.80 6.37
N SER F 534 -21.38 -18.44 7.33
CA SER F 534 -20.14 -19.17 7.05
C SER F 534 -20.39 -20.34 6.11
N LEU F 535 -21.27 -21.26 6.50
CA LEU F 535 -21.56 -22.38 5.64
C LEU F 535 -22.41 -21.99 4.43
N GLU F 536 -23.09 -20.84 4.48
CA GLU F 536 -23.72 -20.33 3.26
C GLU F 536 -22.67 -19.98 2.21
N ARG F 537 -21.63 -19.25 2.62
CA ARG F 537 -20.54 -18.93 1.71
C ARG F 537 -19.84 -20.20 1.24
N PHE F 538 -19.71 -21.17 2.14
CA PHE F 538 -19.14 -22.46 1.79
C PHE F 538 -19.96 -23.17 0.73
N LEU F 539 -21.29 -23.18 0.88
CA LEU F 539 -22.14 -23.86 -0.08
C LEU F 539 -22.20 -23.14 -1.41
N THR F 540 -22.14 -21.80 -1.40
CA THR F 540 -22.16 -21.07 -2.67
C THR F 540 -20.87 -21.27 -3.42
N GLN F 541 -19.73 -21.29 -2.73
CA GLN F 541 -18.47 -21.58 -3.39
C GLN F 541 -18.42 -23.01 -3.89
N LEU F 542 -19.04 -23.93 -3.14
CA LEU F 542 -19.14 -25.33 -3.58
C LEU F 542 -19.97 -25.44 -4.85
N TRP F 543 -21.11 -24.74 -4.90
CA TRP F 543 -21.95 -24.74 -6.09
C TRP F 543 -21.23 -24.13 -7.27
N GLU F 544 -20.48 -23.06 -7.02
CA GLU F 544 -19.77 -22.34 -8.08
C GLU F 544 -18.70 -23.22 -8.72
N ASN F 545 -17.80 -23.77 -7.91
CA ASN F 545 -16.75 -24.57 -8.53
C ASN F 545 -17.27 -25.93 -9.00
N GLU F 546 -18.37 -26.43 -8.42
CA GLU F 546 -18.95 -27.67 -8.89
C GLU F 546 -19.51 -27.50 -10.30
N TYR F 547 -20.36 -26.50 -10.49
CA TYR F 547 -20.93 -26.25 -11.81
C TYR F 547 -19.89 -25.79 -12.81
N PHE F 548 -18.83 -25.10 -12.35
CA PHE F 548 -17.77 -24.74 -13.27
C PHE F 548 -16.98 -25.96 -13.74
N ARG F 549 -16.76 -26.92 -12.86
CA ARG F 549 -15.97 -28.07 -13.28
C ARG F 549 -16.78 -29.04 -14.12
N THR F 550 -18.06 -29.25 -13.80
CA THR F 550 -18.80 -30.25 -14.58
C THR F 550 -19.17 -29.76 -15.97
N PHE F 551 -19.40 -28.46 -16.14
CA PHE F 551 -19.58 -27.85 -17.45
C PHE F 551 -18.73 -26.60 -17.44
N ARG F 552 -17.81 -26.49 -18.40
CA ARG F 552 -16.78 -25.46 -18.32
C ARG F 552 -17.35 -24.10 -18.72
N LEU F 553 -18.11 -23.51 -17.78
CA LEU F 553 -18.70 -22.20 -17.99
C LEU F 553 -17.62 -21.11 -17.91
N ARG F 554 -17.65 -20.17 -18.84
CA ARG F 554 -16.71 -19.07 -18.80
C ARG F 554 -17.28 -17.89 -18.00
N ARG F 555 -16.38 -17.03 -17.53
CA ARG F 555 -16.75 -15.79 -16.86
C ARG F 555 -16.04 -14.64 -17.56
N LEU F 556 -16.65 -14.12 -18.63
CA LEU F 556 -16.07 -12.96 -19.28
C LEU F 556 -16.45 -11.71 -18.51
N VAL F 557 -15.46 -10.92 -18.11
CA VAL F 557 -15.66 -9.68 -17.37
C VAL F 557 -14.75 -8.62 -17.96
N THR F 558 -14.90 -7.40 -17.47
CA THR F 558 -13.92 -6.36 -17.75
C THR F 558 -12.76 -6.49 -16.78
N HIS F 559 -11.79 -5.59 -16.93
CA HIS F 559 -10.75 -5.47 -15.92
C HIS F 559 -11.37 -4.95 -14.63
N GLN F 560 -10.90 -5.51 -13.50
CA GLN F 560 -11.42 -5.39 -12.14
C GLN F 560 -12.94 -5.61 -12.02
N GLY F 561 -13.50 -6.39 -12.94
CA GLY F 561 -14.92 -6.66 -12.97
C GLY F 561 -15.23 -8.03 -12.40
N ALA F 562 -16.32 -8.10 -11.64
CA ALA F 562 -16.71 -9.33 -10.97
C ALA F 562 -18.05 -9.82 -11.52
N GLU F 563 -18.05 -11.03 -12.10
CA GLU F 563 -19.20 -11.81 -12.59
C GLU F 563 -20.21 -10.97 -13.40
N GLU F 564 -19.72 -10.42 -14.51
CA GLU F 564 -20.60 -9.69 -15.41
C GLU F 564 -21.53 -10.62 -16.17
N ALA F 565 -20.99 -11.72 -16.70
CA ALA F 565 -21.81 -12.63 -17.49
C ALA F 565 -21.23 -14.03 -17.43
N ILE F 566 -22.10 -15.02 -17.42
CA ILE F 566 -21.74 -16.42 -17.53
C ILE F 566 -22.42 -16.95 -18.79
N VAL F 567 -21.70 -17.76 -19.57
CA VAL F 567 -22.18 -18.15 -20.88
C VAL F 567 -21.70 -19.54 -21.21
N TYR F 568 -22.49 -20.24 -22.05
CA TYR F 568 -22.13 -21.58 -22.53
C TYR F 568 -20.84 -21.53 -23.33
N SER F 569 -19.92 -22.41 -22.98
CA SER F 569 -18.68 -22.52 -23.70
C SER F 569 -18.62 -23.86 -24.44
N ASN F 570 -17.45 -24.16 -24.99
CA ASN F 570 -17.34 -25.10 -26.08
C ASN F 570 -17.57 -26.54 -25.63
N TYR F 571 -17.10 -26.89 -24.43
CA TYR F 571 -17.38 -28.21 -23.88
C TYR F 571 -18.85 -28.34 -23.48
N THR F 572 -19.45 -27.26 -23.01
CA THR F 572 -20.79 -27.31 -22.45
C THR F 572 -21.83 -27.65 -23.51
N VAL F 573 -21.72 -27.02 -24.69
CA VAL F 573 -22.67 -27.29 -25.76
C VAL F 573 -22.52 -28.72 -26.25
N GLU F 574 -21.29 -29.24 -26.31
CA GLU F 574 -21.09 -30.62 -26.72
C GLU F 574 -21.65 -31.59 -25.70
N ARG F 575 -21.63 -31.23 -24.41
CA ARG F 575 -22.14 -32.18 -23.43
C ARG F 575 -23.66 -32.13 -23.31
N VAL F 576 -24.31 -30.97 -23.49
CA VAL F 576 -25.75 -30.89 -23.23
C VAL F 576 -26.57 -30.66 -24.48
N THR F 577 -26.12 -29.84 -25.44
CA THR F 577 -26.99 -29.46 -26.53
C THR F 577 -27.03 -30.52 -27.63
N LEU F 578 -25.85 -31.02 -28.02
CA LEU F 578 -25.81 -32.06 -29.04
C LEU F 578 -26.41 -33.40 -28.63
N PRO F 579 -26.45 -33.83 -27.36
CA PRO F 579 -27.31 -34.96 -27.04
C PRO F 579 -28.79 -34.70 -27.27
N TYR F 580 -29.24 -33.47 -27.05
CA TYR F 580 -30.63 -33.12 -27.37
C TYR F 580 -30.90 -33.27 -28.85
N LEU F 581 -29.95 -32.85 -29.67
CA LEU F 581 -30.14 -32.99 -31.11
C LEU F 581 -29.88 -34.41 -31.58
N CYS F 582 -29.16 -35.20 -30.77
CA CYS F 582 -29.00 -36.62 -31.05
C CYS F 582 -30.31 -37.37 -30.87
N HIS F 583 -30.99 -37.15 -29.75
CA HIS F 583 -32.29 -37.79 -29.57
C HIS F 583 -33.38 -37.15 -30.42
N ILE F 584 -33.23 -35.86 -30.78
CA ILE F 584 -34.16 -35.22 -31.72
C ILE F 584 -34.03 -35.78 -33.13
N LEU F 585 -32.86 -36.35 -33.46
CA LEU F 585 -32.55 -36.96 -34.76
C LEU F 585 -32.62 -35.96 -35.90
N ALA F 586 -32.35 -34.70 -35.61
CA ALA F 586 -32.01 -33.74 -36.64
C ALA F 586 -30.51 -33.58 -36.80
N LEU F 587 -29.73 -34.28 -35.97
CA LEU F 587 -28.29 -34.07 -35.82
C LEU F 587 -27.48 -34.42 -37.06
N GLY F 588 -28.07 -35.14 -38.02
CA GLY F 588 -27.33 -35.62 -39.17
C GLY F 588 -26.86 -34.54 -40.14
N THR F 589 -27.32 -33.31 -39.98
CA THR F 589 -26.97 -32.23 -40.89
C THR F 589 -26.30 -31.04 -40.22
N LEU F 590 -26.65 -30.73 -38.98
CA LEU F 590 -26.29 -29.49 -38.31
C LEU F 590 -24.85 -29.52 -37.80
N ASP F 591 -24.51 -28.52 -37.02
CA ASP F 591 -23.15 -28.30 -36.55
C ASP F 591 -23.23 -27.45 -35.27
N PRO F 592 -22.37 -27.72 -34.29
CA PRO F 592 -22.39 -26.93 -33.06
C PRO F 592 -21.88 -25.51 -33.28
N VAL F 593 -22.48 -24.57 -32.57
CA VAL F 593 -22.19 -23.15 -32.71
C VAL F 593 -20.92 -22.81 -31.93
N PRO F 594 -20.06 -21.92 -32.42
CA PRO F 594 -18.99 -21.37 -31.59
C PRO F 594 -19.55 -20.62 -30.39
N GLU F 595 -18.72 -20.58 -29.33
CA GLU F 595 -19.21 -20.10 -28.04
C GLU F 595 -19.40 -18.59 -28.03
N ALA F 596 -18.48 -17.84 -28.64
CA ALA F 596 -18.65 -16.39 -28.73
C ALA F 596 -19.77 -16.01 -29.68
N TYR F 597 -20.08 -16.88 -30.64
CA TYR F 597 -21.21 -16.66 -31.53
C TYR F 597 -22.52 -16.80 -30.79
N LEU F 598 -22.52 -17.58 -29.70
CA LEU F 598 -23.74 -17.78 -28.92
C LEU F 598 -24.14 -16.52 -28.16
N GLN F 599 -23.17 -15.68 -27.81
CA GLN F 599 -23.45 -14.44 -27.11
C GLN F 599 -24.18 -13.43 -27.99
N LEU F 600 -23.98 -13.50 -29.30
CA LEU F 600 -24.39 -12.48 -30.25
C LEU F 600 -25.91 -12.48 -30.42
N SER F 601 -26.37 -11.60 -31.31
CA SER F 601 -27.80 -11.33 -31.47
C SER F 601 -28.52 -12.47 -32.18
N PHE F 602 -29.85 -12.40 -32.11
CA PHE F 602 -30.71 -13.32 -32.85
C PHE F 602 -30.65 -13.03 -34.34
N GLY F 603 -30.31 -11.80 -34.71
CA GLY F 603 -30.29 -11.41 -36.10
C GLY F 603 -28.89 -11.26 -36.67
N GLU F 604 -27.93 -10.93 -35.82
CA GLU F 604 -26.56 -10.71 -36.26
C GLU F 604 -25.82 -12.03 -36.49
N ILE F 605 -26.38 -13.13 -35.98
CA ILE F 605 -25.71 -14.43 -36.00
C ILE F 605 -25.57 -14.96 -37.43
N VAL F 606 -26.52 -14.68 -38.31
CA VAL F 606 -26.44 -15.22 -39.66
C VAL F 606 -25.40 -14.46 -40.48
N ALA F 607 -25.17 -13.19 -40.14
CA ALA F 607 -24.19 -12.39 -40.88
C ALA F 607 -22.78 -12.89 -40.64
N ALA F 608 -22.52 -13.44 -39.45
CA ALA F 608 -21.28 -14.14 -39.22
C ALA F 608 -21.34 -15.60 -39.67
N ALA F 609 -22.56 -16.16 -39.78
CA ALA F 609 -22.68 -17.57 -40.15
C ALA F 609 -22.31 -17.80 -41.60
N TYR F 610 -22.79 -16.95 -42.51
CA TYR F 610 -22.28 -17.13 -43.86
C TYR F 610 -20.93 -16.46 -44.09
N ASP F 611 -20.50 -15.57 -43.18
CA ASP F 611 -19.13 -15.09 -43.25
C ASP F 611 -18.14 -16.21 -42.95
N ASP F 612 -18.53 -17.14 -42.07
CA ASP F 612 -17.76 -18.37 -41.90
C ASP F 612 -17.81 -19.20 -43.18
N SER F 613 -18.95 -19.23 -43.86
CA SER F 613 -19.11 -20.01 -45.06
C SER F 613 -18.38 -19.37 -46.24
N LYS F 614 -18.36 -20.09 -47.36
CA LYS F 614 -17.72 -19.63 -48.58
C LYS F 614 -18.64 -18.75 -49.43
N PHE F 615 -19.75 -18.27 -48.85
CA PHE F 615 -20.68 -17.44 -49.60
C PHE F 615 -20.05 -16.09 -49.95
N CYS F 616 -19.68 -15.31 -48.94
CA CYS F 616 -19.00 -14.05 -49.20
C CYS F 616 -17.53 -14.23 -49.54
N ARG F 617 -16.97 -15.40 -49.25
CA ARG F 617 -15.62 -15.70 -49.73
C ARG F 617 -15.58 -15.89 -51.24
N TYR F 618 -16.68 -16.34 -51.85
CA TYR F 618 -16.74 -16.40 -53.30
C TYR F 618 -17.13 -15.06 -53.89
N VAL F 619 -17.75 -14.18 -53.10
CA VAL F 619 -17.91 -12.80 -53.51
C VAL F 619 -16.55 -12.12 -53.63
N GLU F 620 -15.60 -12.50 -52.77
CA GLU F 620 -14.22 -12.05 -52.92
C GLU F 620 -13.63 -12.53 -54.24
N LEU F 621 -13.93 -13.77 -54.64
CA LEU F 621 -13.40 -14.30 -55.88
C LEU F 621 -14.04 -13.62 -57.08
N ILE F 622 -15.34 -13.36 -57.03
CA ILE F 622 -16.01 -12.73 -58.17
C ILE F 622 -15.69 -11.24 -58.26
N CYS F 623 -15.39 -10.56 -57.14
CA CYS F 623 -15.02 -9.16 -57.26
C CYS F 623 -13.57 -9.03 -57.73
N SER F 624 -12.71 -9.98 -57.35
CA SER F 624 -11.39 -10.03 -57.96
C SER F 624 -11.47 -10.35 -59.44
N ARG F 625 -12.44 -11.19 -59.85
CA ARG F 625 -12.62 -11.48 -61.27
C ARG F 625 -13.11 -10.25 -62.03
N GLU F 626 -14.04 -9.49 -61.44
CA GLU F 626 -14.55 -8.30 -62.11
C GLU F 626 -13.48 -7.22 -62.21
N LYS F 627 -12.70 -7.01 -61.14
CA LYS F 627 -11.65 -6.01 -61.21
C LYS F 627 -10.50 -6.46 -62.11
N ALA F 628 -10.26 -7.77 -62.25
CA ALA F 628 -9.24 -8.25 -63.16
C ALA F 628 -9.69 -8.12 -64.61
N ARG F 629 -10.95 -8.46 -64.88
CA ARG F 629 -11.51 -8.35 -66.23
C ARG F 629 -11.61 -6.90 -66.69
N ARG F 630 -11.76 -5.97 -65.75
CA ARG F 630 -11.76 -4.57 -66.13
C ARG F 630 -10.38 -3.92 -66.08
N ARG F 631 -9.44 -4.47 -65.32
CA ARG F 631 -8.07 -3.95 -65.36
C ARG F 631 -7.38 -4.39 -66.64
N GLN F 632 -7.72 -5.57 -67.15
CA GLN F 632 -7.29 -5.93 -68.50
C GLN F 632 -8.01 -5.12 -69.57
N MET F 633 -9.23 -4.65 -69.28
CA MET F 633 -9.91 -3.76 -70.20
C MET F 633 -9.24 -2.39 -70.23
N SER F 634 -8.71 -1.94 -69.09
CA SER F 634 -7.96 -0.69 -69.08
C SER F 634 -6.53 -0.88 -69.58
N ARG F 635 -5.84 -1.90 -69.08
CA ARG F 635 -4.44 -2.12 -69.40
C ARG F 635 -4.18 -3.53 -69.92
N ASP G 52 -66.26 39.08 9.94
CA ASP G 52 -65.27 38.11 10.37
C ASP G 52 -65.25 36.89 9.46
N GLU G 53 -64.07 36.56 8.94
CA GLU G 53 -63.91 35.50 7.96
C GLU G 53 -62.85 34.52 8.45
N ALA G 54 -63.07 33.23 8.20
CA ALA G 54 -62.10 32.21 8.56
C ALA G 54 -61.10 32.01 7.43
N VAL G 55 -59.82 32.26 7.70
CA VAL G 55 -58.74 32.17 6.72
C VAL G 55 -57.55 31.56 7.43
N ILE G 56 -57.01 30.48 6.86
CA ILE G 56 -55.93 29.75 7.53
C ILE G 56 -54.62 30.50 7.38
N ASP G 57 -53.90 30.65 8.50
CA ASP G 57 -52.68 31.43 8.57
C ASP G 57 -51.46 30.54 8.41
N ILE G 58 -50.34 31.16 8.04
CA ILE G 58 -49.10 30.40 7.86
C ILE G 58 -47.95 30.96 8.67
N PHE G 59 -47.94 32.27 8.92
CA PHE G 59 -46.74 32.83 9.51
C PHE G 59 -46.53 32.56 11.00
N PRO G 60 -47.39 33.07 11.93
CA PRO G 60 -46.95 33.20 13.33
C PRO G 60 -47.23 31.95 14.17
N THR G 61 -46.89 30.79 13.63
CA THR G 61 -47.03 29.54 14.37
C THR G 61 -45.65 28.95 14.64
N GLY G 62 -45.62 28.00 15.58
CA GLY G 62 -44.35 27.48 16.07
C GLY G 62 -43.54 26.76 15.04
N GLN G 63 -44.21 25.99 14.16
CA GLN G 63 -43.56 25.29 13.06
C GLN G 63 -42.87 26.24 12.09
N THR G 64 -43.41 27.44 11.90
CA THR G 64 -42.85 28.37 10.94
C THR G 64 -42.05 29.49 11.56
N MET G 65 -42.44 29.97 12.74
CA MET G 65 -41.61 30.93 13.44
C MET G 65 -40.34 30.28 13.96
N SER G 66 -40.39 28.97 14.23
CA SER G 66 -39.19 28.22 14.56
C SER G 66 -38.23 28.10 13.39
N PHE G 67 -38.74 28.23 12.15
CA PHE G 67 -37.91 27.99 10.97
C PHE G 67 -36.83 29.04 10.81
N LEU G 68 -37.17 30.31 11.02
CA LEU G 68 -36.15 31.35 10.91
C LEU G 68 -35.19 31.31 12.09
N ARG G 69 -35.62 30.73 13.21
CA ARG G 69 -34.72 30.53 14.33
C ARG G 69 -33.70 29.44 14.03
N LEU G 70 -34.15 28.31 13.48
CA LEU G 70 -33.24 27.20 13.23
C LEU G 70 -32.33 27.49 12.05
N LEU G 71 -32.82 28.24 11.07
CA LEU G 71 -32.01 28.52 9.89
C LEU G 71 -30.85 29.44 10.25
N HIS G 72 -31.04 30.34 11.20
CA HIS G 72 -29.94 31.10 11.78
C HIS G 72 -29.46 30.48 13.08
N GLY G 73 -29.96 29.29 13.43
CA GLY G 73 -29.36 28.51 14.49
C GLY G 73 -29.54 29.04 15.87
N PHE G 74 -30.73 29.56 16.20
CA PHE G 74 -31.01 29.95 17.58
C PHE G 74 -30.95 28.75 18.50
N LEU G 75 -31.43 27.61 18.05
CA LEU G 75 -31.57 26.42 18.88
C LEU G 75 -30.73 25.26 18.37
N GLY G 76 -30.60 25.10 17.05
CA GLY G 76 -29.79 24.02 16.52
C GLY G 76 -28.87 24.44 15.40
N THR G 77 -27.65 23.90 15.45
CA THR G 77 -26.66 24.19 14.43
C THR G 77 -25.61 23.09 14.39
N CYS G 78 -24.87 23.04 13.30
CA CYS G 78 -23.86 22.03 13.01
C CYS G 78 -23.06 22.55 11.83
N ARG G 79 -22.26 21.67 11.23
CA ARG G 79 -21.47 22.04 10.06
C ARG G 79 -22.32 22.26 8.81
N GLY G 80 -23.61 21.95 8.86
CA GLY G 80 -24.45 22.17 7.70
C GLY G 80 -24.88 23.60 7.47
N GLN G 81 -24.81 24.45 8.49
CA GLN G 81 -25.39 25.77 8.38
C GLN G 81 -24.55 26.70 7.53
N SER G 82 -23.25 26.42 7.39
CA SER G 82 -22.36 27.29 6.64
C SER G 82 -22.67 27.30 5.15
N MET G 83 -23.30 26.24 4.63
CA MET G 83 -23.69 26.27 3.23
C MET G 83 -24.88 27.19 3.03
N HIS G 84 -25.71 27.36 4.05
CA HIS G 84 -26.72 28.41 3.97
C HIS G 84 -26.09 29.78 4.03
N GLN G 85 -25.00 29.90 4.80
CA GLN G 85 -24.28 31.17 4.91
C GLN G 85 -23.64 31.55 3.58
N VAL G 86 -23.16 30.57 2.82
CA VAL G 86 -22.63 30.89 1.49
C VAL G 86 -23.74 31.13 0.49
N LEU G 87 -24.97 30.76 0.83
CA LEU G 87 -26.10 31.05 -0.04
C LEU G 87 -26.63 32.47 0.14
N ARG G 88 -26.49 33.06 1.31
CA ARG G 88 -27.14 34.32 1.64
C ARG G 88 -26.17 35.48 1.51
N ASP G 89 -25.13 35.29 0.71
CA ASP G 89 -24.16 36.33 0.46
C ASP G 89 -24.73 37.46 -0.38
N PRO G 90 -24.76 38.70 0.11
CA PRO G 90 -25.38 39.78 -0.66
C PRO G 90 -24.55 40.28 -1.81
N CYS G 91 -23.29 39.87 -1.92
CA CYS G 91 -22.40 40.47 -2.90
C CYS G 91 -22.64 39.94 -4.31
N VAL G 92 -23.19 38.73 -4.44
CA VAL G 92 -23.48 38.19 -5.77
C VAL G 92 -24.60 38.97 -6.42
N LEU G 93 -25.50 39.54 -5.62
CA LEU G 93 -26.52 40.46 -6.13
C LEU G 93 -25.91 41.68 -6.78
N ARG G 94 -25.00 42.35 -6.08
CA ARG G 94 -24.42 43.57 -6.64
C ARG G 94 -23.52 43.24 -7.82
N LYS G 95 -22.87 42.07 -7.81
CA LYS G 95 -22.02 41.68 -8.93
C LYS G 95 -22.87 41.38 -10.16
N GLN G 96 -23.96 40.65 -9.99
CA GLN G 96 -24.82 40.32 -11.12
C GLN G 96 -25.50 41.55 -11.68
N LEU G 97 -25.92 42.49 -10.82
CA LEU G 97 -26.60 43.68 -11.35
C LEU G 97 -25.61 44.60 -12.05
N LEU G 98 -24.38 44.71 -11.54
CA LEU G 98 -23.42 45.53 -12.24
C LEU G 98 -23.00 44.88 -13.55
N TYR G 99 -22.99 43.55 -13.58
CA TYR G 99 -22.74 42.83 -14.83
C TYR G 99 -23.84 43.11 -15.85
N GLY G 100 -25.09 43.12 -15.39
CA GLY G 100 -26.20 43.42 -16.28
C GLY G 100 -26.15 44.83 -16.82
N VAL G 101 -25.84 45.80 -15.97
CA VAL G 101 -25.86 47.18 -16.46
C VAL G 101 -24.64 47.46 -17.33
N CYS G 102 -23.51 46.78 -17.09
CA CYS G 102 -22.37 47.05 -17.97
C CYS G 102 -22.51 46.29 -19.29
N LYS G 103 -23.18 45.13 -19.27
CA LYS G 103 -23.46 44.44 -20.52
C LYS G 103 -24.44 45.24 -21.37
N THR G 104 -25.42 45.88 -20.75
CA THR G 104 -26.29 46.76 -21.53
C THR G 104 -25.58 48.05 -21.90
N LEU G 105 -24.54 48.44 -21.16
CA LEU G 105 -23.80 49.65 -21.47
C LEU G 105 -22.93 49.46 -22.70
N PHE G 106 -22.11 48.41 -22.70
CA PHE G 106 -20.95 48.40 -23.56
C PHE G 106 -21.30 48.07 -25.01
N ASP G 107 -22.43 47.40 -25.25
CA ASP G 107 -22.73 46.90 -26.58
C ASP G 107 -23.33 47.95 -27.50
N THR G 108 -23.56 49.17 -27.02
CA THR G 108 -24.39 50.13 -27.75
C THR G 108 -23.67 50.74 -28.95
N ILE G 109 -22.52 51.37 -28.72
CA ILE G 109 -21.93 52.26 -29.72
C ILE G 109 -20.60 51.65 -30.16
N THR G 110 -20.59 50.31 -30.21
CA THR G 110 -19.38 49.55 -30.57
C THR G 110 -18.91 49.84 -31.99
N VAL G 111 -19.84 50.12 -32.90
CA VAL G 111 -19.54 50.01 -34.33
C VAL G 111 -19.01 51.34 -34.89
N ARG G 112 -19.38 52.47 -34.27
CA ARG G 112 -19.04 53.74 -34.89
C ARG G 112 -18.01 54.53 -34.11
N ARG G 113 -18.17 54.58 -32.78
CA ARG G 113 -17.40 55.52 -31.96
C ARG G 113 -15.93 55.17 -31.86
N VAL G 114 -15.54 53.91 -32.14
CA VAL G 114 -14.13 53.55 -32.10
C VAL G 114 -13.36 54.23 -33.24
N ALA G 115 -13.97 54.28 -34.43
CA ALA G 115 -13.34 54.97 -35.56
C ALA G 115 -13.39 56.48 -35.36
N GLU G 116 -14.39 56.96 -34.62
CA GLU G 116 -14.50 58.39 -34.39
C GLU G 116 -13.49 58.87 -33.36
N GLU G 117 -13.24 58.07 -32.31
CA GLU G 117 -12.30 58.49 -31.28
C GLU G 117 -10.89 57.99 -31.58
N TRP G 118 -10.73 57.27 -32.69
CA TRP G 118 -9.39 57.08 -33.25
C TRP G 118 -8.78 58.40 -33.71
N LYS G 119 -9.63 59.34 -34.15
CA LYS G 119 -9.15 60.60 -34.73
C LYS G 119 -8.44 61.48 -33.72
N LEU G 120 -8.97 61.57 -32.51
CA LEU G 120 -8.37 62.46 -31.50
C LEU G 120 -7.05 61.89 -30.98
N HIS G 121 -7.01 60.57 -30.79
CA HIS G 121 -5.78 59.96 -30.29
C HIS G 121 -4.77 59.76 -31.43
N ALA G 122 -5.19 59.97 -32.67
CA ALA G 122 -4.21 60.06 -33.75
C ALA G 122 -3.32 61.29 -33.57
N ALA G 123 -3.93 62.46 -33.34
CA ALA G 123 -3.15 63.67 -33.15
C ALA G 123 -2.58 63.76 -31.74
N LEU G 124 -3.16 63.01 -30.79
CA LEU G 124 -2.69 63.07 -29.41
C LEU G 124 -1.36 62.35 -29.24
N PHE G 125 -1.11 61.29 -30.03
CA PHE G 125 0.13 60.55 -29.95
C PHE G 125 0.96 60.73 -31.22
N PRO G 126 1.96 61.62 -31.21
CA PRO G 126 2.77 61.82 -32.42
C PRO G 126 3.80 60.72 -32.62
N TYR G 127 3.56 59.84 -33.59
CA TYR G 127 4.26 58.57 -33.69
C TYR G 127 4.09 58.07 -35.13
N ARG G 128 4.17 56.75 -35.32
CA ARG G 128 3.79 56.01 -36.55
C ARG G 128 4.60 56.43 -37.77
N ALA G 129 5.89 56.67 -37.59
CA ALA G 129 6.76 57.01 -38.71
C ALA G 129 7.05 55.81 -39.60
N LEU G 130 7.43 54.68 -39.00
CA LEU G 130 7.80 53.48 -39.72
C LEU G 130 6.77 52.38 -39.48
N ASP G 131 6.56 51.53 -40.48
CA ASP G 131 5.43 50.60 -40.44
C ASP G 131 5.78 49.29 -39.73
N GLU G 132 7.07 49.02 -39.53
CA GLU G 132 7.49 47.72 -39.04
C GLU G 132 7.27 47.58 -37.54
N GLU G 133 7.88 48.45 -36.74
CA GLU G 133 7.92 48.33 -35.29
C GLU G 133 6.96 49.28 -34.59
N ASP G 134 6.69 50.44 -35.18
CA ASP G 134 5.83 51.42 -34.53
C ASP G 134 4.37 51.02 -34.60
N LEU G 135 3.93 50.59 -35.79
CA LEU G 135 2.52 50.28 -36.01
C LEU G 135 2.10 49.01 -35.32
N GLU G 136 3.02 48.03 -35.23
CA GLU G 136 2.67 46.74 -34.64
C GLU G 136 2.54 46.85 -33.13
N GLN G 137 3.28 47.78 -32.52
CA GLN G 137 3.35 47.82 -31.06
C GLN G 137 2.52 48.94 -30.47
N TYR G 138 2.27 50.01 -31.23
CA TYR G 138 1.59 51.17 -30.66
C TYR G 138 0.11 50.91 -30.45
N LEU G 139 -0.52 50.18 -31.36
CA LEU G 139 -1.98 50.12 -31.39
C LEU G 139 -2.52 49.17 -30.33
N LEU G 140 -1.74 48.14 -29.96
CA LEU G 140 -2.08 47.29 -28.82
C LEU G 140 -2.15 48.10 -27.54
N VAL G 141 -1.15 48.96 -27.32
CA VAL G 141 -1.10 49.74 -26.08
C VAL G 141 -2.16 50.83 -26.11
N TRP G 142 -2.48 51.36 -27.30
CA TRP G 142 -3.55 52.35 -27.41
C TRP G 142 -4.91 51.73 -27.13
N SER G 143 -5.13 50.52 -27.65
CA SER G 143 -6.37 49.78 -27.39
C SER G 143 -6.52 49.43 -25.92
N ALA G 144 -5.43 48.94 -25.31
CA ALA G 144 -5.43 48.62 -23.89
C ALA G 144 -5.67 49.87 -23.06
N SER G 145 -5.09 51.00 -23.47
CA SER G 145 -5.28 52.28 -22.78
C SER G 145 -6.73 52.72 -22.81
N LEU G 146 -7.36 52.64 -23.99
CA LEU G 146 -8.73 53.11 -24.11
C LEU G 146 -9.68 52.21 -23.32
N ARG G 147 -9.47 50.88 -23.39
CA ARG G 147 -10.38 49.98 -22.68
C ARG G 147 -10.21 50.11 -21.17
N GLN G 148 -8.97 50.30 -20.69
CA GLN G 148 -8.79 50.41 -19.25
C GLN G 148 -9.29 51.76 -18.74
N SER G 149 -9.22 52.80 -19.58
CA SER G 149 -9.65 54.11 -19.11
C SER G 149 -11.16 54.18 -19.02
N VAL G 150 -11.86 53.66 -20.05
CA VAL G 150 -13.32 53.59 -19.97
C VAL G 150 -13.74 52.58 -18.90
N GLN G 151 -12.89 51.58 -18.65
CA GLN G 151 -13.17 50.57 -17.65
C GLN G 151 -13.15 51.14 -16.24
N THR G 152 -12.07 51.85 -15.89
CA THR G 152 -12.01 52.48 -14.57
C THR G 152 -13.03 53.59 -14.42
N GLY G 153 -13.37 54.27 -15.52
CA GLY G 153 -14.41 55.29 -15.45
C GLY G 153 -15.77 54.72 -15.07
N VAL G 154 -16.22 53.71 -15.82
CA VAL G 154 -17.52 53.12 -15.53
C VAL G 154 -17.48 52.34 -14.22
N LEU G 155 -16.29 51.85 -13.85
CA LEU G 155 -16.13 51.11 -12.61
C LEU G 155 -16.28 52.03 -11.40
N GLY G 156 -15.67 53.21 -11.46
CA GLY G 156 -15.84 54.17 -10.38
C GLY G 156 -17.26 54.69 -10.29
N ALA G 157 -17.89 54.90 -11.44
CA ALA G 157 -19.28 55.35 -11.45
C ALA G 157 -20.21 54.30 -10.83
N LEU G 158 -20.03 53.04 -11.22
CA LEU G 158 -20.88 51.98 -10.67
C LEU G 158 -20.58 51.73 -9.20
N ARG G 159 -19.32 51.86 -8.78
CA ARG G 159 -18.98 51.65 -7.39
C ARG G 159 -19.57 52.73 -6.50
N ASP G 160 -19.60 53.97 -6.99
CA ASP G 160 -20.24 55.04 -6.23
C ASP G 160 -21.75 54.82 -6.14
N ILE G 161 -22.41 54.56 -7.27
CA ILE G 161 -23.86 54.44 -7.24
C ILE G 161 -24.32 53.15 -6.57
N LEU G 162 -23.43 52.17 -6.42
CA LEU G 162 -23.70 50.98 -5.65
C LEU G 162 -23.49 51.23 -4.16
N TYR G 163 -22.27 51.62 -3.78
CA TYR G 163 -21.91 51.74 -2.38
C TYR G 163 -22.62 52.88 -1.67
N GLN G 164 -23.24 53.80 -2.40
CA GLN G 164 -24.03 54.80 -1.69
C GLN G 164 -25.37 54.24 -1.23
N TYR G 165 -26.08 53.53 -2.11
CA TYR G 165 -27.45 53.16 -1.76
C TYR G 165 -27.84 51.76 -2.21
N ALA G 166 -26.88 50.83 -2.30
CA ALA G 166 -27.23 49.44 -2.50
C ALA G 166 -26.74 48.53 -1.38
N ASP G 167 -26.53 49.07 -0.18
CA ASP G 167 -26.27 48.23 0.99
C ASP G 167 -27.56 47.83 1.70
N ASN G 168 -28.50 47.30 0.91
CA ASN G 168 -29.82 47.04 1.42
C ASN G 168 -29.89 45.75 2.23
N ASP G 169 -29.00 44.79 1.94
CA ASP G 169 -28.87 43.46 2.58
C ASP G 169 -30.20 42.73 2.72
N ASP G 170 -31.13 43.00 1.82
CA ASP G 170 -32.44 42.37 1.79
C ASP G 170 -32.40 40.99 1.15
N TYR G 171 -31.42 40.76 0.28
CA TYR G 171 -31.27 39.47 -0.39
C TYR G 171 -30.99 38.37 0.60
N GLY G 172 -30.30 38.70 1.69
CA GLY G 172 -29.97 37.73 2.71
C GLY G 172 -31.17 37.19 3.46
N LEU G 173 -32.27 37.93 3.51
CA LEU G 173 -33.52 37.41 4.04
C LEU G 173 -34.43 36.91 2.93
N TYR G 174 -34.25 37.44 1.73
CA TYR G 174 -35.03 37.00 0.58
C TYR G 174 -34.76 35.55 0.27
N VAL G 175 -33.50 35.13 0.38
CA VAL G 175 -33.20 33.71 0.16
C VAL G 175 -33.73 32.87 1.31
N ASP G 176 -33.87 33.45 2.51
CA ASP G 176 -34.45 32.69 3.61
C ASP G 176 -35.92 32.43 3.37
N TRP G 177 -36.66 33.46 2.98
CA TRP G 177 -38.07 33.23 2.70
C TRP G 177 -38.30 32.41 1.43
N CYS G 178 -37.35 32.41 0.49
CA CYS G 178 -37.48 31.50 -0.64
C CYS G 178 -37.12 30.08 -0.26
N VAL G 179 -36.32 29.88 0.80
CA VAL G 179 -35.88 28.54 1.11
C VAL G 179 -36.71 27.87 2.20
N THR G 180 -37.45 28.63 3.02
CA THR G 180 -38.13 28.00 4.15
C THR G 180 -39.64 28.00 4.07
N VAL G 181 -40.26 28.86 3.26
CA VAL G 181 -41.72 28.84 3.13
C VAL G 181 -42.11 28.90 1.66
N GLY G 182 -41.14 29.12 0.79
CA GLY G 182 -41.41 29.11 -0.63
C GLY G 182 -42.04 30.37 -1.17
N LEU G 183 -42.04 31.45 -0.40
CA LEU G 183 -42.57 32.73 -0.82
C LEU G 183 -42.03 33.80 0.11
N VAL G 184 -42.04 35.04 -0.35
CA VAL G 184 -41.39 36.12 0.37
C VAL G 184 -42.41 37.20 0.69
N PRO G 185 -42.46 37.70 1.92
CA PRO G 185 -43.19 38.93 2.19
C PRO G 185 -42.31 40.13 1.91
N LEU G 186 -42.91 41.18 1.33
CA LEU G 186 -42.15 42.34 0.89
C LEU G 186 -43.08 43.52 0.70
N LEU G 187 -42.64 44.69 1.12
CA LEU G 187 -43.44 45.90 1.02
C LEU G 187 -42.79 46.83 0.01
N ASP G 188 -43.59 47.74 -0.53
CA ASP G 188 -43.12 48.71 -1.53
C ASP G 188 -43.17 50.12 -0.92
N VAL G 189 -42.04 50.55 -0.38
CA VAL G 189 -41.97 51.87 0.24
C VAL G 189 -41.96 52.93 -0.86
N LYS G 190 -42.89 53.87 -0.77
CA LYS G 190 -43.00 54.97 -1.72
C LYS G 190 -42.67 56.27 -1.02
N THR G 191 -41.95 57.13 -1.72
CA THR G 191 -41.52 58.41 -1.17
C THR G 191 -41.99 59.53 -2.09
N LYS G 192 -41.69 60.76 -1.67
CA LYS G 192 -41.96 61.93 -2.48
C LYS G 192 -41.02 61.93 -3.69
N PRO G 193 -41.46 62.46 -4.83
CA PRO G 193 -40.58 62.53 -6.02
C PRO G 193 -39.40 63.50 -5.88
N SER G 194 -39.26 64.21 -4.76
CA SER G 194 -38.05 64.98 -4.52
C SER G 194 -36.84 64.09 -4.32
N GLU G 195 -37.05 62.88 -3.80
CA GLU G 195 -35.98 61.92 -3.65
C GLU G 195 -35.49 61.39 -4.99
N ALA G 196 -36.39 61.30 -5.98
CA ALA G 196 -35.98 61.02 -7.34
C ALA G 196 -35.06 62.13 -7.87
N ALA G 197 -35.37 63.38 -7.52
CA ALA G 197 -34.48 64.48 -7.88
C ALA G 197 -33.17 64.42 -7.12
N GLU G 198 -33.18 63.90 -5.88
CA GLU G 198 -31.95 63.69 -5.13
C GLU G 198 -31.05 62.69 -5.84
N ARG G 199 -31.61 61.57 -6.30
CA ARG G 199 -30.81 60.58 -7.00
C ARG G 199 -30.38 61.09 -8.37
N ALA G 200 -31.25 61.85 -9.05
CA ALA G 200 -30.92 62.38 -10.37
C ALA G 200 -29.86 63.48 -10.27
N GLN G 201 -29.77 64.14 -9.13
CA GLN G 201 -28.65 65.04 -8.89
C GLN G 201 -27.40 64.26 -8.54
N PHE G 202 -27.54 63.20 -7.73
CA PHE G 202 -26.38 62.45 -7.25
C PHE G 202 -25.67 61.71 -8.36
N VAL G 203 -26.40 61.28 -9.38
CA VAL G 203 -25.76 60.52 -10.46
C VAL G 203 -24.87 61.41 -11.30
N ARG G 204 -25.14 62.71 -11.35
CA ARG G 204 -24.30 63.62 -12.13
C ARG G 204 -22.94 63.82 -11.47
N ALA G 205 -22.94 64.05 -10.15
CA ALA G 205 -21.68 64.15 -9.43
C ALA G 205 -20.97 62.79 -9.35
N ALA G 206 -21.75 61.71 -9.48
CA ALA G 206 -21.14 60.39 -9.61
C ALA G 206 -20.40 60.23 -10.93
N VAL G 207 -21.02 60.64 -12.04
CA VAL G 207 -20.40 60.43 -13.34
C VAL G 207 -19.39 61.54 -13.65
N GLN G 208 -19.30 62.55 -12.80
CA GLN G 208 -18.20 63.51 -12.94
C GLN G 208 -16.86 62.87 -12.64
N ARG G 209 -16.85 61.84 -11.78
CA ARG G 209 -15.62 61.11 -11.51
C ARG G 209 -15.19 60.29 -12.72
N ALA G 210 -16.15 59.88 -13.56
CA ALA G 210 -15.80 59.23 -14.82
C ALA G 210 -15.51 60.26 -15.90
N THR G 211 -16.09 61.45 -15.78
CA THR G 211 -15.83 62.53 -16.73
C THR G 211 -14.39 63.02 -16.60
N GLU G 212 -13.85 63.05 -15.38
CA GLU G 212 -12.49 63.54 -15.16
C GLU G 212 -11.46 62.57 -15.74
N THR G 213 -11.62 61.27 -15.51
CA THR G 213 -10.61 60.31 -15.94
C THR G 213 -10.68 60.08 -17.44
N HIS G 214 -11.88 60.17 -18.02
CA HIS G 214 -12.05 59.85 -19.42
C HIS G 214 -13.11 60.73 -20.06
N PRO G 215 -12.79 61.39 -21.18
CA PRO G 215 -13.85 62.09 -21.92
C PRO G 215 -14.76 61.13 -22.67
N LEU G 216 -14.22 60.03 -23.19
CA LEU G 216 -15.03 59.19 -24.07
C LEU G 216 -15.97 58.28 -23.29
N ALA G 217 -15.71 58.10 -22.00
CA ALA G 217 -16.55 57.24 -21.19
C ALA G 217 -17.88 57.90 -20.88
N GLN G 218 -17.90 59.24 -20.86
CA GLN G 218 -19.11 59.96 -20.45
C GLN G 218 -20.18 59.89 -21.52
N ASP G 219 -19.80 59.58 -22.76
CA ASP G 219 -20.76 59.58 -23.86
C ASP G 219 -21.72 58.39 -23.77
N LEU G 220 -21.25 57.28 -23.22
CA LEU G 220 -22.15 56.15 -23.00
C LEU G 220 -23.07 56.43 -21.81
N LEU G 221 -22.54 57.07 -20.78
CA LEU G 221 -23.31 57.32 -19.57
C LEU G 221 -24.38 58.38 -19.82
N GLN G 222 -24.09 59.36 -20.66
CA GLN G 222 -25.09 60.36 -20.97
C GLN G 222 -26.17 59.79 -21.89
N ALA G 223 -25.86 58.69 -22.57
CA ALA G 223 -26.87 58.01 -23.37
C ALA G 223 -27.76 57.13 -22.50
N ASN G 224 -27.15 56.43 -21.55
CA ASN G 224 -27.87 55.44 -20.77
C ASN G 224 -28.19 55.90 -19.35
N LEU G 225 -28.17 57.22 -19.10
CA LEU G 225 -28.52 57.74 -17.78
C LEU G 225 -29.96 57.44 -17.41
N ALA G 226 -30.84 57.28 -18.41
CA ALA G 226 -32.22 56.89 -18.14
C ALA G 226 -32.28 55.49 -17.53
N LEU G 227 -31.52 54.55 -18.09
CA LEU G 227 -31.45 53.21 -17.53
C LEU G 227 -30.75 53.21 -16.18
N LEU G 228 -29.75 54.08 -16.01
CA LEU G 228 -29.07 54.19 -14.73
C LEU G 228 -29.99 54.70 -13.63
N LEU G 229 -30.75 55.76 -13.90
CA LEU G 229 -31.68 56.26 -12.91
C LEU G 229 -32.85 55.31 -12.72
N GLN G 230 -33.17 54.53 -13.76
CA GLN G 230 -34.23 53.54 -13.63
C GLN G 230 -33.83 52.43 -12.66
N VAL G 231 -32.61 51.91 -12.80
CA VAL G 231 -32.19 50.83 -11.91
C VAL G 231 -31.85 51.39 -10.53
N ALA G 232 -31.51 52.68 -10.45
CA ALA G 232 -31.27 53.28 -9.15
C ALA G 232 -32.58 53.49 -8.39
N GLU G 233 -33.63 53.93 -9.09
CA GLU G 233 -34.92 54.15 -8.44
C GLU G 233 -35.59 52.83 -8.09
N ARG G 234 -35.51 51.85 -9.00
CA ARG G 234 -36.10 50.55 -8.71
C ARG G 234 -35.26 49.79 -7.70
N LEU G 235 -33.99 50.18 -7.54
CA LEU G 235 -33.15 49.56 -6.52
C LEU G 235 -33.64 49.89 -5.12
N GLY G 236 -33.82 51.17 -4.81
CA GLY G 236 -34.32 51.57 -3.52
C GLY G 236 -35.82 51.63 -3.38
N ALA G 237 -36.55 50.97 -4.27
CA ALA G 237 -38.01 51.05 -4.23
C ALA G 237 -38.61 50.00 -3.31
N VAL G 238 -38.06 48.78 -3.32
CA VAL G 238 -38.68 47.63 -2.69
C VAL G 238 -37.77 47.09 -1.59
N ARG G 239 -38.38 46.77 -0.45
CA ARG G 239 -37.69 46.18 0.69
C ARG G 239 -38.17 44.76 0.94
N VAL G 240 -37.70 44.19 2.06
CA VAL G 240 -37.89 42.78 2.36
C VAL G 240 -38.89 42.57 3.49
N ALA G 241 -39.46 43.66 4.03
CA ALA G 241 -40.43 43.67 5.13
C ALA G 241 -39.87 43.05 6.39
N ASN G 242 -38.79 43.64 6.89
CA ASN G 242 -38.21 43.25 8.18
C ASN G 242 -38.82 44.13 9.25
N ALA G 243 -40.03 43.79 9.65
CA ALA G 243 -40.75 44.50 10.68
C ALA G 243 -41.58 43.51 11.47
N PRO G 244 -41.83 43.77 12.75
CA PRO G 244 -42.68 42.87 13.52
C PRO G 244 -44.15 43.03 13.15
N GLU G 245 -44.98 42.22 13.82
CA GLU G 245 -46.45 42.15 13.68
C GLU G 245 -46.93 42.03 12.24
N VAL G 246 -46.13 41.42 11.39
CA VAL G 246 -46.56 41.08 10.05
C VAL G 246 -47.33 39.78 10.13
N ARG G 247 -48.11 39.50 9.08
CA ARG G 247 -48.85 38.25 9.02
C ARG G 247 -49.18 37.93 7.57
N VAL G 248 -49.00 36.67 7.21
CA VAL G 248 -49.41 36.15 5.91
C VAL G 248 -50.28 34.93 6.14
N PHE G 249 -51.14 34.63 5.17
CA PHE G 249 -52.16 33.61 5.31
C PHE G 249 -52.65 33.18 3.93
N LYS G 250 -53.36 32.06 3.90
CA LYS G 250 -53.99 31.58 2.68
C LYS G 250 -55.49 31.64 2.84
N LYS G 251 -56.15 32.40 1.97
CA LYS G 251 -57.60 32.50 2.02
C LYS G 251 -58.22 31.19 1.54
N VAL G 252 -59.09 30.61 2.37
CA VAL G 252 -59.55 29.25 2.12
C VAL G 252 -60.61 29.18 1.01
N ARG G 253 -61.42 30.22 0.84
CA ARG G 253 -62.49 30.14 -0.15
C ARG G 253 -62.00 30.56 -1.52
N SER G 254 -61.14 31.58 -1.58
CA SER G 254 -60.49 31.97 -2.82
C SER G 254 -59.00 31.78 -2.63
N GLU G 255 -58.41 30.84 -3.38
CA GLU G 255 -57.02 30.40 -3.17
C GLU G 255 -56.05 31.44 -3.75
N ARG G 256 -56.08 32.63 -3.16
CA ARG G 256 -55.39 33.82 -3.64
C ARG G 256 -54.64 34.49 -2.51
N LEU G 257 -53.80 33.71 -1.81
CA LEU G 257 -53.12 34.07 -0.57
C LEU G 257 -52.41 35.42 -0.63
N GLU G 258 -52.46 36.16 0.49
CA GLU G 258 -52.11 37.57 0.52
C GLU G 258 -51.21 37.88 1.70
N ALA G 259 -50.57 39.05 1.62
CA ALA G 259 -49.74 39.58 2.70
C ALA G 259 -50.33 40.88 3.20
N GLN G 260 -50.49 41.00 4.51
CA GLN G 260 -50.83 42.27 5.09
C GLN G 260 -49.81 42.65 6.15
N LEU G 261 -49.62 43.96 6.32
CA LEU G 261 -48.62 44.51 7.23
C LEU G 261 -49.37 45.48 8.14
N ARG G 262 -49.54 45.07 9.39
CA ARG G 262 -50.03 45.92 10.48
C ARG G 262 -51.43 46.47 10.18
N GLY G 263 -52.29 45.56 9.72
CA GLY G 263 -53.63 45.92 9.32
C GLY G 263 -53.76 46.44 7.90
N LYS G 264 -52.66 46.60 7.17
CA LYS G 264 -52.68 47.14 5.82
C LYS G 264 -52.22 46.07 4.84
N HIS G 265 -53.06 45.75 3.86
CA HIS G 265 -52.72 44.73 2.88
C HIS G 265 -51.65 45.25 1.93
N ILE G 266 -50.64 44.42 1.67
CA ILE G 266 -49.48 44.79 0.86
C ILE G 266 -49.31 43.77 -0.24
N ARG G 267 -48.34 44.02 -1.13
CA ARG G 267 -48.01 43.07 -2.17
C ARG G 267 -47.14 41.94 -1.61
N LEU G 268 -47.09 40.82 -2.32
CA LEU G 268 -46.14 39.76 -2.00
C LEU G 268 -45.89 38.90 -3.24
N TYR G 269 -44.79 38.16 -3.18
CA TYR G 269 -44.37 37.27 -4.24
C TYR G 269 -44.53 35.84 -3.77
N VAL G 270 -44.77 34.92 -4.71
CA VAL G 270 -44.80 33.49 -4.43
C VAL G 270 -43.86 32.80 -5.42
N ALA G 271 -43.01 31.91 -4.91
CA ALA G 271 -42.13 31.11 -5.75
C ALA G 271 -42.49 29.64 -5.68
N ALA G 272 -42.75 29.12 -4.48
CA ALA G 272 -43.14 27.73 -4.30
C ALA G 272 -44.32 27.71 -3.35
N GLU G 273 -45.51 27.56 -3.89
CA GLU G 273 -46.70 27.52 -3.06
C GLU G 273 -46.81 26.14 -2.41
N PRO G 274 -47.13 26.06 -1.13
CA PRO G 274 -47.21 24.76 -0.47
C PRO G 274 -48.57 24.11 -0.67
N LEU G 275 -48.56 22.79 -0.61
CA LEU G 275 -49.78 22.01 -0.86
C LEU G 275 -50.68 22.02 0.37
N ALA G 276 -51.99 22.05 0.14
CA ALA G 276 -52.97 22.21 1.19
C ALA G 276 -54.12 21.22 0.99
N TYR G 277 -54.56 20.59 2.09
CA TYR G 277 -55.56 19.52 2.04
C TYR G 277 -56.47 19.62 3.26
N GLU G 278 -57.15 18.50 3.55
CA GLU G 278 -58.06 18.40 4.70
C GLU G 278 -57.34 18.67 6.01
N ARG G 279 -56.04 18.35 6.07
CA ARG G 279 -55.18 18.85 7.11
C ARG G 279 -55.11 20.37 6.98
N ASP G 280 -55.73 21.07 7.92
CA ASP G 280 -55.85 22.52 7.78
C ASP G 280 -54.52 23.20 8.06
N LYS G 281 -53.66 22.57 8.85
CA LYS G 281 -52.24 22.87 8.75
C LYS G 281 -51.70 22.25 7.46
N LEU G 282 -51.27 23.10 6.54
CA LEU G 282 -50.88 22.65 5.22
C LEU G 282 -49.40 22.33 5.22
N LEU G 283 -48.99 21.47 4.29
CA LEU G 283 -47.66 20.90 4.30
C LEU G 283 -46.83 21.53 3.19
N PHE G 284 -45.57 21.80 3.50
CA PHE G 284 -44.72 22.60 2.64
C PHE G 284 -43.85 21.72 1.75
N THR G 285 -43.52 22.26 0.57
CA THR G 285 -42.62 21.59 -0.36
C THR G 285 -41.26 22.23 -0.42
N THR G 286 -40.93 23.08 0.54
CA THR G 286 -39.69 23.83 0.47
C THR G 286 -38.52 22.92 0.86
N PRO G 287 -37.28 23.29 0.50
CA PRO G 287 -36.14 22.47 0.92
C PRO G 287 -35.92 22.39 2.42
N VAL G 288 -36.14 23.48 3.16
CA VAL G 288 -35.76 23.48 4.58
C VAL G 288 -36.73 22.66 5.41
N ALA G 289 -38.01 22.62 5.04
CA ALA G 289 -38.97 21.81 5.76
C ALA G 289 -38.75 20.31 5.58
N HIS G 290 -37.92 19.92 4.60
CA HIS G 290 -37.58 18.52 4.45
C HIS G 290 -36.70 18.02 5.59
N LEU G 291 -36.00 18.92 6.27
CA LEU G 291 -35.06 18.51 7.32
C LEU G 291 -35.34 19.20 8.65
N HIS G 292 -36.58 19.61 8.89
CA HIS G 292 -36.92 20.23 10.16
C HIS G 292 -36.90 19.24 11.30
N GLU G 293 -37.52 18.06 11.10
CA GLU G 293 -37.66 17.11 12.18
C GLU G 293 -36.33 16.50 12.58
N GLU G 294 -35.38 16.43 11.65
CA GLU G 294 -34.13 15.77 11.95
C GLU G 294 -33.22 16.66 12.79
N ILE G 295 -33.17 17.96 12.45
CA ILE G 295 -32.42 18.86 13.31
C ILE G 295 -33.14 19.08 14.63
N LEU G 296 -34.46 18.90 14.66
CA LEU G 296 -35.15 18.97 15.94
C LEU G 296 -34.80 17.74 16.80
N ARG G 297 -34.64 16.59 16.15
CA ARG G 297 -34.17 15.39 16.84
C ARG G 297 -32.74 15.58 17.35
N TYR G 298 -31.89 16.23 16.55
CA TYR G 298 -30.53 16.50 16.97
C TYR G 298 -30.50 17.46 18.16
N ASP G 299 -31.42 18.41 18.18
CA ASP G 299 -31.48 19.34 19.29
C ASP G 299 -31.96 18.66 20.57
N GLY G 300 -32.97 17.79 20.43
CA GLY G 300 -33.41 17.00 21.56
C GLY G 300 -32.31 16.12 22.11
N LEU G 301 -31.51 15.53 21.22
CA LEU G 301 -30.40 14.70 21.66
C LEU G 301 -29.29 15.54 22.28
N CYS G 302 -29.07 16.76 21.78
CA CYS G 302 -28.07 17.65 22.35
C CYS G 302 -28.42 18.06 23.77
N ARG G 303 -29.63 18.59 23.96
CA ARG G 303 -30.05 19.02 25.28
C ARG G 303 -30.22 17.84 26.22
N HIS G 304 -30.61 16.68 25.67
CA HIS G 304 -30.73 15.48 26.50
C HIS G 304 -29.38 14.99 26.97
N GLN G 305 -28.37 15.01 26.10
CA GLN G 305 -27.02 14.68 26.47
C GLN G 305 -26.50 15.62 27.54
N LYS G 306 -26.76 16.91 27.40
CA LYS G 306 -26.33 17.88 28.40
C LYS G 306 -27.00 17.64 29.74
N ILE G 307 -28.30 17.35 29.73
CA ILE G 307 -29.01 17.26 31.00
C ILE G 307 -28.75 15.92 31.68
N CYS G 308 -28.42 14.87 30.93
CA CYS G 308 -28.01 13.66 31.63
C CYS G 308 -26.57 13.74 32.07
N GLN G 309 -25.74 14.49 31.35
CA GLN G 309 -24.35 14.68 31.77
C GLN G 309 -24.28 15.49 33.06
N LEU G 310 -25.13 16.52 33.19
CA LEU G 310 -25.19 17.26 34.44
C LEU G 310 -26.04 16.57 35.50
N LEU G 311 -26.50 15.34 35.26
CA LEU G 311 -27.29 14.65 36.25
C LEU G 311 -26.45 13.72 37.12
N ASN G 312 -25.54 12.96 36.51
CA ASN G 312 -24.75 11.97 37.24
C ASN G 312 -23.33 12.44 37.50
N THR G 313 -23.16 13.72 37.84
CA THR G 313 -21.83 14.29 38.04
C THR G 313 -21.15 13.68 39.26
N PHE G 314 -21.91 13.48 40.33
CA PHE G 314 -21.35 12.98 41.57
C PHE G 314 -20.93 11.52 41.43
N PRO G 315 -19.81 11.14 42.02
CA PRO G 315 -19.25 9.80 41.78
C PRO G 315 -20.06 8.67 42.37
N VAL G 316 -20.73 8.91 43.49
CA VAL G 316 -21.48 7.85 44.15
C VAL G 316 -22.90 8.31 44.43
N LYS G 317 -23.83 7.37 44.25
CA LYS G 317 -25.24 7.59 44.53
C LYS G 317 -25.72 6.46 45.43
N VAL G 318 -26.48 6.80 46.46
CA VAL G 318 -27.03 5.82 47.38
C VAL G 318 -28.52 6.06 47.48
N VAL G 319 -29.28 5.03 47.81
CA VAL G 319 -30.72 5.13 48.00
C VAL G 319 -31.00 4.85 49.48
N THR G 320 -32.14 5.34 49.96
CA THR G 320 -32.59 5.07 51.31
C THR G 320 -34.09 5.24 51.43
N ASP G 488 -16.87 32.07 34.19
CA ASP G 488 -16.47 31.90 35.58
C ASP G 488 -15.29 30.95 35.69
N ALA G 489 -14.08 31.50 35.52
CA ALA G 489 -12.85 30.74 35.48
C ALA G 489 -12.14 30.71 36.84
N GLU G 490 -12.93 30.65 37.92
CA GLU G 490 -12.38 30.76 39.27
C GLU G 490 -11.52 29.56 39.66
N LEU G 491 -11.72 28.42 39.00
CA LEU G 491 -11.05 27.20 39.44
C LEU G 491 -9.58 27.19 39.07
N TYR G 492 -9.24 27.63 37.86
CA TYR G 492 -7.90 27.43 37.34
C TYR G 492 -6.87 28.33 38.03
N HIS G 493 -7.27 29.58 38.33
CA HIS G 493 -6.35 30.53 38.94
C HIS G 493 -5.94 30.10 40.34
N LEU G 494 -6.88 29.54 41.08
CA LEU G 494 -6.60 29.15 42.45
C LEU G 494 -6.05 27.74 42.50
N PRO G 495 -5.08 27.46 43.38
CA PRO G 495 -4.48 26.11 43.43
C PRO G 495 -5.45 25.07 43.95
N VAL G 496 -5.06 23.79 43.82
CA VAL G 496 -6.00 22.69 44.01
C VAL G 496 -6.37 22.48 45.47
N LEU G 497 -5.65 23.09 46.41
CA LEU G 497 -5.85 22.75 47.80
C LEU G 497 -7.06 23.44 48.40
N GLU G 498 -7.49 24.56 47.83
CA GLU G 498 -8.79 25.13 48.17
C GLU G 498 -9.85 24.70 47.17
N ALA G 499 -9.43 24.32 45.96
CA ALA G 499 -10.37 23.84 44.95
C ALA G 499 -10.98 22.51 45.35
N VAL G 500 -10.23 21.68 46.08
CA VAL G 500 -10.78 20.43 46.56
C VAL G 500 -11.80 20.69 47.65
N ARG G 501 -11.63 21.79 48.40
CA ARG G 501 -12.65 22.20 49.36
C ARG G 501 -13.88 22.75 48.65
N LYS G 502 -13.66 23.54 47.61
CA LYS G 502 -14.77 24.20 46.91
C LYS G 502 -15.56 23.25 46.03
N ALA G 503 -14.95 22.16 45.58
CA ALA G 503 -15.67 21.21 44.75
C ALA G 503 -16.69 20.39 45.54
N ARG G 504 -16.32 19.98 46.75
CA ARG G 504 -17.24 19.19 47.57
C ARG G 504 -18.46 20.01 48.00
N ASP G 505 -18.23 21.21 48.51
CA ASP G 505 -19.33 22.11 48.85
C ASP G 505 -20.00 22.70 47.62
N ALA G 506 -19.36 22.60 46.45
CA ALA G 506 -19.91 23.15 45.22
C ALA G 506 -21.06 22.29 44.70
N ALA G 507 -20.86 21.00 44.56
CA ALA G 507 -21.92 20.06 44.20
C ALA G 507 -22.22 19.24 45.44
N PRO G 508 -23.27 19.60 46.18
CA PRO G 508 -23.60 18.85 47.39
C PRO G 508 -24.17 17.48 47.07
N PHE G 509 -23.90 16.55 47.98
CA PHE G 509 -24.41 15.19 47.85
C PHE G 509 -25.91 15.19 48.06
N ARG G 510 -26.64 14.55 47.17
CA ARG G 510 -28.09 14.47 47.29
C ARG G 510 -28.54 13.02 47.31
N PRO G 511 -29.00 12.51 48.44
CA PRO G 511 -29.64 11.19 48.45
C PRO G 511 -31.04 11.25 47.88
N LEU G 512 -31.75 10.13 47.92
CA LEU G 512 -33.12 10.09 47.43
C LEU G 512 -33.86 8.96 48.14
N ALA G 513 -35.11 9.23 48.53
CA ALA G 513 -35.83 8.32 49.42
C ALA G 513 -37.32 8.60 49.32
N VAL G 514 -38.10 7.52 49.24
CA VAL G 514 -39.55 7.56 49.41
C VAL G 514 -39.91 6.45 50.38
N GLU G 515 -40.80 6.74 51.34
CA GLU G 515 -41.16 5.78 52.37
C GLU G 515 -42.02 4.66 51.79
N ASP G 516 -41.72 3.42 52.17
CA ASP G 516 -42.50 2.26 51.80
C ASP G 516 -42.24 1.15 52.80
N ASN G 517 -43.27 0.77 53.56
CA ASN G 517 -43.14 -0.15 54.68
C ASN G 517 -43.37 -1.58 54.20
N ARG G 518 -42.53 -2.50 54.68
CA ARG G 518 -42.53 -3.93 54.38
C ARG G 518 -42.40 -4.25 52.88
N LEU G 519 -41.93 -3.30 52.08
CA LEU G 519 -41.57 -3.51 50.69
C LEU G 519 -40.33 -2.68 50.45
N VAL G 520 -39.19 -3.35 50.31
CA VAL G 520 -37.90 -2.70 50.40
C VAL G 520 -37.30 -2.56 49.02
N ALA G 521 -36.18 -1.85 48.95
CA ALA G 521 -35.61 -1.47 47.67
C ALA G 521 -34.81 -2.62 47.06
N ASN G 522 -34.91 -2.73 45.73
CA ASN G 522 -34.03 -3.60 44.95
C ASN G 522 -33.53 -2.81 43.75
N SER G 523 -32.22 -2.59 43.70
CA SER G 523 -31.64 -1.48 42.97
C SER G 523 -31.10 -1.89 41.61
N PHE G 524 -30.99 -0.90 40.73
CA PHE G 524 -30.26 -1.02 39.48
C PHE G 524 -29.65 0.32 39.15
N PHE G 525 -28.84 0.34 38.09
CA PHE G 525 -27.95 1.47 37.83
C PHE G 525 -27.58 1.52 36.36
N SER G 526 -27.51 2.72 35.82
CA SER G 526 -27.13 2.94 34.42
C SER G 526 -26.26 4.20 34.38
N GLN G 527 -25.16 4.13 33.65
CA GLN G 527 -24.33 5.30 33.39
C GLN G 527 -23.99 5.28 31.90
N PHE G 528 -24.63 6.17 31.15
CA PHE G 528 -24.31 6.27 29.74
C PHE G 528 -24.61 7.67 29.24
N VAL G 529 -23.99 8.00 28.12
CA VAL G 529 -24.24 9.25 27.41
C VAL G 529 -24.71 8.88 26.01
N PRO G 530 -25.59 9.65 25.39
CA PRO G 530 -25.96 9.36 24.01
C PRO G 530 -24.92 9.87 23.04
N GLY G 531 -24.60 9.05 22.05
CA GLY G 531 -23.54 9.37 21.13
C GLY G 531 -23.93 10.41 20.11
N THR G 532 -23.41 11.63 20.26
CA THR G 532 -23.85 12.73 19.42
C THR G 532 -23.15 12.72 18.07
N GLU G 533 -21.94 12.14 18.00
CA GLU G 533 -21.09 12.32 16.83
C GLU G 533 -21.60 11.57 15.62
N SER G 534 -22.21 10.40 15.84
CA SER G 534 -22.70 9.58 14.73
C SER G 534 -23.82 10.29 13.97
N LEU G 535 -24.89 10.63 14.67
CA LEU G 535 -25.98 11.33 13.99
C LEU G 535 -25.62 12.77 13.65
N GLU G 536 -24.60 13.35 14.28
CA GLU G 536 -24.09 14.64 13.82
C GLU G 536 -23.50 14.51 12.42
N ARG G 537 -22.65 13.50 12.22
CA ARG G 537 -22.09 13.26 10.89
C ARG G 537 -23.19 12.94 9.89
N PHE G 538 -24.20 12.19 10.35
CA PHE G 538 -25.36 11.88 9.51
C PHE G 538 -26.09 13.14 9.08
N LEU G 539 -26.33 14.06 10.01
CA LEU G 539 -27.06 15.28 9.70
C LEU G 539 -26.25 16.22 8.83
N THR G 540 -24.93 16.28 9.03
CA THR G 540 -24.12 17.16 8.20
C THR G 540 -24.02 16.64 6.78
N GLN G 541 -23.92 15.32 6.62
CA GLN G 541 -23.94 14.75 5.28
C GLN G 541 -25.29 14.95 4.62
N LEU G 542 -26.37 14.89 5.41
CA LEU G 542 -27.70 15.17 4.89
C LEU G 542 -27.82 16.61 4.42
N TRP G 543 -27.27 17.55 5.21
CA TRP G 543 -27.32 18.96 4.82
C TRP G 543 -26.50 19.20 3.56
N GLU G 544 -25.33 18.55 3.47
CA GLU G 544 -24.46 18.71 2.31
C GLU G 544 -25.13 18.25 1.03
N ASN G 545 -25.61 17.00 1.01
CA ASN G 545 -26.19 16.54 -0.24
C ASN G 545 -27.56 17.17 -0.49
N GLU G 546 -28.26 17.63 0.56
CA GLU G 546 -29.54 18.29 0.36
C GLU G 546 -29.35 19.62 -0.37
N TYR G 547 -28.51 20.49 0.18
CA TYR G 547 -28.21 21.75 -0.50
C TYR G 547 -27.52 21.54 -1.84
N PHE G 548 -26.76 20.47 -2.01
CA PHE G 548 -26.14 20.23 -3.31
C PHE G 548 -27.16 19.87 -4.38
N ARG G 549 -28.18 19.09 -4.03
CA ARG G 549 -29.13 18.74 -5.07
C ARG G 549 -30.11 19.88 -5.34
N THR G 550 -30.55 20.61 -4.30
CA THR G 550 -31.60 21.61 -4.58
C THR G 550 -31.07 22.85 -5.29
N PHE G 551 -29.81 23.21 -5.07
CA PHE G 551 -29.13 24.21 -5.87
C PHE G 551 -27.78 23.61 -6.20
N ARG G 552 -27.43 23.53 -7.48
CA ARG G 552 -26.27 22.74 -7.88
C ARG G 552 -24.98 23.52 -7.57
N LEU G 553 -24.62 23.52 -6.29
CA LEU G 553 -23.41 24.19 -5.84
C LEU G 553 -22.17 23.40 -6.28
N ARG G 554 -21.18 24.09 -6.81
CA ARG G 554 -19.93 23.44 -7.18
C ARG G 554 -18.94 23.46 -6.02
N ARG G 555 -17.98 22.53 -6.08
CA ARG G 555 -16.87 22.47 -5.13
C ARG G 555 -15.57 22.47 -5.90
N LEU G 556 -15.07 23.63 -6.27
CA LEU G 556 -13.78 23.68 -6.95
C LEU G 556 -12.67 23.58 -5.91
N VAL G 557 -11.76 22.61 -6.10
CA VAL G 557 -10.64 22.40 -5.20
C VAL G 557 -9.39 22.15 -6.05
N THR G 558 -8.25 22.04 -5.37
CA THR G 558 -7.06 21.54 -6.03
C THR G 558 -7.08 20.02 -6.04
N HIS G 559 -6.02 19.43 -6.60
CA HIS G 559 -5.81 18.01 -6.45
C HIS G 559 -5.50 17.69 -4.99
N GLN G 560 -6.07 16.57 -4.51
CA GLN G 560 -6.15 16.10 -3.13
C GLN G 560 -6.62 17.18 -2.14
N GLY G 561 -7.41 18.15 -2.62
CA GLY G 561 -7.88 19.23 -1.80
C GLY G 561 -9.33 19.02 -1.40
N ALA G 562 -9.66 19.38 -0.16
CA ALA G 562 -10.98 19.15 0.39
C ALA G 562 -11.63 20.49 0.72
N GLU G 563 -12.77 20.77 0.07
CA GLU G 563 -13.70 21.90 0.30
C GLU G 563 -12.99 23.25 0.45
N GLU G 564 -12.31 23.65 -0.64
CA GLU G 564 -11.67 24.96 -0.65
C GLU G 564 -12.68 26.09 -0.79
N ALA G 565 -13.62 25.96 -1.73
CA ALA G 565 -14.58 27.02 -1.96
C ALA G 565 -15.85 26.45 -2.56
N ILE G 566 -16.98 27.04 -2.19
CA ILE G 566 -18.29 26.68 -2.73
C ILE G 566 -18.85 27.92 -3.39
N VAL G 567 -19.24 27.81 -4.66
CA VAL G 567 -19.59 28.96 -5.46
C VAL G 567 -20.97 28.77 -6.07
N TYR G 568 -21.66 29.88 -6.31
CA TYR G 568 -22.90 29.86 -7.06
C TYR G 568 -22.65 29.41 -8.49
N SER G 569 -23.40 28.41 -8.92
CA SER G 569 -23.24 27.87 -10.26
C SER G 569 -24.47 28.20 -11.10
N ASN G 570 -24.51 27.60 -12.29
CA ASN G 570 -25.33 28.12 -13.37
C ASN G 570 -26.82 27.89 -13.12
N TYR G 571 -27.17 26.73 -12.56
CA TYR G 571 -28.56 26.50 -12.18
C TYR G 571 -28.98 27.35 -10.99
N THR G 572 -28.02 27.61 -10.08
CA THR G 572 -28.34 28.28 -8.82
C THR G 572 -28.78 29.72 -9.05
N VAL G 573 -28.07 30.43 -9.92
CA VAL G 573 -28.43 31.82 -10.18
C VAL G 573 -29.76 31.91 -10.90
N GLU G 574 -30.07 30.95 -11.79
CA GLU G 574 -31.37 30.94 -12.44
C GLU G 574 -32.48 30.62 -11.44
N ARG G 575 -32.18 29.84 -10.40
CA ARG G 575 -33.26 29.53 -9.47
C ARG G 575 -33.49 30.65 -8.47
N VAL G 576 -32.45 31.35 -8.00
CA VAL G 576 -32.63 32.29 -6.89
C VAL G 576 -32.45 33.75 -7.32
N THR G 577 -31.49 34.06 -8.20
CA THR G 577 -31.16 35.46 -8.45
C THR G 577 -32.11 36.11 -9.44
N LEU G 578 -32.39 35.43 -10.55
CA LEU G 578 -33.32 35.97 -11.53
C LEU G 578 -34.77 36.09 -11.06
N PRO G 579 -35.30 35.27 -10.13
CA PRO G 579 -36.59 35.66 -9.54
C PRO G 579 -36.55 36.96 -8.75
N TYR G 580 -35.41 37.26 -8.11
CA TYR G 580 -35.27 38.54 -7.42
C TYR G 580 -35.33 39.68 -8.42
N LEU G 581 -34.70 39.52 -9.57
CA LEU G 581 -34.74 40.56 -10.57
C LEU G 581 -36.06 40.56 -11.33
N CYS G 582 -36.79 39.45 -11.30
CA CYS G 582 -38.14 39.40 -11.84
C CYS G 582 -39.10 40.23 -11.02
N HIS G 583 -39.10 40.06 -9.70
CA HIS G 583 -39.96 40.90 -8.88
C HIS G 583 -39.42 42.33 -8.75
N ILE G 584 -38.10 42.53 -8.89
CA ILE G 584 -37.52 43.87 -8.94
C ILE G 584 -37.96 44.64 -10.18
N LEU G 585 -38.31 43.92 -11.26
CA LEU G 585 -38.76 44.47 -12.54
C LEU G 585 -37.68 45.34 -13.20
N ALA G 586 -36.42 45.03 -12.93
CA ALA G 586 -35.36 45.50 -13.79
C ALA G 586 -34.93 44.45 -14.80
N LEU G 587 -35.57 43.27 -14.78
CA LEU G 587 -35.14 42.09 -15.51
C LEU G 587 -35.25 42.23 -17.02
N GLY G 588 -35.96 43.24 -17.52
CA GLY G 588 -36.21 43.37 -18.95
C GLY G 588 -35.00 43.70 -19.80
N THR G 589 -33.88 44.05 -19.18
CA THR G 589 -32.69 44.45 -19.92
C THR G 589 -31.47 43.59 -19.61
N LEU G 590 -31.33 43.08 -18.40
CA LEU G 590 -30.11 42.46 -17.89
C LEU G 590 -29.95 41.04 -18.43
N ASP G 591 -28.96 40.35 -17.86
CA ASP G 591 -28.57 39.02 -18.30
C ASP G 591 -27.86 38.33 -17.14
N PRO G 592 -28.08 37.03 -16.96
CA PRO G 592 -27.39 36.32 -15.87
C PRO G 592 -25.90 36.17 -16.13
N VAL G 593 -25.12 36.25 -15.05
CA VAL G 593 -23.66 36.21 -15.13
C VAL G 593 -23.21 34.77 -15.28
N PRO G 594 -22.14 34.50 -16.04
CA PRO G 594 -21.50 33.18 -15.98
C PRO G 594 -20.95 32.88 -14.58
N GLU G 595 -20.87 31.59 -14.28
CA GLU G 595 -20.57 31.16 -12.92
C GLU G 595 -19.12 31.39 -12.55
N ALA G 596 -18.19 31.15 -13.50
CA ALA G 596 -16.78 31.43 -13.23
C ALA G 596 -16.51 32.92 -13.19
N TYR G 597 -17.34 33.72 -13.86
CA TYR G 597 -17.23 35.16 -13.81
C TYR G 597 -17.62 35.70 -12.44
N LEU G 598 -18.44 34.94 -11.70
CA LEU G 598 -18.89 35.37 -10.38
C LEU G 598 -17.78 35.34 -9.35
N GLN G 599 -16.80 34.45 -9.54
CA GLN G 599 -15.71 34.35 -8.58
C GLN G 599 -14.73 35.51 -8.68
N LEU G 600 -14.67 36.16 -9.83
CA LEU G 600 -13.68 37.18 -10.14
C LEU G 600 -13.91 38.45 -9.32
N SER G 601 -13.06 39.44 -9.56
CA SER G 601 -13.02 40.65 -8.75
C SER G 601 -14.22 41.54 -8.99
N PHE G 602 -14.36 42.52 -8.10
CA PHE G 602 -15.34 43.59 -8.28
C PHE G 602 -14.93 44.51 -9.42
N GLY G 603 -13.63 44.56 -9.73
CA GLY G 603 -13.14 45.44 -10.75
C GLY G 603 -12.72 44.74 -12.04
N GLU G 604 -12.29 43.49 -11.93
CA GLU G 604 -11.82 42.75 -13.08
C GLU G 604 -12.97 42.21 -13.92
N ILE G 605 -14.19 42.24 -13.38
CA ILE G 605 -15.36 41.64 -14.02
C ILE G 605 -15.75 42.39 -15.29
N VAL G 606 -15.55 43.72 -15.33
CA VAL G 606 -15.97 44.47 -16.50
C VAL G 606 -15.01 44.26 -17.65
N ALA G 607 -13.74 43.98 -17.34
CA ALA G 607 -12.74 43.74 -18.38
C ALA G 607 -13.04 42.46 -19.14
N ALA G 608 -13.61 41.48 -18.48
CA ALA G 608 -14.12 40.32 -19.17
C ALA G 608 -15.53 40.55 -19.72
N ALA G 609 -16.27 41.51 -19.17
CA ALA G 609 -17.64 41.74 -19.61
C ALA G 609 -17.66 42.36 -21.00
N TYR G 610 -16.84 43.37 -21.26
CA TYR G 610 -16.80 43.83 -22.64
C TYR G 610 -15.92 42.96 -23.53
N ASP G 611 -15.06 42.12 -22.96
CA ASP G 611 -14.37 41.14 -23.77
C ASP G 611 -15.34 40.10 -24.33
N ASP G 612 -16.40 39.79 -23.58
CA ASP G 612 -17.49 39.01 -24.14
C ASP G 612 -18.22 39.79 -25.22
N SER G 613 -18.37 41.10 -25.02
CA SER G 613 -19.08 41.95 -25.98
C SER G 613 -18.23 42.18 -27.23
N LYS G 614 -18.84 42.84 -28.21
CA LYS G 614 -18.19 43.16 -29.47
C LYS G 614 -17.40 44.47 -29.41
N PHE G 615 -17.13 44.97 -28.20
CA PHE G 615 -16.40 46.22 -28.05
C PHE G 615 -14.95 46.06 -28.50
N CYS G 616 -14.19 45.21 -27.82
CA CYS G 616 -12.82 44.95 -28.24
C CYS G 616 -12.74 44.01 -29.44
N ARG G 617 -13.83 43.31 -29.76
CA ARG G 617 -13.87 42.56 -31.00
C ARG G 617 -13.93 43.48 -32.22
N TYR G 618 -14.50 44.66 -32.08
CA TYR G 618 -14.44 45.64 -33.16
C TYR G 618 -13.14 46.40 -33.15
N VAL G 619 -12.44 46.43 -32.01
CA VAL G 619 -11.07 46.93 -31.99
C VAL G 619 -10.17 46.00 -32.79
N GLU G 620 -10.47 44.70 -32.79
CA GLU G 620 -9.78 43.78 -33.69
C GLU G 620 -10.06 44.12 -35.16
N LEU G 621 -11.29 44.54 -35.47
CA LEU G 621 -11.61 44.88 -36.84
C LEU G 621 -10.95 46.20 -37.25
N ILE G 622 -10.89 47.17 -36.34
CA ILE G 622 -10.27 48.44 -36.69
C ILE G 622 -8.75 48.34 -36.71
N CYS G 623 -8.14 47.43 -35.93
CA CYS G 623 -6.70 47.26 -36.05
C CYS G 623 -6.35 46.49 -37.31
N SER G 624 -7.23 45.56 -37.71
CA SER G 624 -7.10 44.95 -39.03
C SER G 624 -7.25 45.99 -40.14
N ARG G 625 -8.15 46.97 -39.94
CA ARG G 625 -8.34 48.01 -40.94
C ARG G 625 -7.12 48.90 -41.04
N GLU G 626 -6.54 49.30 -39.90
CA GLU G 626 -5.37 50.16 -39.91
C GLU G 626 -4.16 49.45 -40.49
N LYS G 627 -3.97 48.17 -40.13
CA LYS G 627 -2.84 47.44 -40.69
C LYS G 627 -3.05 47.14 -42.17
N ALA G 628 -4.29 46.99 -42.63
CA ALA G 628 -4.53 46.78 -44.06
C ALA G 628 -4.32 48.07 -44.85
N ARG G 629 -4.82 49.19 -44.32
CA ARG G 629 -4.68 50.49 -44.97
C ARG G 629 -3.24 50.94 -45.01
N ARG G 630 -2.42 50.52 -44.04
CA ARG G 630 -1.01 50.85 -44.09
C ARG G 630 -0.15 49.82 -44.82
N ARG G 631 -0.59 48.56 -44.90
CA ARG G 631 0.15 47.60 -45.71
C ARG G 631 -0.07 47.86 -47.19
N GLN G 632 -1.25 48.37 -47.56
CA GLN G 632 -1.43 48.87 -48.92
C GLN G 632 -0.67 50.16 -49.14
N MET G 633 -0.43 50.94 -48.08
CA MET G 633 0.42 52.12 -48.22
C MET G 633 1.87 51.72 -48.46
N SER G 634 2.31 50.62 -47.84
CA SER G 634 3.66 50.13 -48.08
C SER G 634 3.74 49.35 -49.38
N ARG G 635 2.80 48.43 -49.61
CA ARG G 635 2.85 47.55 -50.77
C ARG G 635 1.54 47.59 -51.56
N ASP H 52 26.92 47.36 55.22
CA ASP H 52 26.10 46.26 54.76
C ASP H 52 24.97 46.74 53.86
N GLU H 53 24.87 46.15 52.68
CA GLU H 53 23.92 46.57 51.65
C GLU H 53 23.09 45.37 51.21
N ALA H 54 21.81 45.61 50.93
CA ALA H 54 20.92 44.56 50.44
C ALA H 54 21.01 44.49 48.91
N VAL H 55 21.44 43.35 48.38
CA VAL H 55 21.62 43.13 46.96
C VAL H 55 21.14 41.72 46.65
N ILE H 56 20.21 41.60 45.70
CA ILE H 56 19.60 40.30 45.42
C ILE H 56 20.57 39.44 44.61
N ASP H 57 20.70 38.18 45.01
CA ASP H 57 21.67 37.25 44.44
C ASP H 57 21.02 36.33 43.42
N ILE H 58 21.84 35.75 42.56
CA ILE H 58 21.33 34.85 41.53
C ILE H 58 22.00 33.48 41.55
N PHE H 59 23.27 33.43 41.95
CA PHE H 59 23.96 32.17 41.75
C PHE H 59 23.61 31.04 42.72
N PRO H 60 23.90 31.15 44.05
CA PRO H 60 23.99 29.94 44.88
C PRO H 60 22.65 29.53 45.50
N THR H 61 21.61 29.51 44.68
CA THR H 61 20.30 29.06 45.13
C THR H 61 19.92 27.79 44.39
N GLY H 62 18.91 27.09 44.94
CA GLY H 62 18.55 25.78 44.45
C GLY H 62 18.06 25.77 43.02
N GLN H 63 17.26 26.78 42.65
CA GLN H 63 16.77 26.93 41.28
C GLN H 63 17.88 27.10 40.26
N THR H 64 18.99 27.73 40.63
CA THR H 64 20.06 27.98 39.69
C THR H 64 21.24 27.05 39.84
N MET H 65 21.57 26.64 41.06
CA MET H 65 22.62 25.64 41.21
C MET H 65 22.13 24.27 40.75
N SER H 66 20.81 24.05 40.78
CA SER H 66 20.25 22.85 40.20
C SER H 66 20.35 22.85 38.68
N PHE H 67 20.50 24.03 38.06
CA PHE H 67 20.46 24.12 36.61
C PHE H 67 21.69 23.48 35.97
N LEU H 68 22.86 23.71 36.56
CA LEU H 68 24.06 23.10 36.02
C LEU H 68 24.08 21.61 36.32
N ARG H 69 23.36 21.18 37.36
CA ARG H 69 23.23 19.75 37.61
C ARG H 69 22.35 19.07 36.57
N LEU H 70 21.21 19.67 36.25
CA LEU H 70 20.29 19.04 35.31
C LEU H 70 20.81 19.13 33.89
N LEU H 71 21.57 20.18 33.56
CA LEU H 71 22.07 20.32 32.21
C LEU H 71 23.11 19.26 31.90
N HIS H 72 23.91 18.88 32.90
CA HIS H 72 24.78 17.72 32.78
C HIS H 72 24.15 16.48 33.37
N GLY H 73 22.87 16.56 33.73
CA GLY H 73 22.11 15.37 34.04
C GLY H 73 22.49 14.65 35.31
N PHE H 74 22.77 15.38 36.38
CA PHE H 74 23.00 14.75 37.67
C PHE H 74 21.75 14.03 38.14
N LEU H 75 20.59 14.62 37.90
CA LEU H 75 19.33 14.10 38.44
C LEU H 75 18.34 13.77 37.33
N GLY H 76 18.36 14.51 36.22
CA GLY H 76 17.44 14.21 35.13
C GLY H 76 18.09 14.20 33.77
N THR H 77 17.73 13.18 32.99
CA THR H 77 18.26 13.04 31.64
C THR H 77 17.36 12.18 30.79
N CYS H 78 17.52 12.29 29.48
CA CYS H 78 16.72 11.62 28.48
C CYS H 78 17.47 11.78 27.16
N ARG H 79 16.79 11.48 26.05
CA ARG H 79 17.37 11.64 24.72
C ARG H 79 17.56 13.09 24.32
N GLY H 80 17.05 14.04 25.10
CA GLY H 80 17.22 15.44 24.76
C GLY H 80 18.58 16.02 25.09
N GLN H 81 19.34 15.38 25.97
CA GLN H 81 20.57 16.00 26.47
C GLN H 81 21.68 15.97 25.45
N SER H 82 21.63 15.03 24.50
CA SER H 82 22.69 14.90 23.51
C SER H 82 22.77 16.09 22.56
N MET H 83 21.67 16.81 22.38
CA MET H 83 21.73 18.01 21.56
C MET H 83 22.47 19.13 22.29
N HIS H 84 22.43 19.12 23.63
CA HIS H 84 23.30 20.03 24.35
C HIS H 84 24.75 19.59 24.23
N GLN H 85 24.99 18.28 24.16
CA GLN H 85 26.33 17.75 24.00
C GLN H 85 26.92 18.14 22.65
N VAL H 86 26.09 18.18 21.61
CA VAL H 86 26.58 18.64 20.32
C VAL H 86 26.72 20.16 20.29
N LEU H 87 26.14 20.86 21.26
CA LEU H 87 26.32 22.30 21.33
C LEU H 87 27.61 22.71 22.03
N ARG H 88 28.13 21.88 22.93
CA ARG H 88 29.24 22.27 23.78
C ARG H 88 30.55 21.69 23.24
N ASP H 89 30.58 21.39 21.96
CA ASP H 89 31.77 20.86 21.33
C ASP H 89 32.85 21.92 21.18
N PRO H 90 34.01 21.75 21.82
CA PRO H 90 35.03 22.81 21.79
C PRO H 90 35.78 22.90 20.49
N CYS H 91 35.61 21.95 19.58
CA CYS H 91 36.41 21.93 18.36
C CYS H 91 35.96 22.97 17.36
N VAL H 92 34.70 23.40 17.41
CA VAL H 92 34.23 24.44 16.51
C VAL H 92 34.87 25.78 16.85
N LEU H 93 35.27 25.97 18.11
CA LEU H 93 36.05 27.14 18.51
C LEU H 93 37.40 27.18 17.82
N ARG H 94 38.15 26.08 17.91
CA ARG H 94 39.48 26.06 17.31
C ARG H 94 39.38 26.13 15.79
N LYS H 95 38.32 25.56 15.20
CA LYS H 95 38.15 25.61 13.76
C LYS H 95 37.83 27.02 13.29
N GLN H 96 36.91 27.70 13.99
CA GLN H 96 36.55 29.05 13.60
C GLN H 96 37.70 30.03 13.80
N LEU H 97 38.49 29.86 14.86
CA LEU H 97 39.59 30.79 15.09
C LEU H 97 40.71 30.54 14.09
N LEU H 98 40.97 29.28 13.73
CA LEU H 98 41.99 29.05 12.72
C LEU H 98 41.52 29.53 11.36
N TYR H 99 40.22 29.44 11.10
CA TYR H 99 39.66 30.00 9.87
C TYR H 99 39.83 31.50 9.82
N GLY H 100 39.61 32.17 10.95
CA GLY H 100 39.79 33.61 11.00
C GLY H 100 41.23 34.03 10.79
N VAL H 101 42.17 33.31 11.43
CA VAL H 101 43.56 33.75 11.28
C VAL H 101 44.10 33.40 9.90
N CYS H 102 43.62 32.31 9.28
CA CYS H 102 44.13 32.03 7.94
C CYS H 102 43.47 32.92 6.90
N LYS H 103 42.22 33.33 7.13
CA LYS H 103 41.60 34.30 6.22
C LYS H 103 42.30 35.65 6.31
N THR H 104 42.72 36.05 7.51
CA THR H 104 43.52 37.27 7.59
C THR H 104 44.93 37.07 7.06
N LEU H 105 45.42 35.83 7.07
CA LEU H 105 46.75 35.56 6.53
C LEU H 105 46.78 35.65 5.02
N PHE H 106 45.88 34.93 4.36
CA PHE H 106 46.11 34.58 2.97
C PHE H 106 45.85 35.73 2.02
N ASP H 107 45.04 36.72 2.43
CA ASP H 107 44.61 37.77 1.51
C ASP H 107 45.63 38.90 1.35
N THR H 108 46.76 38.84 2.06
CA THR H 108 47.61 40.02 2.19
C THR H 108 48.43 40.27 0.93
N ILE H 109 49.21 39.29 0.48
CA ILE H 109 50.28 39.54 -0.50
C ILE H 109 49.91 38.77 -1.77
N THR H 110 48.61 38.70 -2.03
CA THR H 110 48.08 37.96 -3.18
C THR H 110 48.55 38.52 -4.52
N VAL H 111 48.75 39.84 -4.59
CA VAL H 111 48.83 40.50 -5.89
C VAL H 111 50.26 40.54 -6.41
N ARG H 112 51.26 40.50 -5.53
CA ARG H 112 52.63 40.74 -6.01
C ARG H 112 53.50 39.49 -5.92
N ARG H 113 53.42 38.78 -4.80
CA ARG H 113 54.39 37.73 -4.49
C ARG H 113 54.28 36.52 -5.40
N VAL H 114 53.13 36.31 -6.06
CA VAL H 114 52.98 35.17 -6.95
C VAL H 114 53.87 35.35 -8.19
N ALA H 115 53.91 36.57 -8.73
CA ALA H 115 54.78 36.84 -9.87
C ALA H 115 56.24 36.88 -9.44
N GLU H 116 56.50 37.21 -8.18
CA GLU H 116 57.87 37.26 -7.70
C GLU H 116 58.42 35.86 -7.45
N GLU H 117 57.61 34.96 -6.93
CA GLU H 117 58.09 33.61 -6.65
C GLU H 117 57.85 32.69 -7.82
N TRP H 118 57.25 33.21 -8.91
CA TRP H 118 57.33 32.53 -10.19
C TRP H 118 58.77 32.46 -10.70
N LYS H 119 59.59 33.45 -10.35
CA LYS H 119 60.95 33.56 -10.90
C LYS H 119 61.85 32.43 -10.42
N LEU H 120 61.76 32.07 -9.13
CA LEU H 120 62.65 31.04 -8.60
C LEU H 120 62.26 29.66 -9.11
N HIS H 121 60.95 29.39 -9.21
CA HIS H 121 60.51 28.09 -9.70
C HIS H 121 60.56 28.02 -11.23
N ALA H 122 60.81 29.15 -11.88
CA ALA H 122 61.16 29.09 -13.30
C ALA H 122 62.49 28.39 -13.50
N ALA H 123 63.52 28.80 -12.76
CA ALA H 123 64.83 28.17 -12.90
C ALA H 123 64.89 26.85 -12.15
N LEU H 124 63.97 26.63 -11.21
CA LEU H 124 64.01 25.40 -10.43
C LEU H 124 63.50 24.21 -11.24
N PHE H 125 62.56 24.44 -12.15
CA PHE H 125 62.01 23.38 -12.99
C PHE H 125 62.43 23.57 -14.44
N PRO H 126 63.47 22.86 -14.92
CA PRO H 126 63.90 23.01 -16.32
C PRO H 126 62.99 22.27 -17.28
N TYR H 127 62.17 23.02 -18.01
CA TYR H 127 61.04 22.45 -18.74
C TYR H 127 60.64 23.46 -19.82
N ARG H 128 59.37 23.43 -20.24
CA ARG H 128 58.68 24.45 -21.06
C ARG H 128 59.32 24.65 -22.44
N ALA H 129 59.76 23.54 -23.06
CA ALA H 129 60.32 23.62 -24.41
C ALA H 129 59.25 23.87 -25.46
N LEU H 130 58.15 23.12 -25.41
CA LEU H 130 57.09 23.21 -26.40
C LEU H 130 55.83 23.77 -25.75
N ASP H 131 55.03 24.49 -26.53
CA ASP H 131 53.94 25.26 -25.96
C ASP H 131 52.65 24.45 -25.85
N GLU H 132 52.58 23.32 -26.55
CA GLU H 132 51.32 22.60 -26.65
C GLU H 132 51.02 21.80 -25.38
N GLU H 133 51.92 20.88 -25.01
CA GLU H 133 51.68 19.92 -23.94
C GLU H 133 52.39 20.27 -22.65
N ASP H 134 53.55 20.94 -22.75
CA ASP H 134 54.32 21.24 -21.55
C ASP H 134 53.71 22.39 -20.77
N LEU H 135 53.30 23.45 -21.46
CA LEU H 135 52.80 24.66 -20.80
C LEU H 135 51.42 24.44 -20.22
N GLU H 136 50.59 23.63 -20.89
CA GLU H 136 49.22 23.42 -20.44
C GLU H 136 49.18 22.56 -19.19
N GLN H 137 50.16 21.68 -19.01
CA GLN H 137 50.10 20.71 -17.94
C GLN H 137 51.02 21.08 -16.77
N TYR H 138 52.08 21.84 -17.04
CA TYR H 138 53.07 22.09 -16.00
C TYR H 138 52.56 23.08 -14.95
N LEU H 139 51.82 24.10 -15.38
CA LEU H 139 51.52 25.21 -14.48
C LEU H 139 50.40 24.86 -13.50
N LEU H 140 49.50 23.94 -13.89
CA LEU H 140 48.53 23.40 -12.95
C LEU H 140 49.22 22.69 -11.79
N VAL H 141 50.20 21.84 -12.10
CA VAL H 141 50.88 21.08 -11.06
C VAL H 141 51.78 21.98 -10.23
N TRP H 142 52.34 23.02 -10.86
CA TRP H 142 53.16 23.99 -10.11
C TRP H 142 52.30 24.81 -9.15
N SER H 143 51.11 25.23 -9.61
CA SER H 143 50.18 25.97 -8.76
C SER H 143 49.69 25.11 -7.61
N ALA H 144 49.33 23.85 -7.90
CA ALA H 144 48.90 22.92 -6.86
C ALA H 144 50.02 22.66 -5.87
N SER H 145 51.26 22.58 -6.36
CA SER H 145 52.43 22.36 -5.51
C SER H 145 52.64 23.52 -4.56
N LEU H 146 52.56 24.75 -5.07
CA LEU H 146 52.80 25.92 -4.23
C LEU H 146 51.69 26.07 -3.19
N ARG H 147 50.43 25.87 -3.59
CA ARG H 147 49.34 26.04 -2.64
C ARG H 147 49.36 24.95 -1.57
N GLN H 148 49.73 23.72 -1.94
CA GLN H 148 49.74 22.67 -0.93
C GLN H 148 50.94 22.81 -0.01
N SER H 149 52.05 23.36 -0.51
CA SER H 149 53.23 23.50 0.32
C SER H 149 53.04 24.61 1.34
N VAL H 150 52.51 25.76 0.90
CA VAL H 150 52.19 26.82 1.86
C VAL H 150 51.05 26.39 2.78
N GLN H 151 50.18 25.50 2.28
CA GLN H 151 49.05 25.01 3.05
C GLN H 151 49.51 24.15 4.20
N THR H 152 50.35 23.15 3.93
CA THR H 152 50.86 22.30 5.00
C THR H 152 51.78 23.07 5.92
N GLY H 153 52.49 24.08 5.42
CA GLY H 153 53.32 24.90 6.29
C GLY H 153 52.52 25.67 7.32
N VAL H 154 51.50 26.41 6.86
CA VAL H 154 50.70 27.19 7.79
C VAL H 154 49.82 26.26 8.63
N LEU H 155 49.50 25.09 8.10
CA LEU H 155 48.70 24.10 8.83
C LEU H 155 49.47 23.53 10.00
N GLY H 156 50.75 23.18 9.78
CA GLY H 156 51.57 22.69 10.87
C GLY H 156 51.85 23.76 11.90
N ALA H 157 52.05 25.00 11.45
CA ALA H 157 52.26 26.11 12.38
C ALA H 157 51.03 26.34 13.26
N LEU H 158 49.84 26.35 12.65
CA LEU H 158 48.63 26.58 13.40
C LEU H 158 48.31 25.40 14.31
N ARG H 159 48.60 24.17 13.86
CA ARG H 159 48.34 23.01 14.70
C ARG H 159 49.24 22.98 15.93
N ASP H 160 50.49 23.42 15.77
CA ASP H 160 51.37 23.51 16.93
C ASP H 160 50.91 24.58 17.89
N ILE H 161 50.64 25.80 17.39
CA ILE H 161 50.27 26.89 18.29
C ILE H 161 48.88 26.71 18.87
N LEU H 162 48.06 25.86 18.27
CA LEU H 162 46.77 25.49 18.85
C LEU H 162 46.94 24.39 19.89
N TYR H 163 47.48 23.24 19.49
CA TYR H 163 47.54 22.08 20.36
C TYR H 163 48.50 22.26 21.53
N GLN H 164 49.37 23.27 21.51
CA GLN H 164 50.15 23.50 22.71
C GLN H 164 49.34 24.21 23.80
N TYR H 165 48.59 25.26 23.45
CA TYR H 165 47.98 26.06 24.50
C TYR H 165 46.57 26.53 24.15
N ALA H 166 45.83 25.76 23.35
CA ALA H 166 44.41 26.05 23.18
C ALA H 166 43.51 24.91 23.61
N ASP H 167 43.99 24.04 24.49
CA ASP H 167 43.14 23.03 25.10
C ASP H 167 42.46 23.55 26.38
N ASN H 168 41.87 24.73 26.26
CA ASN H 168 41.35 25.41 27.43
C ASN H 168 40.00 24.86 27.87
N ASP H 169 39.23 24.28 26.93
CA ASP H 169 37.88 23.68 27.11
C ASP H 169 36.92 24.56 27.92
N ASP H 170 37.12 25.87 27.84
CA ASP H 170 36.29 26.84 28.52
C ASP H 170 34.99 27.11 27.79
N TYR H 171 34.99 26.88 26.47
CA TYR H 171 33.81 27.10 25.66
C TYR H 171 32.68 26.18 26.06
N GLY H 172 33.03 24.97 26.52
CA GLY H 172 32.05 23.99 26.94
C GLY H 172 31.27 24.39 28.17
N LEU H 173 31.81 25.28 29.00
CA LEU H 173 31.05 25.86 30.09
C LEU H 173 30.50 27.22 29.73
N TYR H 174 31.16 27.89 28.79
CA TYR H 174 30.69 29.19 28.32
C TYR H 174 29.32 29.07 27.67
N VAL H 175 29.10 28.01 26.90
CA VAL H 175 27.79 27.81 26.32
C VAL H 175 26.78 27.43 27.39
N ASP H 176 27.22 26.81 28.50
CA ASP H 176 26.30 26.50 29.58
C ASP H 176 25.81 27.77 30.26
N TRP H 177 26.73 28.66 30.60
CA TRP H 177 26.31 29.91 31.22
C TRP H 177 25.58 30.83 30.25
N CYS H 178 25.81 30.69 28.94
CA CYS H 178 24.97 31.43 28.01
C CYS H 178 23.59 30.81 27.85
N VAL H 179 23.45 29.51 28.14
CA VAL H 179 22.17 28.88 27.88
C VAL H 179 21.28 28.77 29.12
N THR H 180 21.84 28.86 30.33
CA THR H 180 20.99 28.64 31.49
C THR H 180 20.75 29.87 32.36
N VAL H 181 21.58 30.90 32.27
CA VAL H 181 21.35 32.11 33.07
C VAL H 181 21.48 33.34 32.20
N GLY H 182 21.93 33.17 30.96
CA GLY H 182 21.99 34.28 30.04
C GLY H 182 23.17 35.21 30.24
N LEU H 183 24.16 34.79 31.02
CA LEU H 183 25.36 35.57 31.25
C LEU H 183 26.43 34.64 31.79
N VAL H 184 27.69 35.03 31.64
CA VAL H 184 28.80 34.16 31.98
C VAL H 184 29.68 34.83 33.02
N PRO H 185 30.11 34.13 34.06
CA PRO H 185 31.18 34.64 34.91
C PRO H 185 32.53 34.21 34.35
N LEU H 186 33.51 35.09 34.47
CA LEU H 186 34.81 34.88 33.85
C LEU H 186 35.84 35.79 34.48
N LEU H 187 37.02 35.24 34.77
CA LEU H 187 38.09 36.00 35.39
C LEU H 187 39.18 36.25 34.37
N ASP H 188 39.97 37.28 34.59
CA ASP H 188 41.07 37.66 33.70
C ASP H 188 42.40 37.42 34.42
N VAL H 189 42.95 36.22 34.24
CA VAL H 189 44.22 35.86 34.87
C VAL H 189 45.35 36.61 34.19
N LYS H 190 46.13 37.35 34.99
CA LYS H 190 47.26 38.11 34.49
C LYS H 190 48.54 37.50 35.05
N THR H 191 49.56 37.45 34.21
CA THR H 191 50.84 36.86 34.57
C THR H 191 51.95 37.87 34.34
N LYS H 192 53.17 37.46 34.68
CA LYS H 192 54.34 38.27 34.42
C LYS H 192 54.59 38.32 32.91
N PRO H 193 55.13 39.44 32.40
CA PRO H 193 55.44 39.51 30.96
C PRO H 193 56.57 38.60 30.49
N SER H 194 57.21 37.83 31.37
CA SER H 194 58.15 36.81 30.93
C SER H 194 57.44 35.69 30.18
N GLU H 195 56.18 35.43 30.53
CA GLU H 195 55.38 34.43 29.81
C GLU H 195 55.06 34.88 28.39
N ALA H 196 54.91 36.19 28.18
CA ALA H 196 54.81 36.72 26.84
C ALA H 196 56.08 36.44 26.04
N ALA H 197 57.24 36.53 26.70
CA ALA H 197 58.50 36.16 26.06
C ALA H 197 58.59 34.66 25.82
N GLU H 198 57.96 33.85 26.69
CA GLU H 198 57.88 32.41 26.46
C GLU H 198 57.11 32.09 25.20
N ARG H 199 55.96 32.75 25.02
CA ARG H 199 55.18 32.50 23.81
C ARG H 199 55.86 33.09 22.58
N ALA H 200 56.52 34.23 22.73
CA ALA H 200 57.20 34.86 21.60
C ALA H 200 58.44 34.07 21.19
N GLN H 201 59.01 33.31 22.13
CA GLN H 201 60.06 32.36 21.76
C GLN H 201 59.46 31.12 21.12
N PHE H 202 58.33 30.65 21.66
CA PHE H 202 57.74 29.40 21.20
C PHE H 202 57.22 29.50 19.77
N VAL H 203 56.76 30.69 19.36
CA VAL H 203 56.21 30.83 18.02
C VAL H 203 57.30 30.74 16.96
N ARG H 204 58.55 31.07 17.32
CA ARG H 204 59.64 30.99 16.34
C ARG H 204 60.00 29.53 16.05
N ALA H 205 60.11 28.71 17.09
CA ALA H 205 60.34 27.29 16.89
C ALA H 205 59.13 26.61 16.28
N ALA H 206 57.94 27.21 16.48
CA ALA H 206 56.75 26.72 15.78
C ALA H 206 56.84 26.99 14.28
N VAL H 207 57.24 28.20 13.89
CA VAL H 207 57.23 28.54 12.47
C VAL H 207 58.50 28.05 11.78
N GLN H 208 59.45 27.50 12.56
CA GLN H 208 60.58 26.83 11.92
C GLN H 208 60.15 25.55 11.21
N ARG H 209 59.07 24.92 11.70
CA ARG H 209 58.52 23.76 11.01
C ARG H 209 57.90 24.15 9.68
N ALA H 210 57.39 25.37 9.57
CA ALA H 210 56.90 25.86 8.29
C ALA H 210 58.06 26.40 7.44
N THR H 211 59.12 26.86 8.09
CA THR H 211 60.30 27.34 7.39
C THR H 211 61.01 26.19 6.66
N GLU H 212 61.02 25.01 7.28
CA GLU H 212 61.72 23.87 6.67
C GLU H 212 60.98 23.38 5.43
N THR H 213 59.65 23.26 5.50
CA THR H 213 58.91 22.69 4.38
C THR H 213 58.78 23.69 3.24
N HIS H 214 58.72 24.98 3.56
CA HIS H 214 58.50 25.98 2.54
C HIS H 214 59.26 27.27 2.85
N PRO H 215 60.04 27.77 1.91
CA PRO H 215 60.63 29.11 2.11
C PRO H 215 59.61 30.21 1.95
N LEU H 216 58.66 30.06 1.03
CA LEU H 216 57.77 31.19 0.70
C LEU H 216 56.67 31.34 1.74
N ALA H 217 56.43 30.29 2.54
CA ALA H 217 55.37 30.37 3.55
C ALA H 217 55.79 31.24 4.72
N GLN H 218 57.10 31.35 4.96
CA GLN H 218 57.57 32.06 6.14
C GLN H 218 57.41 33.57 5.98
N ASP H 219 57.28 34.04 4.74
CA ASP H 219 57.20 35.48 4.50
C ASP H 219 55.87 36.05 4.96
N LEU H 220 54.80 35.26 4.90
CA LEU H 220 53.53 35.72 5.44
C LEU H 220 53.54 35.70 6.96
N LEU H 221 54.16 34.67 7.54
CA LEU H 221 54.17 34.53 8.98
C LEU H 221 55.07 35.57 9.63
N GLN H 222 56.15 35.95 8.96
CA GLN H 222 57.02 36.99 9.49
C GLN H 222 56.36 38.36 9.37
N ALA H 223 55.38 38.48 8.48
CA ALA H 223 54.61 39.72 8.39
C ALA H 223 53.54 39.78 9.47
N ASN H 224 52.86 38.65 9.71
CA ASN H 224 51.70 38.63 10.58
C ASN H 224 51.99 38.00 11.94
N LEU H 225 53.26 37.92 12.34
CA LEU H 225 53.61 37.39 13.65
C LEU H 225 53.06 38.24 14.78
N ALA H 226 52.86 39.54 14.54
CA ALA H 226 52.22 40.40 15.53
C ALA H 226 50.79 39.96 15.81
N LEU H 227 50.03 39.67 14.75
CA LEU H 227 48.67 39.17 14.92
C LEU H 227 48.68 37.77 15.53
N LEU H 228 49.68 36.96 15.18
CA LEU H 228 49.80 35.62 15.75
C LEU H 228 50.06 35.66 17.25
N LEU H 229 51.01 36.50 17.69
CA LEU H 229 51.26 36.61 19.12
C LEU H 229 50.13 37.32 19.82
N GLN H 230 49.41 38.18 19.10
CA GLN H 230 48.23 38.84 19.68
C GLN H 230 47.13 37.83 20.00
N VAL H 231 46.82 36.95 19.06
CA VAL H 231 45.76 35.97 19.30
C VAL H 231 46.26 34.87 20.24
N ALA H 232 47.57 34.66 20.29
CA ALA H 232 48.10 33.69 21.25
C ALA H 232 48.03 34.23 22.67
N GLU H 233 48.36 35.51 22.86
CA GLU H 233 48.31 36.09 24.20
C GLU H 233 46.88 36.29 24.66
N ARG H 234 46.00 36.74 23.76
CA ARG H 234 44.60 36.91 24.13
C ARG H 234 43.90 35.56 24.26
N LEU H 235 44.48 34.52 23.67
CA LEU H 235 43.94 33.18 23.83
C LEU H 235 44.07 32.69 25.27
N GLY H 236 45.28 32.73 25.82
CA GLY H 236 45.50 32.32 27.18
C GLY H 236 45.30 33.37 28.24
N ALA H 237 44.63 34.47 27.90
CA ALA H 237 44.46 35.55 28.86
C ALA H 237 43.23 35.35 29.74
N VAL H 238 42.14 34.86 29.16
CA VAL H 238 40.83 34.86 29.82
C VAL H 238 40.35 33.43 29.99
N ARG H 239 39.82 33.14 31.18
CA ARG H 239 39.28 31.83 31.53
C ARG H 239 37.78 31.91 31.79
N VAL H 240 37.22 30.79 32.25
CA VAL H 240 35.78 30.63 32.41
C VAL H 240 35.36 30.70 33.86
N ALA H 241 36.32 30.83 34.78
CA ALA H 241 36.12 30.94 36.23
C ALA H 241 35.39 29.71 36.80
N ASN H 242 36.00 28.54 36.60
CA ASN H 242 35.53 27.33 37.27
C ASN H 242 36.29 27.18 38.58
N ALA H 243 35.72 27.75 39.63
CA ALA H 243 36.26 27.67 40.97
C ALA H 243 35.09 27.73 41.93
N PRO H 244 35.22 27.13 43.11
CA PRO H 244 34.15 27.24 44.10
C PRO H 244 34.10 28.63 44.73
N GLU H 245 33.13 28.80 45.62
CA GLU H 245 32.84 30.02 46.40
C GLU H 245 32.75 31.29 45.54
N VAL H 246 32.35 31.13 44.29
CA VAL H 246 32.07 32.28 43.46
C VAL H 246 30.65 32.74 43.77
N ARG H 247 30.33 33.97 43.39
CA ARG H 247 29.00 34.50 43.60
C ARG H 247 28.76 35.65 42.63
N VAL H 248 27.56 35.65 42.03
CA VAL H 248 27.10 36.75 41.22
C VAL H 248 25.74 37.19 41.73
N PHE H 249 25.39 38.44 41.46
CA PHE H 249 24.20 39.06 42.04
C PHE H 249 23.82 40.28 41.22
N LYS H 250 22.61 40.78 41.46
CA LYS H 250 22.14 42.01 40.83
C LYS H 250 21.92 43.06 41.91
N LYS H 251 22.63 44.18 41.79
CA LYS H 251 22.46 45.27 42.74
C LYS H 251 21.12 45.95 42.52
N VAL H 252 20.33 46.04 43.60
CA VAL H 252 18.94 46.47 43.45
C VAL H 252 18.82 47.98 43.29
N ARG H 253 19.74 48.77 43.84
CA ARG H 253 19.60 50.22 43.74
C ARG H 253 20.21 50.76 42.45
N SER H 254 21.32 50.18 42.02
CA SER H 254 21.92 50.52 40.73
C SER H 254 21.97 49.24 39.90
N GLU H 255 21.19 49.19 38.83
CA GLU H 255 20.98 47.96 38.05
C GLU H 255 22.20 47.69 37.17
N ARG H 256 23.31 47.42 37.82
CA ARG H 256 24.64 47.27 37.22
C ARG H 256 25.32 46.02 37.73
N LEU H 257 24.62 44.89 37.61
CA LEU H 257 24.98 43.59 38.21
C LEU H 257 26.42 43.16 37.94
N GLU H 258 27.04 42.56 38.95
CA GLU H 258 28.49 42.36 38.98
C GLU H 258 28.85 40.94 39.38
N ALA H 259 30.10 40.58 39.12
CA ALA H 259 30.67 39.30 39.51
C ALA H 259 31.83 39.53 40.47
N GLN H 260 31.80 38.83 41.60
CA GLN H 260 32.95 38.81 42.48
C GLN H 260 33.41 37.38 42.71
N LEU H 261 34.70 37.22 42.95
CA LEU H 261 35.32 35.92 43.13
C LEU H 261 36.09 35.99 44.44
N ARG H 262 35.56 35.29 45.45
CA ARG H 262 36.22 35.04 46.73
C ARG H 262 36.56 36.35 47.44
N GLY H 263 35.57 37.24 47.47
CA GLY H 263 35.74 38.56 48.04
C GLY H 263 36.34 39.61 47.12
N LYS H 264 36.75 39.22 45.91
CA LYS H 264 37.38 40.13 44.97
C LYS H 264 36.48 40.32 43.76
N HIS H 265 36.10 41.56 43.49
CA HIS H 265 35.24 41.85 42.35
C HIS H 265 35.99 41.67 41.04
N ILE H 266 35.37 40.99 40.08
CA ILE H 266 35.99 40.65 38.81
C ILE H 266 35.11 41.13 37.67
N ARG H 267 35.58 40.97 36.44
CA ARG H 267 34.79 41.32 35.27
C ARG H 267 33.78 40.22 34.98
N LEU H 268 32.74 40.55 34.22
CA LEU H 268 31.82 39.53 33.69
C LEU H 268 31.13 40.06 32.45
N TYR H 269 30.54 39.14 31.70
CA TYR H 269 29.82 39.43 30.48
C TYR H 269 28.35 39.14 30.70
N VAL H 270 27.49 39.86 29.98
CA VAL H 270 26.06 39.60 29.97
C VAL H 270 25.61 39.48 28.52
N ALA H 271 24.84 38.43 28.24
CA ALA H 271 24.26 38.23 26.91
C ALA H 271 22.75 38.35 26.93
N ALA H 272 22.11 37.77 27.95
CA ALA H 272 20.67 37.85 28.10
C ALA H 272 20.37 38.16 29.56
N GLU H 273 20.08 39.40 29.86
CA GLU H 273 19.77 39.76 31.23
C GLU H 273 18.34 39.34 31.56
N PRO H 274 18.11 38.76 32.74
CA PRO H 274 16.76 38.31 33.07
C PRO H 274 15.92 39.43 33.65
N LEU H 275 14.61 39.30 33.48
CA LEU H 275 13.68 40.32 33.91
C LEU H 275 13.44 40.23 35.41
N ALA H 276 13.27 41.39 36.05
CA ALA H 276 13.18 41.49 37.51
C ALA H 276 12.04 42.42 37.89
N TYR H 277 11.27 42.02 38.90
CA TYR H 277 10.06 42.74 39.30
C TYR H 277 9.90 42.67 40.82
N GLU H 278 8.67 42.93 41.28
CA GLU H 278 8.32 42.88 42.71
C GLU H 278 8.61 41.51 43.31
N ARG H 279 8.49 40.47 42.50
CA ARG H 279 9.04 39.17 42.86
C ARG H 279 10.56 39.31 42.95
N ASP H 280 11.07 39.24 44.17
CA ASP H 280 12.49 39.53 44.38
C ASP H 280 13.35 38.38 43.86
N LYS H 281 12.81 37.17 43.84
CA LYS H 281 13.34 36.16 42.93
C LYS H 281 12.92 36.52 41.51
N LEU H 282 13.90 36.82 40.67
CA LEU H 282 13.63 37.33 39.35
C LEU H 282 13.55 36.17 38.37
N LEU H 283 12.84 36.39 37.27
CA LEU H 283 12.49 35.32 36.35
C LEU H 283 13.34 35.45 35.09
N PHE H 284 13.79 34.30 34.59
CA PHE H 284 14.78 34.26 33.53
C PHE H 284 14.14 34.11 32.17
N THR H 285 14.81 34.64 31.15
CA THR H 285 14.37 34.52 29.77
C THR H 285 15.23 33.55 28.99
N THR H 286 16.01 32.73 29.65
CA THR H 286 16.95 31.86 28.97
C THR H 286 16.21 30.67 28.38
N PRO H 287 16.81 29.98 27.41
CA PRO H 287 16.15 28.78 26.86
C PRO H 287 15.95 27.65 27.86
N VAL H 288 16.90 27.41 28.77
CA VAL H 288 16.82 26.21 29.58
C VAL H 288 15.78 26.36 30.68
N ALA H 289 15.56 27.58 31.19
CA ALA H 289 14.54 27.79 32.20
C ALA H 289 13.12 27.64 31.66
N HIS H 290 12.95 27.58 30.34
CA HIS H 290 11.63 27.33 29.79
C HIS H 290 11.17 25.90 30.03
N LEU H 291 12.10 24.99 30.30
CA LEU H 291 11.80 23.57 30.45
C LEU H 291 12.36 22.99 31.75
N HIS H 292 12.55 23.82 32.76
CA HIS H 292 13.03 23.31 34.05
C HIS H 292 11.96 22.49 34.76
N GLU H 293 10.73 22.99 34.77
CA GLU H 293 9.67 22.34 35.52
C GLU H 293 9.29 21.00 34.91
N GLU H 294 9.47 20.84 33.60
CA GLU H 294 9.02 19.61 32.97
C GLU H 294 10.00 18.48 33.20
N ILE H 295 11.30 18.76 33.13
CA ILE H 295 12.26 17.73 33.50
C ILE H 295 12.23 17.46 34.99
N LEU H 296 11.84 18.45 35.80
CA LEU H 296 11.67 18.17 37.21
C LEU H 296 10.45 17.27 37.44
N ARG H 297 9.41 17.45 36.64
CA ARG H 297 8.24 16.56 36.67
C ARG H 297 8.62 15.16 36.22
N TYR H 298 9.46 15.05 35.19
CA TYR H 298 9.92 13.76 34.72
C TYR H 298 10.77 13.06 35.78
N ASP H 299 11.55 13.83 36.53
CA ASP H 299 12.35 13.24 37.58
C ASP H 299 11.50 12.76 38.74
N GLY H 300 10.48 13.55 39.10
CA GLY H 300 9.54 13.11 40.11
C GLY H 300 8.80 11.85 39.70
N LEU H 301 8.46 11.76 38.41
CA LEU H 301 7.79 10.55 37.93
C LEU H 301 8.75 9.37 37.88
N CYS H 302 10.01 9.60 37.56
CA CYS H 302 11.01 8.53 37.55
C CYS H 302 11.22 7.96 38.95
N ARG H 303 11.47 8.84 39.91
CA ARG H 303 11.67 8.39 41.29
C ARG H 303 10.41 7.78 41.86
N HIS H 304 9.24 8.31 41.47
CA HIS H 304 7.99 7.77 41.97
C HIS H 304 7.73 6.38 41.41
N GLN H 305 8.03 6.17 40.12
CA GLN H 305 7.93 4.86 39.51
C GLN H 305 8.86 3.85 40.19
N LYS H 306 10.09 4.28 40.47
CA LYS H 306 11.04 3.39 41.14
C LYS H 306 10.56 3.02 42.54
N ILE H 307 10.02 4.00 43.28
CA ILE H 307 9.69 3.71 44.66
C ILE H 307 8.36 2.97 44.77
N CYS H 308 7.46 3.12 43.80
CA CYS H 308 6.25 2.31 43.88
C CYS H 308 6.49 0.91 43.36
N GLN H 309 7.36 0.76 42.36
CA GLN H 309 7.72 -0.57 41.89
C GLN H 309 8.50 -1.34 42.96
N LEU H 310 9.32 -0.64 43.73
CA LEU H 310 10.02 -1.24 44.85
C LEU H 310 9.14 -1.40 46.09
N LEU H 311 7.88 -0.96 46.04
CA LEU H 311 7.02 -1.07 47.20
C LEU H 311 6.22 -2.37 47.19
N ASN H 312 5.60 -2.72 46.07
CA ASN H 312 4.72 -3.88 46.02
C ASN H 312 5.41 -5.09 45.41
N THR H 313 6.66 -5.34 45.79
CA THR H 313 7.43 -6.43 45.20
C THR H 313 6.86 -7.78 45.56
N PHE H 314 6.42 -7.95 46.81
CA PHE H 314 5.91 -9.20 47.31
C PHE H 314 4.56 -9.52 46.69
N PRO H 315 4.29 -10.80 46.38
CA PRO H 315 3.09 -11.15 45.62
C PRO H 315 1.79 -10.97 46.39
N VAL H 316 1.81 -11.17 47.70
CA VAL H 316 0.60 -11.12 48.49
C VAL H 316 0.80 -10.19 49.68
N LYS H 317 -0.27 -9.45 49.99
CA LYS H 317 -0.30 -8.54 51.14
C LYS H 317 -1.56 -8.84 51.93
N VAL H 318 -1.45 -8.86 53.25
CA VAL H 318 -2.60 -9.04 54.13
C VAL H 318 -2.66 -7.85 55.07
N VAL H 319 -3.79 -7.69 55.75
CA VAL H 319 -3.96 -6.69 56.78
C VAL H 319 -4.33 -7.41 58.07
N THR H 320 -4.05 -6.77 59.19
CA THR H 320 -4.46 -7.29 60.49
C THR H 320 -4.52 -6.19 61.53
N ASP H 488 26.03 -6.36 42.12
CA ASP H 488 25.80 -7.59 42.86
C ASP H 488 25.04 -8.60 42.01
N ALA H 489 25.79 -9.35 41.21
CA ALA H 489 25.23 -10.30 40.25
C ALA H 489 25.19 -11.72 40.80
N GLU H 490 24.92 -11.86 42.09
CA GLU H 490 25.02 -13.15 42.77
C GLU H 490 23.96 -14.14 42.31
N LEU H 491 22.82 -13.65 41.82
CA LEU H 491 21.68 -14.53 41.56
C LEU H 491 21.88 -15.38 40.31
N TYR H 492 22.56 -14.85 39.30
CA TYR H 492 22.62 -15.54 38.02
C TYR H 492 23.53 -16.76 38.07
N HIS H 493 24.63 -16.66 38.83
CA HIS H 493 25.70 -17.66 38.76
C HIS H 493 25.25 -19.00 39.33
N LEU H 494 24.59 -18.98 40.47
CA LEU H 494 24.25 -20.22 41.15
C LEU H 494 22.93 -20.77 40.60
N PRO H 495 22.67 -22.06 40.75
CA PRO H 495 21.38 -22.62 40.29
C PRO H 495 20.22 -22.12 41.14
N VAL H 496 19.00 -22.38 40.64
CA VAL H 496 17.81 -21.77 41.20
C VAL H 496 17.39 -22.38 42.53
N LEU H 497 17.97 -23.52 42.92
CA LEU H 497 17.47 -24.20 44.10
C LEU H 497 17.96 -23.57 45.39
N GLU H 498 19.02 -22.78 45.34
CA GLU H 498 19.40 -21.96 46.47
C GLU H 498 18.90 -20.53 46.29
N ALA H 499 18.66 -20.12 45.05
CA ALA H 499 18.08 -18.81 44.79
C ALA H 499 16.64 -18.74 45.29
N VAL H 500 15.91 -19.86 45.22
CA VAL H 500 14.56 -19.90 45.76
C VAL H 500 14.59 -19.85 47.27
N ARG H 501 15.69 -20.30 47.88
CA ARG H 501 15.85 -20.15 49.32
C ARG H 501 16.19 -18.70 49.67
N LYS H 502 17.10 -18.09 48.93
CA LYS H 502 17.55 -16.74 49.24
C LYS H 502 16.53 -15.67 48.85
N ALA H 503 15.59 -15.99 47.98
CA ALA H 503 14.60 -14.99 47.58
C ALA H 503 13.59 -14.70 48.68
N ARG H 504 13.08 -15.74 49.34
CA ARG H 504 12.10 -15.54 50.40
C ARG H 504 12.71 -14.84 51.60
N ASP H 505 13.88 -15.30 52.05
CA ASP H 505 14.61 -14.64 53.13
C ASP H 505 15.21 -13.31 52.69
N ALA H 506 15.29 -13.05 51.40
CA ALA H 506 15.83 -11.80 50.89
C ALA H 506 14.85 -10.66 51.04
N ALA H 507 13.62 -10.83 50.59
CA ALA H 507 12.54 -9.87 50.80
C ALA H 507 11.58 -10.51 51.80
N PRO H 508 11.70 -10.17 53.08
CA PRO H 508 10.81 -10.75 54.08
C PRO H 508 9.40 -10.20 53.96
N PHE H 509 8.44 -11.04 54.32
CA PHE H 509 7.03 -10.67 54.34
C PHE H 509 6.80 -9.65 55.43
N ARG H 510 6.11 -8.56 55.10
CA ARG H 510 5.80 -7.54 56.08
C ARG H 510 4.30 -7.32 56.16
N PRO H 511 3.63 -7.71 57.24
CA PRO H 511 2.24 -7.33 57.43
C PRO H 511 2.10 -5.88 57.85
N LEU H 512 0.88 -5.45 58.15
CA LEU H 512 0.64 -4.09 58.59
C LEU H 512 -0.63 -4.05 59.42
N ALA H 513 -0.59 -3.32 60.53
CA ALA H 513 -1.64 -3.39 61.53
C ALA H 513 -1.62 -2.15 62.41
N VAL H 514 -2.79 -1.60 62.65
CA VAL H 514 -3.02 -0.59 63.68
C VAL H 514 -4.25 -1.02 64.47
N GLU H 515 -4.18 -0.92 65.80
CA GLU H 515 -5.26 -1.38 66.66
C GLU H 515 -6.46 -0.44 66.56
N ASP H 516 -7.66 -1.02 66.47
CA ASP H 516 -8.90 -0.27 66.48
C ASP H 516 -10.03 -1.19 66.91
N ASN H 517 -10.65 -0.87 68.06
CA ASN H 517 -11.63 -1.75 68.69
C ASN H 517 -13.03 -1.37 68.24
N ARG H 518 -13.84 -2.38 67.92
CA ARG H 518 -15.23 -2.31 67.44
C ARG H 518 -15.39 -1.47 66.18
N LEU H 519 -14.30 -1.24 65.44
CA LEU H 519 -14.31 -0.63 64.12
C LEU H 519 -13.25 -1.36 63.31
N VAL H 520 -13.69 -2.16 62.35
CA VAL H 520 -12.82 -3.15 61.73
C VAL H 520 -12.51 -2.72 60.30
N ALA H 521 -11.66 -3.51 59.66
CA ALA H 521 -11.12 -3.13 58.36
C ALA H 521 -12.07 -3.50 57.22
N ASN H 522 -12.15 -2.62 56.24
CA ASN H 522 -12.74 -2.94 54.94
C ASN H 522 -11.80 -2.42 53.86
N SER H 523 -11.17 -3.34 53.14
CA SER H 523 -9.94 -3.06 52.43
C SER H 523 -10.19 -2.74 50.96
N PHE H 524 -9.17 -2.17 50.33
CA PHE H 524 -9.09 -2.02 48.89
C PHE H 524 -7.65 -2.19 48.47
N PHE H 525 -7.41 -2.16 47.16
CA PHE H 525 -6.15 -2.58 46.61
C PHE H 525 -5.93 -1.94 45.24
N SER H 526 -4.69 -1.56 44.97
CA SER H 526 -4.30 -0.95 43.70
C SER H 526 -2.93 -1.48 43.34
N GLN H 527 -2.76 -1.86 42.08
CA GLN H 527 -1.46 -2.26 41.54
C GLN H 527 -1.30 -1.57 40.20
N PHE H 528 -0.47 -0.53 40.17
CA PHE H 528 -0.22 0.14 38.91
C PHE H 528 1.16 0.79 38.94
N VAL H 529 1.65 1.08 37.75
CA VAL H 529 2.90 1.81 37.57
C VAL H 529 2.58 3.06 36.75
N PRO H 530 3.27 4.17 36.95
CA PRO H 530 3.05 5.33 36.08
C PRO H 530 3.80 5.16 34.77
N GLY H 531 3.11 5.49 33.68
CA GLY H 531 3.67 5.27 32.36
C GLY H 531 4.72 6.29 31.99
N THR H 532 5.99 5.87 31.99
CA THR H 532 7.07 6.83 31.79
C THR H 532 7.30 7.16 30.33
N GLU H 533 6.94 6.22 29.44
CA GLU H 533 7.33 6.34 28.04
C GLU H 533 6.60 7.45 27.31
N SER H 534 5.33 7.69 27.65
CA SER H 534 4.54 8.71 26.97
C SER H 534 5.11 10.10 27.19
N LEU H 535 5.23 10.50 28.46
CA LEU H 535 5.79 11.82 28.72
C LEU H 535 7.30 11.88 28.49
N GLU H 536 7.98 10.73 28.44
CA GLU H 536 9.37 10.73 27.99
C GLU H 536 9.45 11.16 26.54
N ARG H 537 8.62 10.56 25.69
CA ARG H 537 8.57 10.96 24.28
C ARG H 537 8.15 12.41 24.14
N PHE H 538 7.23 12.85 24.99
CA PHE H 538 6.80 14.24 25.02
C PHE H 538 7.95 15.17 25.35
N LEU H 539 8.74 14.83 26.37
CA LEU H 539 9.85 15.67 26.79
C LEU H 539 10.98 15.68 25.78
N THR H 540 11.23 14.55 25.12
CA THR H 540 12.30 14.51 24.13
C THR H 540 11.92 15.30 22.88
N GLN H 541 10.65 15.24 22.49
CA GLN H 541 10.19 16.07 21.37
C GLN H 541 10.23 17.54 21.73
N LEU H 542 9.92 17.87 22.99
CA LEU H 542 10.02 19.24 23.47
C LEU H 542 11.46 19.73 23.43
N TRP H 543 12.40 18.88 23.85
CA TRP H 543 13.80 19.26 23.82
C TRP H 543 14.29 19.45 22.39
N GLU H 544 13.87 18.56 21.49
CA GLU H 544 14.26 18.63 20.08
C GLU H 544 13.80 19.93 19.44
N ASN H 545 12.51 20.23 19.51
CA ASN H 545 12.07 21.44 18.84
C ASN H 545 12.47 22.68 19.60
N GLU H 546 12.73 22.58 20.91
CA GLU H 546 13.20 23.74 21.68
C GLU H 546 14.58 24.16 21.21
N TYR H 547 15.55 23.23 21.25
CA TYR H 547 16.88 23.53 20.75
C TYR H 547 16.89 23.84 19.27
N PHE H 548 15.97 23.28 18.48
CA PHE H 548 15.93 23.62 17.06
C PHE H 548 15.48 25.05 16.82
N ARG H 549 14.53 25.56 17.62
CA ARG H 549 14.13 26.93 17.35
C ARG H 549 15.12 27.93 17.92
N THR H 550 15.68 27.68 19.11
CA THR H 550 16.49 28.73 19.71
C THR H 550 17.86 28.86 19.04
N PHE H 551 18.40 27.79 18.49
CA PHE H 551 19.56 27.84 17.61
C PHE H 551 19.21 26.97 16.42
N ARG H 552 19.31 27.53 15.21
CA ARG H 552 18.76 26.83 14.05
C ARG H 552 19.70 25.69 13.62
N LEU H 553 19.65 24.59 14.38
CA LEU H 553 20.46 23.42 14.08
C LEU H 553 19.93 22.70 12.84
N ARG H 554 20.82 22.34 11.93
CA ARG H 554 20.42 21.58 10.75
C ARG H 554 20.50 20.07 11.01
N ARG H 555 19.74 19.31 10.24
CA ARG H 555 19.77 17.85 10.27
C ARG H 555 20.04 17.35 8.85
N LEU H 556 21.31 17.27 8.48
CA LEU H 556 21.62 16.71 7.17
C LEU H 556 21.61 15.19 7.26
N VAL H 557 20.84 14.54 6.39
CA VAL H 557 20.73 13.09 6.34
C VAL H 557 20.76 12.66 4.89
N THR H 558 20.77 11.35 4.68
CA THR H 558 20.52 10.81 3.35
C THR H 558 19.03 10.71 3.12
N HIS H 559 18.67 10.22 1.93
CA HIS H 559 17.29 9.85 1.67
C HIS H 559 16.91 8.67 2.55
N GLN H 560 15.68 8.72 3.08
CA GLN H 560 15.09 7.86 4.12
C GLN H 560 16.00 7.66 5.34
N GLY H 561 16.85 8.64 5.64
CA GLY H 561 17.77 8.56 6.73
C GLY H 561 17.31 9.41 7.90
N ALA H 562 17.50 8.89 9.11
CA ALA H 562 17.02 9.56 10.32
C ALA H 562 18.21 9.94 11.20
N GLU H 563 18.36 11.26 11.44
CA GLU H 563 19.31 11.90 12.37
C GLU H 563 20.74 11.36 12.26
N GLU H 564 21.32 11.55 11.08
CA GLU H 564 22.71 11.15 10.88
C GLU H 564 23.67 12.10 11.59
N ALA H 565 23.46 13.41 11.44
CA ALA H 565 24.37 14.37 12.04
C ALA H 565 23.63 15.68 12.26
N ILE H 566 23.97 16.35 13.36
CA ILE H 566 23.46 17.67 13.69
C ILE H 566 24.67 18.60 13.76
N VAL H 567 24.61 19.73 13.08
CA VAL H 567 25.78 20.59 12.93
C VAL H 567 25.39 22.03 13.22
N TYR H 568 26.39 22.83 13.60
CA TYR H 568 26.21 24.27 13.76
C TYR H 568 25.90 24.91 12.41
N SER H 569 24.85 25.69 12.37
CA SER H 569 24.47 26.40 11.16
C SER H 569 24.65 27.89 11.34
N ASN H 570 24.17 28.65 10.36
CA ASN H 570 24.65 30.00 10.13
C ASN H 570 24.16 30.96 11.21
N TYR H 571 22.93 30.78 11.68
CA TYR H 571 22.44 31.59 12.79
C TYR H 571 23.12 31.21 14.10
N THR H 572 23.46 29.93 14.25
CA THR H 572 23.95 29.42 15.53
C THR H 572 25.32 30.00 15.87
N VAL H 573 26.21 30.06 14.88
CA VAL H 573 27.54 30.61 15.12
C VAL H 573 27.46 32.10 15.43
N GLU H 574 26.55 32.83 14.78
CA GLU H 574 26.37 34.24 15.09
C GLU H 574 25.81 34.43 16.48
N ARG H 575 25.00 33.48 16.97
CA ARG H 575 24.45 33.69 18.30
C ARG H 575 25.44 33.31 19.40
N VAL H 576 26.25 32.27 19.22
CA VAL H 576 27.06 31.78 20.33
C VAL H 576 28.56 32.01 20.12
N THR H 577 29.09 31.85 18.91
CA THR H 577 30.53 31.85 18.75
C THR H 577 31.10 33.27 18.68
N LEU H 578 30.47 34.13 17.90
CA LEU H 578 30.95 35.51 17.81
C LEU H 578 30.79 36.34 19.07
N PRO H 579 29.84 36.10 19.99
CA PRO H 579 29.96 36.74 21.31
C PRO H 579 31.17 36.30 22.09
N TYR H 580 31.61 35.05 21.92
CA TYR H 580 32.83 34.60 22.57
C TYR H 580 34.04 35.37 22.05
N LEU H 581 34.07 35.62 20.75
CA LEU H 581 35.17 36.38 20.20
C LEU H 581 35.01 37.87 20.44
N CYS H 582 33.77 38.31 20.73
CA CYS H 582 33.54 39.69 21.14
C CYS H 582 34.14 39.95 22.51
N HIS H 583 33.87 39.09 23.48
CA HIS H 583 34.49 39.29 24.79
C HIS H 583 35.97 38.91 24.80
N ILE H 584 36.40 38.00 23.92
CA ILE H 584 37.83 37.69 23.77
C ILE H 584 38.60 38.87 23.19
N LEU H 585 37.91 39.75 22.44
CA LEU H 585 38.48 40.96 21.82
C LEU H 585 39.55 40.61 20.78
N ALA H 586 39.43 39.44 20.18
CA ALA H 586 40.15 39.18 18.93
C ALA H 586 39.26 39.42 17.73
N LEU H 587 38.00 39.83 17.95
CA LEU H 587 36.97 39.89 16.92
C LEU H 587 37.23 40.94 15.85
N GLY H 588 38.15 41.88 16.08
CA GLY H 588 38.37 42.98 15.17
C GLY H 588 38.96 42.62 13.83
N THR H 589 39.44 41.38 13.67
CA THR H 589 40.06 40.96 12.42
C THR H 589 39.40 39.76 11.77
N LEU H 590 38.81 38.85 12.55
CA LEU H 590 38.36 37.56 12.08
C LEU H 590 37.03 37.66 11.32
N ASP H 591 36.48 36.51 11.00
CA ASP H 591 35.27 36.40 10.19
C ASP H 591 34.61 35.07 10.52
N PRO H 592 33.28 35.03 10.58
CA PRO H 592 32.60 33.76 10.87
C PRO H 592 32.72 32.77 9.72
N VAL H 593 32.82 31.49 10.08
CA VAL H 593 33.02 30.42 9.11
C VAL H 593 31.69 30.05 8.48
N PRO H 594 31.66 29.70 7.19
CA PRO H 594 30.46 29.08 6.62
C PRO H 594 30.14 27.75 7.30
N GLU H 595 28.85 27.40 7.26
CA GLU H 595 28.36 26.28 8.06
C GLU H 595 28.80 24.94 7.48
N ALA H 596 28.78 24.81 6.15
CA ALA H 596 29.26 23.58 5.52
C ALA H 596 30.77 23.45 5.62
N TYR H 597 31.47 24.57 5.78
CA TYR H 597 32.91 24.54 5.99
C TYR H 597 33.25 24.02 7.37
N LEU H 598 32.30 24.12 8.32
CA LEU H 598 32.54 23.64 9.68
C LEU H 598 32.61 22.13 9.75
N GLN H 599 31.92 21.45 8.84
CA GLN H 599 31.92 19.99 8.85
C GLN H 599 33.24 19.40 8.37
N LEU H 600 34.00 20.14 7.57
CA LEU H 600 35.19 19.66 6.90
C LEU H 600 36.33 19.41 7.88
N SER H 601 37.46 18.97 7.34
CA SER H 601 38.59 18.51 8.14
C SER H 601 39.29 19.66 8.85
N PHE H 602 40.17 19.27 9.78
CA PHE H 602 41.08 20.21 10.42
C PHE H 602 42.13 20.69 9.44
N GLY H 603 42.42 19.90 8.41
CA GLY H 603 43.45 20.24 7.46
C GLY H 603 42.94 20.68 6.11
N GLU H 604 41.79 20.17 5.71
CA GLU H 604 41.22 20.50 4.41
C GLU H 604 40.57 21.88 4.40
N ILE H 605 40.35 22.47 5.57
CA ILE H 605 39.62 23.72 5.71
C ILE H 605 40.40 24.89 5.10
N VAL H 606 41.74 24.87 5.17
CA VAL H 606 42.50 25.99 4.65
C VAL H 606 42.55 25.97 3.14
N ALA H 607 42.45 24.78 2.54
CA ALA H 607 42.46 24.66 1.08
C ALA H 607 41.22 25.28 0.47
N ALA H 608 40.09 25.22 1.19
CA ALA H 608 38.93 25.98 0.78
C ALA H 608 38.98 27.42 1.26
N ALA H 609 39.76 27.70 2.31
CA ALA H 609 39.81 29.05 2.85
C ALA H 609 40.52 30.01 1.91
N TYR H 610 41.68 29.61 1.36
CA TYR H 610 42.24 30.50 0.36
C TYR H 610 41.60 30.33 -1.00
N ASP H 611 40.86 29.24 -1.24
CA ASP H 611 40.07 29.16 -2.46
C ASP H 611 38.95 30.18 -2.45
N ASP H 612 38.41 30.48 -1.28
CA ASP H 612 37.50 31.62 -1.15
C ASP H 612 38.25 32.92 -1.40
N SER H 613 39.50 33.02 -0.95
CA SER H 613 40.28 34.23 -1.10
C SER H 613 40.74 34.40 -2.55
N LYS H 614 41.36 35.55 -2.81
CA LYS H 614 41.89 35.88 -4.12
C LYS H 614 43.30 35.35 -4.35
N PHE H 615 43.74 34.40 -3.51
CA PHE H 615 45.07 33.85 -3.65
C PHE H 615 45.20 33.02 -4.92
N CYS H 616 44.45 31.92 -5.01
CA CYS H 616 44.48 31.13 -6.23
C CYS H 616 43.67 31.75 -7.36
N ARG H 617 42.81 32.73 -7.05
CA ARG H 617 42.16 33.50 -8.10
C ARG H 617 43.16 34.38 -8.85
N TYR H 618 44.22 34.84 -8.17
CA TYR H 618 45.28 35.55 -8.88
C TYR H 618 46.26 34.60 -9.52
N VAL H 619 46.32 33.36 -9.04
CA VAL H 619 47.05 32.32 -9.75
C VAL H 619 46.35 32.01 -11.07
N GLU H 620 45.02 32.10 -11.12
CA GLU H 620 44.31 32.03 -12.39
C GLU H 620 44.70 33.19 -13.31
N LEU H 621 44.93 34.37 -12.72
CA LEU H 621 45.32 35.51 -13.53
C LEU H 621 46.74 35.36 -14.06
N ILE H 622 47.64 34.77 -13.25
CA ILE H 622 49.00 34.58 -13.74
C ILE H 622 49.10 33.40 -14.71
N CYS H 623 48.19 32.41 -14.62
CA CYS H 623 48.08 31.41 -15.67
C CYS H 623 47.62 32.03 -16.98
N SER H 624 46.64 32.93 -16.92
CA SER H 624 46.22 33.63 -18.13
C SER H 624 47.32 34.53 -18.67
N ARG H 625 48.13 35.13 -17.77
CA ARG H 625 49.22 35.98 -18.22
C ARG H 625 50.31 35.17 -18.91
N GLU H 626 50.67 34.02 -18.34
CA GLU H 626 51.72 33.19 -18.93
C GLU H 626 51.26 32.58 -20.24
N LYS H 627 50.00 32.12 -20.31
CA LYS H 627 49.52 31.56 -21.56
C LYS H 627 49.31 32.63 -22.63
N ALA H 628 49.01 33.89 -22.23
CA ALA H 628 48.90 34.96 -23.21
C ALA H 628 50.26 35.39 -23.72
N ARG H 629 51.23 35.51 -22.81
CA ARG H 629 52.58 35.91 -23.17
C ARG H 629 53.28 34.85 -24.03
N ARG H 630 52.89 33.58 -23.87
CA ARG H 630 53.45 32.55 -24.73
C ARG H 630 52.64 32.28 -25.98
N ARG H 631 51.34 32.60 -25.99
CA ARG H 631 50.57 32.47 -27.22
C ARG H 631 50.92 33.59 -28.19
N GLN H 632 51.25 34.78 -27.66
CA GLN H 632 51.83 35.81 -28.50
C GLN H 632 53.25 35.46 -28.94
N MET H 633 53.96 34.66 -28.15
CA MET H 633 55.28 34.17 -28.58
C MET H 633 55.13 33.17 -29.72
N SER H 634 54.06 32.38 -29.70
CA SER H 634 53.82 31.45 -30.80
C SER H 634 53.16 32.16 -31.98
N ARG H 635 52.13 32.96 -31.72
CA ARG H 635 51.36 33.59 -32.78
C ARG H 635 51.23 35.10 -32.57
N ASP I 52 50.25 17.14 56.50
CA ASP I 52 48.96 16.61 56.04
C ASP I 52 48.08 17.72 55.47
N GLU I 53 47.60 17.51 54.25
CA GLU I 53 46.82 18.52 53.53
C GLU I 53 45.49 17.91 53.09
N ALA I 54 44.43 18.72 53.11
CA ALA I 54 43.13 18.29 52.62
C ALA I 54 43.03 18.57 51.13
N VAL I 55 42.74 17.53 50.35
CA VAL I 55 42.68 17.60 48.89
C VAL I 55 41.54 16.68 48.45
N ILE I 56 40.61 17.22 47.66
CA ILE I 56 39.46 16.43 47.23
C ILE I 56 39.89 15.46 46.13
N ASP I 57 39.50 14.20 46.28
CA ASP I 57 39.90 13.11 45.40
C ASP I 57 38.79 12.76 44.42
N ILE I 58 39.19 12.12 43.32
CA ILE I 58 38.21 11.75 42.30
C ILE I 58 38.25 10.28 41.95
N PHE I 59 39.42 9.66 42.06
CA PHE I 59 39.50 8.32 41.49
C PHE I 59 38.82 7.20 42.29
N PRO I 60 39.23 6.86 43.54
CA PRO I 60 38.82 5.59 44.12
C PRO I 60 37.50 5.67 44.89
N THR I 61 36.51 6.31 44.30
CA THR I 61 35.19 6.40 44.91
C THR I 61 34.20 5.57 44.10
N GLY I 62 33.02 5.36 44.69
CA GLY I 62 32.03 4.48 44.09
C GLY I 62 31.49 4.97 42.76
N GLN I 63 31.29 6.29 42.65
CA GLN I 63 30.80 6.90 41.42
C GLN I 63 31.78 6.72 40.26
N THR I 64 33.07 6.57 40.54
CA THR I 64 34.06 6.46 39.49
C THR I 64 34.66 5.07 39.36
N MET I 65 34.82 4.32 40.46
CA MET I 65 35.16 2.91 40.33
C MET I 65 34.03 2.15 39.67
N SER I 66 32.79 2.58 39.89
CA SER I 66 31.66 2.00 39.18
C SER I 66 31.70 2.28 37.69
N PHE I 67 32.39 3.34 37.26
CA PHE I 67 32.34 3.77 35.87
C PHE I 67 33.05 2.78 34.94
N LEU I 68 34.23 2.31 35.33
CA LEU I 68 34.91 1.33 34.49
C LEU I 68 34.25 -0.03 34.55
N ARG I 69 33.43 -0.28 35.57
CA ARG I 69 32.70 -1.53 35.60
C ARG I 69 31.48 -1.48 34.70
N LEU I 70 30.76 -0.35 34.70
CA LEU I 70 29.58 -0.23 33.85
C LEU I 70 29.97 -0.07 32.39
N LEU I 71 31.07 0.62 32.12
CA LEU I 71 31.44 0.86 30.74
C LEU I 71 31.96 -0.42 30.09
N HIS I 72 32.61 -1.27 30.88
CA HIS I 72 32.94 -2.62 30.43
C HIS I 72 31.92 -3.64 30.88
N GLY I 73 30.75 -3.18 31.31
CA GLY I 73 29.59 -4.05 31.42
C GLY I 73 29.60 -5.03 32.57
N PHE I 74 30.31 -4.73 33.66
CA PHE I 74 30.25 -5.60 34.82
C PHE I 74 28.89 -5.54 35.49
N LEU I 75 28.21 -4.40 35.39
CA LEU I 75 26.86 -4.25 35.91
C LEU I 75 25.85 -3.97 34.81
N GLY I 76 26.07 -2.95 34.00
CA GLY I 76 25.05 -2.53 33.05
C GLY I 76 25.40 -2.87 31.62
N THR I 77 24.37 -3.21 30.86
CA THR I 77 24.55 -3.71 29.51
C THR I 77 23.24 -3.62 28.73
N CYS I 78 23.37 -3.41 27.43
CA CYS I 78 22.27 -3.27 26.49
C CYS I 78 22.87 -3.37 25.10
N ARG I 79 22.08 -3.02 24.08
CA ARG I 79 22.59 -3.00 22.71
C ARG I 79 23.49 -1.81 22.43
N GLY I 80 23.74 -0.95 23.40
CA GLY I 80 24.53 0.25 23.15
C GLY I 80 26.02 0.09 23.35
N GLN I 81 26.44 -0.87 24.17
CA GLN I 81 27.83 -0.97 24.61
C GLN I 81 28.78 -1.30 23.45
N SER I 82 28.23 -1.88 22.39
CA SER I 82 29.01 -2.18 21.19
C SER I 82 29.52 -0.93 20.49
N MET I 83 28.84 0.21 20.63
CA MET I 83 29.36 1.43 20.05
C MET I 83 30.55 1.96 20.85
N HIS I 84 30.63 1.61 22.12
CA HIS I 84 31.87 1.89 22.82
C HIS I 84 32.98 0.97 22.33
N GLN I 85 32.62 -0.25 21.95
CA GLN I 85 33.60 -1.19 21.42
C GLN I 85 34.14 -0.74 20.08
N VAL I 86 33.29 -0.10 19.27
CA VAL I 86 33.78 0.42 17.99
C VAL I 86 34.57 1.71 18.21
N LEU I 87 34.49 2.30 19.39
CA LEU I 87 35.30 3.46 19.69
C LEU I 87 36.69 3.12 20.21
N ARG I 88 36.87 1.94 20.79
CA ARG I 88 38.15 1.58 21.39
C ARG I 88 38.93 0.64 20.50
N ASP I 89 38.69 0.72 19.21
CA ASP I 89 39.40 -0.11 18.24
C ASP I 89 40.85 0.36 18.08
N PRO I 90 41.84 -0.44 18.50
CA PRO I 90 43.22 0.06 18.54
C PRO I 90 43.90 0.11 17.19
N CYS I 91 43.32 -0.49 16.15
CA CYS I 91 44.00 -0.52 14.87
C CYS I 91 43.96 0.81 14.15
N VAL I 92 43.02 1.70 14.52
CA VAL I 92 42.98 3.02 13.91
C VAL I 92 44.17 3.85 14.35
N LEU I 93 44.74 3.55 15.52
CA LEU I 93 45.97 4.16 15.97
C LEU I 93 47.13 3.82 15.03
N ARG I 94 47.32 2.53 14.76
CA ARG I 94 48.42 2.13 13.91
C ARG I 94 48.21 2.58 12.48
N LYS I 95 46.96 2.64 12.02
CA LYS I 95 46.67 3.12 10.67
C LYS I 95 46.97 4.60 10.54
N GLN I 96 46.55 5.40 11.53
CA GLN I 96 46.79 6.84 11.48
C GLN I 96 48.27 7.16 11.61
N LEU I 97 48.99 6.43 12.47
CA LEU I 97 50.41 6.74 12.63
C LEU I 97 51.21 6.30 11.41
N LEU I 98 50.83 5.18 10.79
CA LEU I 98 51.53 4.80 9.57
C LEU I 98 51.20 5.73 8.43
N TYR I 99 49.97 6.27 8.41
CA TYR I 99 49.60 7.27 7.42
C TYR I 99 50.42 8.54 7.60
N GLY I 100 50.62 8.94 8.85
CA GLY I 100 51.42 10.13 9.12
C GLY I 100 52.87 9.96 8.72
N VAL I 101 53.46 8.80 9.03
CA VAL I 101 54.88 8.66 8.71
C VAL I 101 55.07 8.43 7.21
N CYS I 102 54.09 7.83 6.52
CA CYS I 102 54.31 7.67 5.09
C CYS I 102 54.03 8.95 4.32
N LYS I 103 53.09 9.77 4.81
CA LYS I 103 52.87 11.08 4.21
C LYS I 103 54.08 11.98 4.43
N THR I 104 54.72 11.85 5.59
CA THR I 104 55.97 12.59 5.81
C THR I 104 57.10 12.01 4.97
N LEU I 105 57.04 10.70 4.69
CA LEU I 105 58.08 10.05 3.89
C LEU I 105 58.02 10.48 2.43
N PHE I 106 56.87 10.31 1.80
CA PHE I 106 56.85 10.19 0.35
C PHE I 106 57.05 11.52 -0.37
N ASP I 107 56.82 12.64 0.30
CA ASP I 107 56.86 13.93 -0.39
C ASP I 107 58.27 14.53 -0.45
N THR I 108 59.29 13.82 0.04
CA THR I 108 60.59 14.44 0.24
C THR I 108 61.37 14.60 -1.06
N ILE I 109 61.53 13.53 -1.83
CA ILE I 109 62.50 13.52 -2.93
C ILE I 109 61.72 13.27 -4.22
N THR I 110 60.51 13.83 -4.27
CA THR I 110 59.60 13.65 -5.41
C THR I 110 60.17 14.23 -6.70
N VAL I 111 60.93 15.32 -6.60
CA VAL I 111 61.19 16.14 -7.78
C VAL I 111 62.45 15.69 -8.52
N ARG I 112 63.41 15.09 -7.81
CA ARG I 112 64.70 14.85 -8.45
C ARG I 112 64.95 13.37 -8.73
N ARG I 113 64.63 12.51 -7.76
CA ARG I 113 65.05 11.11 -7.81
C ARG I 113 64.33 10.31 -8.89
N VAL I 114 63.17 10.77 -9.36
CA VAL I 114 62.44 10.04 -10.40
C VAL I 114 63.19 10.12 -11.72
N ALA I 115 63.73 11.30 -12.05
CA ALA I 115 64.50 11.45 -13.27
C ALA I 115 65.86 10.76 -13.15
N GLU I 116 66.37 10.65 -11.93
CA GLU I 116 67.65 9.98 -11.72
C GLU I 116 67.51 8.46 -11.82
N GLU I 117 66.39 7.92 -11.32
CA GLU I 117 66.23 6.48 -11.35
C GLU I 117 65.47 6.03 -12.59
N TRP I 118 65.11 6.98 -13.45
CA TRP I 118 64.75 6.64 -14.82
C TRP I 118 65.93 6.02 -15.58
N LYS I 119 67.15 6.43 -15.22
CA LYS I 119 68.34 6.07 -15.99
C LYS I 119 68.65 4.57 -15.88
N LEU I 120 68.49 3.99 -14.69
CA LEU I 120 68.85 2.58 -14.52
C LEU I 120 67.82 1.66 -15.18
N HIS I 121 66.54 2.02 -15.08
CA HIS I 121 65.51 1.20 -15.70
C HIS I 121 65.37 1.51 -17.19
N ALA I 122 66.05 2.55 -17.66
CA ALA I 122 66.21 2.70 -19.11
C ALA I 122 67.04 1.56 -19.70
N ALA I 123 68.19 1.27 -19.08
CA ALA I 123 69.04 0.21 -19.59
C ALA I 123 68.57 -1.16 -19.12
N LEU I 124 67.75 -1.20 -18.06
CA LEU I 124 67.32 -2.47 -17.52
C LEU I 124 66.24 -3.11 -18.39
N PHE I 125 65.44 -2.29 -19.08
CA PHE I 125 64.40 -2.80 -19.97
C PHE I 125 64.72 -2.46 -21.42
N PRO I 126 65.30 -3.39 -22.19
CA PRO I 126 65.61 -3.11 -23.59
C PRO I 126 64.38 -3.16 -24.49
N TYR I 127 63.91 -2.01 -24.92
CA TYR I 127 62.58 -1.86 -25.51
C TYR I 127 62.58 -0.56 -26.32
N ARG I 128 61.39 0.02 -26.50
CA ARG I 128 61.16 1.40 -27.02
C ARG I 128 61.69 1.60 -28.44
N ALA I 129 61.53 0.59 -29.30
CA ALA I 129 61.98 0.71 -30.68
C ALA I 129 61.10 1.63 -31.50
N LEU I 130 59.78 1.55 -31.30
CA LEU I 130 58.83 2.35 -32.07
C LEU I 130 58.01 3.21 -31.12
N ASP I 131 57.65 4.42 -31.56
CA ASP I 131 57.07 5.40 -30.66
C ASP I 131 55.57 5.20 -30.48
N GLU I 132 54.96 4.38 -31.32
CA GLU I 132 53.49 4.30 -31.34
C GLU I 132 52.96 3.46 -30.19
N GLU I 133 53.48 2.25 -30.01
CA GLU I 133 52.92 1.25 -29.11
C GLU I 133 53.83 0.96 -27.92
N ASP I 134 55.14 1.12 -28.08
CA ASP I 134 56.07 0.77 -27.01
C ASP I 134 56.07 1.83 -25.92
N LEU I 135 56.08 3.10 -26.30
CA LEU I 135 56.20 4.19 -25.34
C LEU I 135 54.92 4.37 -24.52
N GLU I 136 53.77 4.24 -25.17
CA GLU I 136 52.49 4.49 -24.51
C GLU I 136 52.15 3.40 -23.51
N GLN I 137 52.70 2.19 -23.71
CA GLN I 137 52.33 1.07 -22.84
C GLN I 137 53.43 0.76 -21.83
N TYR I 138 54.69 0.99 -22.18
CA TYR I 138 55.79 0.60 -21.29
C TYR I 138 55.90 1.55 -20.11
N LEU I 139 55.58 2.83 -20.32
CA LEU I 139 55.82 3.84 -19.29
C LEU I 139 54.85 3.69 -18.12
N LEU I 140 53.62 3.27 -18.42
CA LEU I 140 52.61 3.09 -17.37
C LEU I 140 52.95 1.89 -16.50
N VAL I 141 53.37 0.79 -17.13
CA VAL I 141 53.66 -0.41 -16.34
C VAL I 141 54.99 -0.24 -15.61
N TRP I 142 55.92 0.56 -16.15
CA TRP I 142 57.14 0.90 -15.42
C TRP I 142 56.82 1.75 -14.20
N SER I 143 55.90 2.72 -14.35
CA SER I 143 55.48 3.56 -13.25
C SER I 143 54.78 2.75 -12.16
N ALA I 144 53.86 1.87 -12.59
CA ALA I 144 53.14 1.02 -11.65
C ALA I 144 54.08 0.06 -10.94
N SER I 145 55.09 -0.45 -11.67
CA SER I 145 56.08 -1.34 -11.07
C SER I 145 56.91 -0.62 -10.03
N LEU I 146 57.34 0.60 -10.32
CA LEU I 146 58.15 1.35 -9.38
C LEU I 146 57.38 1.73 -8.13
N ARG I 147 56.15 2.24 -8.29
CA ARG I 147 55.37 2.62 -7.13
C ARG I 147 54.97 1.40 -6.32
N GLN I 148 54.70 0.26 -6.99
CA GLN I 148 54.34 -0.96 -6.28
C GLN I 148 55.52 -1.51 -5.50
N SER I 149 56.72 -1.45 -6.08
CA SER I 149 57.87 -2.04 -5.41
C SER I 149 58.29 -1.21 -4.21
N VAL I 150 58.27 0.13 -4.35
CA VAL I 150 58.57 0.97 -3.19
C VAL I 150 57.43 0.88 -2.17
N GLN I 151 56.22 0.59 -2.64
CA GLN I 151 55.07 0.44 -1.76
C GLN I 151 55.19 -0.80 -0.88
N THR I 152 55.52 -1.94 -1.50
CA THR I 152 55.72 -3.16 -0.71
C THR I 152 56.93 -3.04 0.21
N GLY I 153 57.96 -2.31 -0.23
CA GLY I 153 59.12 -2.11 0.64
C GLY I 153 58.78 -1.34 1.91
N VAL I 154 58.15 -0.17 1.75
CA VAL I 154 57.81 0.63 2.92
C VAL I 154 56.72 -0.06 3.73
N LEU I 155 55.88 -0.86 3.07
CA LEU I 155 54.80 -1.58 3.75
C LEU I 155 55.36 -2.66 4.65
N GLY I 156 56.32 -3.44 4.14
CA GLY I 156 56.91 -4.50 4.94
C GLY I 156 57.73 -3.95 6.09
N ALA I 157 58.50 -2.88 5.83
CA ALA I 157 59.31 -2.28 6.89
C ALA I 157 58.44 -1.69 7.98
N LEU I 158 57.36 -1.01 7.60
CA LEU I 158 56.48 -0.40 8.58
C LEU I 158 55.65 -1.45 9.32
N ARG I 159 55.24 -2.51 8.63
CA ARG I 159 54.50 -3.58 9.30
C ARG I 159 55.36 -4.30 10.31
N ASP I 160 56.64 -4.48 10.00
CA ASP I 160 57.55 -5.11 10.96
C ASP I 160 57.78 -4.22 12.17
N ILE I 161 58.13 -2.96 11.94
CA ILE I 161 58.41 -2.08 13.08
C ILE I 161 57.16 -1.71 13.86
N LEU I 162 55.98 -1.88 13.27
CA LEU I 162 54.74 -1.76 14.03
C LEU I 162 54.47 -3.01 14.84
N TYR I 163 54.32 -4.16 14.17
CA TYR I 163 53.89 -5.40 14.80
C TYR I 163 54.89 -5.94 15.81
N GLN I 164 56.14 -5.48 15.78
CA GLN I 164 57.05 -5.95 16.82
C GLN I 164 56.83 -5.20 18.14
N TYR I 165 56.57 -3.89 18.09
CA TYR I 165 56.47 -3.17 19.35
C TYR I 165 55.40 -2.08 19.36
N ALA I 166 54.31 -2.26 18.61
CA ALA I 166 53.17 -1.37 18.77
C ALA I 166 51.90 -2.09 19.21
N ASP I 167 52.02 -3.28 19.81
CA ASP I 167 50.87 -3.93 20.42
C ASP I 167 50.71 -3.50 21.89
N ASN I 168 50.75 -2.20 22.10
CA ASN I 168 50.66 -1.67 23.45
C ASN I 168 49.25 -1.68 23.98
N ASP I 169 48.26 -1.63 23.08
CA ASP I 169 46.79 -1.60 23.35
C ASP I 169 46.39 -0.62 24.45
N ASP I 170 47.15 0.47 24.59
CA ASP I 170 46.89 1.52 25.55
C ASP I 170 45.78 2.44 25.12
N TYR I 171 45.55 2.54 23.80
CA TYR I 171 44.54 3.44 23.26
C TYR I 171 43.15 3.05 23.71
N GLY I 172 42.93 1.75 23.91
CA GLY I 172 41.66 1.25 24.38
C GLY I 172 41.28 1.75 25.75
N LEU I 173 42.24 1.84 26.67
CA LEU I 173 41.96 2.41 27.97
C LEU I 173 42.04 3.93 27.95
N TYR I 174 42.82 4.47 27.02
CA TYR I 174 42.94 5.91 26.88
C TYR I 174 41.61 6.53 26.50
N VAL I 175 40.87 5.86 25.60
CA VAL I 175 39.57 6.42 25.24
C VAL I 175 38.57 6.22 26.38
N ASP I 176 38.77 5.21 27.23
CA ASP I 176 37.89 5.09 28.40
C ASP I 176 38.11 6.25 29.36
N TRP I 177 39.37 6.55 29.68
CA TRP I 177 39.62 7.68 30.56
C TRP I 177 39.27 9.02 29.91
N CYS I 178 39.32 9.11 28.58
CA CYS I 178 38.82 10.33 27.95
C CYS I 178 37.31 10.43 28.01
N VAL I 179 36.60 9.31 28.00
CA VAL I 179 35.16 9.37 27.88
C VAL I 179 34.45 9.37 29.24
N THR I 180 35.08 8.87 30.31
CA THR I 180 34.32 8.77 31.55
C THR I 180 34.74 9.73 32.66
N VAL I 181 35.93 10.32 32.60
CA VAL I 181 36.33 11.29 33.62
C VAL I 181 36.93 12.52 32.96
N GLY I 182 37.14 12.46 31.64
CA GLY I 182 37.59 13.63 30.92
C GLY I 182 39.06 13.94 31.06
N LEU I 183 39.84 12.98 31.53
CA LEU I 183 41.29 13.13 31.68
C LEU I 183 41.87 11.74 31.87
N VAL I 184 43.17 11.60 31.60
CA VAL I 184 43.80 10.29 31.59
C VAL I 184 45.01 10.31 32.51
N PRO I 185 45.18 9.29 33.35
CA PRO I 185 46.46 9.10 34.03
C PRO I 185 47.39 8.26 33.18
N LEU I 186 48.68 8.59 33.21
CA LEU I 186 49.64 7.90 32.37
C LEU I 186 51.05 8.02 32.97
N LEU I 187 51.84 6.97 32.80
CA LEU I 187 53.20 6.93 33.33
C LEU I 187 54.18 7.01 32.19
N ASP I 188 55.34 7.61 32.46
CA ASP I 188 56.42 7.71 31.48
C ASP I 188 57.57 6.80 31.89
N VAL I 189 57.55 5.57 31.37
CA VAL I 189 58.57 4.59 31.72
C VAL I 189 59.88 4.96 31.02
N LYS I 190 60.95 5.09 31.80
CA LYS I 190 62.27 5.37 31.28
C LYS I 190 63.19 4.20 31.57
N THR I 191 64.01 3.84 30.59
CA THR I 191 64.93 2.72 30.68
C THR I 191 66.35 3.20 30.40
N LYS I 192 67.28 2.24 30.39
CA LYS I 192 68.65 2.51 30.01
C LYS I 192 68.72 2.80 28.50
N PRO I 193 69.66 3.63 28.06
CA PRO I 193 69.81 3.88 26.62
C PRO I 193 70.34 2.70 25.81
N SER I 194 70.59 1.53 26.43
CA SER I 194 70.94 0.35 25.65
C SER I 194 69.75 -0.15 24.84
N GLU I 195 68.54 0.11 25.32
CA GLU I 195 67.33 -0.25 24.57
C GLU I 195 67.16 0.62 23.34
N ALA I 196 67.60 1.88 23.40
CA ALA I 196 67.64 2.72 22.22
C ALA I 196 68.61 2.16 21.18
N ALA I 197 69.75 1.64 21.63
CA ALA I 197 70.69 1.00 20.73
C ALA I 197 70.13 -0.31 20.19
N GLU I 198 69.30 -1.00 20.98
CA GLU I 198 68.63 -2.21 20.49
C GLU I 198 67.65 -1.89 19.38
N ARG I 199 66.89 -0.80 19.54
CA ARG I 199 65.96 -0.41 18.49
C ARG I 199 66.70 0.12 17.26
N ALA I 200 67.81 0.84 17.47
CA ALA I 200 68.59 1.36 16.36
C ALA I 200 69.30 0.24 15.61
N GLN I 201 69.57 -0.88 16.28
CA GLN I 201 70.03 -2.07 15.59
C GLN I 201 68.89 -2.75 14.86
N PHE I 202 67.72 -2.83 15.50
CA PHE I 202 66.60 -3.59 14.96
C PHE I 202 66.04 -2.96 13.70
N VAL I 203 66.10 -1.62 13.59
CA VAL I 203 65.51 -0.96 12.43
C VAL I 203 66.32 -1.26 11.17
N ARG I 204 67.61 -1.57 11.31
CA ARG I 204 68.44 -1.87 10.13
C ARG I 204 68.07 -3.23 9.55
N ALA I 205 67.91 -4.24 10.39
CA ALA I 205 67.45 -5.54 9.91
C ALA I 205 65.99 -5.47 9.48
N ALA I 206 65.24 -4.51 10.00
CA ALA I 206 63.88 -4.28 9.51
C ALA I 206 63.89 -3.72 8.09
N VAL I 207 64.75 -2.74 7.82
CA VAL I 207 64.75 -2.12 6.50
C VAL I 207 65.59 -2.92 5.52
N GLN I 208 66.26 -3.97 6.00
CA GLN I 208 66.91 -4.89 5.07
C GLN I 208 65.89 -5.67 4.24
N ARG I 209 64.69 -5.88 4.80
CA ARG I 209 63.63 -6.51 4.03
C ARG I 209 63.13 -5.61 2.90
N ALA I 210 63.25 -4.29 3.09
CA ALA I 210 62.95 -3.37 2.00
C ALA I 210 64.14 -3.21 1.08
N THR I 211 65.35 -3.37 1.62
CA THR I 211 66.57 -3.28 0.82
C THR I 211 66.64 -4.41 -0.19
N GLU I 212 66.16 -5.60 0.19
CA GLU I 212 66.21 -6.74 -0.71
C GLU I 212 65.25 -6.58 -1.88
N THR I 213 64.03 -6.13 -1.61
CA THR I 213 63.03 -6.07 -2.68
C THR I 213 63.25 -4.86 -3.59
N HIS I 214 63.74 -3.75 -3.05
CA HIS I 214 63.86 -2.55 -3.84
C HIS I 214 65.08 -1.74 -3.40
N PRO I 215 66.00 -1.43 -4.31
CA PRO I 215 67.16 -0.63 -3.91
C PRO I 215 66.80 0.83 -3.65
N LEU I 216 65.83 1.36 -4.39
CA LEU I 216 65.58 2.81 -4.34
C LEU I 216 64.78 3.19 -3.11
N ALA I 217 64.09 2.22 -2.50
CA ALA I 217 63.27 2.50 -1.33
C ALA I 217 64.13 2.74 -0.10
N GLN I 218 65.35 2.20 -0.10
CA GLN I 218 66.22 2.34 1.06
C GLN I 218 66.76 3.75 1.19
N ASP I 219 66.75 4.51 0.09
CA ASP I 219 67.30 5.86 0.11
C ASP I 219 66.40 6.82 0.87
N LEU I 220 65.09 6.57 0.85
CA LEU I 220 64.19 7.38 1.67
C LEU I 220 64.32 7.02 3.14
N LEU I 221 64.47 5.73 3.43
CA LEU I 221 64.54 5.29 4.81
C LEU I 221 65.86 5.70 5.45
N GLN I 222 66.94 5.75 4.67
CA GLN I 222 68.22 6.18 5.24
C GLN I 222 68.22 7.70 5.44
N ALA I 223 67.31 8.41 4.77
CA ALA I 223 67.18 9.84 5.03
C ALA I 223 66.31 10.09 6.24
N ASN I 224 65.24 9.33 6.40
CA ASN I 224 64.28 9.56 7.47
C ASN I 224 64.39 8.55 8.60
N LEU I 225 65.55 7.89 8.75
CA LEU I 225 65.75 6.95 9.85
C LEU I 225 65.69 7.65 11.20
N ALA I 226 66.07 8.93 11.26
CA ALA I 226 65.94 9.68 12.51
C ALA I 226 64.49 9.83 12.90
N LEU I 227 63.62 10.14 11.94
CA LEU I 227 62.18 10.20 12.19
C LEU I 227 61.63 8.83 12.58
N LEU I 228 62.12 7.77 11.94
CA LEU I 228 61.64 6.42 12.24
C LEU I 228 62.01 6.01 13.65
N LEU I 229 63.27 6.24 14.05
CA LEU I 229 63.68 5.90 15.41
C LEU I 229 63.04 6.82 16.42
N GLN I 230 62.71 8.05 16.01
CA GLN I 230 62.04 8.98 16.90
C GLN I 230 60.62 8.51 17.22
N VAL I 231 59.87 8.11 16.20
CA VAL I 231 58.50 7.66 16.46
C VAL I 231 58.50 6.28 17.09
N ALA I 232 59.55 5.48 16.85
CA ALA I 232 59.65 4.19 17.50
C ALA I 232 59.98 4.35 18.99
N GLU I 233 60.86 5.29 19.33
CA GLU I 233 61.21 5.50 20.73
C GLU I 233 60.09 6.17 21.49
N ARG I 234 59.42 7.14 20.87
CA ARG I 234 58.30 7.80 21.53
C ARG I 234 57.08 6.89 21.56
N LEU I 235 57.07 5.87 20.70
CA LEU I 235 56.01 4.88 20.75
C LEU I 235 56.08 4.05 22.02
N GLY I 236 57.25 3.52 22.33
CA GLY I 236 57.45 2.79 23.56
C GLY I 236 57.85 3.61 24.76
N ALA I 237 57.55 4.91 24.74
CA ALA I 237 58.00 5.77 25.83
C ALA I 237 57.00 5.85 26.97
N VAL I 238 55.70 5.98 26.64
CA VAL I 238 54.68 6.24 27.64
C VAL I 238 53.62 5.14 27.59
N ARG I 239 53.02 4.89 28.75
CA ARG I 239 51.96 3.90 28.92
C ARG I 239 50.67 4.58 29.34
N VAL I 240 49.67 3.76 29.69
CA VAL I 240 48.33 4.23 30.03
C VAL I 240 48.08 4.11 31.54
N ALA I 241 49.09 3.67 32.30
CA ALA I 241 49.05 3.50 33.75
C ALA I 241 47.95 2.51 34.18
N ASN I 242 48.10 1.26 33.73
CA ASN I 242 47.24 0.18 34.20
C ASN I 242 47.95 -0.53 35.35
N ALA I 243 47.98 0.16 36.49
CA ALA I 243 48.53 -0.39 37.71
C ALA I 243 47.54 -0.13 38.83
N PRO I 244 47.33 -1.08 39.72
CA PRO I 244 46.36 -0.87 40.80
C PRO I 244 46.93 0.09 41.83
N GLU I 245 46.01 0.59 42.66
CA GLU I 245 46.29 1.52 43.77
C GLU I 245 46.98 2.79 43.28
N VAL I 246 46.44 3.35 42.21
CA VAL I 246 46.81 4.70 41.79
C VAL I 246 45.77 5.64 42.37
N ARG I 247 46.09 6.93 42.36
CA ARG I 247 45.15 7.91 42.90
C ARG I 247 45.34 9.23 42.19
N VAL I 248 44.25 9.78 41.68
CA VAL I 248 44.22 11.12 41.10
C VAL I 248 43.21 11.94 41.90
N PHE I 249 43.40 13.25 41.89
CA PHE I 249 42.69 14.15 42.79
C PHE I 249 42.80 15.58 42.27
N LYS I 250 42.04 16.48 42.90
CA LYS I 250 42.13 17.90 42.60
C LYS I 250 42.55 18.64 43.86
N LYS I 251 43.64 19.40 43.77
CA LYS I 251 44.08 20.19 44.90
C LYS I 251 43.19 21.42 45.06
N VAL I 252 42.65 21.62 46.27
CA VAL I 252 41.64 22.65 46.46
C VAL I 252 42.24 24.05 46.57
N ARG I 253 43.40 24.22 47.22
CA ARG I 253 43.94 25.55 47.42
C ARG I 253 44.60 26.09 46.16
N SER I 254 45.25 25.22 45.39
CA SER I 254 45.80 25.58 44.10
C SER I 254 45.23 24.62 43.07
N GLU I 255 44.40 25.13 42.15
CA GLU I 255 43.63 24.30 41.22
C GLU I 255 44.55 23.76 40.12
N ARG I 256 45.44 22.87 40.53
CA ARG I 256 46.50 22.31 39.70
C ARG I 256 46.52 20.79 39.85
N LEU I 257 45.36 20.17 39.59
CA LEU I 257 45.10 18.75 39.83
C LEU I 257 46.15 17.83 39.22
N GLU I 258 46.53 16.80 39.98
CA GLU I 258 47.71 16.00 39.70
C GLU I 258 47.45 14.53 39.91
N ALA I 259 48.31 13.71 39.31
CA ALA I 259 48.26 12.26 39.44
C ALA I 259 49.52 11.77 40.14
N GLN I 260 49.34 10.84 41.07
CA GLN I 260 50.47 10.14 41.66
C GLN I 260 50.24 8.64 41.62
N LEU I 261 51.32 7.89 41.49
CA LEU I 261 51.29 6.45 41.37
C LEU I 261 52.10 5.88 42.51
N ARG I 262 51.41 5.26 43.46
CA ARG I 262 51.99 4.47 44.55
C ARG I 262 52.95 5.30 45.39
N GLY I 263 52.49 6.50 45.73
CA GLY I 263 53.30 7.44 46.48
C GLY I 263 54.22 8.32 45.66
N LYS I 264 54.34 8.06 44.36
CA LYS I 264 55.25 8.81 43.49
C LYS I 264 54.43 9.66 42.53
N HIS I 265 54.66 10.96 42.55
CA HIS I 265 53.93 11.87 41.68
C HIS I 265 54.37 11.71 40.23
N ILE I 266 53.40 11.65 39.32
CA ILE I 266 53.64 11.36 37.92
C ILE I 266 53.03 12.46 37.07
N ARG I 267 53.25 12.39 35.76
CA ARG I 267 52.61 13.30 34.82
C ARG I 267 51.21 12.80 34.49
N LEU I 268 50.33 13.70 34.05
CA LEU I 268 49.02 13.31 33.56
C LEU I 268 48.51 14.36 32.59
N TYR I 269 47.50 13.95 31.81
CA TYR I 269 46.91 14.79 30.78
C TYR I 269 45.49 15.13 31.19
N VAL I 270 45.02 16.30 30.76
CA VAL I 270 43.64 16.73 30.98
C VAL I 270 43.04 17.10 29.63
N ALA I 271 41.89 16.52 29.32
CA ALA I 271 41.15 16.87 28.11
C ALA I 271 39.89 17.66 28.42
N ALA I 272 39.15 17.25 29.43
CA ALA I 272 37.92 17.93 29.83
C ALA I 272 37.86 17.91 31.35
N GLU I 273 38.28 19.00 31.97
CA GLU I 273 38.28 19.06 33.42
C GLU I 273 36.85 19.25 33.93
N PRO I 274 36.46 18.55 34.99
CA PRO I 274 35.09 18.70 35.48
C PRO I 274 34.94 19.94 36.35
N LEU I 275 33.72 20.45 36.37
CA LEU I 275 33.40 21.65 37.12
C LEU I 275 33.25 21.34 38.60
N ALA I 276 33.66 22.28 39.45
CA ALA I 276 33.72 22.08 40.89
C ALA I 276 33.19 23.32 41.61
N TYR I 277 32.40 23.11 42.67
CA TYR I 277 31.77 24.18 43.42
C TYR I 277 31.81 23.84 44.91
N GLU I 278 30.99 24.54 45.70
CA GLU I 278 30.97 24.35 47.15
C GLU I 278 30.49 22.97 47.54
N ARG I 279 29.70 22.34 46.68
CA ARG I 279 29.52 20.90 46.75
C ARG I 279 30.88 20.25 46.53
N ASP I 280 31.44 19.66 47.60
CA ASP I 280 32.83 19.25 47.56
C ASP I 280 33.01 18.02 46.70
N LYS I 281 31.98 17.20 46.54
CA LYS I 281 31.94 16.29 45.41
C LYS I 281 31.54 17.07 44.17
N LEU I 282 32.33 16.94 43.12
CA LEU I 282 32.22 17.80 41.95
C LEU I 282 31.58 17.04 40.81
N LEU I 283 30.96 17.77 39.89
CA LEU I 283 30.14 17.18 38.84
C LEU I 283 30.88 17.20 37.52
N PHE I 284 30.76 16.12 36.76
CA PHE I 284 31.55 15.92 35.57
C PHE I 284 30.81 16.39 34.32
N THR I 285 31.58 16.88 33.36
CA THR I 285 31.06 17.28 32.07
C THR I 285 31.26 16.21 31.01
N THR I 286 31.65 15.02 31.43
CA THR I 286 32.01 13.98 30.48
C THR I 286 30.75 13.35 29.88
N PRO I 287 30.87 12.74 28.69
CA PRO I 287 29.67 12.13 28.08
C PRO I 287 29.08 10.97 28.84
N VAL I 288 29.89 10.17 29.54
CA VAL I 288 29.34 8.95 30.14
C VAL I 288 28.53 9.29 31.40
N ALA I 289 28.92 10.33 32.13
CA ALA I 289 28.16 10.73 33.29
C ALA I 289 26.81 11.36 32.94
N HIS I 290 26.60 11.71 31.67
CA HIS I 290 25.28 12.18 31.24
C HIS I 290 24.25 11.07 31.28
N LEU I 291 24.68 9.82 31.18
CA LEU I 291 23.77 8.69 31.14
C LEU I 291 24.12 7.60 32.16
N HIS I 292 24.84 7.97 33.23
CA HIS I 292 25.15 7.03 34.29
C HIS I 292 23.89 6.58 35.03
N GLU I 293 23.05 7.54 35.41
CA GLU I 293 21.90 7.24 36.26
C GLU I 293 20.86 6.39 35.53
N GLU I 294 20.81 6.47 34.21
CA GLU I 294 19.81 5.71 33.48
C GLU I 294 20.19 4.25 33.40
N ILE I 295 21.46 3.94 33.16
CA ILE I 295 21.84 2.54 33.17
C ILE I 295 21.87 2.01 34.59
N LEU I 296 22.03 2.88 35.59
CA LEU I 296 21.90 2.40 36.95
C LEU I 296 20.45 2.07 37.27
N ARG I 297 19.51 2.85 36.71
CA ARG I 297 18.09 2.53 36.81
C ARG I 297 17.77 1.24 36.09
N TYR I 298 18.39 1.02 34.93
CA TYR I 298 18.18 -0.22 34.20
C TYR I 298 18.71 -1.42 34.95
N ASP I 299 19.83 -1.25 35.65
CA ASP I 299 20.38 -2.34 36.44
C ASP I 299 19.50 -2.66 37.63
N GLY I 300 18.98 -1.61 38.29
CA GLY I 300 18.03 -1.82 39.36
C GLY I 300 16.76 -2.51 38.90
N LEU I 301 16.29 -2.15 37.70
CA LEU I 301 15.09 -2.79 37.16
C LEU I 301 15.36 -4.22 36.72
N CYS I 302 16.57 -4.49 36.20
CA CYS I 302 16.95 -5.85 35.83
C CYS I 302 17.00 -6.76 37.05
N ARG I 303 17.69 -6.32 38.09
CA ARG I 303 17.78 -7.12 39.31
C ARG I 303 16.42 -7.24 39.98
N HIS I 304 15.61 -6.19 39.88
CA HIS I 304 14.26 -6.23 40.46
C HIS I 304 13.38 -7.23 39.74
N GLN I 305 13.45 -7.26 38.41
CA GLN I 305 12.72 -8.23 37.61
C GLN I 305 13.14 -9.65 37.95
N LYS I 306 14.46 -9.87 38.10
CA LYS I 306 14.96 -11.19 38.44
C LYS I 306 14.48 -11.62 39.82
N ILE I 307 14.49 -10.71 40.79
CA ILE I 307 14.18 -11.14 42.15
C ILE I 307 12.67 -11.27 42.34
N CYS I 308 11.85 -10.50 41.61
CA CYS I 308 10.42 -10.72 41.75
C CYS I 308 9.97 -11.92 40.94
N GLN I 309 10.64 -12.21 39.82
CA GLN I 309 10.33 -13.40 39.05
C GLN I 309 10.73 -14.65 39.81
N LEU I 310 11.83 -14.59 40.55
CA LEU I 310 12.26 -15.70 41.37
C LEU I 310 11.55 -15.76 42.72
N LEU I 311 10.59 -14.88 42.96
CA LEU I 311 9.87 -14.90 44.23
C LEU I 311 8.54 -15.62 44.13
N ASN I 312 7.77 -15.38 43.07
CA ASN I 312 6.45 -15.98 42.92
C ASN I 312 6.46 -17.23 42.06
N THR I 313 7.50 -18.05 42.20
CA THR I 313 7.67 -19.23 41.35
C THR I 313 6.57 -20.24 41.59
N PHE I 314 6.18 -20.43 42.84
CA PHE I 314 5.22 -21.45 43.22
C PHE I 314 3.83 -21.06 42.76
N PRO I 315 3.03 -22.04 42.31
CA PRO I 315 1.72 -21.71 41.73
C PRO I 315 0.70 -21.17 42.72
N VAL I 316 0.72 -21.65 43.96
CA VAL I 316 -0.27 -21.23 44.94
C VAL I 316 0.44 -20.73 46.18
N LYS I 317 -0.18 -19.74 46.82
CA LYS I 317 0.29 -19.17 48.07
C LYS I 317 -0.88 -19.13 49.04
N VAL I 318 -0.64 -19.47 50.29
CA VAL I 318 -1.64 -19.37 51.34
C VAL I 318 -1.06 -18.55 52.48
N VAL I 319 -1.94 -18.01 53.33
CA VAL I 319 -1.54 -17.29 54.52
C VAL I 319 -2.21 -17.95 55.72
N THR I 320 -1.60 -17.81 56.88
CA THR I 320 -2.17 -18.34 58.12
C THR I 320 -1.59 -17.63 59.33
N ASP I 488 23.71 -26.38 34.72
CA ASP I 488 23.07 -27.51 35.38
C ASP I 488 21.85 -27.97 34.58
N ALA I 489 22.08 -28.86 33.62
CA ALA I 489 21.08 -29.33 32.69
C ALA I 489 20.45 -30.65 33.13
N GLU I 490 20.29 -30.83 34.45
CA GLU I 490 19.81 -32.08 35.00
C GLU I 490 18.36 -32.37 34.62
N LEU I 491 17.56 -31.32 34.38
CA LEU I 491 16.14 -31.54 34.12
C LEU I 491 15.90 -32.05 32.71
N TYR I 492 16.65 -31.56 31.73
CA TYR I 492 16.36 -31.82 30.33
C TYR I 492 16.63 -33.26 29.92
N HIS I 493 17.74 -33.83 30.40
CA HIS I 493 18.13 -35.17 29.98
C HIS I 493 17.18 -36.22 30.53
N LEU I 494 16.81 -36.10 31.80
CA LEU I 494 16.00 -37.11 32.43
C LEU I 494 14.54 -36.94 32.05
N PRO I 495 13.77 -38.02 31.92
CA PRO I 495 12.36 -37.92 31.51
C PRO I 495 11.50 -37.26 32.57
N VAL I 496 10.25 -36.98 32.20
CA VAL I 496 9.40 -36.11 33.01
C VAL I 496 8.95 -36.76 34.30
N LEU I 497 9.01 -38.09 34.40
CA LEU I 497 8.36 -38.76 35.52
C LEU I 497 9.19 -38.73 36.79
N GLU I 498 10.51 -38.61 36.67
CA GLU I 498 11.33 -38.31 37.83
C GLU I 498 11.56 -36.81 37.97
N ALA I 499 11.43 -36.07 36.88
CA ALA I 499 11.56 -34.62 36.93
C ALA I 499 10.41 -34.00 37.71
N VAL I 500 9.22 -34.60 37.60
CA VAL I 500 8.08 -34.10 38.36
C VAL I 500 8.22 -34.48 39.83
N ARG I 501 8.99 -35.53 40.13
CA ARG I 501 9.32 -35.83 41.52
C ARG I 501 10.33 -34.83 42.06
N LYS I 502 11.32 -34.47 41.26
CA LYS I 502 12.39 -33.58 41.70
C LYS I 502 11.97 -32.13 41.73
N ALA I 503 10.94 -31.74 40.97
CA ALA I 503 10.52 -30.35 40.96
C ALA I 503 9.80 -29.95 42.22
N ARG I 504 8.86 -30.78 42.70
CA ARG I 504 8.13 -30.45 43.92
C ARG I 504 9.03 -30.47 45.14
N ASP I 505 9.96 -31.42 45.19
CA ASP I 505 10.96 -31.45 46.25
C ASP I 505 12.05 -30.41 46.05
N ALA I 506 12.16 -29.84 44.85
CA ALA I 506 13.22 -28.91 44.53
C ALA I 506 12.91 -27.50 45.04
N ALA I 507 11.74 -26.97 44.73
CA ALA I 507 11.27 -25.71 45.27
C ALA I 507 10.14 -26.07 46.23
N PRO I 508 10.43 -26.18 47.51
CA PRO I 508 9.41 -26.61 48.47
C PRO I 508 8.39 -25.52 48.71
N PHE I 509 7.16 -25.95 48.95
CA PHE I 509 6.09 -25.05 49.37
C PHE I 509 6.44 -24.48 50.75
N ARG I 510 6.22 -23.19 50.91
CA ARG I 510 6.45 -22.53 52.19
C ARG I 510 5.33 -21.55 52.47
N PRO I 511 4.55 -21.74 53.53
CA PRO I 511 3.56 -20.73 53.91
C PRO I 511 4.20 -19.53 54.59
N LEU I 512 3.36 -18.64 55.10
CA LEU I 512 3.84 -17.49 55.85
C LEU I 512 2.79 -17.11 56.87
N ALA I 513 3.23 -16.78 58.09
CA ALA I 513 2.31 -16.64 59.20
C ALA I 513 2.95 -15.80 60.30
N VAL I 514 2.18 -14.84 60.82
CA VAL I 514 2.54 -14.10 62.04
C VAL I 514 1.33 -14.18 62.97
N GLU I 515 1.59 -14.35 64.27
CA GLU I 515 0.50 -14.49 65.23
C GLU I 515 -0.12 -13.13 65.54
N ASP I 516 -1.45 -13.09 65.55
CA ASP I 516 -2.20 -11.91 65.97
C ASP I 516 -3.58 -12.34 66.43
N ASN I 517 -3.88 -12.05 67.70
CA ASN I 517 -5.09 -12.55 68.35
C ASN I 517 -6.21 -11.53 68.22
N ARG I 518 -7.41 -12.00 67.89
CA ARG I 518 -8.65 -11.23 67.68
C ARG I 518 -8.52 -10.14 66.64
N LEU I 519 -7.53 -10.23 65.75
CA LEU I 519 -7.39 -9.38 64.58
C LEU I 519 -6.88 -10.27 63.46
N VAL I 520 -7.77 -10.62 62.54
CA VAL I 520 -7.53 -11.70 61.60
C VAL I 520 -7.16 -11.13 60.25
N ALA I 521 -6.76 -12.02 59.35
CA ALA I 521 -6.22 -11.59 58.07
C ALA I 521 -7.32 -11.29 57.06
N ASN I 522 -7.10 -10.24 56.27
CA ASN I 522 -7.85 -10.01 55.05
C ASN I 522 -6.88 -9.72 53.92
N SER I 523 -6.85 -10.58 52.93
CA SER I 523 -5.70 -10.72 52.06
C SER I 523 -5.88 -9.98 50.75
N PHE I 524 -4.74 -9.75 50.08
CA PHE I 524 -4.72 -9.27 48.71
C PHE I 524 -3.53 -9.91 48.01
N PHE I 525 -3.49 -9.73 46.70
CA PHE I 525 -2.59 -10.50 45.85
C PHE I 525 -2.23 -9.70 44.61
N SER I 526 -0.96 -9.77 44.24
CA SER I 526 -0.43 -9.06 43.08
C SER I 526 0.45 -10.02 42.30
N GLN I 527 0.24 -10.08 40.98
CA GLN I 527 1.12 -10.80 40.08
C GLN I 527 1.48 -9.84 38.95
N PHE I 528 2.72 -9.36 38.97
CA PHE I 528 3.19 -8.53 37.89
C PHE I 528 4.69 -8.67 37.77
N VAL I 529 5.17 -8.48 36.54
CA VAL I 529 6.59 -8.37 36.26
C VAL I 529 6.80 -6.98 35.66
N PRO I 530 7.95 -6.36 35.84
CA PRO I 530 8.20 -5.08 35.17
C PRO I 530 8.61 -5.27 33.72
N GLY I 531 8.08 -4.42 32.86
CA GLY I 531 8.38 -4.54 31.44
C GLY I 531 9.74 -3.97 31.13
N THR I 532 10.72 -4.84 30.90
CA THR I 532 12.08 -4.39 30.73
C THR I 532 12.32 -3.84 29.33
N GLU I 533 11.52 -4.28 28.36
CA GLU I 533 11.86 -4.05 26.96
C GLU I 533 11.63 -2.61 26.54
N SER I 534 10.63 -1.94 27.11
CA SER I 534 10.32 -0.57 26.76
C SER I 534 11.47 0.37 27.12
N LEU I 535 11.86 0.38 28.38
CA LEU I 535 12.98 1.22 28.77
C LEU I 535 14.31 0.66 28.29
N GLU I 536 14.38 -0.61 27.93
CA GLU I 536 15.57 -1.12 27.27
C GLU I 536 15.76 -0.47 25.91
N ARG I 537 14.69 -0.44 25.11
CA ARG I 537 14.75 0.25 23.82
C ARG I 537 15.01 1.73 24.00
N PHE I 538 14.44 2.31 25.06
CA PHE I 538 14.69 3.70 25.38
C PHE I 538 16.18 3.95 25.68
N LEU I 539 16.80 3.06 26.45
CA LEU I 539 18.19 3.23 26.80
C LEU I 539 19.12 2.97 25.61
N THR I 540 18.74 2.06 24.71
CA THR I 540 19.57 1.82 23.55
C THR I 540 19.51 3.00 22.59
N GLN I 541 18.33 3.61 22.44
CA GLN I 541 18.24 4.83 21.64
C GLN I 541 18.99 5.98 22.30
N LEU I 542 18.97 6.03 23.64
CA LEU I 542 19.78 7.00 24.39
C LEU I 542 21.26 6.85 24.09
N TRP I 543 21.75 5.61 24.17
CA TRP I 543 23.16 5.34 23.90
C TRP I 543 23.53 5.69 22.46
N GLU I 544 22.63 5.36 21.53
CA GLU I 544 22.90 5.54 20.11
C GLU I 544 23.00 7.02 19.75
N ASN I 545 21.97 7.80 20.11
CA ASN I 545 22.05 9.21 19.74
C ASN I 545 23.05 9.96 20.60
N GLU I 546 23.35 9.50 21.82
CA GLU I 546 24.34 10.17 22.64
C GLU I 546 25.73 10.05 22.03
N TYR I 547 26.15 8.82 21.73
CA TYR I 547 27.44 8.63 21.06
C TYR I 547 27.46 9.18 19.64
N PHE I 548 26.29 9.33 18.99
CA PHE I 548 26.31 9.98 17.69
C PHE I 548 26.57 11.48 17.83
N ARG I 549 25.97 12.14 18.80
CA ARG I 549 26.16 13.58 18.87
C ARG I 549 27.52 13.95 19.46
N THR I 550 28.06 13.16 20.41
CA THR I 550 29.32 13.58 20.99
C THR I 550 30.52 13.35 20.08
N PHE I 551 30.50 12.27 19.30
CA PHE I 551 31.49 12.03 18.26
C PHE I 551 30.69 11.68 17.02
N ARG I 552 30.84 12.45 15.95
CA ARG I 552 29.93 12.37 14.81
C ARG I 552 30.25 11.11 14.00
N LEU I 553 29.76 9.98 14.51
CA LEU I 553 29.98 8.68 13.89
C LEU I 553 29.06 8.53 12.68
N ARG I 554 29.64 8.12 11.55
CA ARG I 554 28.84 7.90 10.35
C ARG I 554 28.20 6.53 10.36
N ARG I 555 27.18 6.37 9.54
CA ARG I 555 26.51 5.08 9.32
C ARG I 555 26.41 4.85 7.82
N LEU I 556 27.46 4.28 7.24
CA LEU I 556 27.38 3.91 5.83
C LEU I 556 26.69 2.55 5.71
N VAL I 557 25.61 2.52 4.93
CA VAL I 557 24.84 1.30 4.70
C VAL I 557 24.54 1.19 3.22
N THR I 558 23.97 0.06 2.82
CA THR I 558 23.41 -0.05 1.49
C THR I 558 21.99 0.51 1.48
N HIS I 559 21.38 0.51 0.30
CA HIS I 559 19.97 0.87 0.20
C HIS I 559 19.12 -0.21 0.84
N GLN I 560 18.04 0.23 1.50
CA GLN I 560 17.28 -0.45 2.56
C GLN I 560 18.18 -1.23 3.53
N GLY I 561 19.32 -0.65 3.90
CA GLY I 561 20.29 -1.30 4.75
C GLY I 561 20.28 -0.72 6.14
N ALA I 562 20.31 -1.59 7.14
CA ALA I 562 20.27 -1.17 8.54
C ALA I 562 21.57 -1.57 9.22
N GLU I 563 22.31 -0.56 9.71
CA GLU I 563 23.54 -0.65 10.52
C GLU I 563 24.54 -1.69 10.00
N GLU I 564 25.01 -1.45 8.77
CA GLU I 564 26.03 -2.32 8.19
C GLU I 564 27.39 -2.10 8.85
N ALA I 565 27.82 -0.85 8.94
CA ALA I 565 29.13 -0.56 9.50
C ALA I 565 29.12 0.84 10.08
N ILE I 566 29.80 1.01 11.21
CA ILE I 566 29.97 2.30 11.87
C ILE I 566 31.47 2.56 11.92
N VAL I 567 31.88 3.80 11.63
CA VAL I 567 33.29 4.11 11.48
C VAL I 567 33.52 5.57 11.85
N TYR I 568 34.75 5.88 12.28
CA TYR I 568 35.17 7.22 12.63
C TYR I 568 35.04 8.17 11.44
N SER I 569 34.51 9.36 11.70
CA SER I 569 34.47 10.42 10.71
C SER I 569 35.44 11.52 11.10
N ASN I 570 35.35 12.63 10.37
CA ASN I 570 36.38 13.66 10.39
C ASN I 570 36.46 14.37 11.73
N TYR I 571 35.32 14.61 12.36
CA TYR I 571 35.33 15.29 13.65
C TYR I 571 35.83 14.35 14.75
N THR I 572 35.57 13.05 14.60
CA THR I 572 35.86 12.09 15.65
C THR I 572 37.35 11.92 15.85
N VAL I 573 38.10 11.80 14.74
CA VAL I 573 39.55 11.65 14.85
C VAL I 573 40.18 12.92 15.39
N GLU I 574 39.64 14.09 15.04
CA GLU I 574 40.15 15.34 15.58
C GLU I 574 39.88 15.45 17.07
N ARG I 575 38.80 14.85 17.55
CA ARG I 575 38.55 14.94 18.98
C ARG I 575 39.34 13.91 19.77
N VAL I 576 39.55 12.69 19.28
CA VAL I 576 40.08 11.62 20.10
C VAL I 576 41.50 11.20 19.69
N THR I 577 41.86 11.23 18.41
CA THR I 577 43.13 10.67 18.00
C THR I 577 44.26 11.68 18.09
N LEU I 578 44.05 12.86 17.54
CA LEU I 578 45.09 13.89 17.58
C LEU I 578 45.40 14.44 18.97
N PRO I 579 44.51 14.43 19.98
CA PRO I 579 45.01 14.65 21.34
C PRO I 579 45.95 13.56 21.83
N TYR I 580 45.71 12.31 21.43
CA TYR I 580 46.64 11.24 21.79
C TYR I 580 48.01 11.48 21.18
N LEU I 581 48.04 11.86 19.91
CA LEU I 581 49.31 12.15 19.26
C LEU I 581 49.89 13.47 19.72
N CYS I 582 49.06 14.36 20.27
CA CYS I 582 49.56 15.58 20.88
C CYS I 582 50.34 15.28 22.15
N HIS I 583 49.80 14.45 23.03
CA HIS I 583 50.58 14.10 24.20
C HIS I 583 51.66 13.07 23.92
N ILE I 584 51.59 12.35 22.79
CA ILE I 584 52.71 11.53 22.32
C ILE I 584 53.91 12.37 21.97
N LEU I 585 53.69 13.61 21.52
CA LEU I 585 54.71 14.56 21.03
C LEU I 585 55.45 14.03 19.80
N ALA I 586 54.78 13.22 19.00
CA ALA I 586 55.21 13.03 17.61
C ALA I 586 54.35 13.82 16.65
N LEU I 587 53.43 14.64 17.16
CA LEU I 587 52.40 15.30 16.37
C LEU I 587 52.94 16.34 15.40
N GLY I 588 54.18 16.79 15.58
CA GLY I 588 54.72 17.87 14.78
C GLY I 588 55.02 17.52 13.34
N THR I 589 54.97 16.24 12.97
CA THR I 589 55.33 15.82 11.63
C THR I 589 54.25 15.01 10.92
N LEU I 590 53.11 14.76 11.54
CA LEU I 590 52.09 13.89 10.99
C LEU I 590 50.88 14.70 10.54
N ASP I 591 49.85 13.99 10.11
CA ASP I 591 48.68 14.59 9.50
C ASP I 591 47.53 13.61 9.65
N PRO I 592 46.34 14.09 10.01
CA PRO I 592 45.20 13.18 10.22
C PRO I 592 44.72 12.52 8.94
N VAL I 593 44.21 11.30 9.09
CA VAL I 593 43.81 10.47 7.96
C VAL I 593 42.40 10.87 7.52
N PRO I 594 42.11 10.86 6.22
CA PRO I 594 40.71 10.95 5.78
C PRO I 594 39.89 9.77 6.28
N GLU I 595 38.59 10.00 6.39
CA GLU I 595 37.71 9.04 7.06
C GLU I 595 37.46 7.81 6.21
N ALA I 596 37.22 7.99 4.91
CA ALA I 596 37.08 6.84 4.02
C ALA I 596 38.40 6.11 3.80
N TYR I 597 39.51 6.81 3.99
CA TYR I 597 40.82 6.17 3.95
C TYR I 597 41.02 5.25 5.14
N LEU I 598 40.34 5.52 6.25
CA LEU I 598 40.49 4.70 7.45
C LEU I 598 39.84 3.33 7.27
N GLN I 599 38.78 3.26 6.47
CA GLN I 599 38.10 1.99 6.23
C GLN I 599 38.95 1.03 5.41
N LEU I 600 39.89 1.54 4.61
CA LEU I 600 40.62 0.76 3.64
C LEU I 600 41.64 -0.17 4.32
N SER I 601 42.38 -0.89 3.49
CA SER I 601 43.23 -1.96 3.96
C SER I 601 44.49 -1.43 4.64
N PHE I 602 45.18 -2.36 5.31
CA PHE I 602 46.43 -2.04 5.98
C PHE I 602 47.54 -1.81 4.97
N GLY I 603 47.41 -2.42 3.78
CA GLY I 603 48.44 -2.30 2.77
C GLY I 603 48.05 -1.39 1.63
N GLU I 604 46.75 -1.30 1.34
CA GLU I 604 46.26 -0.49 0.25
C GLU I 604 46.31 1.00 0.57
N ILE I 605 46.44 1.34 1.86
CA ILE I 605 46.36 2.73 2.31
C ILE I 605 47.53 3.55 1.78
N VAL I 606 48.71 2.95 1.62
CA VAL I 606 49.86 3.73 1.20
C VAL I 606 49.79 4.06 -0.28
N ALA I 607 49.09 3.24 -1.06
CA ALA I 607 48.95 3.49 -2.50
C ALA I 607 48.14 4.74 -2.75
N ALA I 608 47.08 4.95 -1.97
CA ALA I 608 46.36 6.20 -2.03
C ALA I 608 47.07 7.31 -1.27
N ALA I 609 47.95 6.95 -0.33
CA ALA I 609 48.64 7.97 0.46
C ALA I 609 49.65 8.73 -0.38
N TYR I 610 50.42 8.03 -1.21
CA TYR I 610 51.25 8.82 -2.11
C TYR I 610 50.50 9.29 -3.34
N ASP I 611 49.33 8.72 -3.63
CA ASP I 611 48.50 9.25 -4.70
C ASP I 611 47.98 10.63 -4.34
N ASP I 612 47.72 10.87 -3.05
CA ASP I 612 47.45 12.22 -2.59
C ASP I 612 48.70 13.09 -2.73
N SER I 613 49.88 12.51 -2.53
CA SER I 613 51.12 13.26 -2.61
C SER I 613 51.48 13.56 -4.07
N LYS I 614 52.53 14.35 -4.24
CA LYS I 614 53.02 14.71 -5.56
C LYS I 614 53.99 13.69 -6.13
N PHE I 615 54.04 12.50 -5.54
CA PHE I 615 54.99 11.48 -5.97
C PHE I 615 54.61 10.94 -7.34
N CYS I 616 53.43 10.35 -7.47
CA CYS I 616 52.98 9.91 -8.79
C CYS I 616 52.44 11.05 -9.63
N ARG I 617 52.19 12.21 -9.02
CA ARG I 617 51.87 13.38 -9.81
C ARG I 617 53.08 13.91 -10.58
N TYR I 618 54.29 13.69 -10.06
CA TYR I 618 55.48 14.05 -10.82
C TYR I 618 55.84 12.96 -11.81
N VAL I 619 55.35 11.73 -11.59
CA VAL I 619 55.45 10.70 -12.62
C VAL I 619 54.61 11.08 -13.83
N GLU I 620 53.48 11.77 -13.60
CA GLU I 620 52.73 12.35 -14.72
C GLU I 620 53.56 13.39 -15.47
N LEU I 621 54.34 14.19 -14.74
CA LEU I 621 55.16 15.21 -15.38
C LEU I 621 56.30 14.58 -16.17
N ILE I 622 56.94 13.55 -15.61
CA ILE I 622 58.06 12.92 -16.31
C ILE I 622 57.59 12.06 -17.48
N CYS I 623 56.38 11.46 -17.42
CA CYS I 623 55.93 10.71 -18.59
C CYS I 623 55.46 11.64 -19.69
N SER I 624 54.88 12.79 -19.32
CA SER I 624 54.58 13.80 -20.33
C SER I 624 55.86 14.37 -20.93
N ARG I 625 56.92 14.49 -20.13
CA ARG I 625 58.19 14.98 -20.64
C ARG I 625 58.84 13.97 -21.59
N GLU I 626 58.77 12.68 -21.24
CA GLU I 626 59.32 11.64 -22.11
C GLU I 626 58.55 11.54 -23.41
N LYS I 627 57.21 11.60 -23.35
CA LYS I 627 56.43 11.53 -24.57
C LYS I 627 56.58 12.80 -25.41
N ALA I 628 56.85 13.95 -24.78
CA ALA I 628 57.09 15.17 -25.55
C ALA I 628 58.46 15.14 -26.21
N ARG I 629 59.47 14.66 -25.47
CA ARG I 629 60.83 14.56 -25.98
C ARG I 629 60.92 13.55 -27.12
N ARG I 630 60.06 12.54 -27.12
CA ARG I 630 60.05 11.61 -28.25
C ARG I 630 59.08 12.01 -29.35
N ARG I 631 58.05 12.80 -29.05
CA ARG I 631 57.19 13.30 -30.11
C ARG I 631 57.92 14.37 -30.92
N GLN I 632 58.80 15.14 -30.28
CA GLN I 632 59.70 15.99 -31.03
C GLN I 632 60.77 15.19 -31.77
N MET I 633 61.11 14.00 -31.26
CA MET I 633 62.03 13.13 -31.99
C MET I 633 61.37 12.57 -33.24
N SER I 634 60.05 12.34 -33.19
CA SER I 634 59.35 11.90 -34.39
C SER I 634 58.95 13.08 -35.28
N ARG I 635 58.33 14.10 -34.69
CA ARG I 635 57.82 15.23 -35.44
C ARG I 635 58.45 16.55 -35.00
N ASP J 52 20.28 -73.33 14.98
CA ASP J 52 19.60 -72.09 15.34
C ASP J 52 20.59 -70.97 15.60
N GLU J 53 20.40 -69.84 14.94
CA GLU J 53 21.31 -68.71 15.01
C GLU J 53 20.52 -67.45 15.39
N ALA J 54 21.13 -66.60 16.22
CA ALA J 54 20.54 -65.32 16.58
C ALA J 54 20.93 -64.27 15.56
N VAL J 55 19.93 -63.62 14.96
CA VAL J 55 20.14 -62.62 13.90
C VAL J 55 19.11 -61.52 14.12
N ILE J 56 19.57 -60.27 14.17
CA ILE J 56 18.66 -59.15 14.42
C ILE J 56 17.86 -58.86 13.15
N ASP J 57 16.55 -58.74 13.30
CA ASP J 57 15.63 -58.58 12.19
C ASP J 57 15.17 -57.13 12.06
N ILE J 58 14.69 -56.79 10.86
CA ILE J 58 14.25 -55.41 10.62
C ILE J 58 12.84 -55.33 10.08
N PHE J 59 12.39 -56.35 9.35
CA PHE J 59 11.13 -56.15 8.65
C PHE J 59 9.87 -56.21 9.50
N PRO J 60 9.49 -57.35 10.14
CA PRO J 60 8.12 -57.50 10.61
C PRO J 60 7.92 -56.99 12.04
N THR J 61 8.42 -55.80 12.32
CA THR J 61 8.23 -55.16 13.62
C THR J 61 7.33 -53.94 13.46
N GLY J 62 6.87 -53.43 14.61
CA GLY J 62 5.91 -52.34 14.60
C GLY J 62 6.45 -51.06 14.01
N GLN J 63 7.71 -50.73 14.30
CA GLN J 63 8.35 -49.53 13.78
C GLN J 63 8.48 -49.54 12.27
N THR J 64 8.52 -50.71 11.65
CA THR J 64 8.71 -50.80 10.21
C THR J 64 7.48 -51.25 9.46
N MET J 65 6.67 -52.13 10.03
CA MET J 65 5.38 -52.42 9.40
C MET J 65 4.45 -51.23 9.53
N SER J 66 4.65 -50.39 10.55
CA SER J 66 3.93 -49.13 10.64
C SER J 66 4.31 -48.17 9.52
N PHE J 67 5.52 -48.32 8.96
CA PHE J 67 6.03 -47.34 8.01
C PHE J 67 5.26 -47.37 6.70
N LEU J 68 4.97 -48.56 6.18
CA LEU J 68 4.18 -48.63 4.96
C LEU J 68 2.73 -48.28 5.20
N ARG J 69 2.27 -48.33 6.43
CA ARG J 69 0.91 -47.91 6.73
C ARG J 69 0.83 -46.38 6.79
N LEU J 70 1.81 -45.74 7.43
CA LEU J 70 1.77 -44.28 7.51
C LEU J 70 2.11 -43.64 6.17
N LEU J 71 2.98 -44.26 5.40
CA LEU J 71 3.40 -43.65 4.14
C LEU J 71 2.28 -43.73 3.11
N HIS J 72 1.48 -44.79 3.16
CA HIS J 72 0.24 -44.85 2.39
C HIS J 72 -0.95 -44.43 3.23
N GLY J 73 -0.73 -43.78 4.37
CA GLY J 73 -1.78 -43.05 5.04
C GLY J 73 -2.83 -43.86 5.73
N PHE J 74 -2.47 -45.04 6.25
CA PHE J 74 -3.42 -45.79 7.05
C PHE J 74 -3.68 -45.10 8.38
N LEU J 75 -2.69 -44.39 8.90
CA LEU J 75 -2.85 -43.60 10.11
C LEU J 75 -2.56 -42.12 9.87
N GLY J 76 -1.42 -41.79 9.27
CA GLY J 76 -0.99 -40.41 9.19
C GLY J 76 -1.29 -39.76 7.85
N THR J 77 -1.65 -38.49 7.91
CA THR J 77 -2.11 -37.77 6.73
C THR J 77 -2.04 -36.27 6.95
N CYS J 78 -1.71 -35.55 5.89
CA CYS J 78 -1.61 -34.10 5.87
C CYS J 78 -1.53 -33.69 4.41
N ARG J 79 -1.22 -32.42 4.17
CA ARG J 79 -1.08 -31.94 2.80
C ARG J 79 0.23 -32.36 2.14
N GLY J 80 1.12 -33.01 2.87
CA GLY J 80 2.40 -33.39 2.31
C GLY J 80 2.46 -34.80 1.75
N GLN J 81 1.43 -35.62 2.01
CA GLN J 81 1.45 -37.00 1.55
C GLN J 81 1.37 -37.09 0.03
N SER J 82 0.80 -36.06 -0.60
CA SER J 82 0.71 -36.00 -2.05
C SER J 82 2.07 -35.90 -2.73
N MET J 83 3.08 -35.39 -2.05
CA MET J 83 4.38 -35.31 -2.69
C MET J 83 5.07 -36.67 -2.70
N HIS J 84 4.64 -37.58 -1.83
CA HIS J 84 5.10 -38.94 -2.00
C HIS J 84 4.44 -39.56 -3.23
N GLN J 85 3.19 -39.19 -3.49
CA GLN J 85 2.48 -39.67 -4.66
C GLN J 85 3.09 -39.12 -5.94
N VAL J 86 3.64 -37.90 -5.90
CA VAL J 86 4.35 -37.40 -7.07
C VAL J 86 5.73 -38.01 -7.18
N LEU J 87 6.19 -38.71 -6.15
CA LEU J 87 7.48 -39.37 -6.23
C LEU J 87 7.39 -40.80 -6.75
N ARG J 88 6.20 -41.38 -6.80
CA ARG J 88 6.05 -42.76 -7.23
C ARG J 88 5.32 -42.82 -8.57
N ASP J 89 5.67 -41.92 -9.47
CA ASP J 89 5.07 -41.92 -10.79
C ASP J 89 5.64 -43.06 -11.60
N PRO J 90 4.84 -44.05 -12.01
CA PRO J 90 5.38 -45.14 -12.82
C PRO J 90 5.67 -44.74 -14.24
N CYS J 91 5.12 -43.61 -14.70
CA CYS J 91 5.28 -43.19 -16.07
C CYS J 91 6.68 -42.65 -16.35
N VAL J 92 7.36 -42.11 -15.32
CA VAL J 92 8.70 -41.61 -15.54
C VAL J 92 9.68 -42.74 -15.77
N LEU J 93 9.36 -43.94 -15.28
CA LEU J 93 10.14 -45.13 -15.60
C LEU J 93 10.08 -45.45 -17.09
N ARG J 94 8.87 -45.52 -17.65
CA ARG J 94 8.74 -45.86 -19.05
C ARG J 94 9.27 -44.73 -19.93
N LYS J 95 9.15 -43.47 -19.49
CA LYS J 95 9.69 -42.36 -20.26
C LYS J 95 11.20 -42.38 -20.29
N GLN J 96 11.83 -42.64 -19.13
CA GLN J 96 13.28 -42.68 -19.07
C GLN J 96 13.84 -43.87 -19.84
N LEU J 97 13.18 -45.03 -19.76
CA LEU J 97 13.70 -46.19 -20.46
C LEU J 97 13.52 -46.05 -21.97
N LEU J 98 12.39 -45.44 -22.41
CA LEU J 98 12.24 -45.24 -23.83
C LEU J 98 13.21 -44.17 -24.33
N TYR J 99 13.53 -43.18 -23.49
CA TYR J 99 14.54 -42.20 -23.86
C TYR J 99 15.90 -42.84 -24.00
N GLY J 100 16.23 -43.76 -23.09
CA GLY J 100 17.51 -44.45 -23.16
C GLY J 100 17.62 -45.32 -24.39
N VAL J 101 16.56 -46.07 -24.71
CA VAL J 101 16.67 -46.95 -25.86
C VAL J 101 16.63 -46.17 -27.16
N CYS J 102 15.94 -45.01 -27.20
CA CYS J 102 15.94 -44.29 -28.46
C CYS J 102 17.23 -43.49 -28.64
N LYS J 103 17.84 -43.03 -27.54
CA LYS J 103 19.11 -42.35 -27.65
C LYS J 103 20.22 -43.31 -28.07
N THR J 104 20.23 -44.53 -27.53
CA THR J 104 21.19 -45.50 -28.01
C THR J 104 20.77 -46.09 -29.35
N LEU J 105 19.52 -45.87 -29.76
CA LEU J 105 19.03 -46.43 -31.00
C LEU J 105 19.40 -45.57 -32.19
N PHE J 106 19.13 -44.26 -32.11
CA PHE J 106 19.13 -43.44 -33.31
C PHE J 106 20.53 -43.12 -33.80
N ASP J 107 21.52 -43.13 -32.92
CA ASP J 107 22.85 -42.62 -33.25
C ASP J 107 23.70 -43.58 -34.06
N THR J 108 23.16 -44.73 -34.48
CA THR J 108 23.98 -45.77 -35.07
C THR J 108 24.39 -45.46 -36.50
N ILE J 109 23.42 -45.17 -37.37
CA ILE J 109 23.66 -45.19 -38.81
C ILE J 109 23.36 -43.79 -39.35
N THR J 110 23.67 -42.79 -38.52
CA THR J 110 23.37 -41.39 -38.85
C THR J 110 24.16 -40.90 -40.06
N VAL J 111 25.35 -41.44 -40.29
CA VAL J 111 26.29 -40.80 -41.20
C VAL J 111 26.13 -41.33 -42.64
N ARG J 112 25.68 -42.57 -42.80
CA ARG J 112 25.74 -43.17 -44.14
C ARG J 112 24.36 -43.32 -44.76
N ARG J 113 23.38 -43.77 -43.98
CA ARG J 113 22.08 -44.16 -44.52
C ARG J 113 21.26 -42.99 -45.04
N VAL J 114 21.54 -41.76 -44.58
CA VAL J 114 20.77 -40.62 -45.05
C VAL J 114 21.09 -40.32 -46.51
N ALA J 115 22.37 -40.41 -46.89
CA ALA J 115 22.74 -40.19 -48.27
C ALA J 115 22.31 -41.36 -49.15
N GLU J 116 22.20 -42.55 -48.56
CA GLU J 116 21.75 -43.72 -49.33
C GLU J 116 20.26 -43.66 -49.59
N GLU J 117 19.47 -43.20 -48.61
CA GLU J 117 18.02 -43.18 -48.78
C GLU J 117 17.55 -41.84 -49.32
N TRP J 118 18.49 -40.93 -49.59
CA TRP J 118 18.20 -39.79 -50.45
C TRP J 118 17.85 -40.25 -51.86
N LYS J 119 18.43 -41.37 -52.31
CA LYS J 119 18.31 -41.82 -53.69
C LYS J 119 16.88 -42.22 -54.05
N LEU J 120 16.18 -42.91 -53.13
CA LEU J 120 14.85 -43.40 -53.44
C LEU J 120 13.83 -42.26 -53.46
N HIS J 121 13.96 -41.32 -52.52
CA HIS J 121 13.03 -40.20 -52.48
C HIS J 121 13.44 -39.12 -53.48
N ALA J 122 14.60 -39.26 -54.11
CA ALA J 122 14.89 -38.44 -55.28
C ALA J 122 13.96 -38.78 -56.43
N ALA J 123 13.83 -40.07 -56.75
CA ALA J 123 12.96 -40.48 -57.85
C ALA J 123 11.50 -40.52 -57.41
N LEU J 124 11.25 -40.58 -56.10
CA LEU J 124 9.87 -40.67 -55.62
C LEU J 124 9.14 -39.34 -55.73
N PHE J 125 9.86 -38.23 -55.62
CA PHE J 125 9.27 -36.91 -55.73
C PHE J 125 9.77 -36.20 -56.99
N PRO J 126 9.00 -36.21 -58.10
CA PRO J 126 9.46 -35.54 -59.33
C PRO J 126 9.28 -34.03 -59.25
N TYR J 127 10.39 -33.31 -59.10
CA TYR J 127 10.37 -31.91 -58.70
C TYR J 127 11.71 -31.31 -59.10
N ARG J 128 12.12 -30.23 -58.40
CA ARG J 128 13.48 -29.64 -58.43
C ARG J 128 13.88 -29.13 -59.83
N ALA J 129 12.93 -28.52 -60.53
CA ALA J 129 13.23 -27.97 -61.86
C ALA J 129 14.07 -26.70 -61.77
N LEU J 130 13.72 -25.80 -60.85
CA LEU J 130 14.39 -24.51 -60.72
C LEU J 130 15.03 -24.41 -59.34
N ASP J 131 16.21 -23.80 -59.28
CA ASP J 131 17.02 -23.87 -58.07
C ASP J 131 16.60 -22.85 -57.02
N GLU J 132 15.75 -21.88 -57.41
CA GLU J 132 15.46 -20.76 -56.52
C GLU J 132 14.46 -21.14 -55.44
N GLU J 133 13.34 -21.75 -55.83
CA GLU J 133 12.20 -21.98 -54.95
C GLU J 133 11.95 -23.45 -54.65
N ASP J 134 12.33 -24.34 -55.57
CA ASP J 134 12.05 -25.77 -55.38
C ASP J 134 13.00 -26.39 -54.37
N LEU J 135 14.29 -26.06 -54.46
CA LEU J 135 15.30 -26.72 -53.63
C LEU J 135 15.19 -26.28 -52.18
N GLU J 136 15.04 -24.98 -51.95
CA GLU J 136 15.07 -24.42 -50.59
C GLU J 136 13.85 -24.88 -49.78
N GLN J 137 12.74 -25.16 -50.46
CA GLN J 137 11.54 -25.56 -49.74
C GLN J 137 11.36 -27.07 -49.71
N TYR J 138 11.89 -27.78 -50.71
CA TYR J 138 11.64 -29.21 -50.82
C TYR J 138 12.45 -30.00 -49.79
N LEU J 139 13.69 -29.56 -49.51
CA LEU J 139 14.55 -30.30 -48.60
C LEU J 139 14.02 -30.29 -47.18
N LEU J 140 13.42 -29.16 -46.76
CA LEU J 140 12.92 -29.04 -45.40
C LEU J 140 11.72 -29.95 -45.18
N VAL J 141 10.79 -29.98 -46.14
CA VAL J 141 9.60 -30.79 -45.98
C VAL J 141 9.92 -32.27 -46.17
N TRP J 142 10.93 -32.58 -47.00
CA TRP J 142 11.39 -33.96 -47.14
C TRP J 142 12.05 -34.44 -45.85
N SER J 143 12.88 -33.58 -45.24
CA SER J 143 13.54 -33.91 -43.98
C SER J 143 12.53 -34.11 -42.85
N ALA J 144 11.55 -33.19 -42.76
CA ALA J 144 10.51 -33.30 -41.75
C ALA J 144 9.66 -34.54 -41.96
N SER J 145 9.39 -34.88 -43.23
CA SER J 145 8.64 -36.09 -43.55
C SER J 145 9.37 -37.34 -43.13
N LEU J 146 10.68 -37.40 -43.40
CA LEU J 146 11.45 -38.60 -43.07
C LEU J 146 11.60 -38.76 -41.57
N ARG J 147 11.95 -37.68 -40.85
CA ARG J 147 12.08 -37.77 -39.40
C ARG J 147 10.73 -38.07 -38.75
N GLN J 148 9.64 -37.55 -39.32
CA GLN J 148 8.32 -37.81 -38.76
C GLN J 148 7.91 -39.25 -38.98
N SER J 149 8.22 -39.82 -40.14
CA SER J 149 7.79 -41.18 -40.43
C SER J 149 8.58 -42.18 -39.60
N VAL J 150 9.90 -41.97 -39.48
CA VAL J 150 10.68 -42.86 -38.61
C VAL J 150 10.31 -42.63 -37.15
N GLN J 151 9.86 -41.42 -36.81
CA GLN J 151 9.44 -41.10 -35.46
C GLN J 151 8.17 -41.84 -35.08
N THR J 152 7.16 -41.80 -35.95
CA THR J 152 5.93 -42.54 -35.68
C THR J 152 6.16 -44.04 -35.70
N GLY J 153 7.12 -44.51 -36.53
CA GLY J 153 7.43 -45.93 -36.54
C GLY J 153 8.02 -46.41 -35.23
N VAL J 154 9.06 -45.73 -34.75
CA VAL J 154 9.69 -46.14 -33.49
C VAL J 154 8.74 -45.88 -32.32
N LEU J 155 7.87 -44.87 -32.46
CA LEU J 155 6.91 -44.54 -31.41
C LEU J 155 5.87 -45.64 -31.26
N GLY J 156 5.33 -46.11 -32.38
CA GLY J 156 4.33 -47.17 -32.32
C GLY J 156 4.91 -48.48 -31.86
N ALA J 157 6.11 -48.83 -32.35
CA ALA J 157 6.74 -50.08 -31.93
C ALA J 157 7.09 -50.06 -30.45
N LEU J 158 7.62 -48.93 -29.97
CA LEU J 158 8.00 -48.84 -28.57
C LEU J 158 6.78 -48.74 -27.66
N ARG J 159 5.71 -48.07 -28.11
CA ARG J 159 4.50 -48.00 -27.31
C ARG J 159 3.84 -49.36 -27.19
N ASP J 160 3.89 -50.17 -28.26
CA ASP J 160 3.33 -51.51 -28.19
C ASP J 160 4.14 -52.40 -27.25
N ILE J 161 5.47 -52.42 -27.42
CA ILE J 161 6.29 -53.31 -26.58
C ILE J 161 6.37 -52.81 -25.15
N LEU J 162 6.09 -51.54 -24.89
CA LEU J 162 5.94 -51.06 -23.53
C LEU J 162 4.60 -51.45 -22.95
N TYR J 163 3.50 -51.00 -23.55
CA TYR J 163 2.17 -51.18 -23.01
C TYR J 163 1.72 -52.62 -22.94
N GLN J 164 2.37 -53.53 -23.65
CA GLN J 164 1.98 -54.92 -23.49
C GLN J 164 2.57 -55.53 -22.22
N TYR J 165 3.83 -55.21 -21.89
CA TYR J 165 4.42 -55.89 -20.74
C TYR J 165 5.31 -54.97 -19.91
N ALA J 166 5.02 -53.68 -19.82
CA ALA J 166 5.68 -52.84 -18.84
C ALA J 166 4.71 -52.22 -17.84
N ASP J 167 3.52 -52.78 -17.67
CA ASP J 167 2.62 -52.34 -16.61
C ASP J 167 2.90 -53.07 -15.29
N ASN J 168 4.18 -53.10 -14.92
CA ASN J 168 4.59 -53.85 -13.75
C ASN J 168 4.28 -53.13 -12.46
N ASP J 169 4.20 -51.79 -12.50
CA ASP J 169 3.95 -50.86 -11.37
C ASP J 169 4.78 -51.18 -10.13
N ASP J 170 5.97 -51.73 -10.34
CA ASP J 170 6.89 -52.10 -9.28
C ASP J 170 7.70 -50.93 -8.78
N TYR J 171 7.88 -49.92 -9.63
CA TYR J 171 8.66 -48.74 -9.27
C TYR J 171 8.03 -47.98 -8.12
N GLY J 172 6.70 -48.02 -8.04
CA GLY J 172 5.99 -47.37 -6.96
C GLY J 172 6.31 -47.94 -5.59
N LEU J 173 6.43 -49.26 -5.47
CA LEU J 173 6.86 -49.85 -4.21
C LEU J 173 8.37 -49.79 -4.05
N TYR J 174 9.10 -49.75 -5.16
CA TYR J 174 10.55 -49.63 -5.10
C TYR J 174 10.96 -48.33 -4.46
N VAL J 175 10.27 -47.23 -4.79
CA VAL J 175 10.64 -45.98 -4.15
C VAL J 175 10.17 -45.94 -2.71
N ASP J 176 9.15 -46.72 -2.34
CA ASP J 176 8.79 -46.81 -0.93
C ASP J 176 9.88 -47.51 -0.14
N TRP J 177 10.36 -48.65 -0.62
CA TRP J 177 11.45 -49.32 0.08
C TRP J 177 12.75 -48.54 0.03
N CYS J 178 12.97 -47.73 -1.01
CA CYS J 178 14.14 -46.87 -1.01
C CYS J 178 14.00 -45.72 -0.03
N VAL J 179 12.78 -45.27 0.24
CA VAL J 179 12.63 -44.08 1.06
C VAL J 179 12.44 -44.40 2.54
N THR J 180 11.97 -45.60 2.90
CA THR J 180 11.64 -45.80 4.30
C THR J 180 12.55 -46.77 5.05
N VAL J 181 13.33 -47.61 4.37
CA VAL J 181 14.27 -48.48 5.07
C VAL J 181 15.63 -48.41 4.41
N GLY J 182 15.71 -47.76 3.26
CA GLY J 182 16.99 -47.56 2.62
C GLY J 182 17.50 -48.75 1.85
N LEU J 183 16.64 -49.73 1.56
CA LEU J 183 16.99 -50.92 0.80
C LEU J 183 15.70 -51.56 0.34
N VAL J 184 15.80 -52.42 -0.66
CA VAL J 184 14.61 -53.00 -1.29
C VAL J 184 14.73 -54.51 -1.33
N PRO J 185 13.69 -55.25 -0.98
CA PRO J 185 13.66 -56.68 -1.28
C PRO J 185 13.06 -56.90 -2.66
N LEU J 186 13.60 -57.89 -3.37
CA LEU J 186 13.16 -58.14 -4.74
C LEU J 186 13.44 -59.58 -5.12
N LEU J 187 12.55 -60.17 -5.90
CA LEU J 187 12.68 -61.55 -6.35
C LEU J 187 13.02 -61.57 -7.83
N ASP J 188 13.76 -62.59 -8.25
CA ASP J 188 14.11 -62.79 -9.65
C ASP J 188 13.35 -64.00 -10.19
N VAL J 189 12.19 -63.73 -10.79
CA VAL J 189 11.35 -64.80 -11.33
C VAL J 189 11.98 -65.33 -12.61
N LYS J 190 12.19 -66.64 -12.66
CA LYS J 190 12.74 -67.31 -13.83
C LYS J 190 11.70 -68.28 -14.39
N THR J 191 11.55 -68.25 -15.70
CA THR J 191 10.58 -69.10 -16.40
C THR J 191 11.31 -69.99 -17.40
N LYS J 192 10.53 -70.78 -18.12
CA LYS J 192 11.05 -71.58 -19.21
C LYS J 192 11.49 -70.67 -20.36
N PRO J 193 12.49 -71.08 -21.14
CA PRO J 193 12.89 -70.27 -22.32
C PRO J 193 11.86 -70.24 -23.45
N SER J 194 10.72 -70.91 -23.34
CA SER J 194 9.67 -70.76 -24.33
C SER J 194 9.06 -69.37 -24.30
N GLU J 195 9.05 -68.72 -23.13
CA GLU J 195 8.59 -67.35 -23.01
C GLU J 195 9.52 -66.37 -23.71
N ALA J 196 10.82 -66.66 -23.72
CA ALA J 196 11.75 -65.87 -24.51
C ALA J 196 11.44 -65.99 -25.99
N ALA J 197 11.09 -67.19 -26.45
CA ALA J 197 10.66 -67.38 -27.83
C ALA J 197 9.33 -66.68 -28.11
N GLU J 198 8.46 -66.61 -27.11
CA GLU J 198 7.20 -65.88 -27.26
C GLU J 198 7.45 -64.40 -27.45
N ARG J 199 8.38 -63.84 -26.67
CA ARG J 199 8.71 -62.42 -26.83
C ARG J 199 9.44 -62.17 -28.15
N ALA J 200 10.31 -63.11 -28.55
CA ALA J 200 11.03 -62.96 -29.81
C ALA J 200 10.11 -63.09 -31.01
N GLN J 201 9.00 -63.83 -30.85
CA GLN J 201 7.97 -63.83 -31.86
C GLN J 201 7.17 -62.53 -31.82
N PHE J 202 6.85 -62.05 -30.62
CA PHE J 202 5.97 -60.90 -30.47
C PHE J 202 6.60 -59.61 -30.98
N VAL J 203 7.93 -59.50 -30.89
CA VAL J 203 8.58 -58.26 -31.30
C VAL J 203 8.53 -58.10 -32.82
N ARG J 204 8.42 -59.21 -33.56
CA ARG J 204 8.36 -59.10 -35.02
C ARG J 204 7.02 -58.55 -35.48
N ALA J 205 5.92 -59.04 -34.90
CA ALA J 205 4.61 -58.48 -35.19
C ALA J 205 4.47 -57.07 -34.62
N ALA J 206 5.25 -56.76 -33.58
CA ALA J 206 5.30 -55.39 -33.09
C ALA J 206 5.97 -54.46 -34.09
N VAL J 207 7.10 -54.87 -34.67
CA VAL J 207 7.83 -53.98 -35.58
C VAL J 207 7.24 -54.07 -36.98
N GLN J 208 6.28 -54.95 -37.20
CA GLN J 208 5.55 -54.91 -38.47
C GLN J 208 4.71 -53.65 -38.61
N ARG J 209 4.26 -53.09 -37.48
CA ARG J 209 3.55 -51.82 -37.51
C ARG J 209 4.47 -50.68 -37.91
N ALA J 210 5.77 -50.80 -37.62
CA ALA J 210 6.72 -49.81 -38.11
C ALA J 210 7.18 -50.14 -39.53
N THR J 211 7.11 -51.42 -39.90
CA THR J 211 7.44 -51.84 -41.25
C THR J 211 6.43 -51.28 -42.25
N GLU J 212 5.16 -51.23 -41.85
CA GLU J 212 4.12 -50.77 -42.77
C GLU J 212 4.25 -49.27 -43.03
N THR J 213 4.46 -48.48 -41.97
CA THR J 213 4.49 -47.02 -42.15
C THR J 213 5.79 -46.57 -42.80
N HIS J 214 6.89 -47.26 -42.52
CA HIS J 214 8.18 -46.85 -43.02
C HIS J 214 9.03 -48.04 -43.43
N PRO J 215 9.54 -48.06 -44.66
CA PRO J 215 10.52 -49.10 -45.01
C PRO J 215 11.87 -48.87 -44.36
N LEU J 216 12.28 -47.60 -44.19
CA LEU J 216 13.62 -47.31 -43.70
C LEU J 216 13.77 -47.62 -42.23
N ALA J 217 12.69 -47.47 -41.45
CA ALA J 217 12.79 -47.60 -40.01
C ALA J 217 13.05 -49.03 -39.58
N GLN J 218 12.66 -49.99 -40.43
CA GLN J 218 12.83 -51.40 -40.06
C GLN J 218 14.29 -51.81 -40.14
N ASP J 219 15.09 -51.14 -40.96
CA ASP J 219 16.48 -51.53 -41.13
C ASP J 219 17.31 -51.22 -39.89
N LEU J 220 16.91 -50.20 -39.15
CA LEU J 220 17.59 -49.88 -37.90
C LEU J 220 17.10 -50.75 -36.75
N LEU J 221 15.80 -51.06 -36.74
CA LEU J 221 15.26 -51.93 -35.70
C LEU J 221 15.75 -53.36 -35.86
N GLN J 222 16.02 -53.80 -37.10
CA GLN J 222 16.58 -55.13 -37.27
C GLN J 222 18.05 -55.15 -36.91
N ALA J 223 18.68 -53.98 -36.88
CA ALA J 223 20.05 -53.91 -36.39
C ALA J 223 20.08 -53.99 -34.88
N ASN J 224 19.16 -53.32 -34.21
CA ASN J 224 19.17 -53.28 -32.75
C ASN J 224 18.12 -54.17 -32.09
N LEU J 225 17.62 -55.18 -32.80
CA LEU J 225 16.61 -56.08 -32.23
C LEU J 225 17.17 -56.88 -31.05
N ALA J 226 18.48 -57.14 -31.04
CA ALA J 226 19.09 -57.85 -29.92
C ALA J 226 19.01 -57.01 -28.65
N LEU J 227 19.29 -55.71 -28.76
CA LEU J 227 19.14 -54.81 -27.63
C LEU J 227 17.68 -54.65 -27.23
N LEU J 228 16.77 -54.65 -28.21
CA LEU J 228 15.35 -54.56 -27.91
C LEU J 228 14.85 -55.76 -27.13
N LEU J 229 15.21 -56.97 -27.58
CA LEU J 229 14.81 -58.17 -26.84
C LEU J 229 15.55 -58.26 -25.52
N GLN J 230 16.74 -57.69 -25.44
CA GLN J 230 17.49 -57.66 -24.19
C GLN J 230 16.76 -56.83 -23.13
N VAL J 231 16.33 -55.62 -23.48
CA VAL J 231 15.66 -54.79 -22.50
C VAL J 231 14.24 -55.30 -22.25
N ALA J 232 13.65 -55.99 -23.24
CA ALA J 232 12.34 -56.57 -23.02
C ALA J 232 12.41 -57.76 -22.06
N GLU J 233 13.45 -58.59 -22.19
CA GLU J 233 13.60 -59.75 -21.31
C GLU J 233 14.01 -59.32 -19.92
N ARG J 234 14.91 -58.34 -19.82
CA ARG J 234 15.32 -57.86 -18.50
C ARG J 234 14.23 -57.02 -17.86
N LEU J 235 13.29 -56.54 -18.67
CA LEU J 235 12.13 -55.82 -18.14
C LEU J 235 11.24 -56.75 -17.33
N GLY J 236 10.87 -57.89 -17.90
CA GLY J 236 10.07 -58.86 -17.20
C GLY J 236 10.86 -59.87 -16.39
N ALA J 237 12.08 -59.54 -16.00
CA ALA J 237 12.92 -60.52 -15.31
C ALA J 237 12.76 -60.45 -13.80
N VAL J 238 12.70 -59.25 -13.24
CA VAL J 238 12.72 -59.06 -11.79
C VAL J 238 11.48 -58.28 -11.36
N ARG J 239 11.03 -58.57 -10.14
CA ARG J 239 9.87 -57.94 -9.53
C ARG J 239 10.29 -57.18 -8.27
N VAL J 240 9.28 -56.66 -7.56
CA VAL J 240 9.49 -55.86 -6.36
C VAL J 240 9.21 -56.67 -5.10
N ALA J 241 8.81 -57.93 -5.27
CA ALA J 241 8.54 -58.90 -4.18
C ALA J 241 7.44 -58.41 -3.24
N ASN J 242 6.23 -58.25 -3.78
CA ASN J 242 5.05 -58.04 -2.96
C ASN J 242 4.38 -59.38 -2.72
N ALA J 243 4.88 -60.08 -1.72
CA ALA J 243 4.29 -61.31 -1.24
C ALA J 243 4.30 -61.26 0.28
N PRO J 244 3.26 -61.75 0.93
CA PRO J 244 3.22 -61.71 2.39
C PRO J 244 4.19 -62.72 2.98
N GLU J 245 4.49 -62.49 4.26
CA GLU J 245 5.37 -63.33 5.08
C GLU J 245 6.77 -63.45 4.46
N VAL J 246 7.32 -62.31 4.08
CA VAL J 246 8.73 -62.23 3.75
C VAL J 246 9.45 -61.72 4.99
N ARG J 247 10.76 -61.87 5.00
CA ARG J 247 11.53 -61.42 6.15
C ARG J 247 12.93 -61.02 5.71
N VAL J 248 13.32 -59.81 6.08
CA VAL J 248 14.69 -59.33 5.89
C VAL J 248 15.26 -58.99 7.25
N PHE J 249 16.59 -59.04 7.36
CA PHE J 249 17.27 -58.99 8.63
C PHE J 249 18.74 -58.64 8.41
N LYS J 250 19.45 -58.38 9.50
CA LYS J 250 20.88 -58.13 9.46
C LYS J 250 21.60 -59.22 10.24
N LYS J 251 22.52 -59.91 9.58
CA LYS J 251 23.28 -60.95 10.26
C LYS J 251 24.34 -60.30 11.15
N VAL J 252 24.35 -60.67 12.43
CA VAL J 252 25.15 -59.94 13.41
C VAL J 252 26.63 -60.30 13.37
N ARG J 253 26.97 -61.58 13.23
CA ARG J 253 28.37 -61.99 13.31
C ARG J 253 29.14 -61.61 12.05
N SER J 254 28.51 -61.73 10.90
CA SER J 254 29.07 -61.26 9.64
C SER J 254 28.08 -60.29 9.04
N GLU J 255 28.48 -59.02 8.90
CA GLU J 255 27.58 -57.94 8.52
C GLU J 255 27.26 -58.01 7.03
N ARG J 256 26.49 -59.04 6.68
CA ARG J 256 26.14 -59.41 5.31
C ARG J 256 24.65 -59.61 5.18
N LEU J 257 23.89 -58.58 5.57
CA LEU J 257 22.42 -58.62 5.66
C LEU J 257 21.76 -59.10 4.37
N GLU J 258 20.74 -59.95 4.54
CA GLU J 258 20.18 -60.73 3.45
C GLU J 258 18.67 -60.79 3.52
N ALA J 259 18.06 -61.13 2.40
CA ALA J 259 16.62 -61.28 2.28
C ALA J 259 16.26 -62.72 1.95
N GLN J 260 15.27 -63.27 2.64
CA GLN J 260 14.70 -64.55 2.27
C GLN J 260 13.20 -64.44 2.13
N LEU J 261 12.65 -65.24 1.23
CA LEU J 261 11.22 -65.23 0.92
C LEU J 261 10.69 -66.64 1.19
N ARG J 262 9.90 -66.74 2.26
CA ARG J 262 9.11 -67.93 2.58
C ARG J 262 10.01 -69.16 2.78
N GLY J 263 11.09 -68.95 3.53
CA GLY J 263 12.07 -69.98 3.76
C GLY J 263 13.16 -70.09 2.70
N LYS J 264 13.02 -69.40 1.57
CA LYS J 264 13.98 -69.48 0.48
C LYS J 264 14.76 -68.18 0.39
N HIS J 265 16.08 -68.27 0.47
CA HIS J 265 16.93 -67.09 0.41
C HIS J 265 16.96 -66.53 -1.00
N ILE J 266 16.83 -65.20 -1.11
CA ILE J 266 16.70 -64.51 -2.39
C ILE J 266 17.76 -63.42 -2.47
N ARG J 267 17.82 -62.76 -3.62
CA ARG J 267 18.69 -61.60 -3.79
C ARG J 267 18.01 -60.36 -3.24
N LEU J 268 18.80 -59.34 -2.90
CA LEU J 268 18.25 -58.04 -2.52
C LEU J 268 19.27 -56.95 -2.79
N TYR J 269 18.78 -55.72 -2.83
CA TYR J 269 19.59 -54.55 -3.10
C TYR J 269 19.67 -53.69 -1.85
N VAL J 270 20.77 -52.96 -1.69
CA VAL J 270 20.94 -52.02 -0.59
C VAL J 270 21.32 -50.68 -1.19
N ALA J 271 20.57 -49.64 -0.81
CA ALA J 271 20.90 -48.28 -1.22
C ALA J 271 21.47 -47.45 -0.08
N ALA J 272 20.85 -47.52 1.09
CA ALA J 272 21.31 -46.79 2.27
C ALA J 272 21.15 -47.71 3.47
N GLU J 273 22.21 -48.38 3.86
CA GLU J 273 22.13 -49.30 4.98
C GLU J 273 22.09 -48.52 6.29
N PRO J 274 21.26 -48.92 7.24
CA PRO J 274 21.16 -48.16 8.48
C PRO J 274 22.27 -48.51 9.45
N LEU J 275 22.55 -47.56 10.33
CA LEU J 275 23.62 -47.71 11.32
C LEU J 275 23.16 -48.55 12.49
N ALA J 276 24.08 -49.33 13.06
CA ALA J 276 23.76 -50.30 14.11
C ALA J 276 24.82 -50.26 15.19
N TYR J 277 24.39 -50.34 16.45
CA TYR J 277 25.28 -50.28 17.61
C TYR J 277 24.82 -51.28 18.65
N GLU J 278 25.34 -51.13 19.88
CA GLU J 278 25.08 -52.09 20.96
C GLU J 278 23.61 -52.09 21.37
N ARG J 279 22.93 -50.97 21.19
CA ARG J 279 21.48 -50.96 21.16
C ARG J 279 21.05 -51.83 19.99
N ASP J 280 20.49 -53.01 20.28
CA ASP J 280 20.35 -54.04 19.27
C ASP J 280 19.26 -53.70 18.27
N LYS J 281 18.30 -52.88 18.65
CA LYS J 281 17.47 -52.24 17.65
C LYS J 281 18.26 -51.08 17.05
N LEU J 282 18.36 -51.07 15.73
CA LEU J 282 19.27 -50.18 15.03
C LEU J 282 18.50 -49.03 14.42
N LEU J 283 19.19 -47.90 14.24
CA LEU J 283 18.57 -46.64 13.86
C LEU J 283 18.81 -46.36 12.39
N PHE J 284 17.78 -45.86 11.72
CA PHE J 284 17.79 -45.72 10.27
C PHE J 284 18.23 -44.32 9.86
N THR J 285 18.92 -44.26 8.72
CA THR J 285 19.32 -43.00 8.12
C THR J 285 18.39 -42.58 7.00
N THR J 286 17.24 -43.22 6.88
CA THR J 286 16.35 -42.95 5.77
C THR J 286 15.63 -41.63 5.99
N PRO J 287 15.10 -41.01 4.92
CA PRO J 287 14.35 -39.76 5.10
C PRO J 287 13.07 -39.87 5.90
N VAL J 288 12.30 -40.96 5.75
CA VAL J 288 10.99 -40.99 6.40
C VAL J 288 11.12 -41.20 7.90
N ALA J 289 12.19 -41.86 8.35
CA ALA J 289 12.41 -42.02 9.78
C ALA J 289 12.81 -40.72 10.46
N HIS J 290 13.20 -39.70 9.70
CA HIS J 290 13.48 -38.40 10.29
C HIS J 290 12.22 -37.71 10.78
N LEU J 291 11.06 -38.08 10.22
CA LEU J 291 9.80 -37.44 10.58
C LEU J 291 8.72 -38.45 10.95
N HIS J 292 9.11 -39.64 11.38
CA HIS J 292 8.15 -40.63 11.84
C HIS J 292 7.44 -40.18 13.12
N GLU J 293 8.22 -39.72 14.10
CA GLU J 293 7.66 -39.41 15.41
C GLU J 293 6.72 -38.21 15.35
N GLU J 294 6.93 -37.30 14.40
CA GLU J 294 6.08 -36.12 14.34
C GLU J 294 4.71 -36.46 13.78
N ILE J 295 4.65 -37.29 12.75
CA ILE J 295 3.34 -37.68 12.27
C ILE J 295 2.67 -38.65 13.22
N LEU J 296 3.45 -39.37 14.03
CA LEU J 296 2.81 -40.21 15.04
C LEU J 296 2.24 -39.32 16.15
N ARG J 297 2.91 -38.21 16.45
CA ARG J 297 2.36 -37.21 17.36
C ARG J 297 1.11 -36.58 16.80
N TYR J 298 1.09 -36.33 15.49
CA TYR J 298 -0.09 -35.77 14.85
C TYR J 298 -1.25 -36.75 14.89
N ASP J 299 -0.97 -38.04 14.74
CA ASP J 299 -2.03 -39.03 14.79
C ASP J 299 -2.59 -39.15 16.20
N GLY J 300 -1.71 -39.11 17.20
CA GLY J 300 -2.16 -39.11 18.57
C GLY J 300 -2.98 -37.89 18.92
N LEU J 301 -2.60 -36.73 18.37
CA LEU J 301 -3.37 -35.52 18.62
C LEU J 301 -4.69 -35.53 17.87
N CYS J 302 -4.73 -36.12 16.68
CA CYS J 302 -5.98 -36.25 15.94
C CYS J 302 -6.97 -37.15 16.68
N ARG J 303 -6.51 -38.32 17.12
CA ARG J 303 -7.37 -39.22 17.87
C ARG J 303 -7.76 -38.61 19.20
N HIS J 304 -6.86 -37.84 19.81
CA HIS J 304 -7.15 -37.18 21.08
C HIS J 304 -8.23 -36.12 20.91
N GLN J 305 -8.13 -35.32 19.85
CA GLN J 305 -9.14 -34.32 19.54
C GLN J 305 -10.48 -34.97 19.29
N LYS J 306 -10.51 -36.08 18.55
CA LYS J 306 -11.75 -36.78 18.28
C LYS J 306 -12.37 -37.33 19.56
N ILE J 307 -11.55 -37.87 20.46
CA ILE J 307 -12.13 -38.54 21.62
C ILE J 307 -12.52 -37.51 22.68
N CYS J 308 -11.85 -36.37 22.76
CA CYS J 308 -12.31 -35.36 23.70
C CYS J 308 -13.51 -34.61 23.16
N GLN J 309 -13.58 -34.43 21.83
CA GLN J 309 -14.74 -33.80 21.22
C GLN J 309 -15.96 -34.67 21.35
N LEU J 310 -15.78 -35.99 21.27
CA LEU J 310 -16.88 -36.92 21.45
C LEU J 310 -17.16 -37.25 22.91
N LEU J 311 -16.49 -36.57 23.83
CA LEU J 311 -16.74 -36.82 25.25
C LEU J 311 -17.65 -35.78 25.88
N ASN J 312 -17.44 -34.50 25.60
CA ASN J 312 -18.22 -33.43 26.22
C ASN J 312 -19.35 -32.95 25.33
N THR J 313 -20.00 -33.87 24.61
CA THR J 313 -21.04 -33.49 23.67
C THR J 313 -22.25 -32.93 24.38
N PHE J 314 -22.60 -33.50 25.53
CA PHE J 314 -23.79 -33.09 26.24
C PHE J 314 -23.59 -31.71 26.87
N PRO J 315 -24.62 -30.87 26.86
CA PRO J 315 -24.45 -29.49 27.32
C PRO J 315 -24.17 -29.33 28.80
N VAL J 316 -24.77 -30.15 29.64
CA VAL J 316 -24.62 -30.00 31.08
C VAL J 316 -24.15 -31.30 31.70
N LYS J 317 -23.32 -31.16 32.74
CA LYS J 317 -22.80 -32.28 33.49
C LYS J 317 -23.00 -31.98 34.97
N VAL J 318 -23.38 -32.99 35.75
CA VAL J 318 -23.49 -32.86 37.20
C VAL J 318 -22.64 -33.94 37.83
N VAL J 319 -22.37 -33.79 39.12
CA VAL J 319 -21.69 -34.82 39.91
C VAL J 319 -22.56 -35.15 41.09
N THR J 320 -22.41 -36.37 41.61
CA THR J 320 -23.14 -36.81 42.80
C THR J 320 -22.44 -37.99 43.44
N ASP J 488 -25.00 -42.12 7.43
CA ASP J 488 -26.27 -42.15 8.16
C ASP J 488 -26.87 -40.75 8.22
N ALA J 489 -27.64 -40.40 7.20
CA ALA J 489 -28.21 -39.07 7.05
C ALA J 489 -29.63 -38.98 7.61
N GLU J 490 -29.89 -39.73 8.69
CA GLU J 490 -31.24 -39.79 9.25
C GLU J 490 -31.69 -38.46 9.86
N LEU J 491 -30.75 -37.66 10.35
CA LEU J 491 -31.13 -36.41 11.01
C LEU J 491 -31.55 -35.35 10.02
N TYR J 492 -30.87 -35.27 8.87
CA TYR J 492 -31.11 -34.21 7.91
C TYR J 492 -32.48 -34.33 7.23
N HIS J 493 -32.88 -35.56 6.89
CA HIS J 493 -34.12 -35.75 6.14
C HIS J 493 -35.34 -35.47 7.00
N LEU J 494 -35.27 -35.78 8.28
CA LEU J 494 -36.42 -35.59 9.15
C LEU J 494 -36.58 -34.11 9.48
N PRO J 495 -37.79 -33.66 9.80
CA PRO J 495 -37.96 -32.29 10.30
C PRO J 495 -37.41 -32.14 11.71
N VAL J 496 -37.42 -30.90 12.19
CA VAL J 496 -36.79 -30.56 13.47
C VAL J 496 -37.54 -31.19 14.65
N LEU J 497 -38.84 -31.43 14.52
CA LEU J 497 -39.60 -31.86 15.68
C LEU J 497 -39.45 -33.34 15.98
N GLU J 498 -39.14 -34.15 14.97
CA GLU J 498 -38.78 -35.53 15.23
C GLU J 498 -37.30 -35.66 15.56
N ALA J 499 -36.47 -34.77 15.01
CA ALA J 499 -35.04 -34.78 15.30
C ALA J 499 -34.77 -34.41 16.75
N VAL J 500 -35.55 -33.48 17.30
CA VAL J 500 -35.35 -33.08 18.69
C VAL J 500 -35.86 -34.17 19.61
N ARG J 501 -36.78 -35.01 19.14
CA ARG J 501 -37.18 -36.17 19.91
C ARG J 501 -36.10 -37.25 19.88
N LYS J 502 -35.50 -37.46 18.71
CA LYS J 502 -34.52 -38.53 18.57
C LYS J 502 -33.16 -38.18 19.15
N ALA J 503 -32.79 -36.90 19.20
CA ALA J 503 -31.47 -36.53 19.68
C ALA J 503 -31.34 -36.64 21.19
N ARG J 504 -32.41 -36.31 21.92
CA ARG J 504 -32.40 -36.47 23.37
C ARG J 504 -32.25 -37.93 23.78
N ASP J 505 -33.06 -38.80 23.19
CA ASP J 505 -32.97 -40.23 23.44
C ASP J 505 -31.74 -40.87 22.82
N ALA J 506 -31.10 -40.18 21.87
CA ALA J 506 -29.95 -40.73 21.18
C ALA J 506 -28.68 -40.67 22.02
N ALA J 507 -28.38 -39.51 22.58
CA ALA J 507 -27.26 -39.35 23.51
C ALA J 507 -27.89 -39.05 24.85
N PRO J 508 -28.04 -40.05 25.71
CA PRO J 508 -28.70 -39.82 27.00
C PRO J 508 -27.81 -39.07 27.96
N PHE J 509 -28.45 -38.35 28.87
CA PHE J 509 -27.77 -37.73 30.00
C PHE J 509 -27.22 -38.84 30.88
N ARG J 510 -25.96 -38.71 31.28
CA ARG J 510 -25.35 -39.70 32.16
C ARG J 510 -24.59 -39.01 33.27
N PRO J 511 -25.01 -39.15 34.52
CA PRO J 511 -24.22 -38.59 35.64
C PRO J 511 -23.01 -39.42 35.96
N LEU J 512 -22.33 -39.06 37.04
CA LEU J 512 -21.18 -39.83 37.51
C LEU J 512 -21.10 -39.67 39.01
N ALA J 513 -20.78 -40.77 39.71
CA ALA J 513 -20.91 -40.78 41.15
C ALA J 513 -20.04 -41.89 41.74
N VAL J 514 -19.29 -41.53 42.79
CA VAL J 514 -18.58 -42.49 43.63
C VAL J 514 -18.94 -42.18 45.08
N GLU J 515 -19.18 -43.23 45.87
CA GLU J 515 -19.59 -43.05 47.26
C GLU J 515 -18.39 -42.67 48.12
N ASP J 516 -18.57 -41.70 49.01
CA ASP J 516 -17.60 -41.34 50.02
C ASP J 516 -18.29 -40.62 51.16
N ASN J 517 -18.10 -41.12 52.38
CA ASN J 517 -18.80 -40.62 53.55
C ASN J 517 -17.95 -39.58 54.27
N ARG J 518 -18.58 -38.48 54.68
CA ARG J 518 -18.00 -37.32 55.37
C ARG J 518 -16.83 -36.69 54.62
N LEU J 519 -16.76 -36.91 53.30
CA LEU J 519 -15.82 -36.23 52.41
C LEU J 519 -16.60 -35.88 51.17
N VAL J 520 -16.95 -34.61 51.03
CA VAL J 520 -17.95 -34.17 50.07
C VAL J 520 -17.25 -33.59 48.85
N ALA J 521 -18.05 -33.28 47.83
CA ALA J 521 -17.50 -32.90 46.54
C ALA J 521 -17.13 -31.42 46.50
N ASN J 522 -15.98 -31.14 45.88
CA ASN J 522 -15.65 -29.79 45.44
C ASN J 522 -15.11 -29.87 44.02
N SER J 523 -15.87 -29.35 43.07
CA SER J 523 -15.73 -29.69 41.67
C SER J 523 -14.94 -28.65 40.90
N PHE J 524 -14.47 -29.06 39.72
CA PHE J 524 -13.89 -28.16 38.75
C PHE J 524 -14.27 -28.65 37.36
N PHE J 525 -13.96 -27.83 36.37
CA PHE J 525 -14.48 -28.01 35.03
C PHE J 525 -13.52 -27.46 34.00
N SER J 526 -13.38 -28.17 32.89
CA SER J 526 -12.51 -27.78 31.78
C SER J 526 -13.26 -28.01 30.48
N GLN J 527 -13.20 -27.03 29.60
CA GLN J 527 -13.70 -27.18 28.23
C GLN J 527 -12.61 -26.68 27.29
N PHE J 528 -11.96 -27.62 26.61
CA PHE J 528 -10.98 -27.23 25.62
C PHE J 528 -10.88 -28.32 24.57
N VAL J 529 -10.54 -27.90 23.36
CA VAL J 529 -10.17 -28.80 22.28
C VAL J 529 -8.73 -28.46 21.92
N PRO J 530 -7.93 -29.41 21.45
CA PRO J 530 -6.57 -29.07 21.02
C PRO J 530 -6.57 -28.48 19.61
N GLY J 531 -5.76 -27.44 19.43
CA GLY J 531 -5.70 -26.79 18.14
C GLY J 531 -4.90 -27.61 17.15
N THR J 532 -5.58 -28.26 16.22
CA THR J 532 -4.90 -29.18 15.31
C THR J 532 -4.20 -28.44 14.19
N GLU J 533 -4.69 -27.24 13.85
CA GLU J 533 -4.28 -26.58 12.62
C GLU J 533 -2.86 -26.03 12.69
N SER J 534 -2.42 -25.58 13.87
CA SER J 534 -1.08 -25.01 14.00
C SER J 534 -0.01 -26.06 13.71
N LEU J 535 -0.04 -27.18 14.44
CA LEU J 535 0.94 -28.22 14.18
C LEU J 535 0.64 -28.98 12.90
N GLU J 536 -0.57 -28.89 12.36
CA GLU J 536 -0.83 -29.42 11.02
C GLU J 536 -0.04 -28.65 9.98
N ARG J 537 -0.11 -27.32 10.04
CA ARG J 537 0.67 -26.48 9.12
C ARG J 537 2.16 -26.70 9.34
N PHE J 538 2.55 -26.90 10.60
CA PHE J 538 3.93 -27.22 10.93
C PHE J 538 4.38 -28.52 10.26
N LEU J 539 3.53 -29.55 10.31
CA LEU J 539 3.88 -30.83 9.73
C LEU J 539 3.89 -30.79 8.20
N THR J 540 3.02 -29.98 7.61
CA THR J 540 3.04 -29.88 6.15
C THR J 540 4.28 -29.15 5.67
N GLN J 541 4.69 -28.10 6.40
CA GLN J 541 5.95 -27.43 6.08
C GLN J 541 7.13 -28.35 6.29
N LEU J 542 7.06 -29.19 7.34
CA LEU J 542 8.05 -30.24 7.57
C LEU J 542 8.18 -31.18 6.38
N TRP J 543 7.04 -31.70 5.91
CA TRP J 543 7.05 -32.63 4.79
C TRP J 543 7.58 -31.98 3.53
N GLU J 544 7.17 -30.72 3.30
CA GLU J 544 7.51 -30.03 2.06
C GLU J 544 9.00 -29.73 1.98
N ASN J 545 9.56 -29.12 3.03
CA ASN J 545 10.98 -28.83 2.93
C ASN J 545 11.84 -30.06 3.11
N GLU J 546 11.33 -31.11 3.79
CA GLU J 546 12.12 -32.33 3.94
C GLU J 546 12.27 -33.05 2.61
N TYR J 547 11.15 -33.28 1.91
CA TYR J 547 11.25 -33.86 0.57
C TYR J 547 11.96 -32.94 -0.41
N PHE J 548 11.91 -31.62 -0.20
CA PHE J 548 12.63 -30.73 -1.11
C PHE J 548 14.13 -30.86 -0.92
N ARG J 549 14.61 -30.98 0.31
CA ARG J 549 16.05 -31.08 0.48
C ARG J 549 16.57 -32.46 0.13
N THR J 550 15.82 -33.55 0.41
CA THR J 550 16.42 -34.85 0.13
C THR J 550 16.42 -35.20 -1.36
N PHE J 551 15.42 -34.76 -2.11
CA PHE J 551 15.42 -34.85 -3.56
C PHE J 551 15.03 -33.49 -4.08
N ARG J 552 15.90 -32.87 -4.88
CA ARG J 552 15.76 -31.45 -5.21
C ARG J 552 14.63 -31.27 -6.22
N LEU J 553 13.41 -31.33 -5.72
CA LEU J 553 12.22 -31.20 -6.54
C LEU J 553 12.01 -29.74 -6.92
N ARG J 554 11.81 -29.48 -8.20
CA ARG J 554 11.57 -28.13 -8.66
C ARG J 554 10.11 -27.73 -8.48
N ARG J 555 9.85 -26.42 -8.54
CA ARG J 555 8.50 -25.86 -8.52
C ARG J 555 8.40 -24.87 -9.66
N LEU J 556 8.04 -25.36 -10.85
CA LEU J 556 7.77 -24.44 -11.94
C LEU J 556 6.34 -23.94 -11.84
N VAL J 557 6.19 -22.61 -11.78
CA VAL J 557 4.88 -21.98 -11.67
C VAL J 557 4.84 -20.80 -12.61
N THR J 558 3.67 -20.20 -12.75
CA THR J 558 3.58 -18.92 -13.43
C THR J 558 3.92 -17.79 -12.45
N HIS J 559 3.94 -16.57 -12.97
CA HIS J 559 4.10 -15.41 -12.11
C HIS J 559 2.84 -15.22 -11.28
N GLN J 560 3.06 -14.79 -10.03
CA GLN J 560 2.18 -14.90 -8.86
C GLN J 560 1.46 -16.25 -8.79
N GLY J 561 2.17 -17.33 -9.12
CA GLY J 561 1.58 -18.65 -9.17
C GLY J 561 2.07 -19.51 -8.02
N ALA J 562 1.13 -20.25 -7.43
CA ALA J 562 1.44 -21.08 -6.28
C ALA J 562 1.19 -22.55 -6.63
N GLU J 563 2.26 -23.36 -6.58
CA GLU J 563 2.30 -24.83 -6.73
C GLU J 563 1.46 -25.35 -7.90
N GLU J 564 1.84 -24.89 -9.10
CA GLU J 564 1.16 -25.37 -10.30
C GLU J 564 1.60 -26.78 -10.65
N ALA J 565 2.90 -27.06 -10.59
CA ALA J 565 3.40 -28.37 -10.97
C ALA J 565 4.72 -28.64 -10.26
N ILE J 566 4.88 -29.87 -9.80
CA ILE J 566 6.12 -30.32 -9.18
C ILE J 566 6.62 -31.51 -10.00
N VAL J 567 7.93 -31.55 -10.28
CA VAL J 567 8.47 -32.54 -11.19
C VAL J 567 9.91 -32.85 -10.81
N TYR J 568 10.39 -34.03 -11.21
CA TYR J 568 11.76 -34.48 -10.98
C TYR J 568 12.77 -33.54 -11.64
N SER J 569 13.87 -33.30 -10.95
CA SER J 569 14.99 -32.56 -11.50
C SER J 569 16.19 -33.48 -11.68
N ASN J 570 17.33 -32.86 -11.98
CA ASN J 570 18.52 -33.60 -12.41
C ASN J 570 19.08 -34.45 -11.29
N TYR J 571 19.08 -33.95 -10.06
CA TYR J 571 19.61 -34.72 -8.95
C TYR J 571 18.68 -35.86 -8.57
N THR J 572 17.38 -35.64 -8.72
CA THR J 572 16.38 -36.62 -8.27
C THR J 572 16.45 -37.89 -9.07
N VAL J 573 16.55 -37.77 -10.39
CA VAL J 573 16.63 -38.96 -11.24
C VAL J 573 17.94 -39.70 -11.00
N GLU J 574 19.02 -38.98 -10.73
CA GLU J 574 20.30 -39.62 -10.44
C GLU J 574 20.23 -40.36 -9.12
N ARG J 575 19.43 -39.88 -8.17
CA ARG J 575 19.35 -40.61 -6.91
C ARG J 575 18.39 -41.79 -6.97
N VAL J 576 17.27 -41.70 -7.69
CA VAL J 576 16.22 -42.71 -7.55
C VAL J 576 16.06 -43.57 -8.82
N THR J 577 16.27 -43.02 -10.01
CA THR J 577 15.95 -43.79 -11.21
C THR J 577 17.11 -44.66 -11.67
N LEU J 578 18.29 -44.08 -11.77
CA LEU J 578 19.45 -44.83 -12.21
C LEU J 578 19.92 -45.93 -11.25
N PRO J 579 19.67 -45.90 -9.93
CA PRO J 579 19.85 -47.13 -9.17
C PRO J 579 18.89 -48.24 -9.56
N TYR J 580 17.66 -47.89 -9.94
CA TYR J 580 16.72 -48.91 -10.42
C TYR J 580 17.24 -49.54 -11.70
N LEU J 581 17.76 -48.72 -12.60
CA LEU J 581 18.31 -49.28 -13.84
C LEU J 581 19.66 -49.92 -13.62
N CYS J 582 20.34 -49.57 -12.51
CA CYS J 582 21.58 -50.25 -12.15
C CYS J 582 21.33 -51.68 -11.72
N HIS J 583 20.35 -51.89 -10.84
CA HIS J 583 20.04 -53.26 -10.48
C HIS J 583 19.22 -53.99 -11.55
N ILE J 584 18.55 -53.25 -12.44
CA ILE J 584 17.95 -53.85 -13.64
C ILE J 584 18.99 -54.44 -14.59
N LEU J 585 20.21 -53.88 -14.58
CA LEU J 585 21.33 -54.29 -15.43
C LEU J 585 21.02 -54.13 -16.92
N ALA J 586 20.19 -53.15 -17.26
CA ALA J 586 20.20 -52.63 -18.61
C ALA J 586 20.96 -51.31 -18.71
N LEU J 587 21.57 -50.87 -17.61
CA LEU J 587 22.13 -49.54 -17.46
C LEU J 587 23.33 -49.27 -18.36
N GLY J 588 23.97 -50.31 -18.90
CA GLY J 588 25.20 -50.14 -19.66
C GLY J 588 25.04 -49.46 -20.99
N THR J 589 23.81 -49.28 -21.48
CA THR J 589 23.59 -48.70 -22.80
C THR J 589 22.71 -47.46 -22.79
N LEU J 590 22.20 -47.04 -21.64
CA LEU J 590 21.22 -45.96 -21.61
C LEU J 590 21.83 -44.69 -21.03
N ASP J 591 20.98 -43.68 -20.86
CA ASP J 591 21.40 -42.34 -20.53
C ASP J 591 20.24 -41.66 -19.82
N PRO J 592 20.49 -40.95 -18.73
CA PRO J 592 19.41 -40.27 -18.01
C PRO J 592 18.82 -39.12 -18.80
N VAL J 593 17.54 -38.86 -18.57
CA VAL J 593 16.76 -37.91 -19.35
C VAL J 593 16.96 -36.51 -18.76
N PRO J 594 16.99 -35.45 -19.58
CA PRO J 594 16.87 -34.10 -19.05
C PRO J 594 15.53 -33.90 -18.35
N GLU J 595 15.53 -32.95 -17.41
CA GLU J 595 14.39 -32.79 -16.51
C GLU J 595 13.21 -32.14 -17.21
N ALA J 596 13.45 -31.11 -18.01
CA ALA J 596 12.37 -30.51 -18.80
C ALA J 596 11.89 -31.44 -19.90
N TYR J 597 12.73 -32.37 -20.34
CA TYR J 597 12.31 -33.39 -21.29
C TYR J 597 11.33 -34.37 -20.65
N LEU J 598 11.41 -34.54 -19.33
CA LEU J 598 10.51 -35.47 -18.65
C LEU J 598 9.09 -34.96 -18.62
N GLN J 599 8.91 -33.63 -18.59
CA GLN J 599 7.57 -33.05 -18.57
C GLN J 599 6.83 -33.25 -19.89
N LEU J 600 7.55 -33.43 -20.99
CA LEU J 600 6.99 -33.45 -22.33
C LEU J 600 6.19 -34.73 -22.58
N SER J 601 5.68 -34.85 -23.80
CA SER J 601 4.73 -35.89 -24.14
C SER J 601 5.41 -37.25 -24.27
N PHE J 602 4.55 -38.27 -24.35
CA PHE J 602 5.02 -39.64 -24.59
C PHE J 602 5.49 -39.79 -26.02
N GLY J 603 4.98 -38.97 -26.93
CA GLY J 603 5.33 -39.08 -28.33
C GLY J 603 6.26 -37.98 -28.80
N GLU J 604 6.15 -36.80 -28.21
CA GLU J 604 6.97 -35.66 -28.62
C GLU J 604 8.41 -35.80 -28.15
N ILE J 605 8.66 -36.68 -27.18
CA ILE J 605 9.97 -36.82 -26.56
C ILE J 605 11.02 -37.33 -27.56
N VAL J 606 10.63 -38.17 -28.51
CA VAL J 606 11.60 -38.74 -29.42
C VAL J 606 12.05 -37.72 -30.45
N ALA J 607 11.20 -36.74 -30.76
CA ALA J 607 11.56 -35.72 -31.73
C ALA J 607 12.68 -34.83 -31.22
N ALA J 608 12.63 -34.48 -29.93
CA ALA J 608 13.75 -33.80 -29.32
C ALA J 608 14.89 -34.75 -29.00
N ALA J 609 14.61 -36.05 -28.86
CA ALA J 609 15.65 -37.00 -28.51
C ALA J 609 16.63 -37.21 -29.65
N TYR J 610 16.12 -37.35 -30.88
CA TYR J 610 17.12 -37.37 -31.96
C TYR J 610 17.55 -35.98 -32.37
N ASP J 611 16.83 -34.93 -31.97
CA ASP J 611 17.33 -33.58 -32.20
C ASP J 611 18.57 -33.30 -31.38
N ASP J 612 18.65 -33.89 -30.18
CA ASP J 612 19.91 -33.88 -29.44
C ASP J 612 20.97 -34.70 -30.17
N SER J 613 20.57 -35.79 -30.84
CA SER J 613 21.50 -36.64 -31.54
C SER J 613 21.98 -35.98 -32.83
N LYS J 614 22.93 -36.64 -33.48
CA LYS J 614 23.49 -36.18 -34.75
C LYS J 614 22.67 -36.64 -35.94
N PHE J 615 21.47 -37.15 -35.71
CA PHE J 615 20.65 -37.67 -36.79
C PHE J 615 20.15 -36.53 -37.69
N CYS J 616 19.46 -35.56 -37.12
CA CYS J 616 19.05 -34.40 -37.90
C CYS J 616 20.17 -33.38 -38.05
N ARG J 617 21.24 -33.51 -37.26
CA ARG J 617 22.41 -32.67 -37.47
C ARG J 617 23.18 -33.05 -38.74
N TYR J 618 23.07 -34.30 -39.17
CA TYR J 618 23.67 -34.69 -40.44
C TYR J 618 22.74 -34.39 -41.61
N VAL J 619 21.46 -34.19 -41.34
CA VAL J 619 20.55 -33.66 -42.35
C VAL J 619 20.94 -32.24 -42.70
N GLU J 620 21.48 -31.48 -41.74
CA GLU J 620 22.09 -30.19 -42.04
C GLU J 620 23.26 -30.34 -43.01
N LEU J 621 24.09 -31.38 -42.80
CA LEU J 621 25.23 -31.59 -43.67
C LEU J 621 24.78 -31.99 -45.08
N ILE J 622 23.75 -32.84 -45.17
CA ILE J 622 23.32 -33.28 -46.50
C ILE J 622 22.54 -32.20 -47.23
N CYS J 623 21.81 -31.32 -46.53
CA CYS J 623 21.12 -30.26 -47.28
C CYS J 623 22.10 -29.17 -47.67
N SER J 624 23.12 -28.90 -46.84
CA SER J 624 24.16 -27.98 -47.26
C SER J 624 24.96 -28.56 -48.43
N ARG J 625 25.16 -29.88 -48.45
CA ARG J 625 25.87 -30.49 -49.57
C ARG J 625 25.04 -30.45 -50.85
N GLU J 626 23.73 -30.69 -50.74
CA GLU J 626 22.86 -30.62 -51.91
C GLU J 626 22.75 -29.20 -52.45
N LYS J 627 22.61 -28.21 -51.56
CA LYS J 627 22.53 -26.83 -52.01
C LYS J 627 23.87 -26.33 -52.53
N ALA J 628 24.99 -26.87 -52.03
CA ALA J 628 26.29 -26.47 -52.57
C ALA J 628 26.54 -27.11 -53.93
N ARG J 629 26.16 -28.38 -54.08
CA ARG J 629 26.31 -29.10 -55.33
C ARG J 629 25.43 -28.52 -56.43
N ARG J 630 24.29 -27.93 -56.05
CA ARG J 630 23.46 -27.27 -57.05
C ARG J 630 23.78 -25.80 -57.23
N ARG J 631 24.39 -25.14 -56.23
CA ARG J 631 24.83 -23.77 -56.43
C ARG J 631 26.06 -23.73 -57.33
N GLN J 632 26.91 -24.75 -57.25
CA GLN J 632 27.96 -24.91 -58.25
C GLN J 632 27.40 -25.30 -59.60
N MET J 633 26.24 -25.98 -59.63
CA MET J 633 25.59 -26.29 -60.89
C MET J 633 25.03 -25.02 -61.53
N SER J 634 24.59 -24.06 -60.72
CA SER J 634 24.15 -22.79 -61.26
C SER J 634 25.32 -21.84 -61.49
N ARG J 635 26.14 -21.62 -60.47
CA ARG J 635 27.24 -20.66 -60.55
C ARG J 635 28.59 -21.35 -60.38
N ASP K 52 -70.06 -30.43 -13.34
CA ASP K 52 -68.98 -30.04 -12.44
C ASP K 52 -67.74 -30.90 -12.65
N GLU K 53 -66.60 -30.25 -12.85
CA GLU K 53 -65.35 -30.93 -13.16
C GLU K 53 -64.27 -30.47 -12.18
N ALA K 54 -63.40 -31.40 -11.78
CA ALA K 54 -62.28 -31.09 -10.92
C ALA K 54 -61.09 -30.65 -11.77
N VAL K 55 -60.56 -29.46 -11.49
CA VAL K 55 -59.48 -28.86 -12.26
C VAL K 55 -58.57 -28.12 -11.28
N ILE K 56 -57.28 -28.42 -11.31
CA ILE K 56 -56.34 -27.80 -10.38
C ILE K 56 -56.08 -26.35 -10.80
N ASP K 57 -56.18 -25.43 -9.85
CA ASP K 57 -56.07 -24.01 -10.10
C ASP K 57 -54.71 -23.47 -9.67
N ILE K 58 -54.36 -22.31 -10.23
CA ILE K 58 -53.07 -21.71 -9.91
C ILE K 58 -53.18 -20.27 -9.43
N PHE K 59 -54.19 -19.54 -9.88
CA PHE K 59 -54.14 -18.12 -9.61
C PHE K 59 -54.47 -17.70 -8.19
N PRO K 60 -55.71 -17.90 -7.65
CA PRO K 60 -56.12 -17.16 -6.46
C PRO K 60 -55.77 -17.87 -5.15
N THR K 61 -54.54 -18.36 -5.06
CA THR K 61 -54.05 -18.98 -3.84
C THR K 61 -53.02 -18.10 -3.19
N GLY K 62 -52.67 -18.45 -1.94
CA GLY K 62 -51.75 -17.62 -1.17
C GLY K 62 -50.36 -17.56 -1.74
N GLN K 63 -49.86 -18.69 -2.25
CA GLN K 63 -48.53 -18.76 -2.85
C GLN K 63 -48.39 -17.89 -4.08
N THR K 64 -49.47 -17.61 -4.79
CA THR K 64 -49.40 -16.84 -6.02
C THR K 64 -49.98 -15.44 -5.90
N MET K 65 -51.04 -15.25 -5.10
CA MET K 65 -51.47 -13.89 -4.84
C MET K 65 -50.46 -13.17 -3.96
N SER K 66 -49.71 -13.91 -3.15
CA SER K 66 -48.60 -13.32 -2.43
C SER K 66 -47.49 -12.84 -3.36
N PHE K 67 -47.38 -13.42 -4.56
CA PHE K 67 -46.26 -13.13 -5.44
C PHE K 67 -46.31 -11.71 -5.98
N LEU K 68 -47.49 -11.24 -6.39
CA LEU K 68 -47.59 -9.87 -6.86
C LEU K 68 -47.50 -8.87 -5.71
N ARG K 69 -47.70 -9.32 -4.48
CA ARG K 69 -47.52 -8.43 -3.34
C ARG K 69 -46.05 -8.29 -2.99
N LEU K 70 -45.31 -9.40 -3.00
CA LEU K 70 -43.88 -9.32 -2.69
C LEU K 70 -43.09 -8.68 -3.82
N LEU K 71 -43.50 -8.92 -5.06
CA LEU K 71 -42.76 -8.39 -6.19
C LEU K 71 -42.94 -6.88 -6.28
N HIS K 72 -44.11 -6.38 -5.89
CA HIS K 72 -44.32 -4.95 -5.73
C HIS K 72 -44.16 -4.51 -4.28
N GLY K 73 -43.56 -5.34 -3.45
CA GLY K 73 -43.05 -4.89 -2.17
C GLY K 73 -44.08 -4.63 -1.11
N PHE K 74 -45.23 -5.28 -1.16
CA PHE K 74 -46.21 -5.13 -0.09
C PHE K 74 -45.71 -5.78 1.19
N LEU K 75 -44.90 -6.83 1.07
CA LEU K 75 -44.32 -7.51 2.21
C LEU K 75 -42.79 -7.45 2.19
N GLY K 76 -42.17 -7.87 1.09
CA GLY K 76 -40.73 -8.01 1.08
C GLY K 76 -40.02 -6.94 0.27
N THR K 77 -38.84 -6.57 0.75
CA THR K 77 -38.10 -5.45 0.17
C THR K 77 -36.64 -5.50 0.59
N CYS K 78 -35.78 -5.01 -0.28
CA CYS K 78 -34.33 -4.96 -0.11
C CYS K 78 -33.79 -4.06 -1.19
N ARG K 79 -32.46 -4.04 -1.33
CA ARG K 79 -31.84 -3.24 -2.39
C ARG K 79 -31.95 -3.88 -3.76
N GLY K 80 -32.59 -5.04 -3.89
CA GLY K 80 -32.67 -5.69 -5.17
C GLY K 80 -33.90 -5.38 -5.98
N GLN K 81 -34.98 -4.91 -5.32
CA GLN K 81 -36.28 -4.78 -5.97
C GLN K 81 -36.26 -3.74 -7.08
N SER K 82 -35.30 -2.82 -7.04
CA SER K 82 -35.13 -1.83 -8.10
C SER K 82 -34.71 -2.46 -9.43
N MET K 83 -34.09 -3.63 -9.41
CA MET K 83 -33.77 -4.27 -10.68
C MET K 83 -35.00 -4.87 -11.33
N HIS K 84 -36.03 -5.15 -10.54
CA HIS K 84 -37.30 -5.47 -11.17
C HIS K 84 -37.92 -4.23 -11.79
N GLN K 85 -37.67 -3.07 -11.17
CA GLN K 85 -38.17 -1.81 -11.72
C GLN K 85 -37.46 -1.44 -13.01
N VAL K 86 -36.17 -1.77 -13.12
CA VAL K 86 -35.48 -1.52 -14.38
C VAL K 86 -35.86 -2.55 -15.43
N LEU K 87 -36.52 -3.63 -15.03
CA LEU K 87 -37.01 -4.60 -16.00
C LEU K 87 -38.39 -4.25 -16.54
N ARG K 88 -39.20 -3.49 -15.81
CA ARG K 88 -40.56 -3.19 -16.22
C ARG K 88 -40.66 -1.80 -16.80
N ASP K 89 -39.58 -1.30 -17.35
CA ASP K 89 -39.55 0.02 -17.96
C ASP K 89 -40.31 0.03 -19.27
N PRO K 90 -41.45 0.72 -19.38
CA PRO K 90 -42.29 0.59 -20.57
C PRO K 90 -41.78 1.34 -21.79
N CYS K 91 -40.79 2.21 -21.63
CA CYS K 91 -40.34 2.99 -22.76
C CYS K 91 -39.49 2.17 -23.73
N VAL K 92 -38.92 1.05 -23.28
CA VAL K 92 -38.18 0.19 -24.20
C VAL K 92 -39.11 -0.48 -25.19
N LEU K 93 -40.39 -0.66 -24.82
CA LEU K 93 -41.40 -1.13 -25.74
C LEU K 93 -41.60 -0.15 -26.89
N ARG K 94 -41.83 1.12 -26.56
CA ARG K 94 -42.08 2.09 -27.61
C ARG K 94 -40.83 2.34 -28.45
N LYS K 95 -39.65 2.24 -27.83
CA LYS K 95 -38.41 2.43 -28.58
C LYS K 95 -38.19 1.28 -29.55
N GLN K 96 -38.40 0.04 -29.09
CA GLN K 96 -38.21 -1.11 -29.95
C GLN K 96 -39.23 -1.14 -31.08
N LEU K 97 -40.48 -0.78 -30.79
CA LEU K 97 -41.50 -0.83 -31.83
C LEU K 97 -41.28 0.27 -32.85
N LEU K 98 -40.85 1.46 -32.42
CA LEU K 98 -40.59 2.51 -33.40
C LEU K 98 -39.36 2.17 -34.22
N TYR K 99 -38.37 1.50 -33.61
CA TYR K 99 -37.21 1.04 -34.36
C TYR K 99 -37.60 0.02 -35.41
N GLY K 100 -38.48 -0.90 -35.05
CA GLY K 100 -38.94 -1.90 -36.00
C GLY K 100 -39.71 -1.30 -37.16
N VAL K 101 -40.62 -0.35 -36.85
CA VAL K 101 -41.40 0.20 -37.94
C VAL K 101 -40.57 1.13 -38.80
N CYS K 102 -39.57 1.83 -38.23
CA CYS K 102 -38.80 2.72 -39.08
C CYS K 102 -37.78 1.96 -39.90
N LYS K 103 -37.26 0.83 -39.37
CA LYS K 103 -36.43 -0.04 -40.17
C LYS K 103 -37.24 -0.67 -41.30
N THR K 104 -38.52 -0.95 -41.05
CA THR K 104 -39.37 -1.40 -42.14
C THR K 104 -39.65 -0.28 -43.13
N LEU K 105 -39.69 0.97 -42.66
CA LEU K 105 -39.98 2.10 -43.54
C LEU K 105 -38.81 2.38 -44.47
N PHE K 106 -37.62 2.60 -43.92
CA PHE K 106 -36.62 3.39 -44.61
C PHE K 106 -35.96 2.64 -45.76
N ASP K 107 -36.00 1.32 -45.76
CA ASP K 107 -35.28 0.55 -46.76
C ASP K 107 -36.05 0.38 -48.07
N THR K 108 -37.25 0.97 -48.19
CA THR K 108 -38.13 0.63 -49.30
C THR K 108 -37.71 1.29 -50.61
N ILE K 109 -37.50 2.60 -50.61
CA ILE K 109 -37.38 3.35 -51.86
C ILE K 109 -35.99 4.00 -51.87
N THR K 110 -35.02 3.27 -51.30
CA THR K 110 -33.65 3.76 -51.17
C THR K 110 -32.98 4.00 -52.53
N VAL K 111 -33.32 3.20 -53.54
CA VAL K 111 -32.48 3.11 -54.72
C VAL K 111 -32.90 4.10 -55.80
N ARG K 112 -34.18 4.49 -55.83
CA ARG K 112 -34.64 5.27 -56.97
C ARG K 112 -34.93 6.72 -56.60
N ARG K 113 -35.59 6.94 -55.45
CA ARG K 113 -36.13 8.26 -55.12
C ARG K 113 -35.06 9.29 -54.82
N VAL K 114 -33.85 8.85 -54.46
CA VAL K 114 -32.79 9.81 -54.16
C VAL K 114 -32.34 10.53 -55.44
N ALA K 115 -32.22 9.79 -56.54
CA ALA K 115 -31.86 10.42 -57.81
C ALA K 115 -33.01 11.24 -58.36
N GLU K 116 -34.25 10.86 -58.01
CA GLU K 116 -35.40 11.61 -58.50
C GLU K 116 -35.57 12.91 -57.73
N GLU K 117 -35.28 12.92 -56.43
CA GLU K 117 -35.46 14.14 -55.65
C GLU K 117 -34.18 14.94 -55.59
N TRP K 118 -33.11 14.45 -56.23
CA TRP K 118 -31.99 15.31 -56.55
C TRP K 118 -32.37 16.44 -57.49
N LYS K 119 -33.36 16.19 -58.36
CA LYS K 119 -33.72 17.12 -59.42
C LYS K 119 -34.32 18.42 -58.89
N LEU K 120 -35.18 18.32 -57.87
CA LEU K 120 -35.84 19.53 -57.37
C LEU K 120 -34.87 20.39 -56.57
N HIS K 121 -34.01 19.76 -55.77
CA HIS K 121 -33.04 20.53 -54.99
C HIS K 121 -31.84 20.94 -55.83
N ALA K 122 -31.74 20.42 -57.06
CA ALA K 122 -30.80 21.00 -58.01
C ALA K 122 -31.19 22.43 -58.36
N ALA K 123 -32.46 22.64 -58.73
CA ALA K 123 -32.90 23.98 -59.10
C ALA K 123 -33.21 24.83 -57.87
N LEU K 124 -33.40 24.18 -56.71
CA LEU K 124 -33.77 24.93 -55.51
C LEU K 124 -32.56 25.65 -54.92
N PHE K 125 -31.36 25.12 -55.12
CA PHE K 125 -30.14 25.74 -54.62
C PHE K 125 -29.27 26.22 -55.78
N PRO K 126 -29.32 27.51 -56.14
CA PRO K 126 -28.48 27.99 -57.25
C PRO K 126 -27.04 28.20 -56.83
N TYR K 127 -26.16 27.31 -57.28
CA TYR K 127 -24.82 27.17 -56.72
C TYR K 127 -23.97 26.43 -57.76
N ARG K 128 -22.91 25.75 -57.30
CA ARG K 128 -22.10 24.78 -58.05
C ARG K 128 -21.42 25.39 -59.29
N ALA K 129 -20.92 26.63 -59.15
CA ALA K 129 -20.23 27.28 -60.26
C ALA K 129 -18.85 26.68 -60.50
N LEU K 130 -18.12 26.36 -59.44
CA LEU K 130 -16.76 25.83 -59.54
C LEU K 130 -16.69 24.47 -58.87
N ASP K 131 -15.88 23.58 -59.43
CA ASP K 131 -15.90 22.18 -59.00
C ASP K 131 -15.06 21.94 -57.76
N GLU K 132 -14.21 22.90 -57.38
CA GLU K 132 -13.24 22.66 -56.34
C GLU K 132 -13.86 22.72 -54.94
N GLU K 133 -14.61 23.79 -54.65
CA GLU K 133 -15.08 24.08 -53.31
C GLU K 133 -16.60 23.98 -53.18
N ASP K 134 -17.33 24.21 -54.27
CA ASP K 134 -18.79 24.20 -54.18
C ASP K 134 -19.34 22.79 -54.10
N LEU K 135 -18.79 21.88 -54.90
CA LEU K 135 -19.33 20.52 -55.00
C LEU K 135 -19.01 19.71 -53.75
N GLU K 136 -17.79 19.87 -53.23
CA GLU K 136 -17.34 19.06 -52.10
C GLU K 136 -18.05 19.46 -50.80
N GLN K 137 -18.52 20.71 -50.73
CA GLN K 137 -19.13 21.16 -49.48
C GLN K 137 -20.65 21.18 -49.56
N TYR K 138 -21.20 21.43 -50.75
CA TYR K 138 -22.66 21.58 -50.86
C TYR K 138 -23.36 20.24 -50.76
N LEU K 139 -22.73 19.17 -51.25
CA LEU K 139 -23.39 17.88 -51.36
C LEU K 139 -23.58 17.25 -49.98
N LEU K 140 -22.62 17.47 -49.08
CA LEU K 140 -22.70 16.91 -47.73
C LEU K 140 -23.80 17.60 -46.93
N VAL K 141 -23.89 18.93 -47.03
CA VAL K 141 -24.88 19.65 -46.26
C VAL K 141 -26.28 19.45 -46.87
N TRP K 142 -26.35 19.22 -48.18
CA TRP K 142 -27.62 18.86 -48.80
C TRP K 142 -28.09 17.49 -48.33
N SER K 143 -27.16 16.53 -48.24
CA SER K 143 -27.46 15.19 -47.75
C SER K 143 -27.90 15.22 -46.30
N ALA K 144 -27.18 15.97 -45.46
CA ALA K 144 -27.51 16.10 -44.06
C ALA K 144 -28.87 16.77 -43.88
N SER K 145 -29.14 17.79 -44.71
CA SER K 145 -30.43 18.49 -44.66
C SER K 145 -31.58 17.57 -45.01
N LEU K 146 -31.42 16.78 -46.08
CA LEU K 146 -32.48 15.88 -46.51
C LEU K 146 -32.74 14.79 -45.48
N ARG K 147 -31.67 14.19 -44.93
CA ARG K 147 -31.86 13.12 -43.95
C ARG K 147 -32.45 13.67 -42.66
N GLN K 148 -32.06 14.88 -42.24
CA GLN K 148 -32.62 15.40 -40.99
C GLN K 148 -34.05 15.85 -41.19
N SER K 149 -34.41 16.29 -42.40
CA SER K 149 -35.76 16.76 -42.62
C SER K 149 -36.73 15.59 -42.68
N VAL K 150 -36.36 14.51 -43.37
CA VAL K 150 -37.19 13.31 -43.36
C VAL K 150 -37.17 12.68 -41.97
N GLN K 151 -36.08 12.89 -41.22
CA GLN K 151 -35.95 12.37 -39.87
C GLN K 151 -36.92 13.03 -38.91
N THR K 152 -36.97 14.38 -38.92
CA THR K 152 -37.92 15.08 -38.08
C THR K 152 -39.37 14.83 -38.51
N GLY K 153 -39.59 14.61 -39.81
CA GLY K 153 -40.93 14.28 -40.27
C GLY K 153 -41.43 12.95 -39.70
N VAL K 154 -40.64 11.89 -39.87
CA VAL K 154 -41.05 10.58 -39.38
C VAL K 154 -41.04 10.56 -37.86
N LEU K 155 -40.18 11.38 -37.25
CA LEU K 155 -40.09 11.45 -35.79
C LEU K 155 -41.34 12.08 -35.20
N GLY K 156 -41.79 13.19 -35.78
CA GLY K 156 -43.00 13.83 -35.30
C GLY K 156 -44.24 13.00 -35.52
N ALA K 157 -44.34 12.36 -36.70
CA ALA K 157 -45.50 11.53 -36.98
C ALA K 157 -45.56 10.32 -36.06
N LEU K 158 -44.41 9.68 -35.82
CA LEU K 158 -44.37 8.51 -34.97
C LEU K 158 -44.54 8.87 -33.50
N ARG K 159 -44.01 10.02 -33.07
CA ARG K 159 -44.20 10.46 -31.69
C ARG K 159 -45.66 10.78 -31.43
N ASP K 160 -46.36 11.37 -32.41
CA ASP K 160 -47.78 11.66 -32.23
C ASP K 160 -48.60 10.37 -32.16
N ILE K 161 -48.39 9.45 -33.11
CA ILE K 161 -49.20 8.24 -33.12
C ILE K 161 -48.83 7.30 -31.98
N LEU K 162 -47.64 7.45 -31.42
CA LEU K 162 -47.30 6.74 -30.19
C LEU K 162 -47.96 7.37 -28.98
N TYR K 163 -47.64 8.64 -28.70
CA TYR K 163 -48.07 9.30 -27.48
C TYR K 163 -49.58 9.50 -27.39
N GLN K 164 -50.30 9.39 -28.50
CA GLN K 164 -51.75 9.48 -28.36
C GLN K 164 -52.36 8.18 -27.86
N TYR K 165 -51.88 7.02 -28.33
CA TYR K 165 -52.54 5.79 -27.94
C TYR K 165 -51.57 4.63 -27.70
N ALA K 166 -50.36 4.90 -27.24
CA ALA K 166 -49.51 3.81 -26.77
C ALA K 166 -49.13 3.96 -25.30
N ASP K 167 -49.88 4.73 -24.52
CA ASP K 167 -49.67 4.76 -23.08
C ASP K 167 -50.45 3.66 -22.36
N ASN K 168 -50.31 2.45 -22.87
CA ASN K 168 -51.08 1.34 -22.36
C ASN K 168 -50.53 0.80 -21.05
N ASP K 169 -49.22 0.99 -20.81
CA ASP K 169 -48.44 0.55 -19.63
C ASP K 169 -48.72 -0.90 -19.23
N ASP K 170 -49.05 -1.74 -20.22
CA ASP K 170 -49.36 -3.14 -20.03
C ASP K 170 -48.11 -4.00 -19.97
N TYR K 171 -47.02 -3.52 -20.57
CA TYR K 171 -45.77 -4.26 -20.61
C TYR K 171 -45.21 -4.48 -19.22
N GLY K 172 -45.45 -3.52 -18.32
CA GLY K 172 -45.03 -3.66 -16.94
C GLY K 172 -45.65 -4.84 -16.22
N LEU K 173 -46.96 -5.03 -16.38
CA LEU K 173 -47.59 -6.20 -15.80
C LEU K 173 -47.29 -7.46 -16.59
N TYR K 174 -47.03 -7.29 -17.88
CA TYR K 174 -46.68 -8.43 -18.72
C TYR K 174 -45.38 -9.07 -18.27
N VAL K 175 -44.39 -8.26 -17.90
CA VAL K 175 -43.15 -8.87 -17.44
C VAL K 175 -43.31 -9.42 -16.03
N ASP K 176 -44.27 -8.91 -15.25
CA ASP K 176 -44.54 -9.53 -13.96
C ASP K 176 -45.11 -10.93 -14.13
N TRP K 177 -46.12 -11.07 -14.99
CA TRP K 177 -46.66 -12.40 -15.23
C TRP K 177 -45.68 -13.32 -15.95
N CYS K 178 -44.76 -12.76 -16.74
CA CYS K 178 -43.72 -13.60 -17.32
C CYS K 178 -42.71 -14.04 -16.28
N VAL K 179 -42.47 -13.24 -15.24
CA VAL K 179 -41.40 -13.55 -14.32
C VAL K 179 -41.87 -14.36 -13.12
N THR K 180 -43.16 -14.32 -12.77
CA THR K 180 -43.55 -14.98 -11.53
C THR K 180 -44.38 -16.24 -11.70
N VAL K 181 -45.03 -16.47 -12.84
CA VAL K 181 -45.79 -17.69 -13.04
C VAL K 181 -45.44 -18.30 -14.39
N GLY K 182 -44.68 -17.58 -15.21
CA GLY K 182 -44.23 -18.12 -16.47
C GLY K 182 -45.26 -18.12 -17.57
N LEU K 183 -46.34 -17.35 -17.42
CA LEU K 183 -47.38 -17.23 -18.41
C LEU K 183 -48.21 -16.01 -18.06
N VAL K 184 -48.96 -15.50 -19.03
CA VAL K 184 -49.66 -14.23 -18.85
C VAL K 184 -51.13 -14.42 -19.21
N PRO K 185 -52.05 -13.91 -18.40
CA PRO K 185 -53.45 -13.79 -18.84
C PRO K 185 -53.65 -12.46 -19.54
N LEU K 186 -54.48 -12.48 -20.59
CA LEU K 186 -54.69 -11.28 -21.39
C LEU K 186 -56.02 -11.36 -22.11
N LEU K 187 -56.66 -10.22 -22.29
CA LEU K 187 -57.96 -10.13 -22.94
C LEU K 187 -57.80 -9.45 -24.29
N ASP K 188 -58.64 -9.84 -25.24
CA ASP K 188 -58.66 -9.24 -26.57
C ASP K 188 -59.92 -8.38 -26.72
N VAL K 189 -59.80 -7.10 -26.40
CA VAL K 189 -60.94 -6.19 -26.48
C VAL K 189 -61.26 -5.90 -27.94
N LYS K 190 -62.51 -6.12 -28.32
CA LYS K 190 -62.98 -5.86 -29.67
C LYS K 190 -64.08 -4.80 -29.62
N THR K 191 -64.00 -3.84 -30.53
CA THR K 191 -64.93 -2.73 -30.59
C THR K 191 -65.58 -2.70 -31.97
N LYS K 192 -66.43 -1.69 -32.18
CA LYS K 192 -67.03 -1.44 -33.48
C LYS K 192 -65.96 -0.97 -34.46
N PRO K 193 -66.12 -1.27 -35.76
CA PRO K 193 -65.15 -0.76 -36.75
C PRO K 193 -65.19 0.74 -37.00
N SER K 194 -66.05 1.50 -36.31
CA SER K 194 -65.99 2.95 -36.40
C SER K 194 -64.73 3.51 -35.78
N GLU K 195 -64.19 2.80 -34.77
CA GLU K 195 -62.93 3.19 -34.17
C GLU K 195 -61.75 3.00 -35.11
N ALA K 196 -61.82 1.99 -35.97
CA ALA K 196 -60.83 1.83 -37.03
C ALA K 196 -60.87 3.01 -38.00
N ALA K 197 -62.08 3.48 -38.32
CA ALA K 197 -62.22 4.67 -39.16
C ALA K 197 -61.74 5.91 -38.44
N GLU K 198 -61.90 5.96 -37.11
CA GLU K 198 -61.36 7.08 -36.33
C GLU K 198 -59.85 7.11 -36.38
N ARG K 199 -59.21 5.95 -36.28
CA ARG K 199 -57.76 5.91 -36.36
C ARG K 199 -57.28 6.19 -37.78
N ALA K 200 -58.02 5.72 -38.78
CA ALA K 200 -57.64 5.97 -40.18
C ALA K 200 -57.84 7.43 -40.55
N GLN K 201 -58.75 8.12 -39.86
CA GLN K 201 -58.84 9.57 -39.99
C GLN K 201 -57.69 10.26 -39.26
N PHE K 202 -57.37 9.76 -38.05
CA PHE K 202 -56.39 10.42 -37.19
C PHE K 202 -54.99 10.36 -37.77
N VAL K 203 -54.66 9.29 -38.49
CA VAL K 203 -53.31 9.14 -39.02
C VAL K 203 -53.04 10.15 -40.12
N ARG K 204 -54.09 10.64 -40.81
CA ARG K 204 -53.87 11.62 -41.86
C ARG K 204 -53.50 12.99 -41.28
N ALA K 205 -54.21 13.42 -40.24
CA ALA K 205 -53.84 14.66 -39.56
C ALA K 205 -52.53 14.49 -38.81
N ALA K 206 -52.18 13.25 -38.45
CA ALA K 206 -50.87 12.99 -37.86
C ALA K 206 -49.76 13.18 -38.89
N VAL K 207 -49.93 12.65 -40.10
CA VAL K 207 -48.87 12.75 -41.10
C VAL K 207 -48.93 14.09 -41.82
N GLN K 208 -49.95 14.90 -41.54
CA GLN K 208 -49.94 16.27 -42.05
C GLN K 208 -48.85 17.10 -41.40
N ARG K 209 -48.47 16.76 -40.16
CA ARG K 209 -47.35 17.42 -39.52
C ARG K 209 -46.03 17.08 -40.20
N ALA K 210 -45.95 15.90 -40.82
CA ALA K 210 -44.78 15.56 -41.63
C ALA K 210 -44.90 16.13 -43.03
N THR K 211 -46.13 16.28 -43.52
CA THR K 211 -46.37 16.87 -44.83
C THR K 211 -45.95 18.33 -44.85
N GLU K 212 -46.14 19.03 -43.73
CA GLU K 212 -45.78 20.45 -43.65
C GLU K 212 -44.26 20.64 -43.71
N THR K 213 -43.52 19.83 -42.94
CA THR K 213 -42.08 20.07 -42.84
C THR K 213 -41.33 19.54 -44.06
N HIS K 214 -41.79 18.41 -44.63
CA HIS K 214 -41.06 17.79 -45.72
C HIS K 214 -42.01 17.17 -46.72
N PRO K 215 -41.92 17.54 -48.00
CA PRO K 215 -42.82 16.92 -48.98
C PRO K 215 -42.47 15.48 -49.30
N LEU K 216 -41.19 15.15 -49.30
CA LEU K 216 -40.76 13.85 -49.81
C LEU K 216 -41.00 12.74 -48.80
N ALA K 217 -41.13 13.10 -47.53
CA ALA K 217 -41.35 12.10 -46.49
C ALA K 217 -42.76 11.54 -46.56
N GLN K 218 -43.70 12.31 -47.11
CA GLN K 218 -45.10 11.87 -47.16
C GLN K 218 -45.28 10.76 -48.18
N ASP K 219 -44.39 10.69 -49.18
CA ASP K 219 -44.51 9.66 -50.20
C ASP K 219 -44.18 8.28 -49.65
N LEU K 220 -43.29 8.20 -48.67
CA LEU K 220 -43.01 6.92 -48.03
C LEU K 220 -44.11 6.52 -47.06
N LEU K 221 -44.66 7.52 -46.35
CA LEU K 221 -45.74 7.24 -45.40
C LEU K 221 -47.02 6.84 -46.12
N GLN K 222 -47.28 7.41 -47.30
CA GLN K 222 -48.47 7.01 -48.04
C GLN K 222 -48.28 5.65 -48.67
N ALA K 223 -47.03 5.21 -48.81
CA ALA K 223 -46.78 3.85 -49.28
C ALA K 223 -47.00 2.85 -48.15
N ASN K 224 -46.54 3.17 -46.94
CA ASN K 224 -46.64 2.22 -45.84
C ASN K 224 -47.72 2.57 -44.83
N LEU K 225 -48.75 3.34 -45.23
CA LEU K 225 -49.84 3.67 -44.32
C LEU K 225 -50.62 2.44 -43.89
N ALA K 226 -50.66 1.40 -44.74
CA ALA K 226 -51.32 0.16 -44.36
C ALA K 226 -50.60 -0.50 -43.19
N LEU K 227 -49.27 -0.53 -43.23
CA LEU K 227 -48.48 -1.05 -42.12
C LEU K 227 -48.64 -0.17 -40.88
N LEU K 228 -48.71 1.15 -41.08
CA LEU K 228 -48.90 2.07 -39.96
C LEU K 228 -50.23 1.85 -39.25
N LEU K 229 -51.31 1.76 -40.02
CA LEU K 229 -52.62 1.51 -39.41
C LEU K 229 -52.70 0.09 -38.87
N GLN K 230 -51.94 -0.83 -39.44
CA GLN K 230 -51.89 -2.20 -38.94
C GLN K 230 -51.29 -2.25 -37.55
N VAL K 231 -50.13 -1.59 -37.35
CA VAL K 231 -49.50 -1.63 -36.04
C VAL K 231 -50.26 -0.75 -35.05
N ALA K 232 -50.95 0.27 -35.56
CA ALA K 232 -51.78 1.10 -34.67
C ALA K 232 -53.01 0.33 -34.19
N GLU K 233 -53.63 -0.45 -35.08
CA GLU K 233 -54.82 -1.21 -34.69
C GLU K 233 -54.45 -2.39 -33.81
N ARG K 234 -53.35 -3.06 -34.12
CA ARG K 234 -52.91 -4.18 -33.29
C ARG K 234 -52.31 -3.69 -31.98
N LEU K 235 -51.92 -2.41 -31.95
CA LEU K 235 -51.44 -1.81 -30.70
C LEU K 235 -52.56 -1.71 -29.68
N GLY K 236 -53.69 -1.14 -30.07
CA GLY K 236 -54.84 -1.05 -29.20
C GLY K 236 -55.77 -2.24 -29.25
N ALA K 237 -55.28 -3.41 -29.67
CA ALA K 237 -56.16 -4.56 -29.82
C ALA K 237 -56.26 -5.38 -28.55
N VAL K 238 -55.13 -5.60 -27.87
CA VAL K 238 -55.08 -6.52 -26.73
C VAL K 238 -54.56 -5.78 -25.50
N ARG K 239 -55.00 -6.27 -24.35
CA ARG K 239 -54.62 -5.72 -23.04
C ARG K 239 -53.91 -6.78 -22.21
N VAL K 240 -53.69 -6.47 -20.94
CA VAL K 240 -52.94 -7.31 -20.03
C VAL K 240 -53.85 -7.96 -18.99
N ALA K 241 -55.16 -7.73 -19.09
CA ALA K 241 -56.19 -8.26 -18.18
C ALA K 241 -55.96 -7.86 -16.73
N ASN K 242 -56.02 -6.54 -16.48
CA ASN K 242 -56.01 -6.03 -15.12
C ASN K 242 -57.45 -5.83 -14.66
N ALA K 243 -58.12 -6.96 -14.43
CA ALA K 243 -59.47 -6.94 -13.90
C ALA K 243 -59.52 -7.91 -12.73
N PRO K 244 -60.22 -7.55 -11.66
CA PRO K 244 -60.29 -8.45 -10.51
C PRO K 244 -61.18 -9.64 -10.80
N GLU K 245 -61.04 -10.66 -9.95
CA GLU K 245 -61.80 -11.91 -10.00
C GLU K 245 -61.64 -12.62 -11.34
N VAL K 246 -60.40 -12.72 -11.79
CA VAL K 246 -60.06 -13.59 -12.90
C VAL K 246 -59.57 -14.90 -12.31
N ARG K 247 -59.50 -15.93 -13.15
CA ARG K 247 -59.04 -17.22 -12.66
C ARG K 247 -58.39 -17.99 -13.80
N VAL K 248 -57.15 -18.44 -13.55
CA VAL K 248 -56.45 -19.33 -14.46
C VAL K 248 -56.14 -20.62 -13.72
N PHE K 249 -55.99 -21.70 -14.48
CA PHE K 249 -55.93 -23.03 -13.91
C PHE K 249 -55.32 -23.99 -14.93
N LYS K 250 -55.07 -25.22 -14.49
CA LYS K 250 -54.58 -26.27 -15.38
C LYS K 250 -55.60 -27.40 -15.40
N LYS K 251 -56.08 -27.74 -16.60
CA LYS K 251 -57.02 -28.84 -16.72
C LYS K 251 -56.29 -30.17 -16.59
N VAL K 252 -56.76 -31.02 -15.68
CA VAL K 252 -55.99 -32.21 -15.30
C VAL K 252 -56.11 -33.34 -16.31
N ARG K 253 -57.30 -33.59 -16.86
CA ARG K 253 -57.48 -34.76 -17.72
C ARG K 253 -56.88 -34.52 -19.10
N SER K 254 -57.01 -33.31 -19.62
CA SER K 254 -56.35 -32.90 -20.85
C SER K 254 -55.51 -31.69 -20.53
N GLU K 255 -54.18 -31.83 -20.66
CA GLU K 255 -53.23 -30.82 -20.21
C GLU K 255 -53.23 -29.63 -21.17
N ARG K 256 -54.32 -28.88 -21.13
CA ARG K 256 -54.63 -27.78 -22.03
C ARG K 256 -55.06 -26.56 -21.23
N LEU K 257 -54.21 -26.14 -20.28
CA LEU K 257 -54.48 -25.08 -19.32
C LEU K 257 -54.97 -23.78 -19.97
N GLU K 258 -55.97 -23.16 -19.35
CA GLU K 258 -56.73 -22.09 -19.98
C GLU K 258 -57.05 -20.99 -18.99
N ALA K 259 -57.39 -19.83 -19.53
CA ALA K 259 -57.77 -18.67 -18.75
C ALA K 259 -59.21 -18.29 -19.02
N GLN K 260 -59.95 -17.98 -17.97
CA GLN K 260 -61.27 -17.41 -18.13
C GLN K 260 -61.41 -16.15 -17.27
N LEU K 261 -62.21 -15.21 -17.76
CA LEU K 261 -62.41 -13.92 -17.11
C LEU K 261 -63.89 -13.80 -16.81
N ARG K 262 -64.22 -13.88 -15.52
CA ARG K 262 -65.54 -13.58 -14.97
C ARG K 262 -66.62 -14.48 -15.58
N GLY K 263 -66.29 -15.78 -15.65
CA GLY K 263 -67.16 -16.76 -16.26
C GLY K 263 -67.02 -16.91 -17.76
N LYS K 264 -66.25 -16.05 -18.42
CA LYS K 264 -66.09 -16.08 -19.87
C LYS K 264 -64.68 -16.53 -20.21
N HIS K 265 -64.57 -17.60 -21.00
CA HIS K 265 -63.27 -18.13 -21.36
C HIS K 265 -62.58 -17.21 -22.37
N ILE K 266 -61.29 -16.95 -22.15
CA ILE K 266 -60.53 -15.99 -22.93
C ILE K 266 -59.29 -16.66 -23.47
N ARG K 267 -58.52 -15.94 -24.29
CA ARG K 267 -57.23 -16.41 -24.77
C ARG K 267 -56.17 -16.12 -23.72
N LEU K 268 -55.07 -16.88 -23.76
CA LEU K 268 -53.92 -16.59 -22.91
C LEU K 268 -52.66 -17.15 -23.56
N TYR K 269 -51.52 -16.64 -23.09
CA TYR K 269 -50.21 -17.01 -23.60
C TYR K 269 -49.47 -17.81 -22.55
N VAL K 270 -48.59 -18.70 -22.99
CA VAL K 270 -47.73 -19.47 -22.10
C VAL K 270 -46.29 -19.27 -22.56
N ALA K 271 -45.42 -18.87 -21.63
CA ALA K 271 -44.00 -18.75 -21.92
C ALA K 271 -43.20 -19.86 -21.26
N ALA K 272 -43.46 -20.14 -19.99
CA ALA K 272 -42.77 -21.20 -19.27
C ALA K 272 -43.81 -21.90 -18.40
N GLU K 273 -44.33 -23.02 -18.88
CA GLU K 273 -45.33 -23.73 -18.12
C GLU K 273 -44.68 -24.48 -16.96
N PRO K 274 -45.28 -24.48 -15.79
CA PRO K 274 -44.66 -25.14 -14.64
C PRO K 274 -44.88 -26.63 -14.66
N LEU K 275 -44.00 -27.34 -13.98
CA LEU K 275 -44.04 -28.79 -13.92
C LEU K 275 -45.05 -29.26 -12.87
N ALA K 276 -45.71 -30.38 -13.14
CA ALA K 276 -46.80 -30.88 -12.31
C ALA K 276 -46.68 -32.38 -12.12
N TYR K 277 -46.93 -32.85 -10.89
CA TYR K 277 -46.81 -34.27 -10.56
C TYR K 277 -47.95 -34.65 -9.63
N GLU K 278 -47.83 -35.82 -8.99
CA GLU K 278 -48.90 -36.37 -8.16
C GLU K 278 -49.17 -35.52 -6.94
N ARG K 279 -48.16 -34.79 -6.47
CA ARG K 279 -48.39 -33.66 -5.60
C ARG K 279 -49.22 -32.65 -6.38
N ASP K 280 -50.49 -32.50 -5.99
CA ASP K 280 -51.45 -31.83 -6.85
C ASP K 280 -51.22 -30.32 -6.89
N LYS K 281 -50.60 -29.77 -5.86
CA LYS K 281 -50.01 -28.45 -6.02
C LYS K 281 -48.70 -28.57 -6.78
N LEU K 282 -48.58 -27.82 -7.86
CA LEU K 282 -47.50 -28.00 -8.81
C LEU K 282 -46.43 -26.93 -8.59
N LEU K 283 -45.21 -27.28 -8.95
CA LEU K 283 -44.04 -26.48 -8.61
C LEU K 283 -43.59 -25.71 -9.84
N PHE K 284 -43.21 -24.45 -9.64
CA PHE K 284 -42.97 -23.54 -10.73
C PHE K 284 -41.49 -23.50 -11.11
N THR K 285 -41.23 -23.30 -12.39
CA THR K 285 -39.89 -23.12 -12.89
C THR K 285 -39.54 -21.65 -13.13
N THR K 286 -40.33 -20.74 -12.59
CA THR K 286 -40.12 -19.34 -12.84
C THR K 286 -38.92 -18.85 -12.03
N PRO K 287 -38.31 -17.72 -12.41
CA PRO K 287 -37.18 -17.21 -11.62
C PRO K 287 -37.55 -16.77 -10.21
N VAL K 288 -38.68 -16.11 -9.99
CA VAL K 288 -38.93 -15.53 -8.67
C VAL K 288 -39.29 -16.61 -7.66
N ALA K 289 -39.81 -17.74 -8.11
CA ALA K 289 -40.09 -18.84 -7.19
C ALA K 289 -38.83 -19.51 -6.68
N HIS K 290 -37.69 -19.27 -7.34
CA HIS K 290 -36.42 -19.77 -6.82
C HIS K 290 -36.01 -19.06 -5.55
N LEU K 291 -36.50 -17.84 -5.35
CA LEU K 291 -36.11 -17.03 -4.19
C LEU K 291 -37.31 -16.49 -3.42
N HIS K 292 -38.46 -17.16 -3.53
CA HIS K 292 -39.61 -16.78 -2.73
C HIS K 292 -39.38 -17.01 -1.24
N GLU K 293 -38.84 -18.19 -0.90
CA GLU K 293 -38.73 -18.58 0.50
C GLU K 293 -37.71 -17.70 1.24
N GLU K 294 -36.72 -17.17 0.53
CA GLU K 294 -35.70 -16.38 1.22
C GLU K 294 -36.23 -15.01 1.59
N ILE K 295 -37.00 -14.37 0.70
CA ILE K 295 -37.58 -13.10 1.09
C ILE K 295 -38.71 -13.31 2.08
N LEU K 296 -39.33 -14.49 2.08
CA LEU K 296 -40.30 -14.76 3.13
C LEU K 296 -39.61 -14.93 4.47
N ARG K 297 -38.42 -15.53 4.47
CA ARG K 297 -37.60 -15.61 5.68
C ARG K 297 -37.15 -14.23 6.12
N TYR K 298 -36.82 -13.36 5.17
CA TYR K 298 -36.42 -11.99 5.51
C TYR K 298 -37.58 -11.22 6.11
N ASP K 299 -38.79 -11.44 5.61
CA ASP K 299 -39.95 -10.76 6.16
C ASP K 299 -40.25 -11.24 7.56
N GLY K 300 -40.13 -12.56 7.78
CA GLY K 300 -40.30 -13.09 9.12
C GLY K 300 -39.27 -12.56 10.09
N LEU K 301 -38.02 -12.42 9.62
CA LEU K 301 -36.98 -11.88 10.48
C LEU K 301 -37.16 -10.39 10.73
N CYS K 302 -37.66 -9.65 9.73
CA CYS K 302 -37.96 -8.23 9.91
C CYS K 302 -39.04 -8.01 10.94
N ARG K 303 -40.16 -8.72 10.80
CA ARG K 303 -41.24 -8.60 11.76
C ARG K 303 -40.82 -9.10 13.13
N HIS K 304 -39.97 -10.14 13.17
CA HIS K 304 -39.48 -10.66 14.44
C HIS K 304 -38.59 -9.66 15.14
N GLN K 305 -37.70 -9.00 14.39
CA GLN K 305 -36.86 -7.94 14.94
C GLN K 305 -37.70 -6.80 15.48
N LYS K 306 -38.73 -6.40 14.74
CA LYS K 306 -39.59 -5.31 15.19
C LYS K 306 -40.33 -5.69 16.47
N ILE K 307 -40.83 -6.93 16.55
CA ILE K 307 -41.67 -7.27 17.69
C ILE K 307 -40.81 -7.58 18.93
N CYS K 308 -39.58 -8.07 18.75
CA CYS K 308 -38.75 -8.25 19.93
C CYS K 308 -38.14 -6.93 20.38
N GLN K 309 -37.85 -6.03 19.44
CA GLN K 309 -37.36 -4.71 19.80
C GLN K 309 -38.43 -3.90 20.52
N LEU K 310 -39.68 -4.08 20.13
CA LEU K 310 -40.80 -3.43 20.79
C LEU K 310 -41.27 -4.18 22.03
N LEU K 311 -40.59 -5.24 22.42
CA LEU K 311 -41.00 -5.98 23.61
C LEU K 311 -40.18 -5.61 24.83
N ASN K 312 -38.86 -5.48 24.71
CA ASN K 312 -37.99 -5.19 25.84
C ASN K 312 -37.67 -3.71 25.95
N THR K 313 -38.67 -2.85 25.69
CA THR K 313 -38.43 -1.41 25.68
C THR K 313 -38.08 -0.88 27.06
N PHE K 314 -38.74 -1.40 28.08
CA PHE K 314 -38.57 -0.91 29.44
C PHE K 314 -37.23 -1.33 30.00
N PRO K 315 -36.58 -0.45 30.77
CA PRO K 315 -35.21 -0.74 31.23
C PRO K 315 -35.10 -1.88 32.22
N VAL K 316 -36.08 -2.04 33.09
CA VAL K 316 -36.02 -3.08 34.11
C VAL K 316 -37.27 -3.93 34.04
N LYS K 317 -37.09 -5.22 34.36
CA LYS K 317 -38.16 -6.19 34.41
C LYS K 317 -38.03 -6.95 35.72
N VAL K 318 -39.16 -7.19 36.39
CA VAL K 318 -39.20 -7.99 37.61
C VAL K 318 -40.21 -9.12 37.42
N VAL K 319 -40.10 -10.15 38.22
CA VAL K 319 -41.05 -11.25 38.24
C VAL K 319 -41.57 -11.39 39.66
N THR K 320 -42.78 -11.93 39.79
CA THR K 320 -43.37 -12.18 41.10
C THR K 320 -44.47 -13.24 41.00
N ASP K 488 -46.15 11.34 14.22
CA ASP K 488 -46.43 11.85 15.55
C ASP K 488 -45.15 12.35 16.21
N ALA K 489 -44.83 13.62 15.95
CA ALA K 489 -43.60 14.25 16.41
C ALA K 489 -43.79 15.02 17.70
N GLU K 490 -44.64 14.52 18.59
CA GLU K 490 -44.97 15.23 19.82
C GLU K 490 -43.79 15.33 20.78
N LEU K 491 -42.86 14.37 20.71
CA LEU K 491 -41.75 14.36 21.67
C LEU K 491 -40.71 15.41 21.33
N TYR K 492 -40.41 15.61 20.05
CA TYR K 492 -39.28 16.41 19.62
C TYR K 492 -39.48 17.90 19.90
N HIS K 493 -40.69 18.41 19.66
CA HIS K 493 -40.95 19.84 19.80
C HIS K 493 -40.91 20.28 21.25
N LEU K 494 -41.43 19.46 22.14
CA LEU K 494 -41.62 19.89 23.52
C LEU K 494 -40.33 19.68 24.28
N PRO K 495 -40.00 20.56 25.23
CA PRO K 495 -38.79 20.35 26.04
C PRO K 495 -38.87 19.12 26.94
N VAL K 496 -37.72 18.75 27.49
CA VAL K 496 -37.53 17.42 28.06
C VAL K 496 -38.25 17.24 29.39
N LEU K 497 -38.64 18.33 30.05
CA LEU K 497 -39.10 18.20 31.43
C LEU K 497 -40.53 17.70 31.54
N GLU K 498 -41.34 17.93 30.51
CA GLU K 498 -42.64 17.28 30.41
C GLU K 498 -42.55 16.02 29.55
N ALA K 499 -41.54 15.93 28.70
CA ALA K 499 -41.31 14.72 27.93
C ALA K 499 -40.94 13.55 28.84
N VAL K 500 -40.20 13.82 29.91
CA VAL K 500 -39.86 12.77 30.85
C VAL K 500 -41.08 12.41 31.70
N ARG K 501 -42.02 13.35 31.87
CA ARG K 501 -43.29 13.01 32.49
C ARG K 501 -44.14 12.13 31.59
N LYS K 502 -44.14 12.43 30.29
CA LYS K 502 -44.97 11.72 29.34
C LYS K 502 -44.39 10.37 28.94
N ALA K 503 -43.09 10.18 29.07
CA ALA K 503 -42.50 8.90 28.69
C ALA K 503 -42.81 7.79 29.68
N ARG K 504 -42.69 8.08 30.99
CA ARG K 504 -42.99 7.07 31.99
C ARG K 504 -44.46 6.71 32.02
N ASP K 505 -45.33 7.71 31.85
CA ASP K 505 -46.75 7.45 31.73
C ASP K 505 -47.12 6.90 30.36
N ALA K 506 -46.23 7.00 29.39
CA ALA K 506 -46.53 6.58 28.02
C ALA K 506 -46.36 5.08 27.84
N ALA K 507 -45.23 4.52 28.27
CA ALA K 507 -45.03 3.08 28.30
C ALA K 507 -45.03 2.69 29.77
N PRO K 508 -46.16 2.25 30.28
CA PRO K 508 -46.24 1.93 31.72
C PRO K 508 -45.47 0.66 32.04
N PHE K 509 -44.90 0.66 33.24
CA PHE K 509 -44.28 -0.53 33.80
C PHE K 509 -45.34 -1.60 34.02
N ARG K 510 -45.04 -2.82 33.64
CA ARG K 510 -45.95 -3.94 33.85
C ARG K 510 -45.17 -5.15 34.32
N PRO K 511 -45.43 -5.66 35.52
CA PRO K 511 -44.81 -6.92 35.93
C PRO K 511 -45.47 -8.13 35.30
N LEU K 512 -45.06 -9.31 35.73
CA LEU K 512 -45.67 -10.54 35.26
C LEU K 512 -45.60 -11.58 36.37
N ALA K 513 -46.68 -12.33 36.55
CA ALA K 513 -46.80 -13.18 37.72
C ALA K 513 -47.83 -14.28 37.47
N VAL K 514 -47.47 -15.51 37.83
CA VAL K 514 -48.41 -16.63 37.89
C VAL K 514 -48.25 -17.27 39.26
N GLU K 515 -49.38 -17.67 39.85
CA GLU K 515 -49.36 -18.26 41.19
C GLU K 515 -48.84 -19.69 41.14
N ASP K 516 -47.95 -20.03 42.07
CA ASP K 516 -47.48 -21.39 42.26
C ASP K 516 -46.97 -21.54 43.68
N ASN K 517 -47.59 -22.45 44.43
CA ASN K 517 -47.33 -22.59 45.87
C ASN K 517 -46.27 -23.65 46.10
N ARG K 518 -45.32 -23.34 47.00
CA ARG K 518 -44.17 -24.16 47.40
C ARG K 518 -43.29 -24.58 46.23
N LEU K 519 -43.35 -23.87 45.11
CA LEU K 519 -42.44 -24.02 43.98
C LEU K 519 -42.20 -22.62 43.45
N VAL K 520 -41.01 -22.08 43.75
CA VAL K 520 -40.75 -20.66 43.60
C VAL K 520 -39.93 -20.44 42.34
N ALA K 521 -39.76 -19.17 41.99
CA ALA K 521 -39.14 -18.81 40.73
C ALA K 521 -37.62 -18.83 40.83
N ASN K 522 -36.98 -19.30 39.76
CA ASN K 522 -35.55 -19.09 39.54
C ASN K 522 -35.36 -18.61 38.11
N SER K 523 -34.87 -17.38 37.97
CA SER K 523 -35.09 -16.61 36.76
C SER K 523 -33.87 -16.66 35.84
N PHE K 524 -34.12 -16.29 34.59
CA PHE K 524 -33.06 -16.06 33.61
C PHE K 524 -33.50 -14.93 32.71
N PHE K 525 -32.56 -14.45 31.89
CA PHE K 525 -32.74 -13.20 31.18
C PHE K 525 -31.96 -13.22 29.88
N SER K 526 -32.58 -12.70 28.82
CA SER K 526 -31.97 -12.65 27.50
C SER K 526 -32.22 -11.27 26.92
N GLN K 527 -31.17 -10.65 26.39
CA GLN K 527 -31.28 -9.42 25.63
C GLN K 527 -30.53 -9.63 24.32
N PHE K 528 -31.28 -9.78 23.24
CA PHE K 528 -30.65 -9.87 21.94
C PHE K 528 -31.61 -9.37 20.88
N VAL K 529 -31.03 -8.84 19.81
CA VAL K 529 -31.77 -8.51 18.60
C VAL K 529 -31.19 -9.37 17.49
N PRO K 530 -31.96 -9.73 16.48
CA PRO K 530 -31.39 -10.47 15.35
C PRO K 530 -30.69 -9.53 14.38
N GLY K 531 -29.54 -9.98 13.89
CA GLY K 531 -28.77 -9.14 12.99
C GLY K 531 -29.34 -9.18 11.59
N THR K 532 -30.04 -8.11 11.20
CA THR K 532 -30.75 -8.13 9.93
C THR K 532 -29.81 -7.88 8.76
N GLU K 533 -28.69 -7.21 9.01
CA GLU K 533 -27.88 -6.69 7.92
C GLU K 533 -27.12 -7.76 7.18
N SER K 534 -26.70 -8.82 7.89
CA SER K 534 -25.95 -9.91 7.26
C SER K 534 -26.78 -10.61 6.19
N LEU K 535 -27.93 -11.14 6.59
CA LEU K 535 -28.78 -11.79 5.61
C LEU K 535 -29.47 -10.81 4.68
N GLU K 536 -29.54 -9.52 5.04
CA GLU K 536 -29.98 -8.52 4.09
C GLU K 536 -29.01 -8.40 2.93
N ARG K 537 -27.71 -8.28 3.24
CA ARG K 537 -26.70 -8.24 2.19
C ARG K 537 -26.68 -9.53 1.41
N PHE K 538 -26.93 -10.65 2.09
CA PHE K 538 -27.04 -11.95 1.42
C PHE K 538 -28.18 -11.97 0.43
N LEU K 539 -29.34 -11.43 0.81
CA LEU K 539 -30.49 -11.44 -0.07
C LEU K 539 -30.32 -10.47 -1.23
N THR K 540 -29.63 -9.35 -1.01
CA THR K 540 -29.41 -8.43 -2.11
C THR K 540 -28.45 -9.01 -3.13
N GLN K 541 -27.41 -9.71 -2.64
CA GLN K 541 -26.52 -10.41 -3.55
C GLN K 541 -27.24 -11.53 -4.29
N LEU K 542 -28.16 -12.20 -3.60
CA LEU K 542 -29.04 -13.20 -4.23
C LEU K 542 -29.86 -12.61 -5.37
N TRP K 543 -30.52 -11.49 -5.10
CA TRP K 543 -31.34 -10.82 -6.09
C TRP K 543 -30.50 -10.37 -7.28
N GLU K 544 -29.30 -9.84 -7.00
CA GLU K 544 -28.47 -9.26 -8.04
C GLU K 544 -27.94 -10.33 -8.98
N ASN K 545 -27.34 -11.38 -8.42
CA ASN K 545 -26.80 -12.38 -9.34
C ASN K 545 -27.90 -13.23 -9.96
N GLU K 546 -29.05 -13.38 -9.30
CA GLU K 546 -30.13 -14.16 -9.90
C GLU K 546 -30.70 -13.46 -11.12
N TYR K 547 -31.03 -12.16 -10.98
CA TYR K 547 -31.50 -11.40 -12.12
C TYR K 547 -30.42 -11.19 -13.17
N PHE K 548 -29.14 -11.24 -12.79
CA PHE K 548 -28.10 -11.18 -13.82
C PHE K 548 -28.05 -12.46 -14.63
N ARG K 549 -28.19 -13.62 -13.99
CA ARG K 549 -28.07 -14.84 -14.78
C ARG K 549 -29.33 -15.12 -15.59
N THR K 550 -30.52 -14.81 -15.09
CA THR K 550 -31.71 -15.17 -15.86
C THR K 550 -31.94 -14.27 -17.06
N PHE K 551 -31.59 -12.99 -16.96
CA PHE K 551 -31.57 -12.08 -18.09
C PHE K 551 -30.25 -11.36 -18.01
N ARG K 552 -29.42 -11.49 -19.05
CA ARG K 552 -28.02 -11.09 -18.95
C ARG K 552 -27.90 -9.56 -19.00
N LEU K 553 -28.22 -8.94 -17.86
CA LEU K 553 -28.20 -7.50 -17.74
C LEU K 553 -26.77 -6.99 -17.67
N ARG K 554 -26.46 -5.98 -18.48
CA ARG K 554 -25.13 -5.40 -18.47
C ARG K 554 -25.00 -4.35 -17.38
N ARG K 555 -23.76 -4.05 -17.02
CA ARG K 555 -23.44 -2.97 -16.07
C ARG K 555 -22.36 -2.09 -16.69
N LEU K 556 -22.77 -1.12 -17.48
CA LEU K 556 -21.79 -0.15 -18.00
C LEU K 556 -21.53 0.90 -16.94
N VAL K 557 -20.26 1.08 -16.58
CA VAL K 557 -19.86 2.06 -15.58
C VAL K 557 -18.62 2.79 -16.09
N THR K 558 -18.22 3.82 -15.36
CA THR K 558 -16.92 4.43 -15.63
C THR K 558 -15.83 3.65 -14.91
N HIS K 559 -14.59 4.07 -15.12
CA HIS K 559 -13.49 3.49 -14.37
C HIS K 559 -13.56 3.91 -12.91
N GLN K 560 -13.20 2.98 -12.02
CA GLN K 560 -13.57 2.88 -10.61
C GLN K 560 -15.01 3.29 -10.34
N GLY K 561 -15.93 2.87 -11.20
CA GLY K 561 -17.32 3.25 -11.11
C GLY K 561 -18.17 2.09 -10.65
N ALA K 562 -19.11 2.38 -9.76
CA ALA K 562 -19.98 1.36 -9.19
C ALA K 562 -21.43 1.67 -9.55
N GLU K 563 -22.06 0.74 -10.29
CA GLU K 563 -23.48 0.70 -10.68
C GLU K 563 -24.03 2.05 -11.17
N GLU K 564 -23.42 2.54 -12.26
CA GLU K 564 -23.91 3.77 -12.87
C GLU K 564 -25.24 3.55 -13.58
N ALA K 565 -25.34 2.50 -14.38
CA ALA K 565 -26.55 2.26 -15.14
C ALA K 565 -26.66 0.78 -15.45
N ILE K 566 -27.88 0.26 -15.43
CA ILE K 566 -28.18 -1.10 -15.81
C ILE K 566 -29.15 -1.02 -16.99
N VAL K 567 -28.95 -1.87 -17.99
CA VAL K 567 -29.70 -1.74 -19.23
C VAL K 567 -29.84 -3.10 -19.90
N TYR K 568 -30.89 -3.26 -20.71
CA TYR K 568 -31.16 -4.49 -21.44
C TYR K 568 -30.04 -4.82 -22.41
N SER K 569 -29.68 -6.08 -22.46
CA SER K 569 -28.70 -6.56 -23.41
C SER K 569 -29.35 -7.51 -24.41
N ASN K 570 -28.50 -8.15 -25.22
CA ASN K 570 -28.94 -8.85 -26.41
C ASN K 570 -29.83 -10.05 -26.09
N TYR K 571 -29.47 -10.81 -25.06
CA TYR K 571 -30.28 -11.96 -24.69
C TYR K 571 -31.58 -11.53 -24.04
N THR K 572 -31.56 -10.40 -23.32
CA THR K 572 -32.71 -9.97 -22.54
C THR K 572 -33.88 -9.59 -23.44
N VAL K 573 -33.61 -8.84 -24.50
CA VAL K 573 -34.68 -8.44 -25.41
C VAL K 573 -35.23 -9.64 -26.15
N GLU K 574 -34.37 -10.60 -26.50
CA GLU K 574 -34.84 -11.80 -27.18
C GLU K 574 -35.70 -12.65 -26.25
N ARG K 575 -35.44 -12.60 -24.95
CA ARG K 575 -36.27 -13.40 -24.06
C ARG K 575 -37.59 -12.70 -23.71
N VAL K 576 -37.61 -11.38 -23.54
CA VAL K 576 -38.79 -10.72 -22.96
C VAL K 576 -39.53 -9.84 -23.96
N THR K 577 -38.85 -9.21 -24.92
CA THR K 577 -39.54 -8.25 -25.75
C THR K 577 -40.18 -8.90 -26.98
N LEU K 578 -39.40 -9.69 -27.70
CA LEU K 578 -39.92 -10.36 -28.90
C LEU K 578 -41.01 -11.40 -28.64
N PRO K 579 -41.12 -12.06 -27.48
CA PRO K 579 -42.38 -12.78 -27.22
C PRO K 579 -43.59 -11.88 -27.11
N TYR K 580 -43.41 -10.67 -26.56
CA TYR K 580 -44.52 -9.72 -26.52
C TYR K 580 -44.96 -9.34 -27.91
N LEU K 581 -44.00 -9.12 -28.80
CA LEU K 581 -44.33 -8.78 -30.18
C LEU K 581 -44.78 -10.01 -30.96
N CYS K 582 -44.44 -11.21 -30.48
CA CYS K 582 -44.93 -12.43 -31.07
C CYS K 582 -46.41 -12.61 -30.82
N HIS K 583 -46.85 -12.45 -29.58
CA HIS K 583 -48.28 -12.54 -29.33
C HIS K 583 -49.03 -11.28 -29.76
N ILE K 584 -48.34 -10.14 -29.91
CA ILE K 584 -48.93 -8.97 -30.55
C ILE K 584 -49.25 -9.20 -32.01
N LEU K 585 -48.51 -10.10 -32.67
CA LEU K 585 -48.66 -10.47 -34.09
C LEU K 585 -48.41 -9.29 -35.02
N ALA K 586 -47.55 -8.36 -34.61
CA ALA K 586 -46.93 -7.46 -35.56
C ALA K 586 -45.50 -7.88 -35.87
N LEU K 587 -45.06 -9.02 -35.34
CA LEU K 587 -43.67 -9.46 -35.34
C LEU K 587 -43.14 -9.79 -36.74
N GLY K 588 -44.01 -9.99 -37.72
CA GLY K 588 -43.58 -10.42 -39.04
C GLY K 588 -42.84 -9.38 -39.85
N THR K 589 -42.81 -8.13 -39.41
CA THR K 589 -42.20 -7.06 -40.18
C THR K 589 -41.14 -6.27 -39.43
N LEU K 590 -40.86 -6.59 -38.18
CA LEU K 590 -39.98 -5.79 -37.34
C LEU K 590 -38.66 -6.53 -37.09
N ASP K 591 -37.83 -5.94 -36.23
CA ASP K 591 -36.48 -6.39 -36.00
C ASP K 591 -36.06 -5.91 -34.62
N PRO K 592 -35.37 -6.76 -33.85
CA PRO K 592 -34.93 -6.34 -32.51
C PRO K 592 -33.86 -5.26 -32.57
N VAL K 593 -33.87 -4.41 -31.54
CA VAL K 593 -33.03 -3.21 -31.50
C VAL K 593 -31.63 -3.58 -31.04
N PRO K 594 -30.59 -2.94 -31.56
CA PRO K 594 -29.26 -3.03 -30.95
C PRO K 594 -29.25 -2.47 -29.53
N GLU K 595 -28.23 -2.88 -28.78
CA GLU K 595 -28.26 -2.70 -27.34
C GLU K 595 -27.92 -1.28 -26.92
N ALA K 596 -26.82 -0.74 -27.43
CA ALA K 596 -26.50 0.66 -27.17
C ALA K 596 -27.47 1.60 -27.88
N TYR K 597 -28.14 1.12 -28.93
CA TYR K 597 -29.20 1.86 -29.57
C TYR K 597 -30.39 2.05 -28.63
N LEU K 598 -30.60 1.12 -27.71
CA LEU K 598 -31.69 1.24 -26.75
C LEU K 598 -31.40 2.33 -25.72
N GLN K 599 -30.13 2.58 -25.43
CA GLN K 599 -29.78 3.62 -24.48
C GLN K 599 -30.02 5.02 -25.03
N LEU K 600 -29.95 5.18 -26.35
CA LEU K 600 -29.93 6.47 -27.03
C LEU K 600 -31.32 7.14 -26.94
N SER K 601 -31.41 8.34 -27.51
CA SER K 601 -32.57 9.20 -27.35
C SER K 601 -33.78 8.68 -28.12
N PHE K 602 -34.92 9.31 -27.83
CA PHE K 602 -36.16 9.00 -28.50
C PHE K 602 -36.14 9.50 -29.94
N GLY K 603 -35.34 10.52 -30.21
CA GLY K 603 -35.29 11.11 -31.53
C GLY K 603 -34.01 10.80 -32.27
N GLU K 604 -32.92 10.61 -31.54
CA GLU K 604 -31.62 10.33 -32.15
C GLU K 604 -31.55 8.91 -32.70
N ILE K 605 -32.46 8.04 -32.28
CA ILE K 605 -32.44 6.62 -32.64
C ILE K 605 -32.67 6.42 -34.14
N VAL K 606 -33.49 7.26 -34.76
CA VAL K 606 -33.81 7.02 -36.17
C VAL K 606 -32.65 7.43 -37.07
N ALA K 607 -31.81 8.35 -36.60
CA ALA K 607 -30.66 8.79 -37.39
C ALA K 607 -29.65 7.67 -37.54
N ALA K 608 -29.43 6.89 -36.48
CA ALA K 608 -28.62 5.69 -36.60
C ALA K 608 -29.40 4.54 -37.21
N ALA K 609 -30.73 4.58 -37.15
CA ALA K 609 -31.52 3.48 -37.68
C ALA K 609 -31.48 3.44 -39.20
N TYR K 610 -31.59 4.60 -39.86
CA TYR K 610 -31.36 4.52 -41.30
C TYR K 610 -29.88 4.56 -41.66
N ASP K 611 -29.00 4.93 -40.72
CA ASP K 611 -27.57 4.80 -40.98
C ASP K 611 -27.16 3.34 -41.07
N ASP K 612 -27.84 2.48 -40.31
CA ASP K 612 -27.69 1.04 -40.51
C ASP K 612 -28.24 0.63 -41.87
N SER K 613 -29.31 1.28 -42.32
CA SER K 613 -29.93 0.96 -43.60
C SER K 613 -29.07 1.45 -44.76
N LYS K 614 -29.48 1.08 -45.96
CA LYS K 614 -28.81 1.50 -47.18
C LYS K 614 -29.30 2.85 -47.68
N PHE K 615 -30.01 3.61 -46.84
CA PHE K 615 -30.57 4.89 -47.25
C PHE K 615 -29.46 5.92 -47.47
N CYS K 616 -28.69 6.20 -46.43
CA CYS K 616 -27.56 7.10 -46.61
C CYS K 616 -26.36 6.41 -47.22
N ARG K 617 -26.36 5.08 -47.27
CA ARG K 617 -25.32 4.38 -48.02
C ARG K 617 -25.49 4.56 -49.52
N TYR K 618 -26.71 4.76 -50.00
CA TYR K 618 -26.92 5.08 -51.40
C TYR K 618 -26.69 6.55 -51.68
N VAL K 619 -26.77 7.39 -50.63
CA VAL K 619 -26.33 8.78 -50.76
C VAL K 619 -24.84 8.84 -50.99
N GLU K 620 -24.09 7.90 -50.41
CA GLU K 620 -22.67 7.77 -50.74
C GLU K 620 -22.47 7.42 -52.22
N LEU K 621 -23.32 6.54 -52.75
CA LEU K 621 -23.20 6.16 -54.15
C LEU K 621 -23.56 7.32 -55.07
N ILE K 622 -24.61 8.07 -54.74
CA ILE K 622 -25.01 9.18 -55.61
C ILE K 622 -24.06 10.36 -55.48
N CYS K 623 -23.42 10.59 -54.33
CA CYS K 623 -22.47 11.69 -54.27
C CYS K 623 -21.17 11.32 -54.97
N SER K 624 -20.78 10.04 -54.91
CA SER K 624 -19.65 9.59 -55.70
C SER K 624 -19.97 9.66 -57.20
N ARG K 625 -21.23 9.40 -57.56
CA ARG K 625 -21.63 9.50 -58.97
C ARG K 625 -21.62 10.95 -59.45
N GLU K 626 -22.09 11.87 -58.61
CA GLU K 626 -22.08 13.30 -58.97
C GLU K 626 -20.66 13.83 -59.08
N LYS K 627 -19.79 13.47 -58.13
CA LYS K 627 -18.41 13.92 -58.20
C LYS K 627 -17.65 13.27 -59.35
N ALA K 628 -18.03 12.04 -59.74
CA ALA K 628 -17.39 11.42 -60.89
C ALA K 628 -17.86 12.04 -62.20
N ARG K 629 -19.16 12.33 -62.28
CA ARG K 629 -19.74 12.94 -63.47
C ARG K 629 -19.23 14.36 -63.67
N ARG K 630 -18.87 15.05 -62.59
CA ARG K 630 -18.26 16.36 -62.73
C ARG K 630 -16.74 16.33 -62.82
N ARG K 631 -16.08 15.29 -62.32
CA ARG K 631 -14.64 15.17 -62.52
C ARG K 631 -14.34 14.80 -63.97
N GLN K 632 -15.23 14.03 -64.61
CA GLN K 632 -15.13 13.85 -66.05
C GLN K 632 -15.50 15.12 -66.80
N MET K 633 -16.34 15.98 -66.22
CA MET K 633 -16.64 17.26 -66.84
C MET K 633 -15.44 18.19 -66.78
N SER K 634 -14.63 18.09 -65.72
CA SER K 634 -13.41 18.87 -65.66
C SER K 634 -12.26 18.19 -66.39
N ARG K 635 -12.04 16.90 -66.13
CA ARG K 635 -10.91 16.19 -66.71
C ARG K 635 -11.38 14.97 -67.53
N ASP L 52 -40.14 60.02 28.26
CA ASP L 52 -39.64 58.65 28.35
C ASP L 52 -40.28 57.77 27.27
N GLU L 53 -39.44 57.08 26.51
CA GLU L 53 -39.87 56.27 25.39
C GLU L 53 -39.33 54.84 25.54
N ALA L 54 -40.15 53.86 25.15
CA ALA L 54 -39.72 52.46 25.17
C ALA L 54 -39.03 52.13 23.85
N VAL L 55 -37.80 51.64 23.93
CA VAL L 55 -36.96 51.34 22.76
C VAL L 55 -36.19 50.07 23.08
N ILE L 56 -36.27 49.08 22.19
CA ILE L 56 -35.59 47.81 22.44
C ILE L 56 -34.09 47.99 22.18
N ASP L 57 -33.28 47.53 23.13
CA ASP L 57 -31.83 47.70 23.12
C ASP L 57 -31.12 46.42 22.69
N ILE L 58 -29.88 46.60 22.23
CA ILE L 58 -29.12 45.45 21.76
C ILE L 58 -27.76 45.33 22.43
N PHE L 59 -27.17 46.45 22.84
CA PHE L 59 -25.78 46.33 23.24
C PHE L 59 -25.53 45.71 24.62
N PRO L 60 -25.98 46.30 25.76
CA PRO L 60 -25.42 45.89 27.06
C PRO L 60 -26.18 44.73 27.70
N THR L 61 -26.47 43.71 26.92
CA THR L 61 -27.13 42.52 27.43
C THR L 61 -26.16 41.35 27.41
N GLY L 62 -26.55 40.27 28.09
CA GLY L 62 -25.66 39.13 28.27
C GLY L 62 -25.30 38.42 26.97
N GLN L 63 -26.29 38.29 26.07
CA GLN L 63 -26.07 37.65 24.78
C GLN L 63 -25.07 38.41 23.90
N THR L 64 -24.92 39.70 24.10
CA THR L 64 -24.04 40.51 23.27
C THR L 64 -22.79 40.97 23.98
N MET L 65 -22.85 41.25 25.28
CA MET L 65 -21.62 41.47 26.04
C MET L 65 -20.82 40.18 26.12
N SER L 66 -21.49 39.03 26.12
CA SER L 66 -20.79 37.77 26.03
C SER L 66 -20.10 37.57 24.70
N PHE L 67 -20.58 38.23 23.63
CA PHE L 67 -20.06 37.98 22.30
C PHE L 67 -18.64 38.49 22.12
N LEU L 68 -18.37 39.70 22.58
CA LEU L 68 -17.02 40.22 22.45
C LEU L 68 -16.07 39.52 23.43
N ARG L 69 -16.60 38.96 24.51
CA ARG L 69 -15.78 38.16 25.41
C ARG L 69 -15.41 36.83 24.79
N LEU L 70 -16.35 36.17 24.12
CA LEU L 70 -16.05 34.86 23.53
C LEU L 70 -15.20 35.00 22.29
N LEU L 71 -15.39 36.08 21.53
CA LEU L 71 -14.64 36.25 20.29
C LEU L 71 -13.16 36.49 20.57
N HIS L 72 -12.86 37.18 21.66
CA HIS L 72 -11.49 37.26 22.16
C HIS L 72 -11.23 36.24 23.25
N GLY L 73 -12.13 35.27 23.41
CA GLY L 73 -11.82 34.07 24.18
C GLY L 73 -11.68 34.26 25.66
N PHE L 74 -12.52 35.10 26.26
CA PHE L 74 -12.49 35.26 27.71
C PHE L 74 -12.88 33.97 28.42
N LEU L 75 -13.82 33.23 27.86
CA LEU L 75 -14.39 32.08 28.55
C LEU L 75 -14.23 30.80 27.73
N GLY L 76 -14.08 30.90 26.42
CA GLY L 76 -13.85 29.70 25.62
C GLY L 76 -13.02 29.94 24.37
N THR L 77 -12.31 28.89 23.96
CA THR L 77 -11.51 28.92 22.75
C THR L 77 -11.21 27.49 22.31
N CYS L 78 -10.60 27.38 21.14
CA CYS L 78 -10.26 26.12 20.49
C CYS L 78 -9.24 26.45 19.41
N ARG L 79 -9.03 25.52 18.49
CA ARG L 79 -8.13 25.78 17.37
C ARG L 79 -8.73 26.70 16.32
N GLY L 80 -9.97 27.16 16.50
CA GLY L 80 -10.61 27.97 15.49
C GLY L 80 -10.38 29.46 15.63
N GLN L 81 -10.10 29.94 16.84
CA GLN L 81 -10.10 31.37 17.12
C GLN L 81 -8.98 32.10 16.40
N SER L 82 -7.94 31.38 16.02
CA SER L 82 -6.83 31.96 15.28
C SER L 82 -7.25 32.42 13.88
N MET L 83 -8.29 31.84 13.30
CA MET L 83 -8.75 32.34 12.02
C MET L 83 -9.47 33.67 12.17
N HIS L 84 -10.01 33.94 13.36
CA HIS L 84 -10.46 35.29 13.59
C HIS L 84 -9.30 36.25 13.74
N GLN L 85 -8.17 35.75 14.28
CA GLN L 85 -6.98 36.56 14.41
C GLN L 85 -6.38 36.88 13.04
N VAL L 86 -6.50 35.96 12.09
CA VAL L 86 -6.04 36.27 10.74
C VAL L 86 -7.03 37.15 10.02
N LEU L 87 -8.23 37.32 10.56
CA LEU L 87 -9.19 38.25 9.97
C LEU L 87 -9.02 39.66 10.47
N ARG L 88 -8.48 39.86 11.66
CA ARG L 88 -8.37 41.19 12.26
C ARG L 88 -6.96 41.74 12.11
N ASP L 89 -6.25 41.28 11.09
CA ASP L 89 -4.91 41.76 10.82
C ASP L 89 -4.92 43.18 10.28
N PRO L 90 -4.41 44.17 11.02
CA PRO L 90 -4.60 45.57 10.62
C PRO L 90 -3.70 46.02 9.50
N CYS L 91 -2.68 45.23 9.14
CA CYS L 91 -1.75 45.68 8.12
C CYS L 91 -2.33 45.62 6.73
N VAL L 92 -3.38 44.81 6.51
CA VAL L 92 -4.02 44.77 5.21
C VAL L 92 -4.74 46.07 4.92
N LEU L 93 -5.14 46.81 5.95
CA LEU L 93 -5.69 48.14 5.79
C LEU L 93 -4.67 49.10 5.20
N ARG L 94 -3.48 49.15 5.81
CA ARG L 94 -2.47 50.07 5.33
C ARG L 94 -1.96 49.65 3.96
N LYS L 95 -1.92 48.35 3.68
CA LYS L 95 -1.49 47.88 2.36
C LYS L 95 -2.49 48.25 1.29
N GLN L 96 -3.79 48.06 1.57
CA GLN L 96 -4.81 48.38 0.59
C GLN L 96 -4.91 49.89 0.36
N LEU L 97 -4.77 50.69 1.41
CA LEU L 97 -4.86 52.13 1.23
C LEU L 97 -3.65 52.68 0.50
N LEU L 98 -2.46 52.14 0.78
CA LEU L 98 -1.30 52.61 0.04
C LEU L 98 -1.36 52.15 -1.41
N TYR L 99 -1.93 50.98 -1.66
CA TYR L 99 -2.14 50.52 -3.03
C TYR L 99 -3.09 51.43 -3.77
N GLY L 100 -4.16 51.86 -3.11
CA GLY L 100 -5.10 52.76 -3.73
C GLY L 100 -4.50 54.11 -4.05
N VAL L 101 -3.74 54.67 -3.10
CA VAL L 101 -3.20 56.01 -3.35
C VAL L 101 -2.07 55.95 -4.37
N CYS L 102 -1.30 54.85 -4.43
CA CYS L 102 -0.25 54.82 -5.44
C CYS L 102 -0.82 54.51 -6.81
N LYS L 103 -1.92 53.74 -6.88
CA LYS L 103 -2.57 53.50 -8.16
C LYS L 103 -3.17 54.78 -8.72
N THR L 104 -3.79 55.60 -7.87
CA THR L 104 -4.28 56.87 -8.41
C THR L 104 -3.15 57.89 -8.54
N LEU L 105 -1.99 57.63 -7.93
CA LEU L 105 -0.83 58.48 -8.18
C LEU L 105 -0.25 58.25 -9.56
N PHE L 106 0.12 57.01 -9.85
CA PHE L 106 1.11 56.77 -10.88
C PHE L 106 0.55 56.93 -12.29
N ASP L 107 -0.76 56.92 -12.45
CA ASP L 107 -1.37 56.95 -13.77
C ASP L 107 -1.52 58.36 -14.34
N THR L 108 -1.09 59.39 -13.62
CA THR L 108 -1.46 60.76 -13.98
C THR L 108 -0.66 61.29 -15.15
N ILE L 109 0.67 61.23 -15.07
CA ILE L 109 1.52 61.99 -15.98
C ILE L 109 2.40 61.00 -16.75
N THR L 110 1.80 59.84 -17.04
CA THR L 110 2.48 58.75 -17.72
C THR L 110 2.93 59.12 -19.13
N VAL L 111 2.17 59.98 -19.82
CA VAL L 111 2.32 60.09 -21.26
C VAL L 111 3.32 61.18 -21.64
N ARG L 112 3.51 62.19 -20.80
CA ARG L 112 4.29 63.34 -21.24
C ARG L 112 5.63 63.43 -20.53
N ARG L 113 5.65 63.22 -19.20
CA ARG L 113 6.82 63.51 -18.40
C ARG L 113 7.98 62.57 -18.66
N VAL L 114 7.74 61.38 -19.21
CA VAL L 114 8.82 60.44 -19.48
C VAL L 114 9.70 60.98 -20.61
N ALA L 115 9.08 61.53 -21.65
CA ALA L 115 9.86 62.10 -22.76
C ALA L 115 10.53 63.41 -22.33
N GLU L 116 9.94 64.10 -21.36
CA GLU L 116 10.53 65.35 -20.89
C GLU L 116 11.72 65.08 -19.98
N GLU L 117 11.66 64.03 -19.16
CA GLU L 117 12.76 63.76 -18.24
C GLU L 117 13.75 62.78 -18.85
N TRP L 118 13.49 62.34 -20.09
CA TRP L 118 14.55 61.73 -20.89
C TRP L 118 15.68 62.73 -21.18
N LYS L 119 15.34 64.02 -21.27
CA LYS L 119 16.28 65.04 -21.71
C LYS L 119 17.42 65.25 -20.72
N LEU L 120 17.10 65.24 -19.41
CA LEU L 120 18.14 65.51 -18.41
C LEU L 120 19.08 64.34 -18.26
N HIS L 121 18.54 63.11 -18.30
CA HIS L 121 19.40 61.94 -18.17
C HIS L 121 20.06 61.59 -19.50
N ALA L 122 19.66 62.26 -20.58
CA ALA L 122 20.47 62.18 -21.80
C ALA L 122 21.84 62.82 -21.58
N ALA L 123 21.87 64.03 -21.03
CA ALA L 123 23.14 64.70 -20.81
C ALA L 123 23.82 64.20 -19.54
N LEU L 124 23.06 63.58 -18.63
CA LEU L 124 23.63 63.13 -17.37
C LEU L 124 24.48 61.88 -17.55
N PHE L 125 24.15 61.06 -18.55
CA PHE L 125 24.92 59.85 -18.82
C PHE L 125 25.62 59.95 -20.17
N PRO L 126 26.91 60.32 -20.21
CA PRO L 126 27.63 60.42 -21.49
C PRO L 126 28.02 59.06 -22.04
N TYR L 127 27.32 58.61 -23.07
CA TYR L 127 27.37 57.21 -23.50
C TYR L 127 26.86 57.18 -24.94
N ARG L 128 26.33 56.01 -25.36
CA ARG L 128 25.56 55.81 -26.61
C ARG L 128 26.37 56.12 -27.87
N ALA L 129 27.65 55.74 -27.88
CA ALA L 129 28.49 55.97 -29.06
C ALA L 129 28.15 55.03 -30.20
N LEU L 130 27.88 53.76 -29.89
CA LEU L 130 27.59 52.75 -30.90
C LEU L 130 26.21 52.17 -30.66
N ASP L 131 25.50 51.83 -31.74
CA ASP L 131 24.09 51.48 -31.62
C ASP L 131 23.89 50.02 -31.24
N GLU L 132 24.95 49.21 -31.31
CA GLU L 132 24.78 47.77 -31.16
C GLU L 132 24.63 47.37 -29.69
N GLU L 133 25.54 47.83 -28.83
CA GLU L 133 25.64 47.35 -27.46
C GLU L 133 25.29 48.42 -26.43
N ASP L 134 25.48 49.70 -26.77
CA ASP L 134 25.22 50.76 -25.81
C ASP L 134 23.73 51.02 -25.64
N LEU L 135 23.00 51.05 -26.75
CA LEU L 135 21.58 51.41 -26.72
C LEU L 135 20.74 50.30 -26.11
N GLU L 136 21.06 49.05 -26.43
CA GLU L 136 20.25 47.92 -25.98
C GLU L 136 20.41 47.67 -24.49
N GLN L 137 21.54 48.09 -23.91
CA GLN L 137 21.79 47.80 -22.50
C GLN L 137 21.57 49.02 -21.61
N TYR L 138 21.85 50.22 -22.13
CA TYR L 138 21.76 51.41 -21.30
C TYR L 138 20.31 51.78 -21.01
N LEU L 139 19.41 51.53 -21.95
CA LEU L 139 18.04 52.00 -21.83
C LEU L 139 17.28 51.23 -20.76
N LEU L 140 17.59 49.94 -20.62
CA LEU L 140 16.92 49.10 -19.62
C LEU L 140 17.35 49.49 -18.21
N VAL L 141 18.65 49.73 -18.02
CA VAL L 141 19.14 50.07 -16.69
C VAL L 141 18.76 51.50 -16.34
N TRP L 142 18.62 52.38 -17.35
CA TRP L 142 18.10 53.72 -17.10
C TRP L 142 16.64 53.67 -16.68
N SER L 143 15.85 52.82 -17.34
CA SER L 143 14.44 52.64 -16.99
C SER L 143 14.28 52.07 -15.60
N ALA L 144 15.08 51.04 -15.29
CA ALA L 144 15.04 50.42 -13.97
C ALA L 144 15.48 51.40 -12.89
N SER L 145 16.49 52.23 -13.20
CA SER L 145 16.97 53.23 -12.26
C SER L 145 15.91 54.27 -11.97
N LEU L 146 15.22 54.74 -13.02
CA LEU L 146 14.19 55.76 -12.84
C LEU L 146 13.00 55.23 -12.05
N ARG L 147 12.50 54.03 -12.42
CA ARG L 147 11.36 53.48 -11.70
C ARG L 147 11.74 53.12 -10.26
N GLN L 148 12.98 52.68 -10.03
CA GLN L 148 13.41 52.33 -8.69
C GLN L 148 13.54 53.59 -7.83
N SER L 149 14.05 54.67 -8.40
CA SER L 149 14.27 55.87 -7.60
C SER L 149 12.96 56.55 -7.25
N VAL L 150 12.03 56.61 -8.21
CA VAL L 150 10.70 57.16 -7.89
C VAL L 150 9.95 56.20 -6.96
N GLN L 151 10.27 54.90 -7.04
CA GLN L 151 9.66 53.91 -6.18
C GLN L 151 10.08 54.07 -4.73
N THR L 152 11.39 54.21 -4.49
CA THR L 152 11.86 54.44 -3.13
C THR L 152 11.41 55.79 -2.60
N GLY L 153 11.28 56.80 -3.48
CA GLY L 153 10.77 58.09 -3.04
C GLY L 153 9.34 58.02 -2.53
N VAL L 154 8.44 57.46 -3.34
CA VAL L 154 7.05 57.37 -2.94
C VAL L 154 6.89 56.37 -1.80
N LEU L 155 7.79 55.39 -1.72
CA LEU L 155 7.76 54.39 -0.66
C LEU L 155 8.10 55.01 0.68
N GLY L 156 9.16 55.81 0.72
CA GLY L 156 9.53 56.48 1.95
C GLY L 156 8.51 57.50 2.40
N ALA L 157 7.97 58.27 1.44
CA ALA L 157 6.95 59.27 1.77
C ALA L 157 5.69 58.61 2.32
N LEU L 158 5.21 57.58 1.65
CA LEU L 158 4.01 56.91 2.13
C LEU L 158 4.27 56.13 3.42
N ARG L 159 5.50 55.64 3.61
CA ARG L 159 5.81 54.90 4.82
C ARG L 159 5.81 55.80 6.04
N ASP L 160 6.42 56.99 5.96
CA ASP L 160 6.43 57.81 7.16
C ASP L 160 5.08 58.47 7.40
N ILE L 161 4.36 58.85 6.33
CA ILE L 161 3.04 59.42 6.57
C ILE L 161 2.03 58.36 7.03
N LEU L 162 2.30 57.10 6.76
CA LEU L 162 1.50 56.04 7.36
C LEU L 162 1.89 55.81 8.80
N TYR L 163 3.16 55.48 9.06
CA TYR L 163 3.61 55.08 10.38
C TYR L 163 3.55 56.18 11.42
N GLN L 164 3.41 57.45 11.01
CA GLN L 164 3.24 58.48 12.03
C GLN L 164 1.83 58.52 12.57
N TYR L 165 0.81 58.36 11.71
CA TYR L 165 -0.54 58.53 12.22
C TYR L 165 -1.54 57.56 11.60
N ALA L 166 -1.11 56.34 11.26
CA ALA L 166 -2.06 55.30 10.92
C ALA L 166 -1.96 54.08 11.82
N ASP L 167 -1.39 54.23 13.01
CA ASP L 167 -1.44 53.14 14.00
C ASP L 167 -2.71 53.20 14.85
N ASN L 168 -3.85 53.34 14.18
CA ASN L 168 -5.10 53.52 14.87
C ASN L 168 -5.65 52.22 15.43
N ASP L 169 -5.26 51.08 14.82
CA ASP L 169 -5.68 49.70 15.15
C ASP L 169 -7.19 49.55 15.38
N ASP L 170 -7.97 50.37 14.70
CA ASP L 170 -9.41 50.39 14.80
C ASP L 170 -10.07 49.35 13.93
N TYR L 171 -9.37 48.92 12.86
CA TYR L 171 -9.90 47.93 11.95
C TYR L 171 -10.11 46.60 12.64
N GLY L 172 -9.27 46.30 13.63
CA GLY L 172 -9.40 45.08 14.41
C GLY L 172 -10.69 44.98 15.18
N LEU L 173 -11.17 46.09 15.75
CA LEU L 173 -12.47 46.09 16.41
C LEU L 173 -13.59 46.27 15.42
N TYR L 174 -13.31 46.93 14.29
CA TYR L 174 -14.31 47.13 13.25
C TYR L 174 -14.75 45.79 12.69
N VAL L 175 -13.82 44.87 12.50
CA VAL L 175 -14.24 43.57 11.98
C VAL L 175 -14.95 42.76 13.06
N ASP L 176 -14.69 43.03 14.33
CA ASP L 176 -15.46 42.35 15.38
C ASP L 176 -16.90 42.82 15.36
N TRP L 177 -17.12 44.13 15.30
CA TRP L 177 -18.50 44.60 15.22
C TRP L 177 -19.18 44.25 13.91
N CYS L 178 -18.41 44.08 12.82
CA CYS L 178 -19.02 43.59 11.59
C CYS L 178 -19.38 42.12 11.69
N VAL L 179 -18.63 41.34 12.47
CA VAL L 179 -18.86 39.91 12.45
C VAL L 179 -19.82 39.44 13.53
N THR L 180 -20.03 40.21 14.61
CA THR L 180 -20.82 39.68 15.71
C THR L 180 -22.18 40.34 15.91
N VAL L 181 -22.40 41.54 15.38
CA VAL L 181 -23.72 42.17 15.51
C VAL L 181 -24.15 42.72 14.16
N GLY L 182 -23.25 42.70 13.18
CA GLY L 182 -23.61 43.13 11.85
C GLY L 182 -23.67 44.62 11.63
N LEU L 183 -23.11 45.40 12.56
CA LEU L 183 -23.08 46.85 12.47
C LEU L 183 -22.04 47.34 13.45
N VAL L 184 -21.57 48.57 13.25
CA VAL L 184 -20.45 49.08 14.04
C VAL L 184 -20.84 50.43 14.65
N PRO L 185 -20.56 50.65 15.93
CA PRO L 185 -20.63 52.01 16.47
C PRO L 185 -19.30 52.71 16.29
N LEU L 186 -19.37 54.01 15.97
CA LEU L 186 -18.16 54.76 15.70
C LEU L 186 -18.40 56.24 15.95
N LEU L 187 -17.35 56.93 16.43
CA LEU L 187 -17.43 58.34 16.75
C LEU L 187 -16.62 59.13 15.73
N ASP L 188 -17.05 60.35 15.46
CA ASP L 188 -16.35 61.26 14.55
C ASP L 188 -15.72 62.39 15.37
N VAL L 189 -14.46 62.19 15.75
CA VAL L 189 -13.75 63.18 16.57
C VAL L 189 -13.39 64.37 15.69
N LYS L 190 -13.81 65.56 16.13
CA LYS L 190 -13.51 66.81 15.44
C LYS L 190 -12.65 67.68 16.34
N THR L 191 -11.63 68.29 15.74
CA THR L 191 -10.70 69.15 16.46
C THR L 191 -10.65 70.52 15.78
N LYS L 192 -9.81 71.39 16.33
CA LYS L 192 -9.53 72.70 15.77
C LYS L 192 -8.79 72.54 14.44
N PRO L 193 -8.99 73.46 13.48
CA PRO L 193 -8.25 73.38 12.21
C PRO L 193 -6.76 73.68 12.30
N SER L 194 -6.21 73.94 13.49
CA SER L 194 -4.76 74.06 13.62
C SER L 194 -4.06 72.73 13.39
N GLU L 195 -4.74 71.62 13.72
CA GLU L 195 -4.18 70.29 13.48
C GLU L 195 -4.11 69.98 11.99
N ALA L 196 -5.05 70.49 11.20
CA ALA L 196 -4.94 70.39 9.75
C ALA L 196 -3.72 71.15 9.24
N ALA L 197 -3.43 72.30 9.84
CA ALA L 197 -2.22 73.05 9.48
C ALA L 197 -0.97 72.31 9.92
N GLU L 198 -1.03 71.59 11.04
CA GLU L 198 0.10 70.78 11.47
C GLU L 198 0.37 69.63 10.50
N ARG L 199 -0.69 69.01 10.00
CA ARG L 199 -0.50 67.94 9.02
C ARG L 199 -0.03 68.51 7.68
N ALA L 200 -0.53 69.68 7.30
CA ALA L 200 -0.11 70.30 6.05
C ALA L 200 1.32 70.79 6.13
N GLN L 201 1.80 71.10 7.33
CA GLN L 201 3.22 71.36 7.53
C GLN L 201 4.02 70.06 7.49
N PHE L 202 3.48 69.00 8.12
CA PHE L 202 4.21 67.75 8.27
C PHE L 202 4.44 67.04 6.94
N VAL L 203 3.50 67.19 6.01
CA VAL L 203 3.61 66.48 4.74
C VAL L 203 4.74 67.05 3.89
N ARG L 204 5.09 68.32 4.10
CA ARG L 204 6.18 68.91 3.31
C ARG L 204 7.53 68.36 3.74
N ALA L 205 7.77 68.28 5.06
CA ALA L 205 8.99 67.65 5.55
C ALA L 205 8.97 66.15 5.30
N ALA L 206 7.78 65.56 5.15
CA ALA L 206 7.68 64.17 4.75
C ALA L 206 8.14 63.97 3.30
N VAL L 207 7.69 64.84 2.39
CA VAL L 207 8.05 64.66 0.99
C VAL L 207 9.40 65.27 0.69
N GLN L 208 10.02 65.93 1.67
CA GLN L 208 11.41 66.34 1.50
C GLN L 208 12.35 65.14 1.45
N ARG L 209 11.97 64.04 2.12
CA ARG L 209 12.75 62.82 2.02
C ARG L 209 12.67 62.21 0.62
N ALA L 210 11.57 62.45 -0.08
CA ALA L 210 11.49 62.04 -1.48
C ALA L 210 12.15 63.07 -2.40
N THR L 211 12.13 64.33 -1.98
CA THR L 211 12.77 65.40 -2.75
C THR L 211 14.28 65.20 -2.81
N GLU L 212 14.86 64.70 -1.71
CA GLU L 212 16.31 64.52 -1.66
C GLU L 212 16.76 63.39 -2.58
N THR L 213 16.04 62.27 -2.58
CA THR L 213 16.48 61.12 -3.35
C THR L 213 16.17 61.28 -4.84
N HIS L 214 15.06 61.93 -5.17
CA HIS L 214 14.65 62.00 -6.56
C HIS L 214 13.95 63.33 -6.82
N PRO L 215 14.43 64.10 -7.80
CA PRO L 215 13.74 65.36 -8.11
C PRO L 215 12.41 65.17 -8.80
N LEU L 216 12.30 64.13 -9.63
CA LEU L 216 11.13 63.99 -10.50
C LEU L 216 9.94 63.44 -9.73
N ALA L 217 10.19 62.79 -8.59
CA ALA L 217 9.12 62.20 -7.80
C ALA L 217 8.30 63.27 -7.09
N GLN L 218 8.91 64.43 -6.84
CA GLN L 218 8.23 65.48 -6.10
C GLN L 218 7.15 66.14 -6.96
N ASP L 219 7.25 66.01 -8.27
CA ASP L 219 6.29 66.66 -9.17
C ASP L 219 4.93 65.97 -9.11
N LEU L 220 4.92 64.66 -8.87
CA LEU L 220 3.64 63.97 -8.68
C LEU L 220 3.04 64.31 -7.34
N LEU L 221 3.87 64.41 -6.32
CA LEU L 221 3.37 64.68 -4.97
C LEU L 221 2.87 66.12 -4.85
N GLN L 222 3.50 67.05 -5.56
CA GLN L 222 3.01 68.42 -5.51
C GLN L 222 1.72 68.58 -6.32
N ALA L 223 1.46 67.64 -7.21
CA ALA L 223 0.18 67.66 -7.92
C ALA L 223 -0.92 67.02 -7.09
N ASN L 224 -0.61 65.94 -6.38
CA ASN L 224 -1.61 65.20 -5.64
C ASN L 224 -1.53 65.43 -4.13
N LEU L 225 -0.93 66.55 -3.69
CA LEU L 225 -0.84 66.84 -2.27
C LEU L 225 -2.21 67.06 -1.66
N ALA L 226 -3.17 67.57 -2.43
CA ALA L 226 -4.53 67.72 -1.93
C ALA L 226 -5.15 66.37 -1.62
N LEU L 227 -4.93 65.38 -2.50
CA LEU L 227 -5.38 64.03 -2.26
C LEU L 227 -4.67 63.40 -1.07
N LEU L 228 -3.37 63.67 -0.92
CA LEU L 228 -2.61 63.14 0.20
C LEU L 228 -3.10 63.70 1.53
N LEU L 229 -3.30 65.02 1.60
CA LEU L 229 -3.80 65.61 2.82
C LEU L 229 -5.25 65.22 3.07
N GLN L 230 -6.00 64.94 2.00
CA GLN L 230 -7.38 64.49 2.15
C GLN L 230 -7.44 63.12 2.80
N VAL L 231 -6.63 62.18 2.32
CA VAL L 231 -6.67 60.84 2.91
C VAL L 231 -6.00 60.84 4.28
N ALA L 232 -5.07 61.76 4.51
CA ALA L 232 -4.46 61.87 5.84
C ALA L 232 -5.45 62.44 6.84
N GLU L 233 -6.24 63.44 6.43
CA GLU L 233 -7.20 64.05 7.34
C GLU L 233 -8.38 63.11 7.60
N ARG L 234 -8.86 62.43 6.55
CA ARG L 234 -9.94 61.49 6.73
C ARG L 234 -9.47 60.23 7.43
N LEU L 235 -8.15 59.99 7.42
CA LEU L 235 -7.59 58.88 8.18
C LEU L 235 -7.73 59.10 9.68
N GLY L 236 -7.35 60.27 10.16
CA GLY L 236 -7.51 60.61 11.55
C GLY L 236 -8.83 61.25 11.91
N ALA L 237 -9.86 61.08 11.07
CA ALA L 237 -11.12 61.76 11.32
C ALA L 237 -12.04 60.95 12.22
N VAL L 238 -12.12 59.64 11.99
CA VAL L 238 -13.11 58.80 12.66
C VAL L 238 -12.41 57.67 13.41
N ARG L 239 -13.03 57.26 14.50
CA ARG L 239 -12.55 56.19 15.35
C ARG L 239 -13.55 55.04 15.37
N VAL L 240 -13.30 54.06 16.25
CA VAL L 240 -14.09 52.83 16.32
C VAL L 240 -14.97 52.82 17.57
N ALA L 241 -14.94 53.92 18.36
CA ALA L 241 -15.72 54.09 19.60
C ALA L 241 -15.39 53.02 20.64
N ASN L 242 -14.14 53.00 21.07
CA ASN L 242 -13.73 52.16 22.20
C ASN L 242 -13.80 53.01 23.46
N ALA L 243 -15.03 53.24 23.90
CA ALA L 243 -15.28 53.95 25.14
C ALA L 243 -16.34 53.20 25.90
N PRO L 244 -16.19 53.07 27.22
CA PRO L 244 -17.17 52.33 28.01
C PRO L 244 -18.46 53.11 28.13
N GLU L 245 -19.51 52.37 28.51
CA GLU L 245 -20.86 52.91 28.75
C GLU L 245 -21.42 53.59 27.51
N VAL L 246 -21.29 52.93 26.37
CA VAL L 246 -22.00 53.32 25.17
C VAL L 246 -23.25 52.46 25.10
N ARG L 247 -24.19 52.87 24.25
CA ARG L 247 -25.43 52.10 24.11
C ARG L 247 -25.98 52.27 22.71
N VAL L 248 -26.24 51.14 22.06
CA VAL L 248 -26.93 51.12 20.78
C VAL L 248 -28.21 50.31 20.94
N PHE L 249 -29.19 50.59 20.08
CA PHE L 249 -30.54 50.10 20.26
C PHE L 249 -31.30 50.22 18.94
N LYS L 250 -32.49 49.65 18.91
CA LYS L 250 -33.38 49.76 17.75
C LYS L 250 -34.64 50.47 18.19
N LYS L 251 -34.96 51.57 17.51
CA LYS L 251 -36.19 52.31 17.83
C LYS L 251 -37.39 51.57 17.25
N VAL L 252 -38.38 51.28 18.10
CA VAL L 252 -39.44 50.37 17.72
C VAL L 252 -40.51 51.03 16.84
N ARG L 253 -40.88 52.28 17.11
CA ARG L 253 -41.98 52.88 16.35
C ARG L 253 -41.53 53.31 14.97
N SER L 254 -40.33 53.84 14.85
CA SER L 254 -39.72 54.15 13.57
C SER L 254 -38.41 53.37 13.49
N GLU L 255 -38.33 52.43 12.55
CA GLU L 255 -37.22 51.48 12.46
C GLU L 255 -35.97 52.18 11.94
N ARG L 256 -35.42 53.05 12.78
CA ARG L 256 -34.31 53.94 12.46
C ARG L 256 -33.25 53.85 13.54
N LEU L 257 -32.77 52.62 13.80
CA LEU L 257 -31.85 52.28 14.89
C LEU L 257 -30.60 53.17 14.90
N GLU L 258 -30.21 53.59 16.10
CA GLU L 258 -29.23 54.66 16.29
C GLU L 258 -28.28 54.34 17.42
N ALA L 259 -27.15 55.04 17.42
CA ALA L 259 -26.13 54.91 18.44
C ALA L 259 -25.97 56.22 19.19
N GLN L 260 -25.90 56.14 20.51
CA GLN L 260 -25.53 57.29 21.31
C GLN L 260 -24.38 56.94 22.25
N LEU L 261 -23.54 57.93 22.52
CA LEU L 261 -22.36 57.76 23.36
C LEU L 261 -22.50 58.71 24.53
N ARG L 262 -22.73 58.14 25.71
CA ARG L 262 -22.69 58.82 27.00
C ARG L 262 -23.70 59.97 27.05
N GLY L 263 -24.90 59.67 26.59
CA GLY L 263 -25.97 60.67 26.50
C GLY L 263 -25.97 61.49 25.25
N LYS L 264 -24.94 61.39 24.39
CA LYS L 264 -24.84 62.19 23.18
C LYS L 264 -25.03 61.29 21.97
N HIS L 265 -26.00 61.63 21.13
CA HIS L 265 -26.27 60.82 19.94
C HIS L 265 -25.18 61.01 18.90
N ILE L 266 -24.73 59.91 18.32
CA ILE L 266 -23.60 59.88 17.40
C ILE L 266 -24.02 59.22 16.09
N ARG L 267 -23.12 59.23 15.11
CA ARG L 267 -23.34 58.50 13.86
C ARG L 267 -22.97 57.03 14.05
N LEU L 268 -23.54 56.16 13.21
CA LEU L 268 -23.13 54.77 13.20
C LEU L 268 -23.42 54.17 11.82
N TYR L 269 -22.77 53.05 11.56
CA TYR L 269 -22.87 52.34 10.29
C TYR L 269 -23.65 51.05 10.51
N VAL L 270 -24.34 50.59 9.46
CA VAL L 270 -25.03 49.31 9.48
C VAL L 270 -24.58 48.52 8.27
N ALA L 271 -24.13 47.28 8.50
CA ALA L 271 -23.76 46.39 7.41
C ALA L 271 -24.77 45.27 7.24
N ALA L 272 -25.18 44.65 8.33
CA ALA L 272 -26.16 43.55 8.29
C ALA L 272 -27.09 43.73 9.48
N GLU L 273 -28.23 44.37 9.25
CA GLU L 273 -29.16 44.62 10.33
C GLU L 273 -29.88 43.31 10.68
N PRO L 274 -30.08 43.02 11.96
CA PRO L 274 -30.71 41.77 12.34
C PRO L 274 -32.23 41.85 12.23
N LEU L 275 -32.83 40.68 12.04
CA LEU L 275 -34.27 40.58 11.89
C LEU L 275 -34.97 40.66 13.25
N ALA L 276 -36.16 41.25 13.27
CA ALA L 276 -36.89 41.52 14.51
C ALA L 276 -38.36 41.18 14.32
N TYR L 277 -38.98 40.56 15.34
CA TYR L 277 -40.37 40.15 15.29
C TYR L 277 -41.01 40.42 16.64
N GLU L 278 -42.20 39.82 16.86
CA GLU L 278 -42.97 40.08 18.07
C GLU L 278 -42.28 39.57 19.32
N ARG L 279 -41.44 38.54 19.17
CA ARG L 279 -40.44 38.23 20.16
C ARG L 279 -39.51 39.44 20.26
N ASP L 280 -39.60 40.17 21.37
CA ASP L 280 -39.02 41.50 21.42
C ASP L 280 -37.50 41.46 21.50
N LYS L 281 -36.94 40.36 21.99
CA LYS L 281 -35.53 40.10 21.72
C LYS L 281 -35.39 39.57 20.30
N LEU L 282 -34.53 40.22 19.52
CA LEU L 282 -34.46 39.99 18.09
C LEU L 282 -33.26 39.13 17.76
N LEU L 283 -33.38 38.38 16.68
CA LEU L 283 -32.42 37.34 16.34
C LEU L 283 -31.50 37.84 15.25
N PHE L 284 -30.22 37.52 15.37
CA PHE L 284 -29.18 38.09 14.52
C PHE L 284 -28.88 37.20 13.34
N THR L 285 -28.57 37.84 12.21
CA THR L 285 -28.13 37.14 11.01
C THR L 285 -26.62 37.12 10.88
N THR L 286 -25.91 37.47 11.93
CA THR L 286 -24.47 37.57 11.85
C THR L 286 -23.86 36.17 11.83
N PRO L 287 -22.61 36.03 11.34
CA PRO L 287 -21.99 34.70 11.33
C PRO L 287 -21.73 34.10 12.70
N VAL L 288 -21.29 34.88 13.69
CA VAL L 288 -20.86 34.27 14.94
C VAL L 288 -22.05 33.82 15.77
N ALA L 289 -23.22 34.42 15.56
CA ALA L 289 -24.41 33.96 16.25
C ALA L 289 -24.90 32.61 15.74
N HIS L 290 -24.44 32.18 14.57
CA HIS L 290 -24.76 30.84 14.10
C HIS L 290 -24.08 29.77 14.94
N LEU L 291 -22.97 30.12 15.58
CA LEU L 291 -22.19 29.15 16.35
C LEU L 291 -21.91 29.61 17.78
N HIS L 292 -22.74 30.51 18.31
CA HIS L 292 -22.61 30.91 19.70
C HIS L 292 -22.90 29.76 20.66
N GLU L 293 -24.02 29.08 20.44
CA GLU L 293 -24.49 28.08 21.39
C GLU L 293 -23.58 26.87 21.43
N GLU L 294 -22.86 26.58 20.35
CA GLU L 294 -22.01 25.40 20.36
C GLU L 294 -20.77 25.64 21.19
N ILE L 295 -20.18 26.83 21.10
CA ILE L 295 -19.04 27.10 21.97
C ILE L 295 -19.49 27.33 23.39
N LEU L 296 -20.76 27.72 23.60
CA LEU L 296 -21.25 27.78 24.96
C LEU L 296 -21.44 26.38 25.54
N ARG L 297 -21.85 25.43 24.69
CA ARG L 297 -21.92 24.04 25.08
C ARG L 297 -20.54 23.48 25.37
N TYR L 298 -19.55 23.87 24.57
CA TYR L 298 -18.18 23.43 24.79
C TYR L 298 -17.63 23.97 26.11
N ASP L 299 -18.02 25.21 26.45
CA ASP L 299 -17.54 25.78 27.69
C ASP L 299 -18.20 25.14 28.89
N GLY L 300 -19.50 24.84 28.77
CA GLY L 300 -20.16 24.10 29.83
C GLY L 300 -19.57 22.72 30.02
N LEU L 301 -19.22 22.05 28.92
CA LEU L 301 -18.60 20.73 29.04
C LEU L 301 -17.18 20.81 29.58
N CYS L 302 -16.45 21.88 29.24
CA CYS L 302 -15.10 22.08 29.77
C CYS L 302 -15.12 22.28 31.27
N ARG L 303 -15.99 23.19 31.74
CA ARG L 303 -16.11 23.44 33.16
C ARG L 303 -16.64 22.23 33.90
N HIS L 304 -17.55 21.48 33.25
CA HIS L 304 -18.08 20.27 33.86
C HIS L 304 -17.01 19.19 33.99
N GLN L 305 -16.17 19.04 32.96
CA GLN L 305 -15.04 18.13 33.01
C GLN L 305 -14.09 18.49 34.14
N LYS L 306 -13.80 19.79 34.29
CA LYS L 306 -12.90 20.24 35.35
C LYS L 306 -13.49 19.97 36.73
N ILE L 307 -14.79 20.20 36.90
CA ILE L 307 -15.34 20.09 38.25
C ILE L 307 -15.63 18.62 38.60
N CYS L 308 -15.90 17.77 37.62
CA CYS L 308 -16.04 16.35 37.96
C CYS L 308 -14.69 15.69 38.13
N GLN L 309 -13.68 16.16 37.41
CA GLN L 309 -12.33 15.64 37.60
C GLN L 309 -11.78 16.04 38.96
N LEU L 310 -12.06 17.26 39.39
CA LEU L 310 -11.66 17.72 40.71
C LEU L 310 -12.59 17.27 41.83
N LEU L 311 -13.55 16.41 41.55
CA LEU L 311 -14.42 15.90 42.59
C LEU L 311 -13.98 14.53 43.08
N ASN L 312 -13.65 13.61 42.18
CA ASN L 312 -13.31 12.25 42.56
C ASN L 312 -11.81 12.03 42.64
N THR L 313 -11.06 13.01 43.13
CA THR L 313 -9.61 12.92 43.18
C THR L 313 -9.16 11.84 44.15
N PHE L 314 -9.88 11.69 45.26
CA PHE L 314 -9.48 10.75 46.29
C PHE L 314 -9.76 9.31 45.83
N PRO L 315 -8.87 8.38 46.16
CA PRO L 315 -9.01 7.01 45.64
C PRO L 315 -10.22 6.25 46.15
N VAL L 316 -10.57 6.42 47.43
CA VAL L 316 -11.66 5.64 48.00
C VAL L 316 -12.70 6.57 48.61
N LYS L 317 -13.95 6.14 48.51
CA LYS L 317 -15.09 6.86 49.07
C LYS L 317 -15.93 5.86 49.86
N VAL L 318 -16.43 6.28 51.01
CA VAL L 318 -17.34 5.46 51.80
C VAL L 318 -18.60 6.26 52.07
N VAL L 319 -19.67 5.59 52.45
CA VAL L 319 -20.91 6.23 52.87
C VAL L 319 -21.25 5.72 54.26
N THR L 320 -21.95 6.54 55.03
CA THR L 320 -22.38 6.16 56.36
C THR L 320 -23.56 7.00 56.81
N ASP L 488 2.53 27.13 41.43
CA ASP L 488 2.87 26.53 42.70
C ASP L 488 3.52 25.17 42.49
N ALA L 489 4.85 25.19 42.32
CA ALA L 489 5.63 23.99 42.00
C ALA L 489 6.25 23.37 43.24
N GLU L 490 5.54 23.42 44.37
CA GLU L 490 6.09 22.94 45.64
C GLU L 490 6.31 21.44 45.64
N LEU L 491 5.52 20.69 44.87
CA LEU L 491 5.61 19.23 44.91
C LEU L 491 6.84 18.73 44.18
N TYR L 492 7.18 19.34 43.05
CA TYR L 492 8.19 18.80 42.16
C TYR L 492 9.60 18.90 42.74
N HIS L 493 9.92 20.03 43.39
CA HIS L 493 11.27 20.25 43.88
C HIS L 493 11.60 19.32 45.04
N LEU L 494 10.64 19.11 45.93
CA LEU L 494 10.91 18.36 47.14
C LEU L 494 10.80 16.86 46.85
N PRO L 495 11.60 16.03 47.51
CA PRO L 495 11.55 14.58 47.28
C PRO L 495 10.24 13.96 47.75
N VAL L 496 10.04 12.69 47.38
CA VAL L 496 8.73 12.07 47.51
C VAL L 496 8.34 11.78 48.95
N LEU L 497 9.31 11.76 49.87
CA LEU L 497 9.03 11.27 51.21
C LEU L 497 8.33 12.30 52.07
N GLU L 498 8.50 13.59 51.78
CA GLU L 498 7.67 14.61 52.40
C GLU L 498 6.47 14.94 51.54
N ALA L 499 6.56 14.68 50.23
CA ALA L 499 5.43 14.88 49.34
C ALA L 499 4.29 13.92 49.66
N VAL L 500 4.64 12.69 50.06
CA VAL L 500 3.62 11.73 50.46
C VAL L 500 3.03 12.11 51.81
N ARG L 501 3.78 12.84 52.63
CA ARG L 501 3.22 13.38 53.86
C ARG L 501 2.26 14.52 53.56
N LYS L 502 2.64 15.39 52.63
CA LYS L 502 1.86 16.59 52.33
C LYS L 502 0.65 16.31 51.46
N ALA L 503 0.64 15.23 50.69
CA ALA L 503 -0.50 14.94 49.84
C ALA L 503 -1.71 14.46 50.62
N ARG L 504 -1.50 13.54 51.58
CA ARG L 504 -2.61 13.04 52.38
C ARG L 504 -3.18 14.12 53.28
N ASP L 505 -2.32 14.95 53.87
CA ASP L 505 -2.78 16.09 54.64
C ASP L 505 -3.30 17.22 53.77
N ALA L 506 -3.01 17.19 52.47
CA ALA L 506 -3.39 18.26 51.58
C ALA L 506 -4.83 18.12 51.09
N ALA L 507 -5.19 16.97 50.54
CA ALA L 507 -6.57 16.67 50.17
C ALA L 507 -7.04 15.62 51.17
N PRO L 508 -7.73 16.03 52.23
CA PRO L 508 -8.11 15.09 53.27
C PRO L 508 -9.24 14.19 52.83
N PHE L 509 -9.28 13.00 53.42
CA PHE L 509 -10.41 12.10 53.27
C PHE L 509 -11.63 12.75 53.90
N ARG L 510 -12.75 12.72 53.20
CA ARG L 510 -13.98 13.28 53.72
C ARG L 510 -15.14 12.33 53.43
N PRO L 511 -15.77 11.76 54.44
CA PRO L 511 -16.96 10.93 54.21
C PRO L 511 -18.19 11.76 53.94
N LEU L 512 -19.33 11.10 53.83
CA LEU L 512 -20.60 11.78 53.63
C LEU L 512 -21.71 10.94 54.26
N ALA L 513 -22.63 11.60 54.94
CA ALA L 513 -23.59 10.88 55.77
C ALA L 513 -24.82 11.74 56.02
N VAL L 514 -26.00 11.14 55.86
CA VAL L 514 -27.27 11.74 56.28
C VAL L 514 -27.99 10.71 57.13
N GLU L 515 -28.62 11.16 58.21
CA GLU L 515 -29.30 10.25 59.13
C GLU L 515 -30.63 9.78 58.54
N ASP L 516 -30.89 8.49 58.62
CA ASP L 516 -32.18 7.91 58.26
C ASP L 516 -32.36 6.59 58.99
N ASN L 517 -33.39 6.52 59.82
CA ASN L 517 -33.61 5.39 60.72
C ASN L 517 -34.51 4.35 60.06
N ARG L 518 -34.13 3.08 60.19
CA ARG L 518 -34.79 1.89 59.65
C ARG L 518 -34.98 1.94 58.14
N LEU L 519 -34.19 2.75 57.44
CA LEU L 519 -34.09 2.75 55.99
C LEU L 519 -32.61 2.96 55.68
N VAL L 520 -31.95 1.89 55.25
CA VAL L 520 -30.50 1.82 55.29
C VAL L 520 -29.94 1.99 53.89
N ALA L 521 -28.61 2.09 53.82
CA ALA L 521 -27.93 2.45 52.58
C ALA L 521 -27.86 1.28 51.61
N ASN L 522 -28.15 1.58 50.35
CA ASN L 522 -27.82 0.68 49.24
C ASN L 522 -27.20 1.51 48.12
N SER L 523 -25.92 1.28 47.83
CA SER L 523 -25.09 2.27 47.18
C SER L 523 -24.83 1.92 45.72
N PHE L 524 -24.41 2.94 44.97
CA PHE L 524 -23.91 2.77 43.62
C PHE L 524 -22.78 3.77 43.41
N PHE L 525 -22.09 3.61 42.28
CA PHE L 525 -20.84 4.30 42.05
C PHE L 525 -20.62 4.50 40.56
N SER L 526 -20.12 5.68 40.21
CA SER L 526 -19.85 6.04 38.82
C SER L 526 -18.48 6.71 38.76
N GLN L 527 -17.65 6.28 37.84
CA GLN L 527 -16.40 6.95 37.53
C GLN L 527 -16.37 7.18 36.03
N PHE L 528 -16.55 8.42 35.62
CA PHE L 528 -16.46 8.77 34.21
C PHE L 528 -16.09 10.23 34.08
N VAL L 529 -15.40 10.52 32.98
CA VAL L 529 -15.10 11.88 32.57
C VAL L 529 -15.72 12.09 31.20
N PRO L 530 -16.12 13.31 30.83
CA PRO L 530 -16.62 13.52 29.48
C PRO L 530 -15.51 13.67 28.47
N GLY L 531 -15.70 13.07 27.29
CA GLY L 531 -14.68 13.12 26.28
C GLY L 531 -14.69 14.44 25.55
N THR L 532 -13.73 15.31 25.86
CA THR L 532 -13.75 16.67 25.32
C THR L 532 -13.28 16.70 23.88
N GLU L 533 -12.46 15.72 23.48
CA GLU L 533 -11.71 15.84 22.23
C GLU L 533 -12.60 15.65 21.01
N SER L 534 -13.63 14.81 21.11
CA SER L 534 -14.51 14.55 19.99
C SER L 534 -15.26 15.80 19.56
N LEU L 535 -16.01 16.40 20.50
CA LEU L 535 -16.70 17.63 20.16
C LEU L 535 -15.77 18.82 20.05
N GLU L 536 -14.55 18.73 20.59
CA GLU L 536 -13.56 19.76 20.31
C GLU L 536 -13.18 19.77 18.84
N ARG L 537 -12.87 18.59 18.28
CA ARG L 537 -12.58 18.48 16.86
C ARG L 537 -13.79 18.88 16.03
N PHE L 538 -14.99 18.54 16.52
CA PHE L 538 -16.22 18.96 15.86
C PHE L 538 -16.35 20.47 15.81
N LEU L 539 -16.03 21.14 16.92
CA LEU L 539 -16.16 22.59 16.96
C LEU L 539 -15.08 23.28 16.14
N THR L 540 -13.89 22.69 16.06
CA THR L 540 -12.85 23.29 15.24
C THR L 540 -13.18 23.16 13.76
N GLN L 541 -13.75 22.02 13.36
CA GLN L 541 -14.20 21.87 11.98
C GLN L 541 -15.37 22.80 11.68
N LEU L 542 -16.24 23.01 12.68
CA LEU L 542 -17.32 24.00 12.57
C LEU L 542 -16.77 25.39 12.31
N TRP L 543 -15.79 25.80 13.12
CA TRP L 543 -15.19 27.11 12.99
C TRP L 543 -14.51 27.26 11.63
N GLU L 544 -13.81 26.22 11.19
CA GLU L 544 -13.03 26.27 9.97
C GLU L 544 -13.92 26.40 8.75
N ASN L 545 -14.90 25.51 8.62
CA ASN L 545 -15.73 25.61 7.42
C ASN L 545 -16.69 26.79 7.50
N GLU L 546 -17.06 27.25 8.70
CA GLU L 546 -17.94 28.41 8.80
C GLU L 546 -17.25 29.67 8.31
N TYR L 547 -16.05 29.94 8.85
CA TYR L 547 -15.28 31.08 8.36
C TYR L 547 -14.81 30.92 6.93
N PHE L 548 -14.70 29.68 6.43
CA PHE L 548 -14.40 29.54 5.00
C PHE L 548 -15.58 29.92 4.13
N ARG L 549 -16.79 29.55 4.52
CA ARG L 549 -17.91 29.85 3.64
C ARG L 549 -18.33 31.31 3.74
N THR L 550 -18.23 31.94 4.92
CA THR L 550 -18.72 33.31 5.00
C THR L 550 -17.78 34.32 4.36
N PHE L 551 -16.47 34.10 4.45
CA PHE L 551 -15.48 34.88 3.72
C PHE L 551 -14.57 33.86 3.06
N ARG L 552 -14.48 33.89 1.74
CA ARG L 552 -13.85 32.80 0.99
C ARG L 552 -12.33 32.87 1.15
N LEU L 553 -11.87 32.40 2.31
CA LEU L 553 -10.45 32.42 2.65
C LEU L 553 -9.71 31.31 1.89
N ARG L 554 -8.62 31.66 1.23
CA ARG L 554 -7.83 30.67 0.51
C ARG L 554 -6.87 29.96 1.46
N ARG L 555 -6.41 28.80 1.03
CA ARG L 555 -5.38 28.02 1.73
C ARG L 555 -4.29 27.65 0.73
N LEU L 556 -3.33 28.54 0.55
CA LEU L 556 -2.19 28.20 -0.29
C LEU L 556 -1.18 27.40 0.53
N VAL L 557 -0.85 26.20 0.05
CA VAL L 557 0.10 25.32 0.71
C VAL L 557 1.05 24.76 -0.32
N THR L 558 2.08 24.07 0.14
CA THR L 558 2.89 23.28 -0.76
C THR L 558 2.24 21.94 -1.01
N HIS L 559 2.86 21.14 -1.88
CA HIS L 559 2.41 19.78 -2.08
C HIS L 559 2.72 18.94 -0.84
N GLN L 560 1.79 18.02 -0.53
CA GLN L 560 1.55 17.39 0.77
C GLN L 560 1.69 18.36 1.94
N GLY L 561 1.19 19.58 1.77
CA GLY L 561 1.34 20.62 2.77
C GLY L 561 0.01 20.91 3.45
N ALA L 562 0.08 21.05 4.77
CA ALA L 562 -1.12 21.28 5.57
C ALA L 562 -1.03 22.65 6.25
N GLU L 563 -1.97 23.53 5.91
CA GLU L 563 -2.23 24.87 6.49
C GLU L 563 -0.94 25.70 6.68
N GLU L 564 -0.27 25.97 5.57
CA GLU L 564 0.91 26.82 5.62
C GLU L 564 0.54 28.27 5.86
N ALA L 565 -0.44 28.79 5.13
CA ALA L 565 -0.81 30.19 5.26
C ALA L 565 -2.25 30.36 4.82
N ILE L 566 -2.96 31.24 5.53
CA ILE L 566 -4.33 31.60 5.20
C ILE L 566 -4.32 33.10 4.93
N VAL L 567 -5.01 33.54 3.87
CA VAL L 567 -4.92 34.93 3.43
C VAL L 567 -6.23 35.33 2.76
N TYR L 568 -6.53 36.63 2.80
CA TYR L 568 -7.71 37.20 2.17
C TYR L 568 -7.72 36.95 0.67
N SER L 569 -8.87 36.56 0.15
CA SER L 569 -9.08 36.44 -1.28
C SER L 569 -10.01 37.54 -1.75
N ASN L 570 -10.42 37.41 -3.02
CA ASN L 570 -11.06 38.51 -3.75
C ASN L 570 -12.42 38.86 -3.18
N TYR L 571 -13.20 37.85 -2.76
CA TYR L 571 -14.49 38.13 -2.19
C TYR L 571 -14.39 38.74 -0.80
N THR L 572 -13.35 38.36 -0.06
CA THR L 572 -13.21 38.75 1.33
C THR L 572 -12.96 40.25 1.46
N VAL L 573 -12.08 40.79 0.63
CA VAL L 573 -11.79 42.22 0.67
C VAL L 573 -13.00 43.02 0.24
N GLU L 574 -13.76 42.51 -0.73
CA GLU L 574 -14.97 43.21 -1.16
C GLU L 574 -16.03 43.19 -0.06
N ARG L 575 -16.04 42.15 0.77
CA ARG L 575 -17.03 42.16 1.84
C ARG L 575 -16.60 43.01 3.04
N VAL L 576 -15.32 43.02 3.42
CA VAL L 576 -14.93 43.61 4.70
C VAL L 576 -14.12 44.89 4.54
N THR L 577 -13.29 45.03 3.50
CA THR L 577 -12.40 46.17 3.46
C THR L 577 -13.04 47.38 2.81
N LEU L 578 -13.63 47.19 1.65
CA LEU L 578 -14.28 48.30 0.95
C LEU L 578 -15.50 48.89 1.65
N PRO L 579 -16.26 48.19 2.51
CA PRO L 579 -17.18 48.93 3.38
C PRO L 579 -16.50 49.85 4.36
N TYR L 580 -15.32 49.45 4.87
CA TYR L 580 -14.56 50.35 5.74
C TYR L 580 -14.14 51.61 5.00
N LEU L 581 -13.70 51.45 3.76
CA LEU L 581 -13.31 52.60 2.98
C LEU L 581 -14.53 53.36 2.45
N CYS L 582 -15.69 52.70 2.41
CA CYS L 582 -16.93 53.36 2.04
C CYS L 582 -17.37 54.33 3.13
N HIS L 583 -17.38 53.89 4.37
CA HIS L 583 -17.72 54.83 5.44
C HIS L 583 -16.57 55.77 5.77
N ILE L 584 -15.32 55.41 5.43
CA ILE L 584 -14.21 56.35 5.50
C ILE L 584 -14.36 57.52 4.55
N LEU L 585 -15.08 57.31 3.43
CA LEU L 585 -15.34 58.31 2.38
C LEU L 585 -14.07 58.81 1.72
N ALA L 586 -13.05 57.95 1.65
CA ALA L 586 -11.99 58.15 0.68
C ALA L 586 -12.15 57.22 -0.52
N LEU L 587 -13.24 56.45 -0.56
CA LEU L 587 -13.44 55.37 -1.52
C LEU L 587 -13.56 55.83 -2.95
N GLY L 588 -13.82 57.11 -3.20
CA GLY L 588 -14.08 57.60 -4.54
C GLY L 588 -12.87 57.63 -5.45
N THR L 589 -11.67 57.40 -4.94
CA THR L 589 -10.46 57.50 -5.73
C THR L 589 -9.57 56.27 -5.68
N LEU L 590 -9.93 55.24 -4.93
CA LEU L 590 -9.07 54.09 -4.72
C LEU L 590 -9.61 52.87 -5.46
N ASP L 591 -8.95 51.74 -5.24
CA ASP L 591 -9.21 50.52 -5.98
C ASP L 591 -8.78 49.34 -5.11
N PRO L 592 -9.58 48.27 -5.07
CA PRO L 592 -9.21 47.11 -4.26
C PRO L 592 -7.98 46.39 -4.80
N VAL L 593 -7.21 45.80 -3.89
CA VAL L 593 -5.94 45.18 -4.21
C VAL L 593 -6.19 43.75 -4.70
N PRO L 594 -5.42 43.24 -5.65
CA PRO L 594 -5.43 41.80 -5.92
C PRO L 594 -4.95 41.00 -4.72
N GLU L 595 -5.40 39.74 -4.67
CA GLU L 595 -5.23 38.94 -3.47
C GLU L 595 -3.79 38.46 -3.31
N ALA L 596 -3.16 38.01 -4.39
CA ALA L 596 -1.75 37.65 -4.33
C ALA L 596 -0.85 38.86 -4.13
N TYR L 597 -1.32 40.04 -4.54
CA TYR L 597 -0.60 41.27 -4.27
C TYR L 597 -0.58 41.61 -2.79
N LEU L 598 -1.60 41.14 -2.05
CA LEU L 598 -1.68 41.42 -0.62
C LEU L 598 -0.62 40.65 0.16
N GLN L 599 -0.24 39.47 -0.32
CA GLN L 599 0.78 38.67 0.35
C GLN L 599 2.16 39.30 0.26
N LEU L 600 2.41 40.12 -0.76
CA LEU L 600 3.73 40.65 -1.08
C LEU L 600 4.15 41.70 -0.04
N SER L 601 5.37 42.21 -0.20
CA SER L 601 6.01 43.05 0.78
C SER L 601 5.37 44.43 0.87
N PHE L 602 5.78 45.16 1.91
CA PHE L 602 5.34 46.54 2.11
C PHE L 602 5.98 47.46 1.09
N GLY L 603 7.13 47.07 0.56
CA GLY L 603 7.87 47.90 -0.38
C GLY L 603 7.80 47.39 -1.80
N GLU L 604 7.70 46.08 -1.97
CA GLU L 604 7.68 45.47 -3.29
C GLU L 604 6.35 45.69 -4.00
N ILE L 605 5.31 46.05 -3.25
CA ILE L 605 3.95 46.16 -3.77
C ILE L 605 3.84 47.29 -4.80
N VAL L 606 4.59 48.37 -4.64
CA VAL L 606 4.44 49.51 -5.54
C VAL L 606 5.08 49.22 -6.89
N ALA L 607 6.09 48.35 -6.92
CA ALA L 607 6.76 48.01 -8.17
C ALA L 607 5.82 47.26 -9.10
N ALA L 608 5.03 46.35 -8.54
CA ALA L 608 3.98 45.71 -9.33
C ALA L 608 2.77 46.62 -9.50
N ALA L 609 2.60 47.61 -8.62
CA ALA L 609 1.44 48.49 -8.72
C ALA L 609 1.53 49.41 -9.93
N TYR L 610 2.71 49.98 -10.18
CA TYR L 610 2.80 50.71 -11.44
C TYR L 610 3.09 49.79 -12.62
N ASP L 611 3.52 48.55 -12.39
CA ASP L 611 3.64 47.61 -13.49
C ASP L 611 2.28 47.24 -14.05
N ASP L 612 1.25 47.22 -13.19
CA ASP L 612 -0.11 47.14 -13.68
C ASP L 612 -0.49 48.40 -14.45
N SER L 613 0.01 49.55 -14.01
CA SER L 613 -0.30 50.82 -14.66
C SER L 613 0.42 50.95 -15.99
N LYS L 614 0.09 52.01 -16.72
CA LYS L 614 0.71 52.32 -17.99
C LYS L 614 2.01 53.11 -17.85
N PHE L 615 2.56 53.17 -16.64
CA PHE L 615 3.76 53.95 -16.40
C PHE L 615 4.98 53.32 -17.07
N CYS L 616 5.30 52.08 -16.72
CA CYS L 616 6.38 51.40 -17.41
C CYS L 616 5.95 50.81 -18.75
N ARG L 617 4.64 50.75 -19.00
CA ARG L 617 4.18 50.39 -20.34
C ARG L 617 4.46 51.50 -21.34
N TYR L 618 4.50 52.75 -20.90
CA TYR L 618 4.90 53.83 -21.81
C TYR L 618 6.41 53.94 -21.89
N VAL L 619 7.13 53.40 -20.91
CA VAL L 619 8.58 53.24 -21.04
C VAL L 619 8.89 52.25 -22.15
N GLU L 620 8.04 51.24 -22.33
CA GLU L 620 8.16 50.36 -23.49
C GLU L 620 7.96 51.13 -24.80
N LEU L 621 7.01 52.07 -24.82
CA LEU L 621 6.76 52.86 -26.02
C LEU L 621 7.93 53.80 -26.31
N ILE L 622 8.48 54.44 -25.27
CA ILE L 622 9.58 55.37 -25.50
C ILE L 622 10.89 54.65 -25.81
N CYS L 623 11.11 53.43 -25.30
CA CYS L 623 12.33 52.74 -25.67
C CYS L 623 12.23 52.17 -27.08
N SER L 624 11.03 51.74 -27.47
CA SER L 624 10.83 51.35 -28.87
C SER L 624 10.97 52.56 -29.80
N ARG L 625 10.56 53.74 -29.34
CA ARG L 625 10.71 54.94 -30.14
C ARG L 625 12.17 55.35 -30.28
N GLU L 626 12.94 55.24 -29.19
CA GLU L 626 14.36 55.57 -29.23
C GLU L 626 15.13 54.58 -30.11
N LYS L 627 14.82 53.28 -29.99
CA LYS L 627 15.50 52.31 -30.82
C LYS L 627 15.08 52.41 -32.29
N ALA L 628 13.84 52.85 -32.56
CA ALA L 628 13.43 53.05 -33.95
C ALA L 628 14.07 54.30 -34.55
N ARG L 629 14.15 55.37 -33.74
CA ARG L 629 14.76 56.62 -34.19
C ARG L 629 16.26 56.46 -34.43
N ARG L 630 16.90 55.54 -33.71
CA ARG L 630 18.31 55.27 -33.98
C ARG L 630 18.53 54.16 -35.00
N ARG L 631 17.57 53.26 -35.19
CA ARG L 631 17.71 52.28 -36.26
C ARG L 631 17.51 52.93 -37.62
N GLN L 632 16.66 53.96 -37.69
CA GLN L 632 16.62 54.79 -38.89
C GLN L 632 17.87 55.65 -39.02
N MET L 633 18.52 55.99 -37.91
CA MET L 633 19.79 56.71 -37.99
C MET L 633 20.88 55.81 -38.53
N SER L 634 20.82 54.51 -38.24
CA SER L 634 21.79 53.59 -38.82
C SER L 634 21.36 53.13 -40.21
N ARG L 635 20.12 52.67 -40.36
CA ARG L 635 19.64 52.13 -41.62
C ARG L 635 18.47 52.94 -42.18
#